data_2CRW
#
_entry.id   2CRW
#
_cell.length_a   1.000
_cell.length_b   1.000
_cell.length_c   1.000
_cell.angle_alpha   90.00
_cell.angle_beta   90.00
_cell.angle_gamma   90.00
#
_symmetry.space_group_name_H-M   'P 1'
#
loop_
_entity.id
_entity.type
_entity.pdbx_description
1 polymer 'ADP-ribosylation factor GTPase-activating protein 3'
2 non-polymer 'ZINC ION'
#
_entity_poly.entity_id   1
_entity_poly.type   'polypeptide(L)'
_entity_poly.pdbx_seq_one_letter_code
;GSSGSSGMGDPSKQDILTIFKRLRSVPTNKVCFDCGAKNPSWASITYGVFLCIDCSGSHRSLGVHLSFIRSTELDSNWSW
FQLRCMQVGGNASASSFFHQHGCSTNDTNAKYNSRAAQLYREKIKSLASQATRKHGTDLWLDSSGPSSG
;
_entity_poly.pdbx_strand_id   A
#
loop_
_chem_comp.id
_chem_comp.type
_chem_comp.name
_chem_comp.formula
ZN non-polymer 'ZINC ION' 'Zn 2'
#
# COMPACT_ATOMS: atom_id res chain seq x y z
N GLY A 1 1.24 7.63 -21.76
CA GLY A 1 1.53 6.51 -22.64
C GLY A 1 3.01 6.22 -22.75
N SER A 2 3.71 6.24 -21.61
CA SER A 2 5.14 5.98 -21.59
C SER A 2 5.44 4.59 -21.04
N SER A 3 6.04 3.74 -21.87
CA SER A 3 6.37 2.38 -21.46
C SER A 3 7.15 2.38 -20.15
N GLY A 4 8.22 3.17 -20.11
CA GLY A 4 9.03 3.26 -18.90
C GLY A 4 10.29 2.41 -19.00
N SER A 5 11.44 3.02 -18.74
CA SER A 5 12.72 2.32 -18.81
C SER A 5 12.96 1.54 -17.52
N SER A 6 13.98 0.68 -17.55
CA SER A 6 14.33 -0.13 -16.39
C SER A 6 15.82 -0.07 -16.11
N GLY A 7 16.22 0.89 -15.29
CA GLY A 7 17.62 1.03 -14.95
C GLY A 7 17.85 1.13 -13.46
N MET A 8 17.23 0.22 -12.71
CA MET A 8 17.37 0.20 -11.26
C MET A 8 17.07 -1.19 -10.71
N GLY A 9 17.60 -1.47 -9.52
CA GLY A 9 17.39 -2.77 -8.90
C GLY A 9 16.19 -2.78 -7.98
N ASP A 10 15.45 -3.88 -7.98
CA ASP A 10 14.28 -4.01 -7.13
C ASP A 10 14.66 -4.03 -5.66
N PRO A 11 13.72 -3.64 -4.78
CA PRO A 11 13.94 -3.60 -3.34
C PRO A 11 14.05 -5.00 -2.73
N SER A 12 15.06 -5.20 -1.90
CA SER A 12 15.28 -6.49 -1.25
C SER A 12 14.32 -6.68 -0.08
N LYS A 13 14.32 -7.88 0.50
CA LYS A 13 13.45 -8.19 1.63
C LYS A 13 13.58 -7.14 2.71
N GLN A 14 14.79 -7.01 3.27
CA GLN A 14 15.03 -6.03 4.33
C GLN A 14 14.32 -4.72 4.03
N ASP A 15 14.73 -4.05 2.97
CA ASP A 15 14.13 -2.77 2.58
C ASP A 15 12.61 -2.85 2.68
N ILE A 16 12.02 -3.87 2.07
CA ILE A 16 10.58 -4.06 2.08
C ILE A 16 10.05 -4.14 3.51
N LEU A 17 10.80 -4.83 4.37
CA LEU A 17 10.41 -4.99 5.76
C LEU A 17 10.47 -3.66 6.50
N THR A 18 11.37 -2.78 6.06
CA THR A 18 11.53 -1.47 6.68
C THR A 18 10.33 -0.57 6.37
N ILE A 19 9.78 -0.71 5.18
CA ILE A 19 8.63 0.08 4.76
C ILE A 19 7.35 -0.42 5.43
N PHE A 20 7.35 -1.70 5.80
CA PHE A 20 6.18 -2.30 6.44
C PHE A 20 6.27 -2.17 7.96
N LYS A 21 7.49 -2.12 8.48
CA LYS A 21 7.70 -2.00 9.92
C LYS A 21 7.22 -0.64 10.41
N ARG A 22 7.25 0.36 9.53
CA ARG A 22 6.80 1.70 9.89
C ARG A 22 5.29 1.81 9.83
N LEU A 23 4.70 1.22 8.79
CA LEU A 23 3.25 1.24 8.62
C LEU A 23 2.56 0.35 9.63
N ARG A 24 3.10 -0.85 9.82
CA ARG A 24 2.53 -1.81 10.75
C ARG A 24 2.46 -1.22 12.16
N SER A 25 3.54 -0.56 12.57
CA SER A 25 3.59 0.06 13.90
C SER A 25 2.25 0.68 14.26
N VAL A 26 1.68 1.43 13.34
CA VAL A 26 0.40 2.08 13.56
C VAL A 26 -0.67 1.07 13.95
N PRO A 27 -1.49 1.43 14.96
CA PRO A 27 -2.56 0.57 15.45
C PRO A 27 -3.71 0.43 14.45
N THR A 28 -3.88 1.45 13.62
CA THR A 28 -4.94 1.44 12.62
C THR A 28 -4.48 0.75 11.34
N ASN A 29 -3.19 0.45 11.27
CA ASN A 29 -2.62 -0.22 10.10
C ASN A 29 -2.38 -1.70 10.39
N LYS A 30 -2.10 -2.02 11.65
CA LYS A 30 -1.86 -3.40 12.05
C LYS A 30 -3.17 -4.17 12.21
N VAL A 31 -4.25 -3.59 11.71
CA VAL A 31 -5.56 -4.21 11.80
C VAL A 31 -6.32 -4.08 10.48
N CYS A 32 -6.63 -5.21 9.87
CA CYS A 32 -7.37 -5.23 8.60
C CYS A 32 -8.39 -4.09 8.54
N PHE A 33 -8.08 -3.06 7.76
CA PHE A 33 -8.96 -1.92 7.62
C PHE A 33 -10.40 -2.37 7.37
N ASP A 34 -10.54 -3.59 6.88
CA ASP A 34 -11.87 -4.14 6.59
C ASP A 34 -12.58 -4.54 7.87
N CYS A 35 -12.10 -5.61 8.50
CA CYS A 35 -12.69 -6.11 9.74
C CYS A 35 -11.92 -5.59 10.95
N GLY A 36 -10.59 -5.62 10.86
CA GLY A 36 -9.76 -5.17 11.96
C GLY A 36 -8.82 -6.24 12.45
N ALA A 37 -8.77 -7.37 11.75
CA ALA A 37 -7.90 -8.47 12.13
C ALA A 37 -6.47 -7.99 12.35
N LYS A 38 -5.93 -8.27 13.53
CA LYS A 38 -4.57 -7.87 13.86
C LYS A 38 -3.55 -8.64 13.02
N ASN A 39 -2.43 -8.00 12.72
CA ASN A 39 -1.39 -8.62 11.92
C ASN A 39 -1.91 -9.03 10.55
N PRO A 40 -2.60 -8.09 9.88
CA PRO A 40 -3.17 -8.32 8.55
C PRO A 40 -2.09 -8.46 7.47
N SER A 41 -1.49 -9.63 7.38
CA SER A 41 -0.45 -9.88 6.39
C SER A 41 -0.84 -9.32 5.03
N TRP A 42 -1.92 -9.84 4.47
CA TRP A 42 -2.39 -9.39 3.16
C TRP A 42 -2.49 -7.87 3.12
N ALA A 43 -2.09 -7.29 1.99
CA ALA A 43 -2.13 -5.84 1.82
C ALA A 43 -2.52 -5.47 0.39
N SER A 44 -3.38 -4.47 0.26
CA SER A 44 -3.83 -4.02 -1.06
C SER A 44 -3.13 -2.72 -1.45
N ILE A 45 -2.19 -2.82 -2.38
CA ILE A 45 -1.46 -1.66 -2.85
C ILE A 45 -2.39 -0.62 -3.46
N THR A 46 -3.33 -1.09 -4.28
CA THR A 46 -4.29 -0.20 -4.92
C THR A 46 -4.79 0.87 -3.97
N TYR A 47 -5.38 0.43 -2.85
CA TYR A 47 -5.89 1.35 -1.85
C TYR A 47 -4.93 1.48 -0.68
N GLY A 48 -3.71 0.98 -0.87
CA GLY A 48 -2.72 1.05 0.19
C GLY A 48 -3.29 0.76 1.56
N VAL A 49 -4.04 -0.33 1.66
CA VAL A 49 -4.65 -0.71 2.93
C VAL A 49 -4.26 -2.13 3.32
N PHE A 50 -4.51 -2.48 4.58
CA PHE A 50 -4.18 -3.81 5.08
C PHE A 50 -5.42 -4.69 5.16
N LEU A 51 -5.31 -5.91 4.66
CA LEU A 51 -6.44 -6.85 4.68
C LEU A 51 -6.01 -8.18 5.28
N CYS A 52 -6.99 -9.05 5.51
CA CYS A 52 -6.73 -10.37 6.08
C CYS A 52 -7.13 -11.47 5.10
N ILE A 53 -6.41 -12.58 5.16
CA ILE A 53 -6.68 -13.71 4.28
C ILE A 53 -8.18 -13.83 3.98
N ASP A 54 -8.99 -13.48 4.98
CA ASP A 54 -10.45 -13.55 4.83
C ASP A 54 -10.93 -12.52 3.82
N CYS A 55 -10.81 -11.24 4.17
CA CYS A 55 -11.24 -10.16 3.30
C CYS A 55 -10.42 -10.14 2.01
N SER A 56 -9.10 -10.09 2.15
CA SER A 56 -8.21 -10.06 1.00
C SER A 56 -8.79 -10.89 -0.15
N GLY A 57 -9.44 -11.99 0.19
CA GLY A 57 -10.03 -12.86 -0.80
C GLY A 57 -11.03 -12.13 -1.69
N SER A 58 -11.94 -11.39 -1.06
CA SER A 58 -12.95 -10.66 -1.79
C SER A 58 -12.32 -9.77 -2.87
N HIS A 59 -11.32 -9.01 -2.48
CA HIS A 59 -10.62 -8.12 -3.40
C HIS A 59 -10.10 -8.90 -4.60
N ARG A 60 -9.43 -10.02 -4.34
CA ARG A 60 -8.87 -10.85 -5.40
C ARG A 60 -9.93 -11.17 -6.44
N SER A 61 -11.15 -11.42 -5.98
CA SER A 61 -12.27 -11.75 -6.87
C SER A 61 -12.55 -10.60 -7.83
N LEU A 62 -12.62 -9.39 -7.29
CA LEU A 62 -12.90 -8.21 -8.09
C LEU A 62 -12.00 -8.17 -9.33
N GLY A 63 -10.72 -8.42 -9.13
CA GLY A 63 -9.78 -8.42 -10.24
C GLY A 63 -8.54 -7.60 -9.96
N VAL A 64 -7.37 -8.21 -10.12
CA VAL A 64 -6.11 -7.54 -9.88
C VAL A 64 -6.16 -6.09 -10.36
N HIS A 65 -6.93 -5.85 -11.41
CA HIS A 65 -7.07 -4.50 -11.97
C HIS A 65 -7.82 -3.59 -11.00
N LEU A 66 -8.89 -4.11 -10.41
CA LEU A 66 -9.69 -3.35 -9.47
C LEU A 66 -8.94 -3.12 -8.16
N SER A 67 -8.36 -4.19 -7.63
CA SER A 67 -7.61 -4.11 -6.39
C SER A 67 -6.55 -5.21 -6.32
N PHE A 68 -5.29 -4.82 -6.51
CA PHE A 68 -4.19 -5.77 -6.48
C PHE A 68 -3.82 -6.13 -5.04
N ILE A 69 -3.63 -7.42 -4.78
CA ILE A 69 -3.28 -7.89 -3.45
C ILE A 69 -1.87 -8.48 -3.44
N ARG A 70 -1.11 -8.15 -2.40
CA ARG A 70 0.25 -8.65 -2.27
C ARG A 70 0.63 -8.82 -0.79
N SER A 71 1.10 -10.01 -0.45
CA SER A 71 1.50 -10.30 0.92
C SER A 71 2.75 -9.53 1.32
N THR A 72 3.12 -9.62 2.59
CA THR A 72 4.30 -8.92 3.09
C THR A 72 5.35 -9.90 3.60
N GLU A 73 4.88 -11.04 4.11
CA GLU A 73 5.78 -12.07 4.64
C GLU A 73 6.31 -12.96 3.52
N LEU A 74 5.45 -13.24 2.54
CA LEU A 74 5.82 -14.08 1.41
C LEU A 74 6.27 -13.24 0.23
N ASP A 75 5.33 -12.49 -0.35
CA ASP A 75 5.64 -11.64 -1.49
C ASP A 75 6.79 -10.69 -1.18
N SER A 76 7.90 -10.87 -1.88
CA SER A 76 9.09 -10.04 -1.67
C SER A 76 9.42 -9.26 -2.93
N ASN A 77 8.94 -9.74 -4.07
CA ASN A 77 9.20 -9.08 -5.36
C ASN A 77 8.32 -7.84 -5.50
N TRP A 78 8.33 -6.99 -4.49
CA TRP A 78 7.54 -5.76 -4.51
C TRP A 78 8.22 -4.68 -5.35
N SER A 79 7.43 -3.74 -5.85
CA SER A 79 7.96 -2.66 -6.67
C SER A 79 8.06 -1.37 -5.86
N TRP A 80 9.25 -0.76 -5.88
CA TRP A 80 9.48 0.48 -5.15
C TRP A 80 8.23 1.34 -5.13
N PHE A 81 7.75 1.71 -6.32
CA PHE A 81 6.55 2.53 -6.43
C PHE A 81 5.41 1.98 -5.56
N GLN A 82 5.20 0.68 -5.65
CA GLN A 82 4.15 0.02 -4.88
C GLN A 82 4.38 0.20 -3.38
N LEU A 83 5.43 -0.42 -2.88
CA LEU A 83 5.77 -0.32 -1.46
C LEU A 83 5.33 1.01 -0.88
N ARG A 84 5.80 2.10 -1.49
CA ARG A 84 5.46 3.44 -1.03
C ARG A 84 3.94 3.61 -0.93
N CYS A 85 3.24 3.22 -2.00
CA CYS A 85 1.79 3.33 -2.03
C CYS A 85 1.18 3.01 -0.66
N MET A 86 1.80 2.08 0.05
CA MET A 86 1.33 1.68 1.38
C MET A 86 1.58 2.79 2.39
N GLN A 87 2.78 3.38 2.33
CA GLN A 87 3.14 4.45 3.25
C GLN A 87 2.39 5.74 2.93
N VAL A 88 2.19 5.98 1.63
CA VAL A 88 1.48 7.17 1.18
C VAL A 88 -0.03 6.96 1.22
N GLY A 89 -0.48 6.06 2.08
CA GLY A 89 -1.90 5.77 2.19
C GLY A 89 -2.32 5.51 3.62
N GLY A 90 -2.33 4.24 4.01
CA GLY A 90 -2.73 3.88 5.37
C GLY A 90 -4.20 3.52 5.46
N ASN A 91 -4.56 2.79 6.52
CA ASN A 91 -5.94 2.38 6.72
C ASN A 91 -6.83 3.60 6.98
N ALA A 92 -6.64 4.23 8.13
CA ALA A 92 -7.42 5.41 8.50
C ALA A 92 -7.61 6.34 7.31
N SER A 93 -6.51 6.65 6.64
CA SER A 93 -6.55 7.54 5.49
C SER A 93 -7.80 7.29 4.65
N ALA A 94 -8.08 6.03 4.37
CA ALA A 94 -9.25 5.65 3.59
C ALA A 94 -10.51 5.71 4.43
N SER A 95 -10.46 5.09 5.61
CA SER A 95 -11.61 5.07 6.52
C SER A 95 -12.33 6.41 6.50
N SER A 96 -11.56 7.50 6.45
CA SER A 96 -12.13 8.83 6.44
C SER A 96 -12.35 9.32 5.01
N PHE A 97 -11.27 9.33 4.22
CA PHE A 97 -11.35 9.78 2.84
C PHE A 97 -12.68 9.40 2.21
N PHE A 98 -13.06 8.13 2.38
CA PHE A 98 -14.32 7.62 1.83
C PHE A 98 -15.50 8.43 2.35
N HIS A 99 -15.76 8.31 3.66
CA HIS A 99 -16.86 9.03 4.28
C HIS A 99 -16.91 10.48 3.81
N GLN A 100 -15.77 11.16 3.87
CA GLN A 100 -15.69 12.55 3.45
C GLN A 100 -16.56 12.80 2.21
N HIS A 101 -16.43 11.91 1.23
CA HIS A 101 -17.21 12.04 0.00
C HIS A 101 -18.67 11.68 0.23
N GLY A 102 -18.90 10.58 0.93
CA GLY A 102 -20.26 10.15 1.21
C GLY A 102 -20.61 8.82 0.55
N CYS A 103 -19.76 7.83 0.76
CA CYS A 103 -19.97 6.51 0.17
C CYS A 103 -21.18 5.83 0.80
N SER A 104 -21.27 5.88 2.12
CA SER A 104 -22.38 5.27 2.85
C SER A 104 -22.65 3.86 2.32
N THR A 105 -21.59 3.13 1.99
CA THR A 105 -21.71 1.78 1.47
C THR A 105 -20.71 0.84 2.14
N ASN A 106 -21.17 -0.37 2.47
CA ASN A 106 -20.32 -1.36 3.11
C ASN A 106 -19.87 -2.43 2.10
N ASP A 107 -20.80 -2.88 1.28
CA ASP A 107 -20.50 -3.88 0.27
C ASP A 107 -19.10 -3.70 -0.30
N THR A 108 -18.39 -4.79 -0.49
CA THR A 108 -17.04 -4.75 -1.03
C THR A 108 -17.05 -4.57 -2.55
N ASN A 109 -18.02 -5.20 -3.21
CA ASN A 109 -18.14 -5.11 -4.65
C ASN A 109 -18.78 -3.78 -5.06
N ALA A 110 -19.21 -3.01 -4.07
CA ALA A 110 -19.83 -1.71 -4.33
C ALA A 110 -18.99 -0.58 -3.75
N LYS A 111 -18.74 -0.63 -2.45
CA LYS A 111 -17.95 0.39 -1.77
C LYS A 111 -16.67 0.67 -2.55
N TYR A 112 -16.04 -0.38 -3.06
CA TYR A 112 -14.80 -0.24 -3.81
C TYR A 112 -15.09 0.12 -5.27
N ASN A 113 -16.27 -0.27 -5.75
CA ASN A 113 -16.67 0.02 -7.12
C ASN A 113 -17.38 1.37 -7.21
N SER A 114 -17.18 2.21 -6.20
CA SER A 114 -17.81 3.52 -6.17
C SER A 114 -16.79 4.62 -6.48
N ARG A 115 -17.29 5.80 -6.82
CA ARG A 115 -16.43 6.93 -7.15
C ARG A 115 -15.44 7.21 -6.02
N ALA A 116 -15.98 7.45 -4.83
CA ALA A 116 -15.14 7.73 -3.67
C ALA A 116 -13.91 6.83 -3.64
N ALA A 117 -14.14 5.53 -3.79
CA ALA A 117 -13.05 4.56 -3.79
C ALA A 117 -12.02 4.90 -4.86
N GLN A 118 -12.47 5.01 -6.10
CA GLN A 118 -11.59 5.32 -7.22
C GLN A 118 -10.67 6.49 -6.88
N LEU A 119 -11.28 7.63 -6.56
CA LEU A 119 -10.52 8.82 -6.21
C LEU A 119 -9.30 8.47 -5.37
N TYR A 120 -9.50 7.60 -4.38
CA TYR A 120 -8.43 7.18 -3.50
C TYR A 120 -7.27 6.58 -4.30
N ARG A 121 -7.53 5.43 -4.93
CA ARG A 121 -6.52 4.75 -5.72
C ARG A 121 -5.61 5.75 -6.43
N GLU A 122 -6.20 6.52 -7.36
CA GLU A 122 -5.45 7.51 -8.11
C GLU A 122 -4.53 8.31 -7.19
N LYS A 123 -5.10 8.86 -6.13
CA LYS A 123 -4.32 9.64 -5.17
C LYS A 123 -3.07 8.89 -4.74
N ILE A 124 -3.24 7.66 -4.28
CA ILE A 124 -2.12 6.84 -3.85
C ILE A 124 -1.00 6.85 -4.87
N LYS A 125 -1.35 6.68 -6.13
CA LYS A 125 -0.36 6.68 -7.21
C LYS A 125 0.46 7.97 -7.19
N SER A 126 -0.22 9.10 -7.03
CA SER A 126 0.44 10.39 -7.00
C SER A 126 1.46 10.46 -5.86
N LEU A 127 0.97 10.45 -4.64
CA LEU A 127 1.83 10.51 -3.46
C LEU A 127 3.00 9.53 -3.60
N ALA A 128 2.67 8.27 -3.86
CA ALA A 128 3.68 7.24 -4.02
C ALA A 128 4.91 7.78 -4.73
N SER A 129 4.71 8.73 -5.62
CA SER A 129 5.80 9.34 -6.38
C SER A 129 6.70 10.17 -5.46
N GLN A 130 6.07 11.00 -4.63
CA GLN A 130 6.80 11.85 -3.70
C GLN A 130 7.84 11.04 -2.93
N ALA A 131 7.45 9.85 -2.51
CA ALA A 131 8.35 8.98 -1.76
C ALA A 131 9.26 8.19 -2.69
N THR A 132 8.69 7.68 -3.77
CA THR A 132 9.45 6.90 -4.74
C THR A 132 10.56 7.75 -5.37
N ARG A 133 10.18 8.80 -6.09
CA ARG A 133 11.14 9.67 -6.73
C ARG A 133 12.28 10.04 -5.78
N LYS A 134 11.92 10.34 -4.54
CA LYS A 134 12.90 10.71 -3.52
C LYS A 134 14.11 9.79 -3.59
N HIS A 135 15.27 10.35 -3.93
CA HIS A 135 16.50 9.58 -4.02
C HIS A 135 16.24 8.22 -4.68
N GLY A 136 15.46 8.22 -5.75
CA GLY A 136 15.14 6.99 -6.45
C GLY A 136 15.03 5.80 -5.50
N THR A 137 15.82 4.77 -5.77
CA THR A 137 15.82 3.57 -4.94
C THR A 137 16.28 3.87 -3.53
N ASP A 138 17.42 4.54 -3.41
CA ASP A 138 17.98 4.91 -2.11
C ASP A 138 16.87 5.22 -1.12
N LEU A 139 16.59 4.26 -0.24
CA LEU A 139 15.55 4.43 0.77
C LEU A 139 15.62 5.82 1.40
N TRP A 140 14.76 6.72 0.94
CA TRP A 140 14.71 8.08 1.46
C TRP A 140 15.06 8.11 2.94
N LEU A 141 14.46 7.20 3.71
CA LEU A 141 14.70 7.12 5.14
C LEU A 141 16.18 7.35 5.45
N ASP A 142 17.03 6.46 4.97
CA ASP A 142 18.46 6.56 5.20
C ASP A 142 19.23 5.72 4.19
N SER A 143 20.55 5.95 4.12
CA SER A 143 21.40 5.22 3.18
C SER A 143 21.64 3.81 3.67
N SER A 144 20.95 2.84 3.07
CA SER A 144 21.09 1.45 3.45
C SER A 144 22.40 0.87 2.92
N GLY A 145 22.73 1.19 1.68
CA GLY A 145 23.95 0.71 1.07
C GLY A 145 23.76 0.27 -0.36
N PRO A 146 24.11 1.15 -1.31
CA PRO A 146 23.98 0.88 -2.74
C PRO A 146 24.98 -0.18 -3.21
N SER A 147 24.47 -1.20 -3.90
CA SER A 147 25.31 -2.28 -4.41
C SER A 147 26.05 -1.83 -5.67
N SER A 148 27.36 -2.01 -5.67
CA SER A 148 28.18 -1.63 -6.82
C SER A 148 27.60 -2.19 -8.12
N GLY A 149 27.00 -1.32 -8.92
CA GLY A 149 26.41 -1.75 -10.18
C GLY A 149 24.96 -1.37 -10.30
ZN ZN B . -10.40 -8.58 7.26
N GLY A 1 7.23 14.19 -21.19
CA GLY A 1 6.85 12.80 -20.96
C GLY A 1 8.05 11.90 -20.71
N SER A 2 8.22 11.47 -19.47
CA SER A 2 9.33 10.60 -19.11
C SER A 2 8.85 9.20 -18.77
N SER A 3 9.62 8.19 -19.21
CA SER A 3 9.26 6.81 -18.95
C SER A 3 10.48 5.90 -19.13
N GLY A 4 10.64 4.95 -18.20
CA GLY A 4 11.76 4.04 -18.27
C GLY A 4 12.61 4.06 -17.02
N SER A 5 12.82 2.89 -16.43
CA SER A 5 13.61 2.77 -15.21
C SER A 5 15.08 2.51 -15.53
N SER A 6 15.96 2.82 -14.59
CA SER A 6 17.39 2.61 -14.78
C SER A 6 17.83 1.30 -14.16
N GLY A 7 17.08 0.24 -14.43
CA GLY A 7 17.42 -1.07 -13.90
C GLY A 7 17.88 -1.01 -12.45
N MET A 8 17.12 -0.30 -11.63
CA MET A 8 17.47 -0.17 -10.22
C MET A 8 17.03 -1.40 -9.42
N GLY A 9 17.25 -2.57 -10.00
CA GLY A 9 16.87 -3.81 -9.34
C GLY A 9 15.56 -3.68 -8.58
N ASP A 10 15.45 -4.40 -7.47
CA ASP A 10 14.25 -4.36 -6.65
C ASP A 10 14.59 -4.34 -5.17
N PRO A 11 13.65 -3.87 -4.35
CA PRO A 11 13.84 -3.78 -2.89
C PRO A 11 13.87 -5.15 -2.23
N SER A 12 14.98 -5.47 -1.59
CA SER A 12 15.14 -6.75 -0.92
C SER A 12 14.13 -6.89 0.23
N LYS A 13 14.00 -8.11 0.74
CA LYS A 13 13.08 -8.38 1.84
C LYS A 13 13.23 -7.34 2.94
N GLN A 14 14.44 -7.24 3.50
CA GLN A 14 14.72 -6.29 4.57
C GLN A 14 14.11 -4.93 4.25
N ASP A 15 14.57 -4.32 3.17
CA ASP A 15 14.08 -3.01 2.75
C ASP A 15 12.55 -2.96 2.80
N ILE A 16 11.91 -3.94 2.16
CA ILE A 16 10.46 -4.01 2.13
C ILE A 16 9.88 -3.93 3.54
N LEU A 17 10.53 -4.61 4.48
CA LEU A 17 10.08 -4.62 5.87
C LEU A 17 10.19 -3.22 6.48
N THR A 18 11.14 -2.44 5.98
CA THR A 18 11.34 -1.09 6.48
C THR A 18 10.18 -0.17 6.11
N ILE A 19 9.56 -0.45 4.96
CA ILE A 19 8.43 0.35 4.51
C ILE A 19 7.15 -0.04 5.23
N PHE A 20 7.08 -1.30 5.66
CA PHE A 20 5.91 -1.80 6.37
C PHE A 20 6.00 -1.50 7.86
N LYS A 21 7.18 -1.71 8.43
CA LYS A 21 7.41 -1.46 9.85
C LYS A 21 6.86 -0.09 10.25
N ARG A 22 6.96 0.87 9.34
CA ARG A 22 6.46 2.22 9.61
C ARG A 22 4.95 2.23 9.74
N LEU A 23 4.27 1.47 8.88
CA LEU A 23 2.82 1.39 8.90
C LEU A 23 2.34 0.47 10.01
N ARG A 24 2.81 -0.78 9.98
CA ARG A 24 2.43 -1.77 10.99
C ARG A 24 2.45 -1.16 12.39
N SER A 25 3.56 -0.51 12.73
CA SER A 25 3.71 0.11 14.03
C SER A 25 2.42 0.80 14.45
N VAL A 26 1.70 1.36 13.49
CA VAL A 26 0.45 2.05 13.76
C VAL A 26 -0.67 1.05 14.04
N PRO A 27 -1.46 1.33 15.09
CA PRO A 27 -2.58 0.47 15.49
C PRO A 27 -3.73 0.51 14.49
N THR A 28 -3.54 1.27 13.42
CA THR A 28 -4.57 1.40 12.38
C THR A 28 -4.17 0.62 11.13
N ASN A 29 -2.90 0.27 11.03
CA ASN A 29 -2.39 -0.47 9.88
C ASN A 29 -2.14 -1.93 10.25
N LYS A 30 -1.84 -2.18 11.51
CA LYS A 30 -1.58 -3.53 11.99
C LYS A 30 -2.87 -4.32 12.13
N VAL A 31 -3.97 -3.73 11.68
CA VAL A 31 -5.27 -4.38 11.75
C VAL A 31 -6.04 -4.21 10.45
N CYS A 32 -6.39 -5.33 9.81
CA CYS A 32 -7.12 -5.32 8.56
C CYS A 32 -8.12 -4.17 8.54
N PHE A 33 -7.88 -3.19 7.67
CA PHE A 33 -8.77 -2.03 7.56
C PHE A 33 -10.21 -2.47 7.39
N ASP A 34 -10.41 -3.66 6.85
CA ASP A 34 -11.75 -4.20 6.64
C ASP A 34 -12.40 -4.58 7.97
N CYS A 35 -11.91 -5.64 8.58
CA CYS A 35 -12.44 -6.10 9.86
C CYS A 35 -11.60 -5.58 11.02
N GLY A 36 -10.28 -5.76 10.92
CA GLY A 36 -9.39 -5.31 11.96
C GLY A 36 -8.48 -6.42 12.47
N ALA A 37 -8.43 -7.52 11.74
CA ALA A 37 -7.61 -8.66 12.13
C ALA A 37 -6.16 -8.23 12.35
N LYS A 38 -5.64 -8.52 13.54
CA LYS A 38 -4.27 -8.17 13.88
C LYS A 38 -3.27 -8.91 12.99
N ASN A 39 -2.23 -8.21 12.56
CA ASN A 39 -1.21 -8.80 11.70
C ASN A 39 -1.79 -9.21 10.36
N PRO A 40 -2.46 -8.26 9.70
CA PRO A 40 -3.09 -8.49 8.39
C PRO A 40 -2.06 -8.66 7.28
N SER A 41 -1.50 -9.87 7.19
CA SER A 41 -0.50 -10.17 6.17
C SER A 41 -0.87 -9.53 4.84
N TRP A 42 -1.93 -10.03 4.22
CA TRP A 42 -2.39 -9.52 2.94
C TRP A 42 -2.48 -7.99 2.98
N ALA A 43 -2.14 -7.36 1.86
CA ALA A 43 -2.20 -5.90 1.76
C ALA A 43 -2.48 -5.45 0.33
N SER A 44 -3.50 -4.61 0.17
CA SER A 44 -3.88 -4.11 -1.14
C SER A 44 -3.07 -2.87 -1.52
N ILE A 45 -2.32 -2.98 -2.61
CA ILE A 45 -1.50 -1.87 -3.08
C ILE A 45 -2.35 -0.77 -3.70
N THR A 46 -3.15 -1.13 -4.70
CA THR A 46 -4.01 -0.17 -5.37
C THR A 46 -4.54 0.87 -4.40
N TYR A 47 -4.96 0.42 -3.23
CA TYR A 47 -5.49 1.32 -2.21
C TYR A 47 -4.43 1.62 -1.14
N GLY A 48 -3.50 0.68 -0.95
CA GLY A 48 -2.46 0.86 0.04
C GLY A 48 -2.94 0.59 1.44
N VAL A 49 -3.81 -0.41 1.59
CA VAL A 49 -4.34 -0.76 2.91
C VAL A 49 -3.98 -2.20 3.28
N PHE A 50 -4.33 -2.59 4.50
CA PHE A 50 -4.04 -3.94 4.98
C PHE A 50 -5.31 -4.78 5.03
N LEU A 51 -5.19 -6.05 4.65
CA LEU A 51 -6.33 -6.96 4.65
C LEU A 51 -5.94 -8.31 5.22
N CYS A 52 -6.94 -9.15 5.47
CA CYS A 52 -6.70 -10.48 6.02
C CYS A 52 -7.12 -11.56 5.02
N ILE A 53 -6.41 -12.68 5.04
CA ILE A 53 -6.71 -13.79 4.14
C ILE A 53 -8.21 -13.87 3.85
N ASP A 54 -9.02 -13.61 4.88
CA ASP A 54 -10.47 -13.65 4.73
C ASP A 54 -10.95 -12.57 3.78
N CYS A 55 -10.81 -11.32 4.19
CA CYS A 55 -11.23 -10.19 3.37
C CYS A 55 -10.45 -10.14 2.06
N SER A 56 -9.12 -10.13 2.17
CA SER A 56 -8.25 -10.08 1.00
C SER A 56 -8.88 -10.83 -0.17
N GLY A 57 -9.49 -11.98 0.13
CA GLY A 57 -10.11 -12.77 -0.90
C GLY A 57 -11.17 -12.00 -1.67
N SER A 58 -12.05 -11.31 -0.95
CA SER A 58 -13.11 -10.54 -1.57
C SER A 58 -12.54 -9.58 -2.62
N HIS A 59 -11.41 -8.95 -2.29
CA HIS A 59 -10.76 -8.02 -3.20
C HIS A 59 -10.25 -8.73 -4.45
N ARG A 60 -9.59 -9.86 -4.23
CA ARG A 60 -9.04 -10.64 -5.34
C ARG A 60 -10.10 -10.87 -6.42
N SER A 61 -11.35 -11.01 -6.00
CA SER A 61 -12.45 -11.23 -6.93
C SER A 61 -12.69 -9.99 -7.79
N LEU A 62 -12.69 -8.83 -7.16
CA LEU A 62 -12.91 -7.58 -7.87
C LEU A 62 -12.09 -7.53 -9.15
N GLY A 63 -10.78 -7.69 -9.03
CA GLY A 63 -9.92 -7.67 -10.19
C GLY A 63 -8.60 -6.96 -9.92
N VAL A 64 -7.49 -7.63 -10.23
CA VAL A 64 -6.17 -7.06 -10.01
C VAL A 64 -6.14 -5.59 -10.42
N HIS A 65 -7.03 -5.22 -11.32
CA HIS A 65 -7.09 -3.83 -11.80
C HIS A 65 -7.82 -2.95 -10.78
N LEU A 66 -8.87 -3.50 -10.18
CA LEU A 66 -9.64 -2.76 -9.19
C LEU A 66 -8.91 -2.68 -7.86
N SER A 67 -8.28 -3.79 -7.47
CA SER A 67 -7.54 -3.86 -6.22
C SER A 67 -6.54 -5.00 -6.24
N PHE A 68 -5.25 -4.65 -6.33
CA PHE A 68 -4.19 -5.66 -6.36
C PHE A 68 -3.77 -6.04 -4.95
N ILE A 69 -3.67 -7.34 -4.71
CA ILE A 69 -3.27 -7.85 -3.40
C ILE A 69 -1.86 -8.44 -3.43
N ARG A 70 -1.16 -8.34 -2.31
CA ARG A 70 0.20 -8.86 -2.21
C ARG A 70 0.64 -8.97 -0.76
N SER A 71 1.01 -10.17 -0.34
CA SER A 71 1.45 -10.41 1.04
C SER A 71 2.70 -9.58 1.35
N THR A 72 3.17 -9.70 2.59
CA THR A 72 4.35 -8.96 3.03
C THR A 72 5.47 -9.92 3.43
N GLU A 73 5.11 -10.99 4.12
CA GLU A 73 6.09 -11.98 4.57
C GLU A 73 6.48 -12.91 3.42
N LEU A 74 5.48 -13.34 2.66
CA LEU A 74 5.72 -14.24 1.53
C LEU A 74 6.27 -13.47 0.33
N ASP A 75 5.46 -12.56 -0.21
CA ASP A 75 5.87 -11.75 -1.35
C ASP A 75 7.08 -10.89 -1.01
N SER A 76 8.10 -10.94 -1.86
CA SER A 76 9.31 -10.16 -1.64
C SER A 76 9.67 -9.35 -2.88
N ASN A 77 9.23 -9.84 -4.04
CA ASN A 77 9.51 -9.16 -5.30
C ASN A 77 8.59 -7.96 -5.48
N TRP A 78 8.48 -7.14 -4.43
CA TRP A 78 7.63 -5.96 -4.48
C TRP A 78 8.25 -4.88 -5.36
N SER A 79 7.52 -3.79 -5.57
CA SER A 79 7.99 -2.69 -6.39
C SER A 79 8.18 -1.42 -5.56
N TRP A 80 9.40 -0.91 -5.54
CA TRP A 80 9.70 0.30 -4.78
C TRP A 80 8.52 1.26 -4.79
N PHE A 81 7.83 1.34 -5.92
CA PHE A 81 6.67 2.22 -6.06
C PHE A 81 5.49 1.70 -5.26
N GLN A 82 5.16 0.42 -5.47
CA GLN A 82 4.05 -0.20 -4.76
C GLN A 82 4.23 -0.10 -3.25
N LEU A 83 5.48 -0.23 -2.80
CA LEU A 83 5.79 -0.16 -1.38
C LEU A 83 5.36 1.18 -0.79
N ARG A 84 5.84 2.27 -1.40
CA ARG A 84 5.51 3.61 -0.95
C ARG A 84 3.99 3.81 -0.89
N CYS A 85 3.29 3.26 -1.88
CA CYS A 85 1.84 3.38 -1.95
C CYS A 85 1.21 3.01 -0.60
N MET A 86 1.80 2.04 0.07
CA MET A 86 1.29 1.59 1.37
C MET A 86 1.42 2.70 2.41
N GLN A 87 2.53 3.42 2.38
CA GLN A 87 2.78 4.50 3.32
C GLN A 87 1.90 5.71 3.00
N VAL A 88 2.12 6.29 1.82
CA VAL A 88 1.36 7.45 1.39
C VAL A 88 -0.12 7.29 1.72
N GLY A 89 -0.58 6.05 1.71
CA GLY A 89 -1.98 5.78 2.01
C GLY A 89 -2.18 5.25 3.42
N GLY A 90 -2.52 3.97 3.55
CA GLY A 90 -2.74 3.38 4.85
C GLY A 90 -4.20 3.25 5.19
N ASN A 91 -4.52 2.30 6.07
CA ASN A 91 -5.90 2.08 6.48
C ASN A 91 -6.60 3.41 6.79
N ALA A 92 -6.18 4.04 7.87
CA ALA A 92 -6.74 5.32 8.29
C ALA A 92 -7.14 6.16 7.08
N SER A 93 -6.15 6.53 6.28
CA SER A 93 -6.38 7.34 5.09
C SER A 93 -7.78 7.07 4.52
N ALA A 94 -7.99 5.84 4.06
CA ALA A 94 -9.28 5.46 3.50
C ALA A 94 -10.36 5.45 4.57
N SER A 95 -10.04 4.89 5.73
CA SER A 95 -10.99 4.81 6.83
C SER A 95 -11.84 6.09 6.91
N SER A 96 -11.23 7.20 6.56
CA SER A 96 -11.92 8.49 6.60
C SER A 96 -12.25 8.97 5.19
N PHE A 97 -11.26 8.98 4.32
CA PHE A 97 -11.45 9.41 2.94
C PHE A 97 -12.85 9.07 2.45
N PHE A 98 -13.28 7.84 2.72
CA PHE A 98 -14.61 7.39 2.31
C PHE A 98 -15.69 8.24 2.96
N HIS A 99 -15.71 8.24 4.29
CA HIS A 99 -16.71 9.00 5.03
C HIS A 99 -16.64 10.49 4.67
N GLN A 100 -15.45 11.07 4.80
CA GLN A 100 -15.26 12.48 4.49
C GLN A 100 -15.91 12.83 3.15
N HIS A 101 -15.68 12.01 2.14
CA HIS A 101 -16.24 12.24 0.82
C HIS A 101 -17.77 12.21 0.87
N GLY A 102 -18.33 11.08 1.27
CA GLY A 102 -19.77 10.96 1.35
C GLY A 102 -20.25 9.55 1.01
N CYS A 103 -19.53 8.55 1.49
CA CYS A 103 -19.88 7.16 1.24
C CYS A 103 -19.56 6.28 2.44
N SER A 104 -20.60 5.81 3.12
CA SER A 104 -20.42 4.97 4.30
C SER A 104 -20.88 3.54 4.02
N THR A 105 -20.57 3.04 2.83
CA THR A 105 -20.97 1.70 2.43
C THR A 105 -20.04 0.65 3.05
N ASN A 106 -20.63 -0.32 3.74
CA ASN A 106 -19.85 -1.38 4.38
C ASN A 106 -19.51 -2.48 3.38
N ASP A 107 -20.37 -2.65 2.38
CA ASP A 107 -20.16 -3.68 1.36
C ASP A 107 -18.74 -3.59 0.80
N THR A 108 -18.37 -4.58 -0.01
CA THR A 108 -17.05 -4.62 -0.61
C THR A 108 -17.11 -4.39 -2.12
N ASN A 109 -18.08 -5.03 -2.76
CA ASN A 109 -18.25 -4.90 -4.21
C ASN A 109 -18.93 -3.58 -4.55
N ALA A 110 -19.40 -2.87 -3.53
CA ALA A 110 -20.07 -1.59 -3.71
C ALA A 110 -19.22 -0.44 -3.16
N LYS A 111 -18.86 -0.54 -1.90
CA LYS A 111 -18.05 0.48 -1.25
C LYS A 111 -16.82 0.82 -2.08
N TYR A 112 -16.12 -0.22 -2.54
CA TYR A 112 -14.93 -0.04 -3.36
C TYR A 112 -15.29 0.35 -4.78
N ASN A 113 -16.51 0.00 -5.19
CA ASN A 113 -16.97 0.32 -6.54
C ASN A 113 -17.63 1.69 -6.58
N SER A 114 -17.31 2.53 -5.58
CA SER A 114 -17.87 3.87 -5.51
C SER A 114 -16.86 4.91 -5.99
N ARG A 115 -17.34 6.14 -6.15
CA ARG A 115 -16.47 7.22 -6.61
C ARG A 115 -15.38 7.52 -5.59
N ALA A 116 -15.78 7.68 -4.33
CA ALA A 116 -14.83 7.97 -3.26
C ALA A 116 -13.64 7.02 -3.31
N ALA A 117 -13.92 5.74 -3.55
CA ALA A 117 -12.87 4.73 -3.61
C ALA A 117 -11.91 5.02 -4.77
N GLN A 118 -12.46 5.19 -5.97
CA GLN A 118 -11.66 5.47 -7.14
C GLN A 118 -10.67 6.60 -6.88
N LEU A 119 -11.20 7.78 -6.58
CA LEU A 119 -10.37 8.95 -6.29
C LEU A 119 -9.19 8.56 -5.42
N TYR A 120 -9.43 7.71 -4.43
CA TYR A 120 -8.39 7.27 -3.52
C TYR A 120 -7.28 6.54 -4.28
N ARG A 121 -7.63 5.42 -4.90
CA ARG A 121 -6.67 4.62 -5.66
C ARG A 121 -5.69 5.52 -6.39
N GLU A 122 -6.18 6.28 -7.35
CA GLU A 122 -5.34 7.19 -8.14
C GLU A 122 -4.46 8.03 -7.21
N LYS A 123 -5.07 8.67 -6.23
CA LYS A 123 -4.34 9.50 -5.28
C LYS A 123 -3.10 8.78 -4.76
N ILE A 124 -3.26 7.50 -4.43
CA ILE A 124 -2.15 6.70 -3.92
C ILE A 124 -0.99 6.69 -4.91
N LYS A 125 -1.31 6.51 -6.19
CA LYS A 125 -0.29 6.48 -7.23
C LYS A 125 0.46 7.80 -7.29
N SER A 126 -0.26 8.90 -7.09
CA SER A 126 0.34 10.23 -7.12
C SER A 126 1.31 10.42 -5.96
N LEU A 127 0.82 10.19 -4.75
CA LEU A 127 1.64 10.34 -3.55
C LEU A 127 2.86 9.43 -3.61
N ALA A 128 2.63 8.12 -3.68
CA ALA A 128 3.70 7.14 -3.76
C ALA A 128 4.82 7.63 -4.67
N SER A 129 4.46 8.16 -5.83
CA SER A 129 5.43 8.66 -6.79
C SER A 129 6.40 9.64 -6.12
N GLN A 130 5.85 10.48 -5.24
CA GLN A 130 6.67 11.47 -4.54
C GLN A 130 7.75 10.78 -3.71
N ALA A 131 7.34 9.89 -2.82
CA ALA A 131 8.29 9.17 -1.97
C ALA A 131 9.22 8.30 -2.81
N THR A 132 8.72 7.80 -3.93
CA THR A 132 9.52 6.96 -4.81
C THR A 132 10.61 7.76 -5.50
N ARG A 133 10.23 8.90 -6.09
CA ARG A 133 11.18 9.75 -6.78
C ARG A 133 12.07 10.49 -5.79
N LYS A 134 11.49 10.86 -4.65
CA LYS A 134 12.23 11.57 -3.61
C LYS A 134 13.68 11.12 -3.57
N HIS A 135 13.90 9.83 -3.35
CA HIS A 135 15.25 9.28 -3.30
C HIS A 135 15.34 8.00 -4.12
N GLY A 136 14.35 7.12 -3.97
CA GLY A 136 14.35 5.88 -4.72
C GLY A 136 14.86 4.71 -3.89
N THR A 137 15.67 3.85 -4.50
CA THR A 137 16.22 2.69 -3.82
C THR A 137 16.66 3.05 -2.41
N ASP A 138 17.20 4.26 -2.24
CA ASP A 138 17.66 4.72 -0.94
C ASP A 138 16.49 4.90 0.01
N LEU A 139 16.68 4.48 1.27
CA LEU A 139 15.64 4.59 2.28
C LEU A 139 15.56 6.03 2.80
N TRP A 140 14.70 6.84 2.19
CA TRP A 140 14.52 8.22 2.61
C TRP A 140 14.68 8.37 4.11
N LEU A 141 14.12 7.42 4.85
CA LEU A 141 14.19 7.44 6.31
C LEU A 141 15.54 8.00 6.77
N ASP A 142 15.52 9.21 7.34
CA ASP A 142 16.73 9.84 7.82
C ASP A 142 17.61 8.85 8.57
N SER A 143 18.92 9.02 8.47
CA SER A 143 19.87 8.13 9.14
C SER A 143 19.80 8.33 10.65
N SER A 144 19.56 7.23 11.37
CA SER A 144 19.49 7.29 12.83
C SER A 144 20.82 6.93 13.46
N GLY A 145 21.39 5.80 13.04
CA GLY A 145 22.67 5.37 13.57
C GLY A 145 23.57 4.77 12.52
N PRO A 146 23.67 3.43 12.52
CA PRO A 146 24.50 2.69 11.58
C PRO A 146 23.94 2.73 10.16
N SER A 147 24.34 3.74 9.39
CA SER A 147 23.86 3.89 8.02
C SER A 147 24.50 2.86 7.10
N SER A 148 23.68 2.19 6.30
CA SER A 148 24.16 1.17 5.38
C SER A 148 23.31 1.13 4.12
N GLY A 149 23.77 0.37 3.13
CA GLY A 149 23.03 0.26 1.88
C GLY A 149 23.92 -0.19 0.73
ZN ZN B . -10.29 -8.55 7.32
N GLY A 1 11.99 14.92 -21.58
CA GLY A 1 11.36 14.54 -20.33
C GLY A 1 11.94 13.24 -19.78
N SER A 2 12.07 13.18 -18.46
CA SER A 2 12.61 12.00 -17.80
C SER A 2 11.51 11.23 -17.06
N SER A 3 11.43 9.93 -17.32
CA SER A 3 10.42 9.09 -16.69
C SER A 3 10.65 9.02 -15.17
N GLY A 4 11.87 8.67 -14.78
CA GLY A 4 12.19 8.58 -13.38
C GLY A 4 13.29 7.56 -13.11
N SER A 5 13.14 6.81 -12.01
CA SER A 5 14.12 5.81 -11.63
C SER A 5 14.51 4.95 -12.84
N SER A 6 15.75 5.11 -13.29
CA SER A 6 16.24 4.36 -14.44
C SER A 6 17.61 3.75 -14.15
N GLY A 7 17.61 2.60 -13.50
CA GLY A 7 18.86 1.92 -13.17
C GLY A 7 18.99 1.64 -11.68
N MET A 8 18.02 0.92 -11.14
CA MET A 8 18.02 0.58 -9.72
C MET A 8 17.55 -0.85 -9.50
N GLY A 9 18.01 -1.46 -8.41
CA GLY A 9 17.62 -2.82 -8.11
C GLY A 9 16.36 -2.89 -7.26
N ASP A 10 15.51 -3.87 -7.55
CA ASP A 10 14.27 -4.03 -6.81
C ASP A 10 14.53 -4.11 -5.31
N PRO A 11 13.53 -3.70 -4.52
CA PRO A 11 13.63 -3.70 -3.06
C PRO A 11 13.63 -5.11 -2.48
N SER A 12 14.65 -5.41 -1.68
CA SER A 12 14.78 -6.72 -1.07
C SER A 12 13.87 -6.84 0.15
N LYS A 13 13.81 -8.05 0.73
CA LYS A 13 12.98 -8.30 1.90
C LYS A 13 13.22 -7.24 2.97
N GLN A 14 14.44 -7.18 3.48
CA GLN A 14 14.79 -6.21 4.51
C GLN A 14 14.19 -4.84 4.19
N ASP A 15 14.61 -4.27 3.07
CA ASP A 15 14.12 -2.96 2.66
C ASP A 15 12.58 -2.91 2.71
N ILE A 16 11.95 -3.86 2.01
CA ILE A 16 10.50 -3.92 1.98
C ILE A 16 9.91 -3.82 3.39
N LEU A 17 10.63 -4.36 4.37
CA LEU A 17 10.18 -4.33 5.75
C LEU A 17 10.34 -2.93 6.34
N THR A 18 11.35 -2.21 5.88
CA THR A 18 11.60 -0.86 6.37
C THR A 18 10.39 0.04 6.15
N ILE A 19 9.60 -0.27 5.12
CA ILE A 19 8.41 0.51 4.82
C ILE A 19 7.20 0.01 5.61
N PHE A 20 7.09 -1.32 5.71
CA PHE A 20 5.99 -1.92 6.44
C PHE A 20 6.14 -1.72 7.95
N LYS A 21 7.38 -1.57 8.39
CA LYS A 21 7.66 -1.36 9.80
C LYS A 21 7.03 -0.06 10.30
N ARG A 22 7.09 0.97 9.47
CA ARG A 22 6.53 2.27 9.82
C ARG A 22 5.00 2.20 9.87
N LEU A 23 4.42 1.38 9.01
CA LEU A 23 2.98 1.22 8.94
C LEU A 23 2.49 0.25 10.02
N ARG A 24 2.91 -1.00 9.92
CA ARG A 24 2.52 -2.01 10.89
C ARG A 24 2.46 -1.43 12.30
N SER A 25 3.55 -0.78 12.69
CA SER A 25 3.62 -0.19 14.03
C SER A 25 2.30 0.46 14.42
N VAL A 26 1.77 1.28 13.53
CA VAL A 26 0.49 1.96 13.77
C VAL A 26 -0.60 0.95 14.11
N PRO A 27 -1.33 1.22 15.20
CA PRO A 27 -2.43 0.36 15.66
C PRO A 27 -3.63 0.41 14.73
N THR A 28 -3.54 1.24 13.69
CA THR A 28 -4.62 1.37 12.72
C THR A 28 -4.29 0.66 11.43
N ASN A 29 -3.03 0.25 11.28
CA ASN A 29 -2.59 -0.45 10.07
C ASN A 29 -2.36 -1.92 10.36
N LYS A 30 -2.06 -2.24 11.62
CA LYS A 30 -1.81 -3.62 12.03
C LYS A 30 -3.12 -4.38 12.19
N VAL A 31 -4.21 -3.78 11.73
CA VAL A 31 -5.52 -4.41 11.81
C VAL A 31 -6.29 -4.27 10.50
N CYS A 32 -6.65 -5.39 9.91
CA CYS A 32 -7.39 -5.39 8.66
C CYS A 32 -8.40 -4.25 8.61
N PHE A 33 -8.08 -3.20 7.86
CA PHE A 33 -8.97 -2.05 7.74
C PHE A 33 -10.41 -2.49 7.49
N ASP A 34 -10.57 -3.69 6.96
CA ASP A 34 -11.89 -4.23 6.66
C ASP A 34 -12.61 -4.64 7.95
N CYS A 35 -12.14 -5.73 8.55
CA CYS A 35 -12.74 -6.23 9.79
C CYS A 35 -11.96 -5.73 11.00
N GLY A 36 -10.64 -5.82 10.93
CA GLY A 36 -9.80 -5.36 12.04
C GLY A 36 -8.88 -6.45 12.54
N ALA A 37 -8.81 -7.56 11.80
CA ALA A 37 -7.95 -8.68 12.17
C ALA A 37 -6.52 -8.22 12.41
N LYS A 38 -5.96 -8.59 13.55
CA LYS A 38 -4.59 -8.21 13.88
C LYS A 38 -3.58 -8.98 13.02
N ASN A 39 -2.46 -8.33 12.71
CA ASN A 39 -1.43 -8.96 11.89
C ASN A 39 -1.98 -9.32 10.51
N PRO A 40 -2.63 -8.34 9.85
CA PRO A 40 -3.20 -8.54 8.51
C PRO A 40 -2.13 -8.69 7.43
N SER A 41 -1.57 -9.89 7.33
CA SER A 41 -0.54 -10.17 6.34
C SER A 41 -0.88 -9.52 5.00
N TRP A 42 -1.92 -10.03 4.35
CA TRP A 42 -2.35 -9.51 3.06
C TRP A 42 -2.42 -7.98 3.10
N ALA A 43 -2.06 -7.35 1.98
CA ALA A 43 -2.09 -5.90 1.87
C ALA A 43 -2.42 -5.46 0.46
N SER A 44 -3.33 -4.50 0.34
CA SER A 44 -3.74 -3.98 -0.96
C SER A 44 -2.97 -2.72 -1.32
N ILE A 45 -2.14 -2.81 -2.35
CA ILE A 45 -1.34 -1.68 -2.80
C ILE A 45 -2.22 -0.60 -3.43
N THR A 46 -3.15 -1.03 -4.28
CA THR A 46 -4.06 -0.11 -4.95
C THR A 46 -4.67 0.88 -3.96
N TYR A 47 -5.14 0.37 -2.83
CA TYR A 47 -5.75 1.20 -1.80
C TYR A 47 -4.81 1.39 -0.62
N GLY A 48 -3.55 0.98 -0.81
CA GLY A 48 -2.57 1.11 0.26
C GLY A 48 -3.14 0.78 1.62
N VAL A 49 -3.90 -0.29 1.70
CA VAL A 49 -4.51 -0.72 2.95
C VAL A 49 -4.15 -2.16 3.29
N PHE A 50 -4.47 -2.58 4.52
CA PHE A 50 -4.18 -3.93 4.96
C PHE A 50 -5.45 -4.77 5.04
N LEU A 51 -5.31 -6.05 4.73
CA LEU A 51 -6.45 -6.97 4.76
C LEU A 51 -6.05 -8.34 5.28
N CYS A 52 -7.03 -9.16 5.63
CA CYS A 52 -6.77 -10.50 6.15
C CYS A 52 -7.11 -11.56 5.11
N ILE A 53 -6.39 -12.67 5.14
CA ILE A 53 -6.61 -13.76 4.21
C ILE A 53 -8.09 -13.89 3.85
N ASP A 54 -8.95 -13.58 4.81
CA ASP A 54 -10.39 -13.65 4.60
C ASP A 54 -10.86 -12.56 3.64
N CYS A 55 -10.85 -11.32 4.12
CA CYS A 55 -11.27 -10.19 3.30
C CYS A 55 -10.48 -10.13 2.00
N SER A 56 -9.15 -10.09 2.13
CA SER A 56 -8.28 -10.03 0.96
C SER A 56 -8.88 -10.78 -0.22
N GLY A 57 -9.54 -11.90 0.08
CA GLY A 57 -10.15 -12.71 -0.96
C GLY A 57 -11.13 -11.91 -1.81
N SER A 58 -12.04 -11.19 -1.15
CA SER A 58 -13.04 -10.39 -1.83
C SER A 58 -12.38 -9.48 -2.86
N HIS A 59 -11.26 -8.87 -2.48
CA HIS A 59 -10.52 -7.97 -3.36
C HIS A 59 -9.98 -8.73 -4.57
N ARG A 60 -9.38 -9.88 -4.33
CA ARG A 60 -8.82 -10.69 -5.40
C ARG A 60 -9.87 -11.00 -6.46
N SER A 61 -11.11 -11.20 -6.01
CA SER A 61 -12.22 -11.51 -6.91
C SER A 61 -12.54 -10.33 -7.81
N LEU A 62 -12.77 -9.17 -7.19
CA LEU A 62 -13.08 -7.96 -7.93
C LEU A 62 -12.23 -7.84 -9.19
N GLY A 63 -10.92 -7.99 -9.03
CA GLY A 63 -10.02 -7.90 -10.15
C GLY A 63 -8.75 -7.14 -9.83
N VAL A 64 -7.60 -7.77 -10.06
CA VAL A 64 -6.32 -7.15 -9.78
C VAL A 64 -6.33 -5.67 -10.16
N HIS A 65 -7.14 -5.33 -11.15
CA HIS A 65 -7.25 -3.95 -11.61
C HIS A 65 -7.92 -3.08 -10.56
N LEU A 66 -9.01 -3.58 -9.99
CA LEU A 66 -9.75 -2.85 -8.96
C LEU A 66 -8.92 -2.70 -7.69
N SER A 67 -8.28 -3.80 -7.29
CA SER A 67 -7.46 -3.80 -6.07
C SER A 67 -6.41 -4.92 -6.13
N PHE A 68 -5.16 -4.53 -6.29
CA PHE A 68 -4.07 -5.49 -6.35
C PHE A 68 -3.65 -5.93 -4.96
N ILE A 69 -3.57 -7.24 -4.75
CA ILE A 69 -3.17 -7.79 -3.46
C ILE A 69 -1.78 -8.42 -3.53
N ARG A 70 -0.98 -8.17 -2.49
CA ARG A 70 0.38 -8.71 -2.43
C ARG A 70 0.75 -9.10 -1.01
N SER A 71 1.58 -10.12 -0.87
CA SER A 71 2.01 -10.59 0.44
C SER A 71 3.34 -9.94 0.84
N THR A 72 3.40 -9.44 2.07
CA THR A 72 4.60 -8.79 2.57
C THR A 72 5.65 -9.83 2.97
N GLU A 73 5.21 -10.85 3.71
CA GLU A 73 6.12 -11.90 4.16
C GLU A 73 6.44 -12.87 3.02
N LEU A 74 5.46 -13.71 2.67
CA LEU A 74 5.64 -14.68 1.61
C LEU A 74 6.36 -14.06 0.41
N ASP A 75 5.69 -13.10 -0.23
CA ASP A 75 6.27 -12.42 -1.40
C ASP A 75 7.28 -11.35 -0.95
N SER A 76 8.40 -11.28 -1.65
CA SER A 76 9.44 -10.32 -1.33
C SER A 76 9.86 -9.53 -2.58
N ASN A 77 9.35 -9.96 -3.74
CA ASN A 77 9.66 -9.29 -4.99
C ASN A 77 8.71 -8.14 -5.25
N TRP A 78 8.56 -7.26 -4.26
CA TRP A 78 7.67 -6.11 -4.38
C TRP A 78 8.30 -5.05 -5.29
N SER A 79 7.59 -3.92 -5.44
CA SER A 79 8.07 -2.83 -6.28
C SER A 79 8.13 -1.53 -5.48
N TRP A 80 9.27 -0.86 -5.55
CA TRP A 80 9.47 0.39 -4.85
C TRP A 80 8.21 1.25 -4.90
N PHE A 81 7.69 1.43 -6.11
CA PHE A 81 6.48 2.23 -6.31
C PHE A 81 5.32 1.68 -5.47
N GLN A 82 5.24 0.37 -5.37
CA GLN A 82 4.18 -0.29 -4.60
C GLN A 82 4.43 -0.14 -3.11
N LEU A 83 5.70 0.00 -2.73
CA LEU A 83 6.08 0.15 -1.34
C LEU A 83 5.55 1.46 -0.76
N ARG A 84 5.86 2.56 -1.45
CA ARG A 84 5.43 3.88 -1.02
C ARG A 84 3.90 3.98 -1.02
N CYS A 85 3.28 3.31 -1.98
CA CYS A 85 1.82 3.32 -2.10
C CYS A 85 1.16 2.99 -0.76
N MET A 86 1.84 2.17 0.04
CA MET A 86 1.33 1.79 1.35
C MET A 86 1.43 2.93 2.34
N GLN A 87 2.60 3.58 2.36
CA GLN A 87 2.82 4.70 3.27
C GLN A 87 1.91 5.87 2.93
N VAL A 88 2.06 6.40 1.72
CA VAL A 88 1.24 7.52 1.28
C VAL A 88 -0.24 7.27 1.53
N GLY A 89 -0.59 6.01 1.74
CA GLY A 89 -1.97 5.65 2.00
C GLY A 89 -2.22 5.30 3.45
N GLY A 90 -2.60 4.05 3.71
CA GLY A 90 -2.87 3.63 5.06
C GLY A 90 -4.34 3.27 5.28
N ASN A 91 -4.60 2.50 6.33
CA ASN A 91 -5.96 2.08 6.65
C ASN A 91 -6.83 3.29 6.97
N ALA A 92 -6.43 4.06 7.98
CA ALA A 92 -7.16 5.24 8.40
C ALA A 92 -7.37 6.20 7.22
N SER A 93 -6.28 6.50 6.53
CA SER A 93 -6.34 7.41 5.38
C SER A 93 -7.66 7.27 4.64
N ALA A 94 -7.98 6.03 4.25
CA ALA A 94 -9.22 5.76 3.53
C ALA A 94 -10.43 5.90 4.45
N SER A 95 -10.34 5.29 5.63
CA SER A 95 -11.43 5.34 6.60
C SER A 95 -12.14 6.69 6.55
N SER A 96 -11.36 7.75 6.41
CA SER A 96 -11.90 9.10 6.36
C SER A 96 -12.21 9.51 4.92
N PHE A 97 -11.18 9.48 4.07
CA PHE A 97 -11.34 9.85 2.67
C PHE A 97 -12.71 9.44 2.15
N PHE A 98 -13.03 8.16 2.30
CA PHE A 98 -14.32 7.64 1.85
C PHE A 98 -15.47 8.52 2.33
N HIS A 99 -15.52 8.74 3.64
CA HIS A 99 -16.57 9.56 4.23
C HIS A 99 -16.50 10.99 3.71
N GLN A 100 -15.34 11.62 3.85
CA GLN A 100 -15.14 12.98 3.39
C GLN A 100 -15.96 13.26 2.14
N HIS A 101 -15.90 12.35 1.18
CA HIS A 101 -16.63 12.48 -0.07
C HIS A 101 -18.14 12.29 0.16
N GLY A 102 -18.51 11.10 0.61
CA GLY A 102 -19.91 10.81 0.86
C GLY A 102 -20.31 9.41 0.42
N CYS A 103 -19.53 8.43 0.84
CA CYS A 103 -19.80 7.03 0.48
C CYS A 103 -19.82 6.15 1.72
N SER A 104 -20.97 6.09 2.38
CA SER A 104 -21.12 5.28 3.58
C SER A 104 -21.59 3.87 3.24
N THR A 105 -20.97 3.30 2.22
CA THR A 105 -21.32 1.94 1.79
C THR A 105 -20.37 0.91 2.38
N ASN A 106 -20.94 -0.18 2.89
CA ASN A 106 -20.14 -1.24 3.50
C ASN A 106 -19.77 -2.29 2.46
N ASP A 107 -20.76 -2.72 1.69
CA ASP A 107 -20.53 -3.74 0.65
C ASP A 107 -19.15 -3.58 0.04
N THR A 108 -18.44 -4.70 -0.10
CA THR A 108 -17.10 -4.69 -0.67
C THR A 108 -17.16 -4.53 -2.20
N ASN A 109 -18.15 -5.14 -2.82
CA ASN A 109 -18.31 -5.06 -4.26
C ASN A 109 -18.92 -3.72 -4.68
N ALA A 110 -19.35 -2.95 -3.68
CA ALA A 110 -19.95 -1.64 -3.93
C ALA A 110 -19.06 -0.52 -3.39
N LYS A 111 -18.84 -0.55 -2.08
CA LYS A 111 -18.00 0.47 -1.43
C LYS A 111 -16.74 0.74 -2.24
N TYR A 112 -16.16 -0.32 -2.79
CA TYR A 112 -14.95 -0.19 -3.59
C TYR A 112 -15.28 0.18 -5.03
N ASN A 113 -16.45 -0.24 -5.49
CA ASN A 113 -16.88 0.04 -6.85
C ASN A 113 -17.55 1.42 -6.93
N SER A 114 -17.25 2.27 -5.96
CA SER A 114 -17.83 3.62 -5.92
C SER A 114 -16.83 4.65 -6.42
N ARG A 115 -17.28 5.89 -6.54
CA ARG A 115 -16.42 6.97 -7.01
C ARG A 115 -15.38 7.32 -5.95
N ALA A 116 -15.83 7.48 -4.71
CA ALA A 116 -14.93 7.82 -3.61
C ALA A 116 -13.74 6.88 -3.57
N ALA A 117 -14.00 5.59 -3.74
CA ALA A 117 -12.93 4.58 -3.73
C ALA A 117 -11.92 4.84 -4.83
N GLN A 118 -12.41 5.00 -6.05
CA GLN A 118 -11.54 5.25 -7.20
C GLN A 118 -10.61 6.43 -6.92
N LEU A 119 -11.19 7.61 -6.73
CA LEU A 119 -10.42 8.82 -6.46
C LEU A 119 -9.21 8.50 -5.58
N TYR A 120 -9.44 7.69 -4.55
CA TYR A 120 -8.37 7.32 -3.63
C TYR A 120 -7.23 6.62 -4.37
N ARG A 121 -7.55 5.52 -5.04
CA ARG A 121 -6.56 4.75 -5.79
C ARG A 121 -5.62 5.68 -6.55
N GLU A 122 -6.17 6.42 -7.51
CA GLU A 122 -5.39 7.35 -8.31
C GLU A 122 -4.49 8.21 -7.42
N LYS A 123 -5.08 8.83 -6.40
CA LYS A 123 -4.34 9.67 -5.48
C LYS A 123 -3.07 8.98 -5.00
N ILE A 124 -3.22 7.74 -4.53
CA ILE A 124 -2.09 6.97 -4.04
C ILE A 124 -0.95 6.97 -5.06
N LYS A 125 -1.30 6.88 -6.34
CA LYS A 125 -0.31 6.86 -7.41
C LYS A 125 0.53 8.14 -7.37
N SER A 126 -0.15 9.28 -7.37
CA SER A 126 0.54 10.57 -7.34
C SER A 126 1.46 10.68 -6.13
N LEU A 127 0.91 10.39 -4.95
CA LEU A 127 1.69 10.45 -3.72
C LEU A 127 2.86 9.48 -3.76
N ALA A 128 2.56 8.19 -3.84
CA ALA A 128 3.59 7.16 -3.89
C ALA A 128 4.81 7.65 -4.67
N SER A 129 4.56 8.38 -5.76
CA SER A 129 5.64 8.91 -6.59
C SER A 129 6.52 9.85 -5.80
N GLN A 130 5.90 10.75 -5.04
CA GLN A 130 6.64 11.72 -4.24
C GLN A 130 7.69 11.01 -3.38
N ALA A 131 7.35 9.82 -2.88
CA ALA A 131 8.26 9.05 -2.04
C ALA A 131 9.22 8.23 -2.90
N THR A 132 8.74 7.77 -4.05
CA THR A 132 9.55 6.95 -4.94
C THR A 132 10.61 7.80 -5.63
N ARG A 133 10.17 8.72 -6.49
CA ARG A 133 11.09 9.60 -7.20
C ARG A 133 12.23 10.04 -6.30
N LYS A 134 11.98 10.10 -5.00
CA LYS A 134 12.98 10.50 -4.03
C LYS A 134 14.35 9.96 -4.41
N HIS A 135 15.40 10.59 -3.88
CA HIS A 135 16.77 10.16 -4.16
C HIS A 135 16.84 8.65 -4.36
N GLY A 136 16.87 8.23 -5.62
CA GLY A 136 16.94 6.81 -5.94
C GLY A 136 16.16 5.97 -4.94
N THR A 137 16.62 4.73 -4.73
CA THR A 137 15.97 3.83 -3.80
C THR A 137 16.22 4.24 -2.35
N ASP A 138 17.38 4.82 -2.11
CA ASP A 138 17.75 5.27 -0.77
C ASP A 138 16.53 5.73 0.00
N LEU A 139 16.12 4.95 1.00
CA LEU A 139 14.97 5.28 1.82
C LEU A 139 14.95 6.75 2.19
N TRP A 140 14.03 7.50 1.60
CA TRP A 140 13.91 8.93 1.86
C TRP A 140 14.29 9.25 3.30
N LEU A 141 13.94 8.35 4.21
CA LEU A 141 14.24 8.53 5.62
C LEU A 141 15.50 7.75 6.03
N ASP A 142 16.34 8.37 6.83
CA ASP A 142 17.56 7.73 7.29
C ASP A 142 18.30 8.61 8.30
N SER A 143 19.12 7.99 9.15
CA SER A 143 19.87 8.72 10.15
C SER A 143 21.37 8.53 9.95
N SER A 144 22.16 9.46 10.50
CA SER A 144 23.61 9.39 10.38
C SER A 144 24.26 9.28 11.75
N GLY A 145 24.09 10.33 12.56
CA GLY A 145 24.67 10.34 13.88
C GLY A 145 26.14 10.70 13.87
N PRO A 146 26.84 10.39 14.98
CA PRO A 146 28.27 10.69 15.11
C PRO A 146 29.14 9.83 14.20
N SER A 147 29.71 10.45 13.17
CA SER A 147 30.56 9.75 12.21
C SER A 147 32.00 9.73 12.68
N SER A 148 32.34 8.74 13.50
CA SER A 148 33.69 8.60 14.03
C SER A 148 34.73 8.90 12.94
N GLY A 149 34.54 8.29 11.77
CA GLY A 149 35.46 8.50 10.68
C GLY A 149 34.98 7.87 9.39
ZN ZN B . -10.45 -8.71 7.30
N GLY A 1 29.77 -1.36 -18.06
CA GLY A 1 29.09 -2.18 -19.05
C GLY A 1 27.60 -2.29 -18.79
N SER A 2 26.82 -2.40 -19.86
CA SER A 2 25.37 -2.51 -19.73
C SER A 2 24.91 -3.93 -20.02
N SER A 3 24.49 -4.64 -18.98
CA SER A 3 24.03 -6.02 -19.12
C SER A 3 23.49 -6.56 -17.79
N GLY A 4 22.79 -7.69 -17.86
CA GLY A 4 22.24 -8.28 -16.66
C GLY A 4 21.26 -7.36 -15.95
N SER A 5 21.73 -6.70 -14.90
CA SER A 5 20.88 -5.78 -14.14
C SER A 5 20.35 -4.66 -15.02
N SER A 6 19.08 -4.75 -15.38
CA SER A 6 18.45 -3.73 -16.22
C SER A 6 17.62 -2.77 -15.39
N GLY A 7 17.82 -1.48 -15.63
CA GLY A 7 17.08 -0.47 -14.89
C GLY A 7 17.27 -0.60 -13.39
N MET A 8 16.89 0.44 -12.66
CA MET A 8 17.00 0.44 -11.20
C MET A 8 16.67 -0.93 -10.63
N GLY A 9 17.50 -1.39 -9.70
CA GLY A 9 17.27 -2.69 -9.08
C GLY A 9 16.05 -2.71 -8.18
N ASP A 10 15.57 -3.90 -7.87
CA ASP A 10 14.39 -4.05 -7.02
C ASP A 10 14.79 -4.07 -5.55
N PRO A 11 13.86 -3.62 -4.68
CA PRO A 11 14.10 -3.59 -3.23
C PRO A 11 14.17 -4.97 -2.62
N SER A 12 15.24 -5.24 -1.88
CA SER A 12 15.43 -6.53 -1.24
C SER A 12 14.38 -6.76 -0.15
N LYS A 13 14.32 -7.98 0.36
CA LYS A 13 13.35 -8.34 1.40
C LYS A 13 13.46 -7.37 2.58
N GLN A 14 14.65 -7.29 3.16
CA GLN A 14 14.88 -6.41 4.31
C GLN A 14 14.27 -5.03 4.06
N ASP A 15 14.73 -4.37 3.01
CA ASP A 15 14.23 -3.04 2.67
C ASP A 15 12.70 -3.00 2.75
N ILE A 16 12.06 -3.95 2.07
CA ILE A 16 10.60 -4.01 2.07
C ILE A 16 10.04 -3.99 3.50
N LEU A 17 10.51 -4.91 4.32
CA LEU A 17 10.06 -4.99 5.71
C LEU A 17 9.91 -3.60 6.31
N THR A 18 11.04 -2.92 6.49
CA THR A 18 11.05 -1.57 7.05
C THR A 18 9.83 -0.77 6.59
N ILE A 19 9.80 -0.46 5.29
CA ILE A 19 8.70 0.29 4.71
C ILE A 19 7.37 -0.10 5.35
N PHE A 20 7.22 -1.38 5.65
CA PHE A 20 6.00 -1.89 6.27
C PHE A 20 6.02 -1.66 7.78
N LYS A 21 7.00 -2.24 8.45
CA LYS A 21 7.13 -2.10 9.90
C LYS A 21 6.73 -0.70 10.34
N ARG A 22 7.12 0.30 9.55
CA ARG A 22 6.81 1.68 9.86
C ARG A 22 5.30 1.91 9.93
N LEU A 23 4.59 1.34 8.95
CA LEU A 23 3.13 1.48 8.89
C LEU A 23 2.47 0.55 9.90
N ARG A 24 2.93 -0.68 9.97
CA ARG A 24 2.38 -1.67 10.89
C ARG A 24 2.27 -1.09 12.29
N SER A 25 3.35 -0.49 12.77
CA SER A 25 3.38 0.10 14.11
C SER A 25 2.02 0.73 14.45
N VAL A 26 1.53 1.58 13.55
CA VAL A 26 0.24 2.24 13.76
C VAL A 26 -0.83 1.25 14.15
N PRO A 27 -1.57 1.58 15.22
CA PRO A 27 -2.66 0.73 15.73
C PRO A 27 -3.85 0.67 14.78
N THR A 28 -3.72 1.32 13.62
CA THR A 28 -4.78 1.34 12.64
C THR A 28 -4.39 0.58 11.37
N ASN A 29 -3.08 0.34 11.23
CA ASN A 29 -2.57 -0.37 10.06
C ASN A 29 -2.30 -1.84 10.41
N LYS A 30 -2.03 -2.11 11.68
CA LYS A 30 -1.76 -3.46 12.13
C LYS A 30 -3.04 -4.28 12.23
N VAL A 31 -4.14 -3.71 11.76
CA VAL A 31 -5.44 -4.37 11.79
C VAL A 31 -6.19 -4.20 10.47
N CYS A 32 -6.52 -5.33 9.84
CA CYS A 32 -7.24 -5.30 8.57
C CYS A 32 -8.25 -4.17 8.54
N PHE A 33 -7.93 -3.12 7.79
CA PHE A 33 -8.82 -1.96 7.68
C PHE A 33 -10.27 -2.41 7.47
N ASP A 34 -10.44 -3.56 6.82
CA ASP A 34 -11.77 -4.10 6.56
C ASP A 34 -12.49 -4.44 7.86
N CYS A 35 -12.04 -5.51 8.50
CA CYS A 35 -12.64 -5.95 9.77
C CYS A 35 -11.82 -5.46 10.95
N GLY A 36 -10.51 -5.69 10.89
CA GLY A 36 -9.63 -5.27 11.97
C GLY A 36 -8.74 -6.39 12.46
N ALA A 37 -8.68 -7.48 11.70
CA ALA A 37 -7.87 -8.63 12.06
C ALA A 37 -6.42 -8.21 12.31
N LYS A 38 -5.95 -8.39 13.54
CA LYS A 38 -4.59 -8.03 13.90
C LYS A 38 -3.58 -8.81 13.06
N ASN A 39 -2.48 -8.15 12.70
CA ASN A 39 -1.44 -8.79 11.89
C ASN A 39 -1.98 -9.18 10.53
N PRO A 40 -2.60 -8.21 9.83
CA PRO A 40 -3.16 -8.42 8.50
C PRO A 40 -2.09 -8.64 7.43
N SER A 41 -1.56 -9.85 7.37
CA SER A 41 -0.52 -10.17 6.40
C SER A 41 -0.82 -9.54 5.05
N TRP A 42 -1.88 -10.02 4.40
CA TRP A 42 -2.27 -9.50 3.10
C TRP A 42 -2.32 -7.97 3.12
N ALA A 43 -2.01 -7.37 1.98
CA ALA A 43 -2.03 -5.91 1.86
C ALA A 43 -2.33 -5.48 0.43
N SER A 44 -3.36 -4.66 0.27
CA SER A 44 -3.76 -4.17 -1.05
C SER A 44 -3.03 -2.88 -1.39
N ILE A 45 -2.17 -2.95 -2.40
CA ILE A 45 -1.41 -1.79 -2.83
C ILE A 45 -2.33 -0.71 -3.39
N THR A 46 -3.22 -1.11 -4.30
CA THR A 46 -4.16 -0.17 -4.91
C THR A 46 -4.62 0.87 -3.92
N TYR A 47 -5.31 0.43 -2.87
CA TYR A 47 -5.82 1.32 -1.85
C TYR A 47 -4.81 1.49 -0.71
N GLY A 48 -3.64 0.88 -0.89
CA GLY A 48 -2.61 0.96 0.13
C GLY A 48 -3.14 0.70 1.53
N VAL A 49 -3.78 -0.45 1.70
CA VAL A 49 -4.34 -0.82 2.99
C VAL A 49 -4.03 -2.27 3.34
N PHE A 50 -4.28 -2.65 4.58
CA PHE A 50 -4.02 -4.01 5.03
C PHE A 50 -5.32 -4.81 5.10
N LEU A 51 -5.23 -6.10 4.76
CA LEU A 51 -6.39 -6.98 4.77
C LEU A 51 -6.02 -8.36 5.31
N CYS A 52 -7.04 -9.16 5.59
CA CYS A 52 -6.83 -10.51 6.12
C CYS A 52 -7.23 -11.56 5.08
N ILE A 53 -6.54 -12.69 5.10
CA ILE A 53 -6.83 -13.78 4.18
C ILE A 53 -8.32 -13.87 3.89
N ASP A 54 -9.13 -13.61 4.90
CA ASP A 54 -10.58 -13.67 4.76
C ASP A 54 -11.07 -12.56 3.82
N CYS A 55 -10.77 -11.31 4.18
CA CYS A 55 -11.18 -10.17 3.37
C CYS A 55 -10.42 -10.14 2.05
N SER A 56 -9.09 -10.17 2.12
CA SER A 56 -8.25 -10.14 0.93
C SER A 56 -8.93 -10.87 -0.23
N GLY A 57 -9.65 -11.94 0.09
CA GLY A 57 -10.33 -12.71 -0.93
C GLY A 57 -11.31 -11.86 -1.73
N SER A 58 -12.15 -11.10 -1.02
CA SER A 58 -13.14 -10.25 -1.67
C SER A 58 -12.49 -9.40 -2.76
N HIS A 59 -11.31 -8.88 -2.46
CA HIS A 59 -10.57 -8.04 -3.40
C HIS A 59 -10.08 -8.86 -4.58
N ARG A 60 -9.53 -10.04 -4.30
CA ARG A 60 -9.01 -10.91 -5.34
C ARG A 60 -10.07 -11.18 -6.41
N SER A 61 -11.32 -11.31 -5.98
CA SER A 61 -12.42 -11.57 -6.90
C SER A 61 -12.66 -10.38 -7.81
N LEU A 62 -12.67 -9.18 -7.22
CA LEU A 62 -12.89 -7.96 -7.98
C LEU A 62 -12.05 -7.96 -9.26
N GLY A 63 -10.74 -8.12 -9.10
CA GLY A 63 -9.84 -8.14 -10.25
C GLY A 63 -8.55 -7.40 -9.98
N VAL A 64 -7.42 -8.07 -10.23
CA VAL A 64 -6.12 -7.47 -10.02
C VAL A 64 -6.09 -6.02 -10.49
N HIS A 65 -6.93 -5.71 -11.48
CA HIS A 65 -7.00 -4.36 -12.02
C HIS A 65 -7.70 -3.43 -11.05
N LEU A 66 -8.79 -3.91 -10.45
CA LEU A 66 -9.56 -3.11 -9.49
C LEU A 66 -8.80 -2.96 -8.18
N SER A 67 -8.26 -4.06 -7.68
CA SER A 67 -7.52 -4.04 -6.43
C SER A 67 -6.49 -5.17 -6.40
N PHE A 68 -5.22 -4.80 -6.58
CA PHE A 68 -4.14 -5.78 -6.57
C PHE A 68 -3.75 -6.15 -5.15
N ILE A 69 -3.60 -7.45 -4.90
CA ILE A 69 -3.23 -7.94 -3.58
C ILE A 69 -1.79 -8.44 -3.56
N ARG A 70 -1.10 -8.25 -2.43
CA ARG A 70 0.27 -8.68 -2.29
C ARG A 70 0.65 -8.81 -0.82
N SER A 71 1.16 -9.98 -0.45
CA SER A 71 1.57 -10.23 0.93
C SER A 71 2.79 -9.40 1.30
N THR A 72 3.17 -9.46 2.58
CA THR A 72 4.32 -8.72 3.06
C THR A 72 5.42 -9.66 3.55
N GLU A 73 5.03 -10.74 4.21
CA GLU A 73 5.98 -11.71 4.72
C GLU A 73 6.43 -12.66 3.62
N LEU A 74 5.49 -13.07 2.78
CA LEU A 74 5.80 -13.98 1.68
C LEU A 74 6.35 -13.21 0.48
N ASP A 75 5.50 -12.39 -0.12
CA ASP A 75 5.91 -11.60 -1.29
C ASP A 75 7.11 -10.72 -0.94
N SER A 76 8.16 -10.82 -1.76
CA SER A 76 9.37 -10.05 -1.55
C SER A 76 9.76 -9.29 -2.81
N ASN A 77 9.27 -9.76 -3.95
CA ASN A 77 9.57 -9.12 -5.23
C ASN A 77 8.65 -7.93 -5.47
N TRP A 78 8.54 -7.07 -4.47
CA TRP A 78 7.70 -5.88 -4.56
C TRP A 78 8.34 -4.84 -5.48
N SER A 79 7.64 -3.72 -5.67
CA SER A 79 8.14 -2.65 -6.53
C SER A 79 8.23 -1.34 -5.75
N TRP A 80 9.42 -0.75 -5.75
CA TRP A 80 9.64 0.50 -5.04
C TRP A 80 8.40 1.39 -5.10
N PHE A 81 7.78 1.46 -6.27
CA PHE A 81 6.58 2.27 -6.45
C PHE A 81 5.42 1.72 -5.63
N GLN A 82 5.16 0.42 -5.79
CA GLN A 82 4.09 -0.23 -5.06
C GLN A 82 4.27 -0.09 -3.55
N LEU A 83 5.52 -0.10 -3.12
CA LEU A 83 5.84 0.03 -1.70
C LEU A 83 5.34 1.37 -1.15
N ARG A 84 5.87 2.46 -1.69
CA ARG A 84 5.48 3.79 -1.26
C ARG A 84 3.97 3.90 -1.10
N CYS A 85 3.24 3.42 -2.11
CA CYS A 85 1.78 3.45 -2.08
C CYS A 85 1.26 3.15 -0.68
N MET A 86 1.85 2.14 -0.04
CA MET A 86 1.44 1.75 1.31
C MET A 86 1.74 2.86 2.31
N GLN A 87 2.88 3.50 2.15
CA GLN A 87 3.29 4.58 3.05
C GLN A 87 2.39 5.80 2.87
N VAL A 88 2.38 6.35 1.67
CA VAL A 88 1.57 7.53 1.37
C VAL A 88 0.11 7.31 1.78
N GLY A 89 -0.31 6.04 1.77
CA GLY A 89 -1.68 5.72 2.14
C GLY A 89 -1.77 5.18 3.56
N GLY A 90 -2.60 4.16 3.75
CA GLY A 90 -2.77 3.58 5.06
C GLY A 90 -4.22 3.29 5.38
N ASN A 91 -4.45 2.41 6.36
CA ASN A 91 -5.80 2.04 6.76
C ASN A 91 -6.61 3.28 7.12
N ALA A 92 -6.06 4.10 8.01
CA ALA A 92 -6.73 5.32 8.44
C ALA A 92 -6.98 6.26 7.26
N SER A 93 -5.93 6.51 6.48
CA SER A 93 -6.02 7.39 5.33
C SER A 93 -7.38 7.24 4.64
N ALA A 94 -7.76 5.99 4.37
CA ALA A 94 -9.03 5.72 3.71
C ALA A 94 -10.20 5.90 4.68
N SER A 95 -10.09 5.29 5.86
CA SER A 95 -11.15 5.39 6.87
C SER A 95 -11.74 6.79 6.90
N SER A 96 -10.88 7.79 6.82
CA SER A 96 -11.32 9.19 6.84
C SER A 96 -11.68 9.67 5.43
N PHE A 97 -10.79 9.39 4.48
CA PHE A 97 -11.02 9.79 3.10
C PHE A 97 -12.44 9.46 2.65
N PHE A 98 -12.81 8.19 2.76
CA PHE A 98 -14.14 7.75 2.38
C PHE A 98 -15.22 8.62 3.02
N HIS A 99 -15.27 8.60 4.34
CA HIS A 99 -16.25 9.40 5.08
C HIS A 99 -16.29 10.83 4.56
N GLN A 100 -15.13 11.46 4.47
CA GLN A 100 -15.02 12.83 3.99
C GLN A 100 -15.91 13.04 2.77
N HIS A 101 -15.78 12.15 1.79
CA HIS A 101 -16.56 12.24 0.56
C HIS A 101 -18.05 12.05 0.86
N GLY A 102 -18.39 10.91 1.43
CA GLY A 102 -19.79 10.63 1.76
C GLY A 102 -20.28 9.34 1.13
N CYS A 103 -19.46 8.29 1.22
CA CYS A 103 -19.80 7.00 0.66
C CYS A 103 -20.11 5.99 1.76
N SER A 104 -21.32 6.05 2.28
CA SER A 104 -21.74 5.15 3.36
C SER A 104 -22.18 3.80 2.80
N THR A 105 -21.21 2.93 2.55
CA THR A 105 -21.51 1.59 2.01
C THR A 105 -20.49 0.57 2.50
N ASN A 106 -20.98 -0.58 2.95
CA ASN A 106 -20.12 -1.64 3.45
C ASN A 106 -19.75 -2.61 2.32
N ASP A 107 -20.73 -2.98 1.52
CA ASP A 107 -20.51 -3.90 0.41
C ASP A 107 -19.13 -3.68 -0.20
N THR A 108 -18.40 -4.77 -0.41
CA THR A 108 -17.07 -4.70 -0.99
C THR A 108 -17.13 -4.48 -2.50
N ASN A 109 -18.09 -5.14 -3.15
CA ASN A 109 -18.25 -5.02 -4.58
C ASN A 109 -18.88 -3.67 -4.95
N ALA A 110 -19.32 -2.94 -3.93
CA ALA A 110 -19.93 -1.63 -4.15
C ALA A 110 -19.07 -0.52 -3.57
N LYS A 111 -18.81 -0.60 -2.26
CA LYS A 111 -18.01 0.41 -1.59
C LYS A 111 -16.73 0.70 -2.36
N TYR A 112 -16.10 -0.36 -2.88
CA TYR A 112 -14.87 -0.22 -3.65
C TYR A 112 -15.17 0.20 -5.09
N ASN A 113 -16.33 -0.22 -5.59
CA ASN A 113 -16.73 0.10 -6.96
C ASN A 113 -17.47 1.44 -7.00
N SER A 114 -17.15 2.32 -6.04
CA SER A 114 -17.78 3.63 -5.97
C SER A 114 -16.79 4.74 -6.30
N ARG A 115 -17.28 5.96 -6.41
CA ARG A 115 -16.45 7.11 -6.72
C ARG A 115 -15.43 7.36 -5.61
N ALA A 116 -15.94 7.51 -4.38
CA ALA A 116 -15.08 7.76 -3.23
C ALA A 116 -13.88 6.81 -3.22
N ALA A 117 -14.14 5.54 -3.52
CA ALA A 117 -13.09 4.53 -3.55
C ALA A 117 -12.06 4.84 -4.62
N GLN A 118 -12.53 5.02 -5.85
CA GLN A 118 -11.64 5.32 -6.97
C GLN A 118 -10.74 6.50 -6.65
N LEU A 119 -11.34 7.66 -6.41
CA LEU A 119 -10.58 8.86 -6.09
C LEU A 119 -9.38 8.52 -5.22
N TYR A 120 -9.58 7.65 -4.23
CA TYR A 120 -8.51 7.25 -3.33
C TYR A 120 -7.35 6.64 -4.11
N ARG A 121 -7.60 5.52 -4.76
CA ARG A 121 -6.57 4.84 -5.54
C ARG A 121 -5.66 5.84 -6.23
N GLU A 122 -6.24 6.63 -7.13
CA GLU A 122 -5.48 7.64 -7.87
C GLU A 122 -4.54 8.40 -6.94
N LYS A 123 -5.09 8.91 -5.84
CA LYS A 123 -4.30 9.66 -4.87
C LYS A 123 -3.04 8.90 -4.48
N ILE A 124 -3.22 7.65 -4.07
CA ILE A 124 -2.09 6.80 -3.69
C ILE A 124 -0.99 6.83 -4.74
N LYS A 125 -1.39 6.76 -6.00
CA LYS A 125 -0.43 6.78 -7.11
C LYS A 125 0.32 8.11 -7.16
N SER A 126 -0.42 9.20 -7.03
CA SER A 126 0.17 10.54 -7.06
C SER A 126 1.22 10.69 -5.96
N LEU A 127 0.82 10.36 -4.74
CA LEU A 127 1.72 10.47 -3.59
C LEU A 127 2.87 9.46 -3.71
N ALA A 128 2.53 8.19 -3.88
CA ALA A 128 3.53 7.14 -4.02
C ALA A 128 4.70 7.61 -4.88
N SER A 129 4.39 8.32 -5.95
CA SER A 129 5.41 8.82 -6.86
C SER A 129 6.40 9.72 -6.12
N GLN A 130 5.88 10.54 -5.21
CA GLN A 130 6.71 11.45 -4.44
C GLN A 130 7.77 10.68 -3.64
N ALA A 131 7.30 9.80 -2.76
CA ALA A 131 8.20 9.00 -1.94
C ALA A 131 9.09 8.12 -2.80
N THR A 132 8.61 7.77 -3.98
CA THR A 132 9.37 6.92 -4.91
C THR A 132 10.53 7.69 -5.53
N ARG A 133 10.21 8.77 -6.24
CA ARG A 133 11.22 9.59 -6.88
C ARG A 133 12.24 10.10 -5.87
N LYS A 134 11.76 10.37 -4.65
CA LYS A 134 12.63 10.86 -3.58
C LYS A 134 13.82 9.93 -3.37
N HIS A 135 14.95 10.24 -3.98
CA HIS A 135 16.15 9.43 -3.86
C HIS A 135 15.94 8.04 -4.45
N GLY A 136 15.31 7.99 -5.62
CA GLY A 136 15.05 6.72 -6.28
C GLY A 136 14.86 5.59 -5.28
N THR A 137 15.60 4.51 -5.48
CA THR A 137 15.50 3.34 -4.60
C THR A 137 15.91 3.71 -3.18
N ASP A 138 16.99 4.47 -3.04
CA ASP A 138 17.49 4.88 -1.74
C ASP A 138 16.33 5.27 -0.82
N LEU A 139 16.08 4.47 0.20
CA LEU A 139 15.01 4.72 1.15
C LEU A 139 15.10 6.15 1.68
N TRP A 140 14.20 7.01 1.21
CA TRP A 140 14.16 8.40 1.63
C TRP A 140 14.54 8.52 3.11
N LEU A 141 14.02 7.61 3.92
CA LEU A 141 14.28 7.62 5.35
C LEU A 141 15.72 8.06 5.63
N ASP A 142 15.88 8.96 6.59
CA ASP A 142 17.20 9.46 6.96
C ASP A 142 18.19 8.31 7.13
N SER A 143 17.81 7.32 7.93
CA SER A 143 18.67 6.17 8.18
C SER A 143 19.03 5.47 6.87
N SER A 144 20.30 5.52 6.51
CA SER A 144 20.78 4.90 5.28
C SER A 144 22.25 4.52 5.41
N GLY A 145 22.54 3.23 5.26
CA GLY A 145 23.90 2.77 5.35
C GLY A 145 24.40 2.17 4.06
N PRO A 146 25.73 2.02 3.94
CA PRO A 146 26.36 1.47 2.73
C PRO A 146 26.09 -0.03 2.57
N SER A 147 25.32 -0.58 3.51
CA SER A 147 24.99 -2.00 3.48
C SER A 147 23.59 -2.21 2.90
N SER A 148 23.28 -1.52 1.82
CA SER A 148 21.97 -1.62 1.18
C SER A 148 22.03 -2.56 -0.02
N GLY A 149 21.93 -3.87 0.25
CA GLY A 149 21.97 -4.84 -0.81
C GLY A 149 22.20 -6.25 -0.30
ZN ZN B . -10.40 -8.53 7.39
N GLY A 1 5.47 12.51 -19.40
CA GLY A 1 6.20 13.12 -20.49
C GLY A 1 7.12 12.14 -21.19
N SER A 2 8.09 11.61 -20.45
CA SER A 2 9.04 10.66 -21.02
C SER A 2 9.72 9.86 -19.90
N SER A 3 9.38 8.59 -19.80
CA SER A 3 9.96 7.72 -18.78
C SER A 3 11.10 6.88 -19.36
N GLY A 4 12.32 7.40 -19.27
CA GLY A 4 13.46 6.68 -19.79
C GLY A 4 13.65 5.32 -19.14
N SER A 5 13.76 4.28 -19.96
CA SER A 5 13.93 2.92 -19.46
C SER A 5 15.23 2.80 -18.67
N SER A 6 15.18 2.03 -17.58
CA SER A 6 16.36 1.82 -16.75
C SER A 6 16.08 0.79 -15.66
N GLY A 7 17.13 0.14 -15.17
CA GLY A 7 16.98 -0.86 -14.14
C GLY A 7 17.62 -0.46 -12.84
N MET A 8 17.14 0.64 -12.25
CA MET A 8 17.67 1.14 -10.99
C MET A 8 17.78 0.00 -9.96
N GLY A 9 16.89 -0.97 -10.08
CA GLY A 9 16.91 -2.09 -9.14
C GLY A 9 15.65 -2.15 -8.30
N ASP A 10 15.36 -3.34 -7.77
CA ASP A 10 14.17 -3.53 -6.95
C ASP A 10 14.56 -3.75 -5.49
N PRO A 11 13.66 -3.39 -4.57
CA PRO A 11 13.88 -3.52 -3.12
C PRO A 11 13.88 -4.99 -2.68
N SER A 12 14.81 -5.33 -1.78
CA SER A 12 14.92 -6.69 -1.28
C SER A 12 14.01 -6.89 -0.08
N LYS A 13 13.93 -8.14 0.40
CA LYS A 13 13.10 -8.47 1.54
C LYS A 13 13.37 -7.51 2.71
N GLN A 14 14.65 -7.19 2.92
CA GLN A 14 15.03 -6.28 3.99
C GLN A 14 14.49 -4.89 3.75
N ASP A 15 14.51 -4.45 2.49
CA ASP A 15 14.02 -3.13 2.13
C ASP A 15 12.50 -3.05 2.28
N ILE A 16 11.82 -4.10 1.84
CA ILE A 16 10.36 -4.15 1.93
C ILE A 16 9.90 -4.11 3.38
N LEU A 17 10.68 -4.73 4.26
CA LEU A 17 10.35 -4.76 5.69
C LEU A 17 10.47 -3.38 6.30
N THR A 18 11.38 -2.57 5.77
CA THR A 18 11.59 -1.22 6.27
C THR A 18 10.39 -0.33 5.96
N ILE A 19 9.79 -0.53 4.79
CA ILE A 19 8.64 0.26 4.39
C ILE A 19 7.37 -0.19 5.11
N PHE A 20 7.37 -1.45 5.55
CA PHE A 20 6.22 -2.01 6.26
C PHE A 20 6.34 -1.75 7.75
N LYS A 21 7.58 -1.74 8.25
CA LYS A 21 7.82 -1.50 9.67
C LYS A 21 7.16 -0.22 10.13
N ARG A 22 7.13 0.78 9.26
CA ARG A 22 6.52 2.06 9.58
C ARG A 22 5.00 1.99 9.47
N LEU A 23 4.52 1.04 8.68
CA LEU A 23 3.08 0.85 8.48
C LEU A 23 2.47 0.11 9.66
N ARG A 24 2.89 -1.14 9.84
CA ARG A 24 2.38 -1.97 10.93
C ARG A 24 2.33 -1.18 12.24
N SER A 25 3.37 -0.38 12.47
CA SER A 25 3.45 0.42 13.70
C SER A 25 2.10 1.02 14.03
N VAL A 26 1.48 1.69 13.06
CA VAL A 26 0.19 2.32 13.26
C VAL A 26 -0.85 1.30 13.72
N PRO A 27 -1.66 1.69 14.72
CA PRO A 27 -2.70 0.81 15.26
C PRO A 27 -3.86 0.60 14.29
N THR A 28 -3.85 1.36 13.19
CA THR A 28 -4.88 1.24 12.18
C THR A 28 -4.40 0.45 10.97
N ASN A 29 -3.09 0.22 10.92
CA ASN A 29 -2.49 -0.53 9.82
C ASN A 29 -2.22 -1.97 10.22
N LYS A 30 -1.92 -2.18 11.50
CA LYS A 30 -1.65 -3.51 12.02
C LYS A 30 -2.94 -4.33 12.15
N VAL A 31 -4.03 -3.75 11.68
CA VAL A 31 -5.33 -4.41 11.73
C VAL A 31 -6.08 -4.28 10.42
N CYS A 32 -6.54 -5.41 9.88
CA CYS A 32 -7.27 -5.41 8.62
C CYS A 32 -8.29 -4.27 8.58
N PHE A 33 -7.98 -3.23 7.81
CA PHE A 33 -8.86 -2.08 7.68
C PHE A 33 -10.30 -2.53 7.43
N ASP A 34 -10.46 -3.73 6.88
CA ASP A 34 -11.78 -4.27 6.59
C ASP A 34 -12.50 -4.66 7.88
N CYS A 35 -12.03 -5.74 8.50
CA CYS A 35 -12.62 -6.23 9.74
C CYS A 35 -11.85 -5.71 10.96
N GLY A 36 -10.53 -5.77 10.88
CA GLY A 36 -9.70 -5.32 11.97
C GLY A 36 -8.77 -6.40 12.50
N ALA A 37 -8.69 -7.51 11.79
CA ALA A 37 -7.85 -8.63 12.19
C ALA A 37 -6.41 -8.16 12.38
N LYS A 38 -5.85 -8.47 13.55
CA LYS A 38 -4.47 -8.09 13.85
C LYS A 38 -3.49 -8.89 13.01
N ASN A 39 -2.38 -8.24 12.64
CA ASN A 39 -1.36 -8.88 11.83
C ASN A 39 -1.91 -9.26 10.46
N PRO A 40 -2.51 -8.27 9.77
CA PRO A 40 -3.10 -8.47 8.43
C PRO A 40 -2.02 -8.70 7.37
N SER A 41 -1.52 -9.93 7.30
CA SER A 41 -0.49 -10.27 6.32
C SER A 41 -0.78 -9.62 4.98
N TRP A 42 -1.86 -10.05 4.34
CA TRP A 42 -2.25 -9.49 3.04
C TRP A 42 -2.33 -7.98 3.10
N ALA A 43 -2.08 -7.34 1.95
CA ALA A 43 -2.12 -5.88 1.87
C ALA A 43 -2.38 -5.42 0.44
N SER A 44 -3.40 -4.58 0.26
CA SER A 44 -3.74 -4.07 -1.05
C SER A 44 -2.94 -2.82 -1.39
N ILE A 45 -2.09 -2.91 -2.41
CA ILE A 45 -1.27 -1.79 -2.82
C ILE A 45 -2.12 -0.69 -3.45
N THR A 46 -3.05 -1.09 -4.31
CA THR A 46 -3.93 -0.14 -4.98
C THR A 46 -4.48 0.88 -4.01
N TYR A 47 -5.10 0.40 -2.93
CA TYR A 47 -5.68 1.27 -1.91
C TYR A 47 -4.72 1.47 -0.75
N GLY A 48 -3.52 0.90 -0.88
CA GLY A 48 -2.52 1.01 0.18
C GLY A 48 -3.10 0.72 1.54
N VAL A 49 -3.89 -0.35 1.64
CA VAL A 49 -4.51 -0.73 2.91
C VAL A 49 -4.11 -2.15 3.29
N PHE A 50 -4.42 -2.54 4.53
CA PHE A 50 -4.10 -3.87 5.02
C PHE A 50 -5.36 -4.73 5.11
N LEU A 51 -5.25 -5.98 4.67
CA LEU A 51 -6.36 -6.91 4.70
C LEU A 51 -5.94 -8.27 5.25
N CYS A 52 -6.91 -9.15 5.48
CA CYS A 52 -6.63 -10.48 6.00
C CYS A 52 -7.03 -11.55 4.99
N ILE A 53 -6.32 -12.67 5.01
CA ILE A 53 -6.60 -13.77 4.10
C ILE A 53 -8.08 -13.84 3.75
N ASP A 54 -8.92 -13.73 4.78
CA ASP A 54 -10.37 -13.77 4.58
C ASP A 54 -10.83 -12.66 3.65
N CYS A 55 -10.73 -11.42 4.12
CA CYS A 55 -11.13 -10.26 3.33
C CYS A 55 -10.35 -10.20 2.02
N SER A 56 -9.03 -10.14 2.13
CA SER A 56 -8.16 -10.07 0.96
C SER A 56 -8.76 -10.86 -0.20
N GLY A 57 -9.40 -11.98 0.12
CA GLY A 57 -10.01 -12.81 -0.91
C GLY A 57 -11.02 -12.05 -1.74
N SER A 58 -11.92 -11.33 -1.08
CA SER A 58 -12.95 -10.56 -1.77
C SER A 58 -12.33 -9.67 -2.83
N HIS A 59 -11.29 -8.94 -2.46
CA HIS A 59 -10.61 -8.04 -3.39
C HIS A 59 -10.06 -8.81 -4.59
N ARG A 60 -9.44 -9.95 -4.32
CA ARG A 60 -8.88 -10.78 -5.37
C ARG A 60 -9.93 -11.14 -6.41
N SER A 61 -11.15 -11.36 -5.95
CA SER A 61 -12.26 -11.73 -6.83
C SER A 61 -12.54 -10.58 -7.81
N LEU A 62 -12.70 -9.38 -7.28
CA LEU A 62 -12.98 -8.21 -8.10
C LEU A 62 -12.09 -8.18 -9.34
N GLY A 63 -10.78 -8.04 -9.10
CA GLY A 63 -9.84 -8.00 -10.20
C GLY A 63 -8.61 -7.17 -9.88
N VAL A 64 -7.44 -7.75 -10.10
CA VAL A 64 -6.18 -7.07 -9.84
C VAL A 64 -6.24 -5.61 -10.27
N HIS A 65 -7.07 -5.34 -11.28
CA HIS A 65 -7.22 -3.98 -11.80
C HIS A 65 -7.91 -3.08 -10.77
N LEU A 66 -9.01 -3.57 -10.21
CA LEU A 66 -9.76 -2.81 -9.21
C LEU A 66 -8.97 -2.71 -7.90
N SER A 67 -8.37 -3.82 -7.49
CA SER A 67 -7.59 -3.85 -6.26
C SER A 67 -6.55 -4.97 -6.30
N PHE A 68 -5.28 -4.59 -6.24
CA PHE A 68 -4.19 -5.56 -6.27
C PHE A 68 -3.80 -5.99 -4.86
N ILE A 69 -3.54 -7.28 -4.70
CA ILE A 69 -3.15 -7.81 -3.39
C ILE A 69 -1.71 -8.33 -3.42
N ARG A 70 -1.08 -8.36 -2.25
CA ARG A 70 0.29 -8.84 -2.13
C ARG A 70 0.66 -9.04 -0.67
N SER A 71 1.24 -10.21 -0.37
CA SER A 71 1.64 -10.54 0.99
C SER A 71 2.96 -9.85 1.35
N THR A 72 3.19 -9.66 2.64
CA THR A 72 4.40 -9.01 3.11
C THR A 72 5.44 -10.04 3.56
N GLU A 73 4.97 -11.09 4.22
CA GLU A 73 5.86 -12.15 4.70
C GLU A 73 6.18 -13.14 3.58
N LEU A 74 5.14 -13.66 2.95
CA LEU A 74 5.30 -14.62 1.86
C LEU A 74 5.80 -13.93 0.60
N ASP A 75 5.05 -12.94 0.13
CA ASP A 75 5.43 -12.19 -1.06
C ASP A 75 6.44 -11.10 -0.73
N SER A 76 7.69 -11.31 -1.17
CA SER A 76 8.75 -10.35 -0.92
C SER A 76 9.31 -9.80 -2.23
N ASN A 77 8.45 -9.64 -3.22
CA ASN A 77 8.86 -9.14 -4.53
C ASN A 77 8.19 -7.80 -4.83
N TRP A 78 7.96 -7.00 -3.79
CA TRP A 78 7.33 -5.70 -3.95
C TRP A 78 8.24 -4.73 -4.69
N SER A 79 7.66 -3.66 -5.22
CA SER A 79 8.43 -2.66 -5.96
C SER A 79 8.53 -1.37 -5.16
N TRP A 80 9.61 -0.62 -5.39
CA TRP A 80 9.82 0.65 -4.70
C TRP A 80 8.55 1.49 -4.70
N PHE A 81 7.85 1.50 -5.82
CA PHE A 81 6.61 2.27 -5.94
C PHE A 81 5.49 1.64 -5.11
N GLN A 82 5.18 0.38 -5.41
CA GLN A 82 4.13 -0.33 -4.71
C GLN A 82 4.39 -0.33 -3.20
N LEU A 83 5.62 0.02 -2.82
CA LEU A 83 5.99 0.06 -1.41
C LEU A 83 5.54 1.37 -0.76
N ARG A 84 5.98 2.48 -1.33
CA ARG A 84 5.62 3.79 -0.80
C ARG A 84 4.11 4.00 -0.83
N CYS A 85 3.45 3.27 -1.73
CA CYS A 85 2.00 3.38 -1.87
C CYS A 85 1.30 3.01 -0.56
N MET A 86 1.91 2.10 0.20
CA MET A 86 1.35 1.66 1.47
C MET A 86 1.43 2.77 2.51
N GLN A 87 2.51 3.56 2.45
CA GLN A 87 2.71 4.65 3.39
C GLN A 87 1.80 5.84 3.05
N VAL A 88 2.04 6.43 1.87
CA VAL A 88 1.25 7.57 1.43
C VAL A 88 -0.24 7.34 1.69
N GLY A 89 -0.64 6.08 1.79
CA GLY A 89 -2.02 5.76 2.04
C GLY A 89 -2.29 5.41 3.50
N GLY A 90 -2.65 4.16 3.75
CA GLY A 90 -2.93 3.73 5.11
C GLY A 90 -4.39 3.36 5.31
N ASN A 91 -4.67 2.66 6.41
CA ASN A 91 -6.03 2.25 6.72
C ASN A 91 -6.91 3.44 7.05
N ALA A 92 -6.49 4.22 8.05
CA ALA A 92 -7.23 5.40 8.47
C ALA A 92 -7.49 6.34 7.29
N SER A 93 -6.43 6.67 6.56
CA SER A 93 -6.53 7.56 5.41
C SER A 93 -7.86 7.35 4.69
N ALA A 94 -8.14 6.10 4.31
CA ALA A 94 -9.37 5.77 3.62
C ALA A 94 -10.57 5.86 4.55
N SER A 95 -10.50 5.16 5.68
CA SER A 95 -11.59 5.16 6.65
C SER A 95 -12.24 6.54 6.72
N SER A 96 -11.43 7.58 6.60
CA SER A 96 -11.94 8.94 6.66
C SER A 96 -12.21 9.48 5.25
N PHE A 97 -11.22 9.37 4.38
CA PHE A 97 -11.35 9.84 3.01
C PHE A 97 -12.74 9.54 2.46
N PHE A 98 -13.13 8.27 2.49
CA PHE A 98 -14.44 7.85 2.01
C PHE A 98 -15.55 8.76 2.55
N HIS A 99 -15.67 8.79 3.88
CA HIS A 99 -16.67 9.61 4.53
C HIS A 99 -16.57 11.07 4.06
N GLN A 100 -15.39 11.65 4.22
CA GLN A 100 -15.17 13.04 3.82
C GLN A 100 -15.88 13.34 2.50
N HIS A 101 -15.70 12.47 1.52
CA HIS A 101 -16.32 12.65 0.21
C HIS A 101 -17.84 12.60 0.32
N GLY A 102 -18.34 11.55 0.97
CA GLY A 102 -19.77 11.39 1.13
C GLY A 102 -20.29 10.10 0.54
N CYS A 103 -19.61 8.99 0.84
CA CYS A 103 -20.01 7.69 0.33
C CYS A 103 -20.13 6.67 1.46
N SER A 104 -21.35 6.50 1.97
CA SER A 104 -21.60 5.57 3.05
C SER A 104 -21.93 4.18 2.51
N THR A 105 -20.93 3.32 2.45
CA THR A 105 -21.11 1.96 1.95
C THR A 105 -20.34 0.96 2.80
N ASN A 106 -20.91 -0.24 2.94
CA ASN A 106 -20.28 -1.29 3.72
C ASN A 106 -19.93 -2.49 2.84
N ASP A 107 -20.70 -2.68 1.79
CA ASP A 107 -20.47 -3.80 0.87
C ASP A 107 -19.05 -3.78 0.34
N THR A 108 -18.71 -4.78 -0.47
CA THR A 108 -17.37 -4.89 -1.04
C THR A 108 -17.39 -4.63 -2.54
N ASN A 109 -18.45 -5.11 -3.20
CA ASN A 109 -18.59 -4.92 -4.64
C ASN A 109 -19.21 -3.57 -4.96
N ALA A 110 -19.48 -2.79 -3.92
CA ALA A 110 -20.07 -1.46 -4.10
C ALA A 110 -19.18 -0.39 -3.48
N LYS A 111 -18.71 -0.63 -2.27
CA LYS A 111 -17.85 0.32 -1.58
C LYS A 111 -16.62 0.65 -2.41
N TYR A 112 -16.00 -0.38 -2.97
CA TYR A 112 -14.81 -0.21 -3.80
C TYR A 112 -15.18 0.21 -5.21
N ASN A 113 -16.41 -0.09 -5.61
CA ASN A 113 -16.89 0.25 -6.94
C ASN A 113 -17.54 1.63 -6.95
N SER A 114 -17.24 2.43 -5.92
CA SER A 114 -17.79 3.77 -5.80
C SER A 114 -16.75 4.82 -6.17
N ARG A 115 -17.22 6.02 -6.51
CA ARG A 115 -16.32 7.11 -6.89
C ARG A 115 -15.29 7.36 -5.81
N ALA A 116 -15.75 7.68 -4.61
CA ALA A 116 -14.86 7.95 -3.49
C ALA A 116 -13.67 7.00 -3.49
N ALA A 117 -13.95 5.70 -3.56
CA ALA A 117 -12.91 4.69 -3.58
C ALA A 117 -11.88 4.97 -4.68
N GLN A 118 -12.37 5.14 -5.90
CA GLN A 118 -11.51 5.42 -7.03
C GLN A 118 -10.58 6.60 -6.75
N LEU A 119 -11.18 7.76 -6.51
CA LEU A 119 -10.41 8.97 -6.21
C LEU A 119 -9.18 8.64 -5.37
N TYR A 120 -9.35 7.74 -4.41
CA TYR A 120 -8.25 7.34 -3.54
C TYR A 120 -7.13 6.68 -4.34
N ARG A 121 -7.44 5.53 -4.94
CA ARG A 121 -6.46 4.80 -5.73
C ARG A 121 -5.54 5.75 -6.49
N GLU A 122 -6.12 6.52 -7.41
CA GLU A 122 -5.35 7.47 -8.19
C GLU A 122 -4.41 8.28 -7.31
N LYS A 123 -4.96 8.87 -6.24
CA LYS A 123 -4.16 9.67 -5.32
C LYS A 123 -2.93 8.90 -4.86
N ILE A 124 -3.15 7.67 -4.38
CA ILE A 124 -2.05 6.83 -3.90
C ILE A 124 -0.87 6.89 -4.86
N LYS A 125 -1.17 6.88 -6.16
CA LYS A 125 -0.12 6.92 -7.18
C LYS A 125 0.57 8.28 -7.18
N SER A 126 -0.20 9.34 -7.04
CA SER A 126 0.35 10.69 -7.03
C SER A 126 1.31 10.87 -5.86
N LEU A 127 0.94 10.35 -4.71
CA LEU A 127 1.76 10.45 -3.50
C LEU A 127 2.91 9.45 -3.56
N ALA A 128 2.57 8.17 -3.72
CA ALA A 128 3.57 7.11 -3.78
C ALA A 128 4.80 7.56 -4.58
N SER A 129 4.56 8.42 -5.57
CA SER A 129 5.64 8.92 -6.41
C SER A 129 6.52 9.91 -5.64
N GLN A 130 5.88 10.75 -4.84
CA GLN A 130 6.60 11.75 -4.05
C GLN A 130 7.69 11.09 -3.21
N ALA A 131 7.41 9.88 -2.74
CA ALA A 131 8.37 9.14 -1.91
C ALA A 131 9.29 8.30 -2.78
N THR A 132 8.77 7.81 -3.90
CA THR A 132 9.54 6.99 -4.82
C THR A 132 10.55 7.83 -5.60
N ARG A 133 10.04 8.74 -6.42
CA ARG A 133 10.90 9.61 -7.22
C ARG A 133 12.07 10.12 -6.40
N LYS A 134 11.77 10.75 -5.28
CA LYS A 134 12.80 11.28 -4.40
C LYS A 134 14.00 10.35 -4.32
N HIS A 135 13.81 9.20 -3.68
CA HIS A 135 14.87 8.22 -3.54
C HIS A 135 14.56 6.96 -4.34
N GLY A 136 15.15 6.85 -5.52
CA GLY A 136 14.92 5.70 -6.37
C GLY A 136 15.09 4.39 -5.63
N THR A 137 16.33 4.06 -5.28
CA THR A 137 16.63 2.84 -4.56
C THR A 137 17.28 3.12 -3.21
N ASP A 138 16.83 4.19 -2.56
CA ASP A 138 17.36 4.58 -1.27
C ASP A 138 16.23 4.80 -0.26
N LEU A 139 16.59 4.78 1.03
CA LEU A 139 15.60 4.97 2.09
C LEU A 139 15.65 6.41 2.61
N TRP A 140 14.75 7.24 2.10
CA TRP A 140 14.69 8.63 2.53
C TRP A 140 14.94 8.77 4.02
N LEU A 141 14.40 7.82 4.79
CA LEU A 141 14.57 7.83 6.24
C LEU A 141 16.03 7.61 6.62
N ASP A 142 16.70 6.71 5.90
CA ASP A 142 18.10 6.40 6.15
C ASP A 142 18.88 6.27 4.85
N SER A 143 19.93 7.08 4.71
CA SER A 143 20.75 7.06 3.50
C SER A 143 21.56 5.77 3.43
N SER A 144 21.06 4.82 2.64
CA SER A 144 21.73 3.54 2.47
C SER A 144 22.74 3.59 1.33
N GLY A 145 24.01 3.39 1.65
CA GLY A 145 25.05 3.42 0.63
C GLY A 145 24.90 2.30 -0.38
N PRO A 146 25.98 2.06 -1.16
CA PRO A 146 25.98 1.01 -2.19
C PRO A 146 25.97 -0.39 -1.58
N SER A 147 24.77 -0.89 -1.29
CA SER A 147 24.64 -2.22 -0.71
C SER A 147 24.29 -3.25 -1.78
N SER A 148 24.79 -4.47 -1.60
CA SER A 148 24.54 -5.55 -2.56
C SER A 148 24.49 -6.90 -1.85
N GLY A 149 23.99 -7.91 -2.56
CA GLY A 149 23.89 -9.23 -1.99
C GLY A 149 25.10 -10.09 -2.30
ZN ZN B . -10.32 -8.76 7.31
N GLY A 1 13.02 12.97 -22.52
CA GLY A 1 13.39 13.28 -23.89
C GLY A 1 12.29 12.97 -24.88
N SER A 2 12.40 11.81 -25.53
CA SER A 2 11.40 11.41 -26.52
C SER A 2 10.46 10.36 -25.93
N SER A 3 11.03 9.32 -25.34
CA SER A 3 10.24 8.25 -24.73
C SER A 3 10.45 8.20 -23.22
N GLY A 4 11.69 7.97 -22.81
CA GLY A 4 12.00 7.91 -21.39
C GLY A 4 12.72 6.63 -21.01
N SER A 5 13.95 6.48 -21.49
CA SER A 5 14.74 5.28 -21.21
C SER A 5 15.51 5.45 -19.89
N SER A 6 15.05 4.78 -18.86
CA SER A 6 15.68 4.85 -17.54
C SER A 6 15.16 3.75 -16.63
N GLY A 7 16.04 2.80 -16.29
CA GLY A 7 15.65 1.71 -15.43
C GLY A 7 16.15 1.89 -14.01
N MET A 8 15.70 1.02 -13.11
CA MET A 8 16.11 1.09 -11.71
C MET A 8 16.14 -0.31 -11.08
N GLY A 9 16.79 -0.41 -9.92
CA GLY A 9 16.87 -1.68 -9.24
C GLY A 9 15.58 -2.05 -8.52
N ASP A 10 15.65 -3.08 -7.68
CA ASP A 10 14.48 -3.53 -6.93
C ASP A 10 14.81 -3.66 -5.44
N PRO A 11 13.84 -3.33 -4.59
CA PRO A 11 14.01 -3.40 -3.13
C PRO A 11 14.07 -4.85 -2.63
N SER A 12 15.05 -5.12 -1.78
CA SER A 12 15.23 -6.46 -1.23
C SER A 12 14.27 -6.71 -0.08
N LYS A 13 14.30 -7.92 0.47
CA LYS A 13 13.43 -8.29 1.58
C LYS A 13 13.60 -7.31 2.74
N GLN A 14 14.82 -7.19 3.23
CA GLN A 14 15.11 -6.29 4.35
C GLN A 14 14.43 -4.94 4.15
N ASP A 15 14.68 -4.34 2.99
CA ASP A 15 14.08 -3.04 2.68
C ASP A 15 12.57 -3.10 2.75
N ILE A 16 11.98 -4.07 2.05
CA ILE A 16 10.53 -4.24 2.04
C ILE A 16 9.99 -4.42 3.45
N LEU A 17 10.77 -5.08 4.31
CA LEU A 17 10.37 -5.32 5.69
C LEU A 17 10.26 -4.01 6.46
N THR A 18 11.24 -3.12 6.24
CA THR A 18 11.25 -1.83 6.91
C THR A 18 10.06 -0.97 6.50
N ILE A 19 9.96 -0.69 5.20
CA ILE A 19 8.87 0.12 4.68
C ILE A 19 7.54 -0.26 5.32
N PHE A 20 7.35 -1.56 5.54
CA PHE A 20 6.13 -2.06 6.15
C PHE A 20 6.17 -1.89 7.67
N LYS A 21 7.14 -2.53 8.31
CA LYS A 21 7.29 -2.45 9.76
C LYS A 21 6.92 -1.06 10.26
N ARG A 22 7.43 -0.03 9.59
CA ARG A 22 7.15 1.35 9.97
C ARG A 22 5.65 1.59 10.07
N LEU A 23 4.92 1.11 9.07
CA LEU A 23 3.46 1.27 9.05
C LEU A 23 2.78 0.32 10.01
N ARG A 24 3.31 -0.89 10.10
CA ARG A 24 2.76 -1.91 11.00
C ARG A 24 2.65 -1.37 12.42
N SER A 25 3.73 -0.79 12.92
CA SER A 25 3.75 -0.25 14.27
C SER A 25 2.43 0.44 14.59
N VAL A 26 1.90 1.18 13.63
CA VAL A 26 0.63 1.89 13.82
C VAL A 26 -0.50 0.91 14.14
N PRO A 27 -1.35 1.29 15.11
CA PRO A 27 -2.48 0.46 15.53
C PRO A 27 -3.57 0.40 14.47
N THR A 28 -3.72 1.48 13.72
CA THR A 28 -4.73 1.55 12.67
C THR A 28 -4.25 0.89 11.39
N ASN A 29 -2.98 0.49 11.38
CA ASN A 29 -2.38 -0.14 10.22
C ASN A 29 -2.18 -1.63 10.46
N LYS A 30 -1.93 -1.99 11.71
CA LYS A 30 -1.72 -3.39 12.08
C LYS A 30 -3.05 -4.14 12.17
N VAL A 31 -4.11 -3.51 11.69
CA VAL A 31 -5.43 -4.10 11.71
C VAL A 31 -6.13 -3.94 10.36
N CYS A 32 -6.59 -5.07 9.80
CA CYS A 32 -7.27 -5.05 8.52
C CYS A 32 -8.29 -3.92 8.46
N PHE A 33 -8.01 -2.91 7.63
CA PHE A 33 -8.90 -1.77 7.49
C PHE A 33 -10.35 -2.23 7.31
N ASP A 34 -10.52 -3.41 6.73
CA ASP A 34 -11.85 -3.95 6.51
C ASP A 34 -12.52 -4.33 7.83
N CYS A 35 -12.03 -5.39 8.46
CA CYS A 35 -12.58 -5.86 9.73
C CYS A 35 -11.74 -5.34 10.90
N GLY A 36 -10.43 -5.47 10.78
CA GLY A 36 -9.54 -5.00 11.84
C GLY A 36 -8.66 -6.11 12.38
N ALA A 37 -8.62 -7.23 11.68
CA ALA A 37 -7.81 -8.37 12.10
C ALA A 37 -6.37 -7.95 12.35
N LYS A 38 -5.85 -8.30 13.52
CA LYS A 38 -4.48 -7.97 13.89
C LYS A 38 -3.49 -8.74 13.03
N ASN A 39 -2.38 -8.08 12.68
CA ASN A 39 -1.36 -8.70 11.86
C ASN A 39 -1.91 -9.11 10.49
N PRO A 40 -2.54 -8.14 9.81
CA PRO A 40 -3.13 -8.36 8.49
C PRO A 40 -2.07 -8.54 7.41
N SER A 41 -1.52 -9.75 7.33
CA SER A 41 -0.49 -10.07 6.34
C SER A 41 -0.82 -9.43 5.00
N TRP A 42 -1.91 -9.89 4.39
CA TRP A 42 -2.34 -9.37 3.09
C TRP A 42 -2.41 -7.84 3.12
N ALA A 43 -2.08 -7.22 1.99
CA ALA A 43 -2.12 -5.77 1.88
C ALA A 43 -2.41 -5.33 0.46
N SER A 44 -3.46 -4.53 0.29
CA SER A 44 -3.85 -4.04 -1.04
C SER A 44 -3.03 -2.81 -1.43
N ILE A 45 -2.30 -2.93 -2.52
CA ILE A 45 -1.47 -1.83 -3.00
C ILE A 45 -2.32 -0.78 -3.70
N THR A 46 -3.21 -1.22 -4.59
CA THR A 46 -4.07 -0.32 -5.33
C THR A 46 -4.77 0.65 -4.39
N TYR A 47 -5.23 0.15 -3.25
CA TYR A 47 -5.92 0.99 -2.28
C TYR A 47 -5.03 1.27 -1.08
N GLY A 48 -3.74 0.97 -1.23
CA GLY A 48 -2.79 1.20 -0.15
C GLY A 48 -3.40 0.95 1.22
N VAL A 49 -3.96 -0.23 1.41
CA VAL A 49 -4.59 -0.58 2.68
C VAL A 49 -4.26 -2.02 3.07
N PHE A 50 -4.35 -2.32 4.36
CA PHE A 50 -4.08 -3.66 4.86
C PHE A 50 -5.35 -4.50 4.92
N LEU A 51 -5.22 -5.78 4.61
CA LEU A 51 -6.36 -6.70 4.62
C LEU A 51 -5.97 -8.05 5.21
N CYS A 52 -6.97 -8.87 5.48
CA CYS A 52 -6.73 -10.20 6.05
C CYS A 52 -7.14 -11.29 5.06
N ILE A 53 -6.41 -12.41 5.09
CA ILE A 53 -6.70 -13.52 4.21
C ILE A 53 -8.19 -13.62 3.91
N ASP A 54 -9.01 -13.40 4.93
CA ASP A 54 -10.46 -13.46 4.78
C ASP A 54 -10.95 -12.41 3.78
N CYS A 55 -10.87 -11.15 4.19
CA CYS A 55 -11.30 -10.04 3.34
C CYS A 55 -10.54 -10.04 2.02
N SER A 56 -9.21 -9.99 2.12
CA SER A 56 -8.36 -9.98 0.93
C SER A 56 -8.98 -10.81 -0.19
N GLY A 57 -9.67 -11.89 0.18
CA GLY A 57 -10.30 -12.74 -0.80
C GLY A 57 -11.28 -11.99 -1.68
N SER A 58 -12.16 -11.21 -1.06
CA SER A 58 -13.16 -10.44 -1.79
C SER A 58 -12.51 -9.61 -2.88
N HIS A 59 -11.43 -8.92 -2.52
CA HIS A 59 -10.70 -8.08 -3.48
C HIS A 59 -10.21 -8.90 -4.66
N ARG A 60 -9.59 -10.03 -4.36
CA ARG A 60 -9.06 -10.92 -5.40
C ARG A 60 -10.15 -11.26 -6.42
N SER A 61 -11.37 -11.48 -5.92
CA SER A 61 -12.50 -11.82 -6.79
C SER A 61 -12.76 -10.72 -7.81
N LEU A 62 -12.80 -9.48 -7.33
CA LEU A 62 -13.04 -8.33 -8.20
C LEU A 62 -12.14 -8.37 -9.42
N GLY A 63 -10.84 -8.44 -9.18
CA GLY A 63 -9.88 -8.50 -10.29
C GLY A 63 -8.63 -7.69 -10.00
N VAL A 64 -7.48 -8.35 -10.11
CA VAL A 64 -6.20 -7.68 -9.86
C VAL A 64 -6.22 -6.24 -10.35
N HIS A 65 -6.94 -6.02 -11.45
CA HIS A 65 -7.04 -4.68 -12.03
C HIS A 65 -7.75 -3.72 -11.07
N LEU A 66 -8.87 -4.18 -10.52
CA LEU A 66 -9.64 -3.36 -9.58
C LEU A 66 -8.87 -3.14 -8.29
N SER A 67 -8.35 -4.23 -7.72
CA SER A 67 -7.60 -4.16 -6.47
C SER A 67 -6.54 -5.25 -6.42
N PHE A 68 -5.28 -4.85 -6.61
CA PHE A 68 -4.16 -5.78 -6.59
C PHE A 68 -3.79 -6.15 -5.15
N ILE A 69 -3.65 -7.44 -4.89
CA ILE A 69 -3.29 -7.92 -3.56
C ILE A 69 -1.88 -8.51 -3.55
N ARG A 70 -1.11 -8.17 -2.52
CA ARG A 70 0.25 -8.67 -2.39
C ARG A 70 0.63 -8.84 -0.92
N SER A 71 1.15 -10.01 -0.58
CA SER A 71 1.55 -10.29 0.79
C SER A 71 2.78 -9.49 1.19
N THR A 72 3.02 -9.39 2.48
CA THR A 72 4.18 -8.65 2.99
C THR A 72 5.29 -9.58 3.43
N GLU A 73 4.90 -10.79 3.85
CA GLU A 73 5.88 -11.78 4.30
C GLU A 73 6.09 -12.86 3.24
N LEU A 74 4.99 -13.36 2.69
CA LEU A 74 5.04 -14.40 1.67
C LEU A 74 5.21 -13.79 0.28
N ASP A 75 6.00 -12.72 0.21
CA ASP A 75 6.25 -12.05 -1.06
C ASP A 75 7.34 -10.99 -0.91
N SER A 76 8.45 -11.20 -1.61
CA SER A 76 9.58 -10.27 -1.55
C SER A 76 9.89 -9.70 -2.93
N ASN A 77 8.84 -9.48 -3.72
CA ASN A 77 8.99 -8.94 -5.06
C ASN A 77 8.21 -7.64 -5.22
N TRP A 78 8.24 -6.81 -4.18
CA TRP A 78 7.53 -5.53 -4.20
C TRP A 78 8.35 -4.46 -4.92
N SER A 79 7.66 -3.56 -5.61
CA SER A 79 8.32 -2.49 -6.35
C SER A 79 8.34 -1.20 -5.54
N TRP A 80 9.47 -0.50 -5.58
CA TRP A 80 9.62 0.75 -4.85
C TRP A 80 8.32 1.54 -4.85
N PHE A 81 7.64 1.57 -5.99
CA PHE A 81 6.38 2.29 -6.12
C PHE A 81 5.29 1.64 -5.27
N GLN A 82 4.98 0.38 -5.57
CA GLN A 82 3.96 -0.35 -4.83
C GLN A 82 4.20 -0.24 -3.33
N LEU A 83 5.46 -0.17 -2.94
CA LEU A 83 5.83 -0.07 -1.53
C LEU A 83 5.33 1.25 -0.93
N ARG A 84 5.91 2.35 -1.38
CA ARG A 84 5.53 3.67 -0.90
C ARG A 84 4.01 3.84 -0.93
N CYS A 85 3.38 3.35 -2.00
CA CYS A 85 1.95 3.44 -2.16
C CYS A 85 1.23 3.09 -0.85
N MET A 86 1.91 2.33 0.00
CA MET A 86 1.33 1.91 1.27
C MET A 86 1.59 2.95 2.35
N GLN A 87 2.80 3.52 2.34
CA GLN A 87 3.17 4.53 3.32
C GLN A 87 2.48 5.86 3.03
N VAL A 88 2.13 6.07 1.75
CA VAL A 88 1.47 7.29 1.33
C VAL A 88 -0.05 7.14 1.38
N GLY A 89 -0.51 6.14 2.13
CA GLY A 89 -1.94 5.91 2.24
C GLY A 89 -2.37 5.65 3.68
N GLY A 90 -2.47 4.37 4.04
CA GLY A 90 -2.88 4.03 5.39
C GLY A 90 -4.33 3.60 5.47
N ASN A 91 -4.71 2.95 6.57
CA ASN A 91 -6.07 2.48 6.76
C ASN A 91 -7.02 3.65 7.00
N ALA A 92 -6.90 4.28 8.16
CA ALA A 92 -7.74 5.42 8.51
C ALA A 92 -7.94 6.34 7.32
N SER A 93 -6.84 6.72 6.67
CA SER A 93 -6.89 7.61 5.52
C SER A 93 -8.16 7.35 4.70
N ALA A 94 -8.41 6.09 4.37
CA ALA A 94 -9.58 5.71 3.60
C ALA A 94 -10.84 5.77 4.45
N SER A 95 -10.79 5.10 5.60
CA SER A 95 -11.94 5.07 6.51
C SER A 95 -12.69 6.40 6.48
N SER A 96 -11.95 7.49 6.37
CA SER A 96 -12.55 8.82 6.33
C SER A 96 -12.74 9.29 4.90
N PHE A 97 -11.66 9.28 4.13
CA PHE A 97 -11.71 9.71 2.74
C PHE A 97 -13.05 9.34 2.10
N PHE A 98 -13.42 8.06 2.23
CA PHE A 98 -14.67 7.58 1.66
C PHE A 98 -15.84 8.46 2.09
N HIS A 99 -15.94 8.69 3.40
CA HIS A 99 -17.02 9.51 3.94
C HIS A 99 -16.88 10.96 3.47
N GLN A 100 -15.68 11.51 3.58
CA GLN A 100 -15.42 12.88 3.17
C GLN A 100 -16.08 13.18 1.83
N HIS A 101 -15.89 12.30 0.86
CA HIS A 101 -16.45 12.46 -0.46
C HIS A 101 -17.98 12.37 -0.41
N GLY A 102 -18.48 11.38 0.31
CA GLY A 102 -19.91 11.20 0.44
C GLY A 102 -20.39 9.86 -0.10
N CYS A 103 -19.66 8.81 0.25
CA CYS A 103 -20.00 7.46 -0.21
C CYS A 103 -20.04 6.49 0.96
N SER A 104 -21.23 6.25 1.51
CA SER A 104 -21.40 5.35 2.64
C SER A 104 -21.96 4.02 2.17
N THR A 105 -21.08 3.09 1.81
CA THR A 105 -21.49 1.77 1.35
C THR A 105 -20.64 0.67 1.99
N ASN A 106 -21.28 -0.43 2.35
CA ASN A 106 -20.58 -1.55 2.97
C ASN A 106 -20.18 -2.58 1.92
N ASP A 107 -21.13 -2.97 1.08
CA ASP A 107 -20.87 -3.95 0.03
C ASP A 107 -19.46 -3.81 -0.51
N THR A 108 -18.75 -4.92 -0.64
CA THR A 108 -17.38 -4.92 -1.14
C THR A 108 -17.36 -4.77 -2.66
N ASN A 109 -18.39 -5.30 -3.31
CA ASN A 109 -18.48 -5.22 -4.77
C ASN A 109 -19.04 -3.87 -5.21
N ALA A 110 -19.51 -3.08 -4.25
CA ALA A 110 -20.07 -1.77 -4.54
C ALA A 110 -19.20 -0.67 -3.92
N LYS A 111 -18.97 -0.76 -2.62
CA LYS A 111 -18.17 0.23 -1.91
C LYS A 111 -16.87 0.52 -2.67
N TYR A 112 -16.26 -0.54 -3.19
CA TYR A 112 -15.00 -0.41 -3.93
C TYR A 112 -15.27 -0.02 -5.38
N ASN A 113 -16.43 -0.42 -5.88
CA ASN A 113 -16.81 -0.12 -7.26
C ASN A 113 -17.50 1.24 -7.35
N SER A 114 -17.27 2.07 -6.34
CA SER A 114 -17.87 3.40 -6.31
C SER A 114 -16.86 4.47 -6.74
N ARG A 115 -17.34 5.69 -6.92
CA ARG A 115 -16.48 6.80 -7.34
C ARG A 115 -15.49 7.15 -6.24
N ALA A 116 -15.99 7.33 -5.03
CA ALA A 116 -15.14 7.66 -3.88
C ALA A 116 -13.94 6.72 -3.79
N ALA A 117 -14.20 5.43 -4.00
CA ALA A 117 -13.14 4.43 -3.94
C ALA A 117 -12.07 4.70 -4.98
N GLN A 118 -12.48 4.92 -6.22
CA GLN A 118 -11.55 5.19 -7.31
C GLN A 118 -10.63 6.35 -6.94
N LEU A 119 -11.21 7.52 -6.70
CA LEU A 119 -10.44 8.71 -6.35
C LEU A 119 -9.24 8.33 -5.47
N TYR A 120 -9.49 7.49 -4.47
CA TYR A 120 -8.44 7.06 -3.55
C TYR A 120 -7.29 6.40 -4.31
N ARG A 121 -7.58 5.25 -4.92
CA ARG A 121 -6.57 4.52 -5.68
C ARG A 121 -5.62 5.48 -6.39
N GLU A 122 -6.15 6.26 -7.33
CA GLU A 122 -5.35 7.22 -8.08
C GLU A 122 -4.47 8.04 -7.15
N LYS A 123 -5.09 8.70 -6.18
CA LYS A 123 -4.35 9.52 -5.21
C LYS A 123 -3.07 8.81 -4.77
N ILE A 124 -3.23 7.61 -4.23
CA ILE A 124 -2.08 6.83 -3.76
C ILE A 124 -0.99 6.79 -4.82
N LYS A 125 -1.38 6.72 -6.08
CA LYS A 125 -0.43 6.69 -7.18
C LYS A 125 0.48 7.92 -7.16
N SER A 126 -0.13 9.10 -7.11
CA SER A 126 0.62 10.35 -7.09
C SER A 126 1.57 10.40 -5.90
N LEU A 127 0.99 10.42 -4.70
CA LEU A 127 1.78 10.46 -3.48
C LEU A 127 2.90 9.42 -3.52
N ALA A 128 2.52 8.17 -3.76
CA ALA A 128 3.50 7.07 -3.83
C ALA A 128 4.81 7.55 -4.43
N SER A 129 4.72 8.48 -5.37
CA SER A 129 5.90 9.02 -6.04
C SER A 129 6.69 9.92 -5.10
N GLN A 130 5.98 10.81 -4.40
CA GLN A 130 6.61 11.73 -3.46
C GLN A 130 7.62 11.01 -2.58
N ALA A 131 7.41 9.71 -2.39
CA ALA A 131 8.31 8.91 -1.57
C ALA A 131 9.21 8.04 -2.44
N THR A 132 8.79 7.80 -3.68
CA THR A 132 9.57 6.98 -4.61
C THR A 132 10.44 7.85 -5.50
N ARG A 133 9.80 8.71 -6.28
CA ARG A 133 10.53 9.60 -7.18
C ARG A 133 11.51 10.48 -6.41
N LYS A 134 11.14 10.85 -5.20
CA LYS A 134 11.99 11.70 -4.36
C LYS A 134 13.46 11.43 -4.63
N HIS A 135 13.91 10.21 -4.34
CA HIS A 135 15.30 9.83 -4.56
C HIS A 135 15.39 8.58 -5.43
N GLY A 136 14.55 7.59 -5.12
CA GLY A 136 14.55 6.35 -5.89
C GLY A 136 15.62 5.38 -5.42
N THR A 137 15.31 4.10 -5.48
CA THR A 137 16.25 3.06 -5.06
C THR A 137 17.09 3.53 -3.87
N ASP A 138 16.43 4.16 -2.90
CA ASP A 138 17.13 4.66 -1.72
C ASP A 138 16.12 5.13 -0.67
N LEU A 139 15.99 4.37 0.40
CA LEU A 139 15.07 4.70 1.49
C LEU A 139 15.25 6.15 1.92
N TRP A 140 14.40 7.03 1.40
CA TRP A 140 14.46 8.44 1.73
C TRP A 140 14.97 8.65 3.15
N LEU A 141 14.39 7.92 4.09
CA LEU A 141 14.81 8.02 5.50
C LEU A 141 16.03 7.17 5.76
N ASP A 142 16.90 7.65 6.65
CA ASP A 142 18.12 6.93 7.00
C ASP A 142 18.66 7.40 8.36
N SER A 143 18.93 6.45 9.24
CA SER A 143 19.46 6.77 10.56
C SER A 143 20.90 6.31 10.71
N SER A 144 21.17 5.10 10.23
CA SER A 144 22.52 4.54 10.31
C SER A 144 23.14 4.42 8.92
N GLY A 145 22.42 3.78 8.00
CA GLY A 145 22.90 3.61 6.65
C GLY A 145 23.01 2.16 6.25
N PRO A 146 22.60 1.86 5.01
CA PRO A 146 22.64 0.49 4.47
C PRO A 146 24.05 0.00 4.24
N SER A 147 24.36 -1.18 4.78
CA SER A 147 25.69 -1.76 4.64
C SER A 147 25.81 -2.53 3.32
N SER A 148 27.01 -2.54 2.75
CA SER A 148 27.25 -3.23 1.49
C SER A 148 27.95 -4.56 1.73
N GLY A 149 27.39 -5.62 1.15
CA GLY A 149 27.97 -6.94 1.31
C GLY A 149 27.18 -8.01 0.59
ZN ZN B . -10.37 -8.31 7.22
N GLY A 1 20.89 13.23 -8.17
CA GLY A 1 20.21 12.00 -8.49
C GLY A 1 20.64 11.41 -9.82
N SER A 2 21.36 10.30 -9.78
CA SER A 2 21.84 9.65 -11.00
C SER A 2 20.78 9.70 -12.09
N SER A 3 21.23 9.91 -13.33
CA SER A 3 20.32 9.99 -14.47
C SER A 3 19.46 8.73 -14.56
N GLY A 4 18.15 8.92 -14.48
CA GLY A 4 17.24 7.80 -14.54
C GLY A 4 17.49 6.91 -15.75
N SER A 5 17.60 5.61 -15.51
CA SER A 5 17.86 4.65 -16.58
C SER A 5 16.62 3.81 -16.87
N SER A 6 16.72 2.93 -17.86
CA SER A 6 15.61 2.07 -18.24
C SER A 6 14.97 1.44 -17.01
N GLY A 7 15.79 0.76 -16.20
CA GLY A 7 15.28 0.12 -15.00
C GLY A 7 16.26 0.20 -13.84
N MET A 8 15.74 0.19 -12.63
CA MET A 8 16.58 0.26 -11.43
C MET A 8 16.42 -0.99 -10.58
N GLY A 9 17.43 -1.28 -9.77
CA GLY A 9 17.39 -2.46 -8.92
C GLY A 9 16.16 -2.47 -8.02
N ASP A 10 15.67 -3.67 -7.72
CA ASP A 10 14.50 -3.82 -6.87
C ASP A 10 14.90 -3.86 -5.40
N PRO A 11 13.96 -3.46 -4.53
CA PRO A 11 14.20 -3.43 -3.08
C PRO A 11 14.29 -4.83 -2.48
N SER A 12 15.26 -5.03 -1.59
CA SER A 12 15.46 -6.32 -0.96
C SER A 12 14.46 -6.52 0.19
N LYS A 13 14.30 -7.78 0.60
CA LYS A 13 13.38 -8.11 1.68
C LYS A 13 13.53 -7.14 2.85
N GLN A 14 14.73 -7.09 3.42
CA GLN A 14 15.00 -6.20 4.54
C GLN A 14 14.37 -4.84 4.32
N ASP A 15 14.73 -4.20 3.21
CA ASP A 15 14.20 -2.88 2.89
C ASP A 15 12.67 -2.87 2.95
N ILE A 16 12.05 -3.87 2.31
CA ILE A 16 10.60 -3.98 2.30
C ILE A 16 10.05 -4.09 3.71
N LEU A 17 10.80 -4.74 4.60
CA LEU A 17 10.38 -4.91 5.98
C LEU A 17 10.37 -3.57 6.72
N THR A 18 11.32 -2.71 6.36
CA THR A 18 11.43 -1.39 6.98
C THR A 18 10.26 -0.49 6.57
N ILE A 19 9.86 -0.60 5.30
CA ILE A 19 8.76 0.20 4.79
C ILE A 19 7.44 -0.20 5.44
N PHE A 20 7.32 -1.48 5.79
CA PHE A 20 6.10 -1.98 6.42
C PHE A 20 6.14 -1.75 7.92
N LYS A 21 7.25 -2.11 8.56
CA LYS A 21 7.41 -1.93 10.00
C LYS A 21 6.99 -0.53 10.42
N ARG A 22 7.29 0.46 9.59
CA ARG A 22 6.95 1.84 9.89
C ARG A 22 5.44 2.03 9.92
N LEU A 23 4.74 1.35 9.03
CA LEU A 23 3.28 1.44 8.97
C LEU A 23 2.63 0.54 10.02
N ARG A 24 2.93 -0.76 9.95
CA ARG A 24 2.38 -1.72 10.89
C ARG A 24 2.34 -1.14 12.29
N SER A 25 3.43 -0.52 12.71
CA SER A 25 3.52 0.07 14.05
C SER A 25 2.19 0.71 14.43
N VAL A 26 1.66 1.55 13.56
CA VAL A 26 0.40 2.23 13.82
C VAL A 26 -0.69 1.23 14.19
N PRO A 27 -1.46 1.56 15.25
CA PRO A 27 -2.55 0.72 15.73
C PRO A 27 -3.72 0.67 14.76
N THR A 28 -3.54 1.29 13.60
CA THR A 28 -4.60 1.32 12.59
C THR A 28 -4.17 0.56 11.33
N ASN A 29 -2.87 0.30 11.21
CA ASN A 29 -2.34 -0.41 10.06
C ASN A 29 -2.10 -1.88 10.39
N LYS A 30 -1.84 -2.16 11.67
CA LYS A 30 -1.59 -3.53 12.12
C LYS A 30 -2.90 -4.31 12.21
N VAL A 31 -3.98 -3.70 11.75
CA VAL A 31 -5.29 -4.34 11.77
C VAL A 31 -6.02 -4.15 10.44
N CYS A 32 -6.48 -5.25 9.86
CA CYS A 32 -7.19 -5.20 8.59
C CYS A 32 -8.20 -4.06 8.58
N PHE A 33 -7.97 -3.08 7.71
CA PHE A 33 -8.85 -1.93 7.59
C PHE A 33 -10.30 -2.37 7.43
N ASP A 34 -10.49 -3.53 6.81
CA ASP A 34 -11.82 -4.06 6.58
C ASP A 34 -12.49 -4.44 7.91
N CYS A 35 -11.99 -5.52 8.51
CA CYS A 35 -12.54 -5.99 9.79
C CYS A 35 -11.70 -5.50 10.95
N GLY A 36 -10.38 -5.67 10.84
CA GLY A 36 -9.48 -5.24 11.89
C GLY A 36 -8.56 -6.34 12.36
N ALA A 37 -8.57 -7.46 11.63
CA ALA A 37 -7.73 -8.61 11.98
C ALA A 37 -6.29 -8.17 12.23
N LYS A 38 -5.79 -8.46 13.42
CA LYS A 38 -4.42 -8.10 13.80
C LYS A 38 -3.41 -8.86 12.94
N ASN A 39 -2.31 -8.21 12.61
CA ASN A 39 -1.26 -8.83 11.81
C ASN A 39 -1.79 -9.22 10.43
N PRO A 40 -2.38 -8.24 9.73
CA PRO A 40 -2.94 -8.44 8.39
C PRO A 40 -1.85 -8.67 7.35
N SER A 41 -1.38 -9.91 7.25
CA SER A 41 -0.33 -10.25 6.29
C SER A 41 -0.67 -9.70 4.91
N TRP A 42 -1.93 -9.85 4.52
CA TRP A 42 -2.38 -9.38 3.22
C TRP A 42 -2.47 -7.85 3.19
N ALA A 43 -2.10 -7.26 2.06
CA ALA A 43 -2.15 -5.81 1.92
C ALA A 43 -2.42 -5.42 0.46
N SER A 44 -3.47 -4.60 0.27
CA SER A 44 -3.84 -4.16 -1.07
C SER A 44 -3.10 -2.87 -1.44
N ILE A 45 -2.23 -2.96 -2.43
CA ILE A 45 -1.46 -1.80 -2.89
C ILE A 45 -2.37 -0.75 -3.51
N THR A 46 -3.31 -1.21 -4.34
CA THR A 46 -4.24 -0.31 -5.00
C THR A 46 -4.75 0.78 -4.04
N TYR A 47 -5.29 0.34 -2.92
CA TYR A 47 -5.81 1.27 -1.92
C TYR A 47 -4.81 1.46 -0.77
N GLY A 48 -3.62 0.90 -0.94
CA GLY A 48 -2.60 1.01 0.08
C GLY A 48 -3.13 0.72 1.47
N VAL A 49 -3.91 -0.35 1.59
CA VAL A 49 -4.48 -0.73 2.88
C VAL A 49 -4.12 -2.17 3.24
N PHE A 50 -4.32 -2.52 4.50
CA PHE A 50 -4.01 -3.87 4.98
C PHE A 50 -5.29 -4.70 5.11
N LEU A 51 -5.24 -5.91 4.57
CA LEU A 51 -6.39 -6.82 4.62
C LEU A 51 -6.00 -8.15 5.23
N CYS A 52 -7.00 -9.03 5.41
CA CYS A 52 -6.76 -10.34 5.99
C CYS A 52 -7.15 -11.44 5.02
N ILE A 53 -6.49 -12.59 5.12
CA ILE A 53 -6.77 -13.72 4.25
C ILE A 53 -8.25 -13.79 3.89
N ASP A 54 -9.10 -13.54 4.88
CA ASP A 54 -10.54 -13.56 4.67
C ASP A 54 -10.97 -12.47 3.69
N CYS A 55 -10.98 -11.24 4.16
CA CYS A 55 -11.37 -10.10 3.33
C CYS A 55 -10.61 -10.10 2.01
N SER A 56 -9.27 -10.09 2.11
CA SER A 56 -8.43 -10.07 0.93
C SER A 56 -9.09 -10.84 -0.22
N GLY A 57 -9.72 -11.97 0.11
CA GLY A 57 -10.38 -12.76 -0.91
C GLY A 57 -11.38 -11.97 -1.72
N SER A 58 -12.25 -11.23 -1.03
CA SER A 58 -13.26 -10.41 -1.70
C SER A 58 -12.63 -9.52 -2.77
N HIS A 59 -11.46 -8.96 -2.44
CA HIS A 59 -10.75 -8.09 -3.36
C HIS A 59 -10.24 -8.88 -4.57
N ARG A 60 -9.69 -10.05 -4.31
CA ARG A 60 -9.16 -10.90 -5.37
C ARG A 60 -10.20 -11.14 -6.45
N SER A 61 -11.47 -11.23 -6.03
CA SER A 61 -12.57 -11.47 -6.95
C SER A 61 -12.78 -10.26 -7.86
N LEU A 62 -12.89 -9.08 -7.26
CA LEU A 62 -13.09 -7.85 -8.02
C LEU A 62 -12.21 -7.83 -9.26
N GLY A 63 -10.92 -8.12 -9.08
CA GLY A 63 -10.01 -8.13 -10.20
C GLY A 63 -8.75 -7.33 -9.92
N VAL A 64 -7.59 -7.95 -10.13
CA VAL A 64 -6.31 -7.29 -9.90
C VAL A 64 -6.36 -5.84 -10.33
N HIS A 65 -7.10 -5.57 -11.41
CA HIS A 65 -7.23 -4.21 -11.92
C HIS A 65 -7.93 -3.31 -10.90
N LEU A 66 -9.01 -3.81 -10.31
CA LEU A 66 -9.76 -3.06 -9.32
C LEU A 66 -8.98 -2.92 -8.02
N SER A 67 -8.35 -4.01 -7.60
CA SER A 67 -7.57 -4.01 -6.36
C SER A 67 -6.55 -5.15 -6.36
N PHE A 68 -5.28 -4.78 -6.42
CA PHE A 68 -4.20 -5.77 -6.43
C PHE A 68 -3.80 -6.17 -5.01
N ILE A 69 -3.69 -7.47 -4.78
CA ILE A 69 -3.32 -7.98 -3.47
C ILE A 69 -1.90 -8.52 -3.47
N ARG A 70 -1.14 -8.15 -2.44
CA ARG A 70 0.25 -8.59 -2.32
C ARG A 70 0.63 -8.77 -0.86
N SER A 71 1.17 -9.95 -0.53
CA SER A 71 1.58 -10.24 0.84
C SER A 71 2.80 -9.40 1.24
N THR A 72 3.29 -9.63 2.44
CA THR A 72 4.45 -8.90 2.94
C THR A 72 5.54 -9.85 3.40
N GLU A 73 5.15 -10.96 4.03
CA GLU A 73 6.10 -11.94 4.52
C GLU A 73 6.57 -12.85 3.38
N LEU A 74 5.66 -13.17 2.46
CA LEU A 74 5.99 -14.02 1.33
C LEU A 74 6.43 -13.20 0.13
N ASP A 75 5.52 -12.36 -0.37
CA ASP A 75 5.81 -11.50 -1.52
C ASP A 75 6.97 -10.57 -1.21
N SER A 76 8.09 -10.78 -1.89
CA SER A 76 9.28 -9.96 -1.70
C SER A 76 9.57 -9.12 -2.93
N ASN A 77 9.06 -9.57 -4.08
CA ASN A 77 9.27 -8.86 -5.33
C ASN A 77 8.38 -7.63 -5.41
N TRP A 78 8.46 -6.78 -4.40
CA TRP A 78 7.66 -5.55 -4.36
C TRP A 78 8.36 -4.42 -5.09
N SER A 79 7.60 -3.70 -5.93
CA SER A 79 8.15 -2.60 -6.70
C SER A 79 8.22 -1.33 -5.86
N TRP A 80 9.40 -0.69 -5.87
CA TRP A 80 9.60 0.52 -5.09
C TRP A 80 8.32 1.35 -5.01
N PHE A 81 7.59 1.39 -6.12
CA PHE A 81 6.34 2.14 -6.18
C PHE A 81 5.28 1.50 -5.31
N GLN A 82 4.95 0.24 -5.59
CA GLN A 82 3.94 -0.48 -4.83
C GLN A 82 4.18 -0.32 -3.33
N LEU A 83 5.43 -0.35 -2.93
CA LEU A 83 5.79 -0.19 -1.51
C LEU A 83 5.25 1.12 -0.96
N ARG A 84 5.73 2.23 -1.50
CA ARG A 84 5.30 3.55 -1.05
C ARG A 84 3.78 3.65 -1.05
N CYS A 85 3.16 3.19 -2.13
CA CYS A 85 1.70 3.23 -2.26
C CYS A 85 1.03 2.89 -0.93
N MET A 86 1.68 2.02 -0.15
CA MET A 86 1.14 1.61 1.14
C MET A 86 1.28 2.74 2.17
N GLN A 87 2.47 3.35 2.21
CA GLN A 87 2.73 4.44 3.14
C GLN A 87 1.86 5.65 2.82
N VAL A 88 2.02 6.19 1.61
CA VAL A 88 1.25 7.35 1.17
C VAL A 88 -0.22 7.19 1.51
N GLY A 89 -0.66 5.94 1.68
CA GLY A 89 -2.04 5.68 2.02
C GLY A 89 -2.23 5.33 3.48
N GLY A 90 -2.78 4.14 3.72
CA GLY A 90 -3.02 3.71 5.10
C GLY A 90 -4.46 3.33 5.34
N ASN A 91 -4.70 2.55 6.40
CA ASN A 91 -6.05 2.13 6.75
C ASN A 91 -6.93 3.33 7.07
N ALA A 92 -6.55 4.08 8.10
CA ALA A 92 -7.31 5.25 8.51
C ALA A 92 -7.58 6.17 7.33
N SER A 93 -6.53 6.51 6.59
CA SER A 93 -6.67 7.38 5.42
C SER A 93 -7.99 7.15 4.72
N ALA A 94 -8.26 5.90 4.37
CA ALA A 94 -9.50 5.53 3.69
C ALA A 94 -10.69 5.64 4.63
N SER A 95 -10.59 4.97 5.77
CA SER A 95 -11.67 4.99 6.76
C SER A 95 -12.37 6.34 6.77
N SER A 96 -11.60 7.41 6.59
CA SER A 96 -12.14 8.76 6.58
C SER A 96 -12.41 9.23 5.15
N PHE A 97 -11.40 9.13 4.30
CA PHE A 97 -11.52 9.55 2.91
C PHE A 97 -12.92 9.24 2.38
N PHE A 98 -13.32 7.98 2.47
CA PHE A 98 -14.63 7.56 1.99
C PHE A 98 -15.71 8.52 2.46
N HIS A 99 -15.75 8.78 3.76
CA HIS A 99 -16.73 9.68 4.34
C HIS A 99 -16.48 11.12 3.88
N GLN A 100 -15.29 11.63 4.17
CA GLN A 100 -14.94 13.00 3.79
C GLN A 100 -15.53 13.36 2.43
N HIS A 101 -15.40 12.44 1.48
CA HIS A 101 -15.93 12.66 0.14
C HIS A 101 -17.45 12.74 0.16
N GLY A 102 -18.08 11.75 0.79
CA GLY A 102 -19.53 11.70 0.87
C GLY A 102 -20.11 10.41 0.34
N CYS A 103 -19.49 9.29 0.72
CA CYS A 103 -19.94 7.98 0.29
C CYS A 103 -20.11 7.04 1.48
N SER A 104 -21.35 6.64 1.73
CA SER A 104 -21.65 5.76 2.84
C SER A 104 -22.19 4.41 2.34
N THR A 105 -21.27 3.52 1.96
CA THR A 105 -21.65 2.21 1.46
C THR A 105 -20.80 1.11 2.08
N ASN A 106 -21.41 -0.03 2.35
CA ASN A 106 -20.69 -1.16 2.94
C ASN A 106 -20.29 -2.17 1.88
N ASP A 107 -21.23 -2.53 1.01
CA ASP A 107 -20.97 -3.48 -0.06
C ASP A 107 -19.55 -3.35 -0.57
N THR A 108 -18.85 -4.48 -0.67
CA THR A 108 -17.47 -4.50 -1.15
C THR A 108 -17.41 -4.29 -2.66
N ASN A 109 -18.42 -4.81 -3.36
CA ASN A 109 -18.47 -4.68 -4.81
C ASN A 109 -19.01 -3.31 -5.22
N ALA A 110 -19.52 -2.56 -4.25
CA ALA A 110 -20.07 -1.24 -4.51
C ALA A 110 -19.19 -0.16 -3.88
N LYS A 111 -19.02 -0.23 -2.57
CA LYS A 111 -18.20 0.74 -1.85
C LYS A 111 -16.89 1.00 -2.59
N TYR A 112 -16.27 -0.07 -3.08
CA TYR A 112 -15.01 0.04 -3.80
C TYR A 112 -15.24 0.49 -5.24
N ASN A 113 -16.39 0.11 -5.79
CA ASN A 113 -16.74 0.46 -7.16
C ASN A 113 -17.40 1.84 -7.20
N SER A 114 -17.16 2.64 -6.17
CA SER A 114 -17.74 3.98 -6.10
C SER A 114 -16.72 5.05 -6.50
N ARG A 115 -17.17 6.30 -6.56
CA ARG A 115 -16.29 7.40 -6.93
C ARG A 115 -15.22 7.63 -5.87
N ALA A 116 -15.65 7.78 -4.62
CA ALA A 116 -14.72 8.00 -3.52
C ALA A 116 -13.59 6.98 -3.53
N ALA A 117 -13.95 5.70 -3.64
CA ALA A 117 -12.96 4.62 -3.67
C ALA A 117 -11.94 4.86 -4.78
N GLN A 118 -12.43 5.20 -5.97
CA GLN A 118 -11.57 5.44 -7.12
C GLN A 118 -10.58 6.57 -6.82
N LEU A 119 -11.12 7.75 -6.52
CA LEU A 119 -10.29 8.91 -6.22
C LEU A 119 -9.15 8.54 -5.28
N TYR A 120 -9.41 7.60 -4.38
CA TYR A 120 -8.41 7.15 -3.42
C TYR A 120 -7.25 6.46 -4.13
N ARG A 121 -7.57 5.52 -5.00
CA ARG A 121 -6.55 4.79 -5.76
C ARG A 121 -5.66 5.75 -6.54
N GLU A 122 -6.26 6.54 -7.42
CA GLU A 122 -5.52 7.49 -8.22
C GLU A 122 -4.60 8.34 -7.35
N LYS A 123 -5.10 8.74 -6.19
CA LYS A 123 -4.31 9.56 -5.26
C LYS A 123 -3.05 8.82 -4.83
N ILE A 124 -3.22 7.56 -4.44
CA ILE A 124 -2.10 6.75 -3.99
C ILE A 124 -0.99 6.72 -5.05
N LYS A 125 -1.39 6.78 -6.32
CA LYS A 125 -0.44 6.76 -7.41
C LYS A 125 0.45 8.00 -7.39
N SER A 126 -0.17 9.17 -7.35
CA SER A 126 0.56 10.43 -7.32
C SER A 126 1.49 10.49 -6.12
N LEU A 127 0.96 10.19 -4.95
CA LEU A 127 1.74 10.21 -3.72
C LEU A 127 2.91 9.23 -3.80
N ALA A 128 2.59 7.95 -4.00
CA ALA A 128 3.61 6.92 -4.11
C ALA A 128 4.84 7.44 -4.83
N SER A 129 4.64 8.37 -5.76
CA SER A 129 5.74 8.94 -6.52
C SER A 129 6.63 9.80 -5.63
N GLN A 130 5.99 10.63 -4.80
CA GLN A 130 6.72 11.51 -3.89
C GLN A 130 7.75 10.73 -3.08
N ALA A 131 7.33 9.58 -2.57
CA ALA A 131 8.21 8.73 -1.77
C ALA A 131 9.18 7.96 -2.66
N THR A 132 8.69 7.48 -3.80
CA THR A 132 9.50 6.72 -4.73
C THR A 132 10.63 7.58 -5.30
N ARG A 133 10.27 8.56 -6.11
CA ARG A 133 11.24 9.46 -6.72
C ARG A 133 12.26 9.93 -5.69
N LYS A 134 11.80 10.22 -4.49
CA LYS A 134 12.67 10.67 -3.42
C LYS A 134 13.93 9.81 -3.35
N HIS A 135 15.09 10.46 -3.51
CA HIS A 135 16.37 9.75 -3.46
C HIS A 135 16.29 8.44 -4.22
N GLY A 136 15.74 8.48 -5.43
CA GLY A 136 15.62 7.28 -6.23
C GLY A 136 15.39 6.04 -5.39
N THR A 137 16.09 4.97 -5.73
CA THR A 137 15.97 3.71 -5.00
C THR A 137 16.76 3.74 -3.70
N ASP A 138 16.51 4.77 -2.89
CA ASP A 138 17.20 4.92 -1.62
C ASP A 138 16.23 5.34 -0.52
N LEU A 139 16.11 4.50 0.50
CA LEU A 139 15.20 4.78 1.62
C LEU A 139 15.18 6.26 1.93
N TRP A 140 14.21 6.97 1.35
CA TRP A 140 14.07 8.40 1.57
C TRP A 140 14.54 8.79 2.97
N LEU A 141 14.19 7.96 3.95
CA LEU A 141 14.57 8.22 5.33
C LEU A 141 15.97 8.80 5.41
N ASP A 142 16.23 9.57 6.47
CA ASP A 142 17.54 10.18 6.66
C ASP A 142 18.66 9.22 6.27
N SER A 143 19.76 9.78 5.77
CA SER A 143 20.90 8.97 5.35
C SER A 143 21.57 8.29 6.56
N SER A 144 21.22 7.04 6.78
CA SER A 144 21.77 6.28 7.90
C SER A 144 23.00 5.49 7.46
N GLY A 145 22.89 4.83 6.32
CA GLY A 145 24.01 4.05 5.80
C GLY A 145 23.73 3.47 4.43
N PRO A 146 24.77 3.42 3.59
CA PRO A 146 24.66 2.88 2.22
C PRO A 146 24.42 1.37 2.21
N SER A 147 23.16 0.97 2.25
CA SER A 147 22.80 -0.44 2.24
C SER A 147 22.09 -0.81 0.94
N SER A 148 22.86 -1.24 -0.04
CA SER A 148 22.31 -1.62 -1.34
C SER A 148 21.90 -3.10 -1.33
N GLY A 149 22.86 -3.97 -1.03
CA GLY A 149 22.59 -5.39 -0.99
C GLY A 149 22.73 -6.04 -2.36
ZN ZN B . -10.37 -8.40 7.23
N GLY A 1 20.86 22.45 -8.91
CA GLY A 1 20.00 21.28 -8.98
C GLY A 1 20.43 20.20 -8.00
N SER A 2 20.21 18.94 -8.38
CA SER A 2 20.56 17.81 -7.53
C SER A 2 20.94 16.59 -8.37
N SER A 3 21.93 15.85 -7.90
CA SER A 3 22.39 14.65 -8.61
C SER A 3 21.29 13.59 -8.65
N GLY A 4 21.31 12.76 -9.68
CA GLY A 4 20.33 11.71 -9.81
C GLY A 4 20.67 10.72 -10.91
N SER A 5 21.73 9.95 -10.69
CA SER A 5 22.17 8.97 -11.68
C SER A 5 21.03 8.00 -12.02
N SER A 6 21.22 7.24 -13.09
CA SER A 6 20.22 6.28 -13.53
C SER A 6 20.61 4.86 -13.14
N GLY A 7 19.62 4.03 -12.86
CA GLY A 7 19.87 2.65 -12.49
C GLY A 7 19.00 2.19 -11.34
N MET A 8 17.69 2.28 -11.54
CA MET A 8 16.73 1.86 -10.51
C MET A 8 16.69 0.34 -10.39
N GLY A 9 17.01 -0.16 -9.20
CA GLY A 9 17.00 -1.60 -8.98
C GLY A 9 15.70 -2.08 -8.38
N ASP A 10 15.76 -3.14 -7.59
CA ASP A 10 14.57 -3.71 -6.96
C ASP A 10 14.75 -3.80 -5.45
N PRO A 11 13.70 -3.44 -4.70
CA PRO A 11 13.70 -3.48 -3.24
C PRO A 11 13.73 -4.90 -2.69
N SER A 12 14.77 -5.20 -1.91
CA SER A 12 14.93 -6.52 -1.33
C SER A 12 14.01 -6.69 -0.12
N LYS A 13 13.81 -7.93 0.30
CA LYS A 13 12.96 -8.24 1.45
C LYS A 13 13.19 -7.23 2.57
N GLN A 14 14.45 -7.13 3.01
CA GLN A 14 14.80 -6.21 4.08
C GLN A 14 14.12 -4.86 3.90
N ASP A 15 14.44 -4.19 2.80
CA ASP A 15 13.85 -2.89 2.50
C ASP A 15 12.33 -2.95 2.58
N ILE A 16 11.73 -3.95 1.95
CA ILE A 16 10.29 -4.12 1.96
C ILE A 16 9.76 -4.27 3.38
N LEU A 17 10.54 -4.93 4.22
CA LEU A 17 10.15 -5.15 5.62
C LEU A 17 10.04 -3.82 6.35
N THR A 18 11.03 -2.95 6.16
CA THR A 18 11.04 -1.64 6.81
C THR A 18 9.77 -0.86 6.48
N ILE A 19 9.62 -0.47 5.23
CA ILE A 19 8.45 0.29 4.79
C ILE A 19 7.18 -0.23 5.47
N PHE A 20 7.14 -1.54 5.71
CA PHE A 20 5.99 -2.15 6.35
C PHE A 20 6.08 -2.04 7.88
N LYS A 21 7.30 -2.11 8.39
CA LYS A 21 7.53 -2.02 9.83
C LYS A 21 7.11 -0.65 10.35
N ARG A 22 7.31 0.38 9.55
CA ARG A 22 6.95 1.74 9.94
C ARG A 22 5.43 1.91 9.98
N LEU A 23 4.75 1.31 9.00
CA LEU A 23 3.29 1.39 8.93
C LEU A 23 2.64 0.53 10.01
N ARG A 24 2.93 -0.77 9.97
CA ARG A 24 2.38 -1.70 10.94
C ARG A 24 2.37 -1.09 12.34
N SER A 25 3.52 -0.58 12.76
CA SER A 25 3.64 0.04 14.08
C SER A 25 2.39 0.82 14.44
N VAL A 26 1.83 1.52 13.45
CA VAL A 26 0.62 2.31 13.66
C VAL A 26 -0.55 1.43 14.07
N PRO A 27 -1.32 1.89 15.07
CA PRO A 27 -2.48 1.15 15.57
C PRO A 27 -3.63 1.13 14.57
N THR A 28 -3.34 1.52 13.33
CA THR A 28 -4.34 1.54 12.28
C THR A 28 -3.91 0.69 11.08
N ASN A 29 -2.62 0.37 11.03
CA ASN A 29 -2.08 -0.44 9.94
C ASN A 29 -1.87 -1.89 10.39
N LYS A 30 -1.75 -2.08 11.69
CA LYS A 30 -1.54 -3.41 12.25
C LYS A 30 -2.86 -4.18 12.33
N VAL A 31 -3.92 -3.60 11.76
CA VAL A 31 -5.23 -4.22 11.77
C VAL A 31 -5.92 -4.07 10.43
N CYS A 32 -6.38 -5.18 9.87
CA CYS A 32 -7.06 -5.16 8.58
C CYS A 32 -8.08 -4.03 8.50
N PHE A 33 -7.84 -3.09 7.60
CA PHE A 33 -8.74 -1.95 7.44
C PHE A 33 -10.19 -2.41 7.29
N ASP A 34 -10.37 -3.57 6.66
CA ASP A 34 -11.71 -4.13 6.46
C ASP A 34 -12.37 -4.45 7.80
N CYS A 35 -11.88 -5.49 8.45
CA CYS A 35 -12.43 -5.90 9.75
C CYS A 35 -11.57 -5.39 10.90
N GLY A 36 -10.25 -5.58 10.77
CA GLY A 36 -9.34 -5.14 11.80
C GLY A 36 -8.48 -6.26 12.34
N ALA A 37 -8.49 -7.40 11.64
CA ALA A 37 -7.70 -8.55 12.05
C ALA A 37 -6.24 -8.16 12.29
N LYS A 38 -5.77 -8.37 13.51
CA LYS A 38 -4.39 -8.05 13.86
C LYS A 38 -3.41 -8.83 12.99
N ASN A 39 -2.30 -8.17 12.63
CA ASN A 39 -1.28 -8.80 11.79
C ASN A 39 -1.85 -9.16 10.43
N PRO A 40 -2.42 -8.15 9.74
CA PRO A 40 -3.00 -8.32 8.41
C PRO A 40 -1.94 -8.57 7.34
N SER A 41 -1.47 -9.82 7.27
CA SER A 41 -0.45 -10.20 6.29
C SER A 41 -0.75 -9.57 4.93
N TRP A 42 -1.84 -10.00 4.30
CA TRP A 42 -2.24 -9.48 3.00
C TRP A 42 -2.28 -7.96 3.02
N ALA A 43 -1.99 -7.35 1.87
CA ALA A 43 -2.01 -5.90 1.75
C ALA A 43 -2.35 -5.46 0.33
N SER A 44 -3.36 -4.61 0.20
CA SER A 44 -3.79 -4.12 -1.10
C SER A 44 -3.08 -2.82 -1.45
N ILE A 45 -2.20 -2.89 -2.45
CA ILE A 45 -1.45 -1.72 -2.89
C ILE A 45 -2.38 -0.65 -3.48
N THR A 46 -3.34 -1.10 -4.28
CA THR A 46 -4.29 -0.20 -4.91
C THR A 46 -4.71 0.91 -3.95
N TYR A 47 -5.36 0.52 -2.86
CA TYR A 47 -5.81 1.49 -1.85
C TYR A 47 -4.79 1.62 -0.72
N GLY A 48 -3.61 1.05 -0.93
CA GLY A 48 -2.57 1.12 0.08
C GLY A 48 -3.08 0.81 1.47
N VAL A 49 -3.91 -0.22 1.57
CA VAL A 49 -4.49 -0.62 2.85
C VAL A 49 -4.12 -2.05 3.20
N PHE A 50 -4.40 -2.46 4.43
CA PHE A 50 -4.09 -3.82 4.88
C PHE A 50 -5.36 -4.67 4.90
N LEU A 51 -5.21 -5.95 4.56
CA LEU A 51 -6.33 -6.87 4.54
C LEU A 51 -5.94 -8.23 5.13
N CYS A 52 -6.93 -9.06 5.41
CA CYS A 52 -6.68 -10.38 5.98
C CYS A 52 -7.06 -11.47 4.98
N ILE A 53 -6.32 -12.58 5.01
CA ILE A 53 -6.57 -13.69 4.11
C ILE A 53 -8.05 -13.81 3.78
N ASP A 54 -8.90 -13.56 4.77
CA ASP A 54 -10.34 -13.63 4.58
C ASP A 54 -10.82 -12.54 3.63
N CYS A 55 -10.80 -11.30 4.11
CA CYS A 55 -11.23 -10.17 3.30
C CYS A 55 -10.50 -10.13 1.97
N SER A 56 -9.17 -10.12 2.02
CA SER A 56 -8.35 -10.09 0.82
C SER A 56 -9.03 -10.86 -0.32
N GLY A 57 -9.71 -11.94 0.03
CA GLY A 57 -10.39 -12.74 -0.97
C GLY A 57 -11.37 -11.92 -1.80
N SER A 58 -12.21 -11.16 -1.12
CA SER A 58 -13.21 -10.33 -1.81
C SER A 58 -12.56 -9.51 -2.92
N HIS A 59 -11.46 -8.85 -2.59
CA HIS A 59 -10.73 -8.03 -3.56
C HIS A 59 -10.25 -8.88 -4.73
N ARG A 60 -9.61 -10.01 -4.42
CA ARG A 60 -9.10 -10.89 -5.46
C ARG A 60 -10.20 -11.26 -6.46
N SER A 61 -11.42 -11.43 -5.96
CA SER A 61 -12.55 -11.78 -6.81
C SER A 61 -12.82 -10.68 -7.82
N LEU A 62 -12.88 -9.44 -7.35
CA LEU A 62 -13.14 -8.29 -8.21
C LEU A 62 -12.25 -8.33 -9.44
N GLY A 63 -10.93 -8.45 -9.23
CA GLY A 63 -10.00 -8.50 -10.32
C GLY A 63 -8.72 -7.73 -10.04
N VAL A 64 -7.59 -8.41 -10.15
CA VAL A 64 -6.30 -7.79 -9.90
C VAL A 64 -6.26 -6.36 -10.42
N HIS A 65 -7.07 -6.09 -11.45
CA HIS A 65 -7.13 -4.76 -12.04
C HIS A 65 -7.82 -3.78 -11.10
N LEU A 66 -8.93 -4.21 -10.52
CA LEU A 66 -9.68 -3.36 -9.59
C LEU A 66 -8.89 -3.13 -8.31
N SER A 67 -8.41 -4.22 -7.71
CA SER A 67 -7.64 -4.14 -6.47
C SER A 67 -6.55 -5.21 -6.44
N PHE A 68 -5.31 -4.79 -6.64
CA PHE A 68 -4.17 -5.72 -6.63
C PHE A 68 -3.81 -6.11 -5.21
N ILE A 69 -3.70 -7.41 -4.97
CA ILE A 69 -3.36 -7.92 -3.65
C ILE A 69 -1.95 -8.52 -3.64
N ARG A 70 -1.18 -8.20 -2.60
CA ARG A 70 0.18 -8.71 -2.48
C ARG A 70 0.54 -8.96 -1.02
N SER A 71 1.23 -10.06 -0.75
CA SER A 71 1.63 -10.41 0.61
C SER A 71 2.92 -9.68 1.00
N THR A 72 3.08 -9.44 2.29
CA THR A 72 4.26 -8.75 2.79
C THR A 72 5.32 -9.75 3.27
N GLU A 73 4.90 -10.69 4.11
CA GLU A 73 5.82 -11.71 4.62
C GLU A 73 6.15 -12.74 3.55
N LEU A 74 5.15 -13.49 3.12
CA LEU A 74 5.34 -14.51 2.09
C LEU A 74 5.98 -13.91 0.85
N ASP A 75 5.28 -12.97 0.22
CA ASP A 75 5.77 -12.31 -0.99
C ASP A 75 6.76 -11.21 -0.63
N SER A 76 7.96 -11.29 -1.22
CA SER A 76 9.00 -10.31 -0.96
C SER A 76 9.56 -9.76 -2.27
N ASN A 77 8.71 -9.70 -3.29
CA ASN A 77 9.10 -9.19 -4.59
C ASN A 77 8.32 -7.95 -4.97
N TRP A 78 8.10 -7.08 -3.99
CA TRP A 78 7.35 -5.85 -4.21
C TRP A 78 8.17 -4.85 -5.01
N SER A 79 7.54 -3.76 -5.43
CA SER A 79 8.20 -2.73 -6.21
C SER A 79 8.30 -1.43 -5.43
N TRP A 80 9.45 -0.78 -5.50
CA TRP A 80 9.67 0.47 -4.79
C TRP A 80 8.41 1.33 -4.80
N PHE A 81 7.89 1.60 -5.99
CA PHE A 81 6.68 2.40 -6.14
C PHE A 81 5.53 1.80 -5.34
N GLN A 82 5.35 0.49 -5.47
CA GLN A 82 4.29 -0.21 -4.76
C GLN A 82 4.53 -0.18 -3.24
N LEU A 83 5.80 -0.10 -2.85
CA LEU A 83 6.16 -0.07 -1.45
C LEU A 83 5.67 1.22 -0.78
N ARG A 84 5.97 2.36 -1.41
CA ARG A 84 5.56 3.65 -0.88
C ARG A 84 4.04 3.75 -0.82
N CYS A 85 3.38 3.27 -1.87
CA CYS A 85 1.92 3.31 -1.95
C CYS A 85 1.30 3.05 -0.57
N MET A 86 1.75 1.98 0.08
CA MET A 86 1.24 1.62 1.40
C MET A 86 1.54 2.72 2.42
N GLN A 87 2.69 3.37 2.26
CA GLN A 87 3.09 4.44 3.17
C GLN A 87 2.28 5.70 2.91
N VAL A 88 2.07 6.03 1.64
CA VAL A 88 1.30 7.21 1.27
C VAL A 88 -0.19 6.95 1.37
N GLY A 89 -0.56 5.87 2.07
CA GLY A 89 -1.96 5.53 2.23
C GLY A 89 -2.29 5.08 3.64
N GLY A 90 -2.47 3.77 3.82
CA GLY A 90 -2.79 3.25 5.13
C GLY A 90 -4.29 3.15 5.36
N ASN A 91 -4.68 2.37 6.36
CA ASN A 91 -6.09 2.18 6.69
C ASN A 91 -6.75 3.53 6.98
N ALA A 92 -6.31 4.17 8.05
CA ALA A 92 -6.86 5.46 8.44
C ALA A 92 -7.26 6.29 7.23
N SER A 93 -6.28 6.64 6.40
CA SER A 93 -6.51 7.43 5.21
C SER A 93 -7.89 7.13 4.64
N ALA A 94 -8.10 5.89 4.19
CA ALA A 94 -9.37 5.48 3.63
C ALA A 94 -10.49 5.52 4.67
N SER A 95 -10.19 4.99 5.86
CA SER A 95 -11.16 4.97 6.95
C SER A 95 -11.97 6.27 6.97
N SER A 96 -11.32 7.38 6.66
CA SER A 96 -11.98 8.67 6.65
C SER A 96 -12.31 9.11 5.23
N PHE A 97 -11.32 9.02 4.35
CA PHE A 97 -11.51 9.39 2.95
C PHE A 97 -12.92 9.06 2.48
N PHE A 98 -13.31 7.81 2.66
CA PHE A 98 -14.63 7.36 2.25
C PHE A 98 -15.72 8.22 2.86
N HIS A 99 -15.79 8.24 4.20
CA HIS A 99 -16.78 9.03 4.91
C HIS A 99 -16.83 10.46 4.38
N GLN A 100 -15.67 11.11 4.36
CA GLN A 100 -15.58 12.48 3.87
C GLN A 100 -16.34 12.65 2.57
N HIS A 101 -16.23 11.66 1.69
CA HIS A 101 -16.91 11.70 0.40
C HIS A 101 -18.29 11.06 0.50
N GLY A 102 -18.96 11.29 1.63
CA GLY A 102 -20.29 10.74 1.83
C GLY A 102 -20.44 9.36 1.21
N CYS A 103 -19.49 8.48 1.49
CA CYS A 103 -19.52 7.12 0.96
C CYS A 103 -19.22 6.10 2.05
N SER A 104 -20.22 5.77 2.85
CA SER A 104 -20.07 4.81 3.93
C SER A 104 -20.61 3.44 3.53
N THR A 105 -20.31 3.03 2.30
CA THR A 105 -20.77 1.74 1.79
C THR A 105 -20.02 0.60 2.46
N ASN A 106 -20.76 -0.30 3.09
CA ASN A 106 -20.17 -1.46 3.77
C ASN A 106 -19.83 -2.56 2.77
N ASP A 107 -20.66 -2.70 1.75
CA ASP A 107 -20.44 -3.71 0.72
C ASP A 107 -19.00 -3.67 0.22
N THR A 108 -18.65 -4.64 -0.62
CA THR A 108 -17.30 -4.71 -1.18
C THR A 108 -17.31 -4.50 -2.69
N ASN A 109 -18.29 -5.10 -3.36
CA ASN A 109 -18.42 -4.98 -4.81
C ASN A 109 -18.99 -3.62 -5.19
N ALA A 110 -19.42 -2.86 -4.19
CA ALA A 110 -19.99 -1.54 -4.42
C ALA A 110 -19.12 -0.45 -3.79
N LYS A 111 -18.77 -0.64 -2.52
CA LYS A 111 -17.94 0.32 -1.80
C LYS A 111 -16.68 0.65 -2.60
N TYR A 112 -16.05 -0.37 -3.16
CA TYR A 112 -14.84 -0.19 -3.95
C TYR A 112 -15.18 0.25 -5.37
N ASN A 113 -16.36 -0.12 -5.82
CA ASN A 113 -16.81 0.24 -7.17
C ASN A 113 -17.50 1.60 -7.17
N SER A 114 -17.21 2.41 -6.17
CA SER A 114 -17.80 3.73 -6.06
C SER A 114 -16.79 4.82 -6.42
N ARG A 115 -17.27 6.06 -6.49
CA ARG A 115 -16.41 7.19 -6.85
C ARG A 115 -15.36 7.42 -5.77
N ALA A 116 -15.82 7.62 -4.54
CA ALA A 116 -14.91 7.85 -3.41
C ALA A 116 -13.76 6.86 -3.42
N ALA A 117 -14.08 5.58 -3.52
CA ALA A 117 -13.06 4.53 -3.55
C ALA A 117 -12.06 4.77 -4.67
N GLN A 118 -12.55 5.06 -5.86
CA GLN A 118 -11.70 5.30 -7.01
C GLN A 118 -10.79 6.50 -6.76
N LEU A 119 -11.39 7.65 -6.50
CA LEU A 119 -10.64 8.87 -6.24
C LEU A 119 -9.43 8.59 -5.36
N TYR A 120 -9.59 7.68 -4.41
CA TYR A 120 -8.52 7.31 -3.51
C TYR A 120 -7.37 6.65 -4.26
N ARG A 121 -7.65 5.49 -4.86
CA ARG A 121 -6.64 4.75 -5.61
C ARG A 121 -5.67 5.71 -6.31
N GLU A 122 -6.21 6.50 -7.24
CA GLU A 122 -5.40 7.45 -7.99
C GLU A 122 -4.49 8.24 -7.05
N LYS A 123 -5.08 8.91 -6.09
CA LYS A 123 -4.32 9.71 -5.12
C LYS A 123 -3.06 8.96 -4.68
N ILE A 124 -3.24 7.73 -4.21
CA ILE A 124 -2.12 6.92 -3.76
C ILE A 124 -0.96 6.99 -4.74
N LYS A 125 -1.27 6.81 -6.02
CA LYS A 125 -0.25 6.86 -7.07
C LYS A 125 0.59 8.12 -6.95
N SER A 126 -0.06 9.27 -7.01
CA SER A 126 0.63 10.55 -6.90
C SER A 126 1.54 10.58 -5.68
N LEU A 127 0.94 10.53 -4.50
CA LEU A 127 1.71 10.55 -3.26
C LEU A 127 2.80 9.49 -3.27
N ALA A 128 2.53 8.36 -3.91
CA ALA A 128 3.50 7.28 -4.01
C ALA A 128 4.75 7.72 -4.75
N SER A 129 4.57 8.40 -5.87
CA SER A 129 5.68 8.88 -6.68
C SER A 129 6.57 9.81 -5.86
N GLN A 130 5.96 10.63 -5.02
CA GLN A 130 6.70 11.57 -4.18
C GLN A 130 7.81 10.86 -3.43
N ALA A 131 7.43 10.06 -2.44
CA ALA A 131 8.41 9.33 -1.64
C ALA A 131 9.43 8.63 -2.53
N THR A 132 8.95 7.90 -3.52
CA THR A 132 9.82 7.18 -4.44
C THR A 132 10.78 8.14 -5.15
N ARG A 133 10.24 8.87 -6.13
CA ARG A 133 11.05 9.82 -6.89
C ARG A 133 12.00 10.58 -5.97
N LYS A 134 11.49 11.01 -4.82
CA LYS A 134 12.28 11.76 -3.85
C LYS A 134 13.76 11.36 -3.95
N HIS A 135 14.07 10.15 -3.50
CA HIS A 135 15.45 9.65 -3.53
C HIS A 135 15.51 8.31 -4.25
N GLY A 136 14.84 8.22 -5.40
CA GLY A 136 14.84 6.99 -6.17
C GLY A 136 14.64 5.76 -5.30
N THR A 137 15.58 4.82 -5.37
CA THR A 137 15.49 3.60 -4.58
C THR A 137 15.84 3.86 -3.12
N ASP A 138 16.91 4.61 -2.89
CA ASP A 138 17.34 4.94 -1.54
C ASP A 138 16.17 5.47 -0.71
N LEU A 139 15.46 4.56 -0.05
CA LEU A 139 14.31 4.94 0.77
C LEU A 139 14.62 6.21 1.57
N TRP A 140 13.94 7.30 1.23
CA TRP A 140 14.14 8.56 1.92
C TRP A 140 14.58 8.34 3.37
N LEU A 141 13.97 7.36 4.02
CA LEU A 141 14.30 7.04 5.41
C LEU A 141 15.82 7.07 5.62
N ASP A 142 16.22 7.39 6.83
CA ASP A 142 17.65 7.45 7.17
C ASP A 142 18.16 6.07 7.58
N SER A 143 17.81 5.06 6.80
CA SER A 143 18.23 3.69 7.08
C SER A 143 19.64 3.42 6.53
N SER A 144 20.38 2.57 7.21
CA SER A 144 21.74 2.23 6.79
C SER A 144 21.87 0.73 6.53
N GLY A 145 22.71 0.38 5.57
CA GLY A 145 22.92 -1.02 5.24
C GLY A 145 23.15 -1.24 3.75
N PRO A 146 23.41 -2.50 3.37
CA PRO A 146 23.66 -2.87 1.98
C PRO A 146 22.40 -2.76 1.12
N SER A 147 22.59 -2.71 -0.19
CA SER A 147 21.47 -2.61 -1.12
C SER A 147 21.46 -3.79 -2.09
N SER A 148 20.44 -3.84 -2.94
CA SER A 148 20.30 -4.93 -3.91
C SER A 148 20.40 -4.39 -5.33
N GLY A 149 20.68 -5.29 -6.27
CA GLY A 149 20.80 -4.90 -7.67
C GLY A 149 19.49 -5.00 -8.41
ZN ZN B . -10.26 -8.38 7.31
N GLY A 1 21.69 16.24 -10.66
CA GLY A 1 20.57 16.19 -9.73
C GLY A 1 19.96 14.80 -9.64
N SER A 2 18.90 14.68 -8.83
CA SER A 2 18.23 13.40 -8.66
C SER A 2 17.94 12.75 -10.01
N SER A 3 17.41 13.54 -10.94
CA SER A 3 17.08 13.05 -12.26
C SER A 3 18.22 12.23 -12.85
N GLY A 4 17.88 11.26 -13.68
CA GLY A 4 18.89 10.41 -14.30
C GLY A 4 19.28 9.24 -13.41
N SER A 5 18.35 8.32 -13.21
CA SER A 5 18.59 7.15 -12.37
C SER A 5 18.95 5.94 -13.22
N SER A 6 20.12 5.36 -12.95
CA SER A 6 20.58 4.20 -13.69
C SER A 6 20.71 2.99 -12.78
N GLY A 7 20.50 1.80 -13.34
CA GLY A 7 20.60 0.58 -12.56
C GLY A 7 19.53 0.49 -11.48
N MET A 8 18.30 0.83 -11.85
CA MET A 8 17.19 0.80 -10.89
C MET A 8 16.64 -0.63 -10.76
N GLY A 9 17.13 -1.35 -9.76
CA GLY A 9 16.68 -2.71 -9.55
C GLY A 9 15.52 -2.79 -8.58
N ASP A 10 15.08 -4.00 -8.28
CA ASP A 10 13.97 -4.21 -7.36
C ASP A 10 14.47 -4.28 -5.92
N PRO A 11 13.60 -3.87 -4.97
CA PRO A 11 13.93 -3.88 -3.54
C PRO A 11 14.04 -5.29 -2.98
N SER A 12 14.83 -5.43 -1.92
CA SER A 12 15.02 -6.74 -1.28
C SER A 12 13.99 -6.95 -0.18
N LYS A 13 13.91 -8.18 0.31
CA LYS A 13 12.96 -8.53 1.37
C LYS A 13 13.11 -7.58 2.56
N GLN A 14 14.32 -7.49 3.09
CA GLN A 14 14.59 -6.62 4.22
C GLN A 14 14.05 -5.21 3.97
N ASP A 15 14.45 -4.63 2.84
CA ASP A 15 14.00 -3.29 2.48
C ASP A 15 12.49 -3.17 2.59
N ILE A 16 11.78 -4.13 2.01
CA ILE A 16 10.32 -4.13 2.04
C ILE A 16 9.80 -4.22 3.47
N LEU A 17 10.43 -5.07 4.28
CA LEU A 17 10.02 -5.25 5.66
C LEU A 17 9.89 -3.90 6.36
N THR A 18 10.79 -2.97 6.03
CA THR A 18 10.78 -1.64 6.62
C THR A 18 9.50 -0.89 6.24
N ILE A 19 9.37 -0.55 4.97
CA ILE A 19 8.21 0.16 4.47
C ILE A 19 6.95 -0.22 5.25
N PHE A 20 6.85 -1.51 5.58
CA PHE A 20 5.70 -2.01 6.32
C PHE A 20 5.87 -1.77 7.82
N LYS A 21 6.97 -2.25 8.37
CA LYS A 21 7.26 -2.07 9.79
C LYS A 21 6.91 -0.67 10.25
N ARG A 22 7.21 0.32 9.42
CA ARG A 22 6.93 1.72 9.74
C ARG A 22 5.43 1.94 9.92
N LEU A 23 4.64 1.29 9.07
CA LEU A 23 3.19 1.42 9.13
C LEU A 23 2.60 0.47 10.19
N ARG A 24 2.84 -0.83 10.00
CA ARG A 24 2.35 -1.83 10.93
C ARG A 24 2.34 -1.30 12.36
N SER A 25 3.47 -0.73 12.77
CA SER A 25 3.61 -0.18 14.12
C SER A 25 2.32 0.51 14.56
N VAL A 26 1.79 1.36 13.69
CA VAL A 26 0.56 2.09 13.97
C VAL A 26 -0.58 1.13 14.30
N PRO A 27 -1.35 1.46 15.34
CA PRO A 27 -2.49 0.65 15.78
C PRO A 27 -3.65 0.70 14.80
N THR A 28 -3.43 1.39 13.67
CA THR A 28 -4.46 1.52 12.65
C THR A 28 -4.05 0.83 11.36
N ASN A 29 -2.81 0.32 11.34
CA ASN A 29 -2.30 -0.37 10.17
C ASN A 29 -2.07 -1.85 10.45
N LYS A 30 -1.91 -2.18 11.73
CA LYS A 30 -1.69 -3.56 12.14
C LYS A 30 -3.01 -4.31 12.24
N VAL A 31 -4.08 -3.69 11.77
CA VAL A 31 -5.40 -4.30 11.80
C VAL A 31 -6.12 -4.12 10.47
N CYS A 32 -6.42 -5.25 9.81
CA CYS A 32 -7.11 -5.22 8.52
C CYS A 32 -8.16 -4.11 8.49
N PHE A 33 -7.97 -3.15 7.61
CA PHE A 33 -8.90 -2.03 7.48
C PHE A 33 -10.34 -2.53 7.37
N ASP A 34 -10.50 -3.68 6.72
CA ASP A 34 -11.82 -4.27 6.55
C ASP A 34 -12.46 -4.59 7.89
N CYS A 35 -11.91 -5.59 8.58
CA CYS A 35 -12.43 -6.01 9.87
C CYS A 35 -11.52 -5.50 11.00
N GLY A 36 -10.21 -5.69 10.83
CA GLY A 36 -9.27 -5.26 11.83
C GLY A 36 -8.34 -6.37 12.28
N ALA A 37 -8.37 -7.49 11.56
CA ALA A 37 -7.53 -8.63 11.89
C ALA A 37 -6.09 -8.20 12.17
N LYS A 38 -5.57 -8.61 13.32
CA LYS A 38 -4.21 -8.26 13.72
C LYS A 38 -3.20 -8.95 12.81
N ASN A 39 -2.15 -8.22 12.45
CA ASN A 39 -1.10 -8.76 11.59
C ASN A 39 -1.66 -9.13 10.22
N PRO A 40 -2.36 -8.18 9.59
CA PRO A 40 -2.97 -8.38 8.27
C PRO A 40 -1.92 -8.47 7.16
N SER A 41 -1.30 -9.65 7.03
CA SER A 41 -0.28 -9.86 6.01
C SER A 41 -0.70 -9.26 4.69
N TRP A 42 -1.77 -9.79 4.12
CA TRP A 42 -2.29 -9.30 2.84
C TRP A 42 -2.46 -7.78 2.87
N ALA A 43 -2.23 -7.15 1.73
CA ALA A 43 -2.37 -5.69 1.62
C ALA A 43 -2.72 -5.27 0.20
N SER A 44 -3.68 -4.37 0.07
CA SER A 44 -4.11 -3.89 -1.24
C SER A 44 -3.33 -2.64 -1.64
N ILE A 45 -2.31 -2.82 -2.47
CA ILE A 45 -1.49 -1.71 -2.93
C ILE A 45 -2.36 -0.58 -3.47
N THR A 46 -3.26 -0.91 -4.38
CA THR A 46 -4.16 0.08 -4.97
C THR A 46 -4.63 1.08 -3.93
N TYR A 47 -5.31 0.60 -2.91
CA TYR A 47 -5.81 1.46 -1.85
C TYR A 47 -4.81 1.56 -0.70
N GLY A 48 -3.64 0.96 -0.89
CA GLY A 48 -2.61 0.99 0.13
C GLY A 48 -3.16 0.68 1.52
N VAL A 49 -4.05 -0.29 1.60
CA VAL A 49 -4.65 -0.68 2.86
C VAL A 49 -4.26 -2.11 3.24
N PHE A 50 -4.49 -2.47 4.50
CA PHE A 50 -4.16 -3.80 5.00
C PHE A 50 -5.40 -4.68 5.05
N LEU A 51 -5.28 -5.90 4.53
CA LEU A 51 -6.38 -6.85 4.52
C LEU A 51 -5.96 -8.20 5.09
N CYS A 52 -6.95 -9.02 5.44
CA CYS A 52 -6.67 -10.34 6.00
C CYS A 52 -7.03 -11.44 5.00
N ILE A 53 -6.33 -12.57 5.10
CA ILE A 53 -6.56 -13.70 4.21
C ILE A 53 -8.03 -13.76 3.79
N ASP A 54 -8.93 -13.67 4.77
CA ASP A 54 -10.36 -13.72 4.50
C ASP A 54 -10.77 -12.59 3.57
N CYS A 55 -10.78 -11.37 4.09
CA CYS A 55 -11.15 -10.19 3.32
C CYS A 55 -10.35 -10.12 2.02
N SER A 56 -9.03 -10.05 2.16
CA SER A 56 -8.14 -9.97 1.01
C SER A 56 -8.71 -10.75 -0.17
N GLY A 57 -9.33 -11.89 0.12
CA GLY A 57 -9.90 -12.72 -0.92
C GLY A 57 -10.88 -11.96 -1.79
N SER A 58 -11.79 -11.22 -1.17
CA SER A 58 -12.78 -10.45 -1.89
C SER A 58 -12.12 -9.55 -2.93
N HIS A 59 -11.11 -8.79 -2.48
CA HIS A 59 -10.38 -7.89 -3.37
C HIS A 59 -9.78 -8.65 -4.55
N ARG A 60 -9.24 -9.83 -4.28
CA ARG A 60 -8.63 -10.65 -5.31
C ARG A 60 -9.61 -10.91 -6.45
N SER A 61 -10.87 -11.11 -6.09
CA SER A 61 -11.92 -11.37 -7.08
C SER A 61 -12.18 -10.14 -7.93
N LEU A 62 -12.20 -8.97 -7.29
CA LEU A 62 -12.45 -7.72 -7.99
C LEU A 62 -11.64 -7.65 -9.28
N GLY A 63 -10.33 -7.81 -9.17
CA GLY A 63 -9.47 -7.77 -10.34
C GLY A 63 -8.15 -7.08 -10.07
N VAL A 64 -7.05 -7.75 -10.40
CA VAL A 64 -5.72 -7.19 -10.19
C VAL A 64 -5.70 -5.69 -10.47
N HIS A 65 -6.53 -5.26 -11.41
CA HIS A 65 -6.61 -3.86 -11.79
C HIS A 65 -7.36 -3.05 -10.72
N LEU A 66 -8.47 -3.61 -10.25
CA LEU A 66 -9.29 -2.96 -9.23
C LEU A 66 -8.53 -2.87 -7.91
N SER A 67 -7.97 -3.99 -7.48
CA SER A 67 -7.23 -4.03 -6.22
C SER A 67 -6.22 -5.18 -6.24
N PHE A 68 -4.94 -4.84 -6.39
CA PHE A 68 -3.88 -5.83 -6.42
C PHE A 68 -3.45 -6.21 -5.01
N ILE A 69 -3.43 -7.52 -4.74
CA ILE A 69 -3.03 -8.00 -3.42
C ILE A 69 -1.65 -8.64 -3.47
N ARG A 70 -0.96 -8.61 -2.33
CA ARG A 70 0.38 -9.18 -2.24
C ARG A 70 0.80 -9.34 -0.78
N SER A 71 1.13 -10.57 -0.40
CA SER A 71 1.54 -10.86 0.96
C SER A 71 2.73 -9.98 1.38
N THR A 72 2.86 -9.75 2.68
CA THR A 72 3.94 -8.93 3.20
C THR A 72 5.01 -9.78 3.87
N GLU A 73 4.58 -10.82 4.58
CA GLU A 73 5.49 -11.71 5.28
C GLU A 73 6.07 -12.75 4.31
N LEU A 74 5.21 -13.30 3.46
CA LEU A 74 5.64 -14.30 2.50
C LEU A 74 6.24 -13.64 1.26
N ASP A 75 5.39 -13.00 0.47
CA ASP A 75 5.84 -12.33 -0.75
C ASP A 75 6.86 -11.24 -0.42
N SER A 76 8.04 -11.33 -1.03
CA SER A 76 9.10 -10.36 -0.80
C SER A 76 9.61 -9.78 -2.13
N ASN A 77 8.71 -9.66 -3.09
CA ASN A 77 9.06 -9.13 -4.40
C ASN A 77 8.22 -7.90 -4.74
N TRP A 78 8.01 -7.05 -3.73
CA TRP A 78 7.22 -5.84 -3.92
C TRP A 78 7.98 -4.81 -4.76
N SER A 79 7.25 -3.90 -5.38
CA SER A 79 7.86 -2.87 -6.21
C SER A 79 8.04 -1.58 -5.43
N TRP A 80 9.18 -0.93 -5.62
CA TRP A 80 9.48 0.32 -4.93
C TRP A 80 8.25 1.23 -4.90
N PHE A 81 7.62 1.41 -6.05
CA PHE A 81 6.44 2.25 -6.15
C PHE A 81 5.28 1.65 -5.37
N GLN A 82 5.04 0.35 -5.56
CA GLN A 82 3.97 -0.33 -4.87
C GLN A 82 4.17 -0.29 -3.35
N LEU A 83 5.39 -0.02 -2.93
CA LEU A 83 5.72 0.06 -1.52
C LEU A 83 5.27 1.39 -0.92
N ARG A 84 5.83 2.48 -1.43
CA ARG A 84 5.47 3.80 -0.94
C ARG A 84 3.96 3.98 -0.90
N CYS A 85 3.26 3.36 -1.85
CA CYS A 85 1.81 3.46 -1.92
C CYS A 85 1.18 3.08 -0.58
N MET A 86 1.75 2.08 0.08
CA MET A 86 1.24 1.62 1.36
C MET A 86 1.43 2.70 2.44
N GLN A 87 2.62 3.27 2.49
CA GLN A 87 2.93 4.32 3.46
C GLN A 87 2.14 5.59 3.17
N VAL A 88 2.36 6.15 1.98
CA VAL A 88 1.67 7.37 1.57
C VAL A 88 0.17 7.25 1.77
N GLY A 89 -0.31 6.02 1.94
CA GLY A 89 -1.73 5.79 2.14
C GLY A 89 -2.05 5.41 3.58
N GLY A 90 -2.46 4.16 3.77
CA GLY A 90 -2.81 3.69 5.11
C GLY A 90 -4.28 3.33 5.23
N ASN A 91 -4.64 2.75 6.37
CA ASN A 91 -6.02 2.35 6.62
C ASN A 91 -6.90 3.56 6.88
N ALA A 92 -6.68 4.23 8.01
CA ALA A 92 -7.46 5.41 8.36
C ALA A 92 -7.69 6.31 7.14
N SER A 93 -6.61 6.65 6.45
CA SER A 93 -6.70 7.50 5.27
C SER A 93 -7.99 7.23 4.51
N ALA A 94 -8.18 5.97 4.11
CA ALA A 94 -9.38 5.59 3.37
C ALA A 94 -10.62 5.64 4.25
N SER A 95 -10.52 5.06 5.44
CA SER A 95 -11.63 5.05 6.38
C SER A 95 -12.34 6.39 6.40
N SER A 96 -11.56 7.46 6.32
CA SER A 96 -12.11 8.82 6.35
C SER A 96 -12.39 9.31 4.92
N PHE A 97 -11.42 9.12 4.04
CA PHE A 97 -11.56 9.55 2.66
C PHE A 97 -12.91 9.14 2.09
N PHE A 98 -13.23 7.85 2.19
CA PHE A 98 -14.50 7.34 1.68
C PHE A 98 -15.67 8.15 2.23
N HIS A 99 -15.71 8.30 3.56
CA HIS A 99 -16.77 9.05 4.21
C HIS A 99 -16.84 10.47 3.67
N GLN A 100 -15.71 11.18 3.74
CA GLN A 100 -15.64 12.55 3.25
C GLN A 100 -16.55 12.76 2.05
N HIS A 101 -16.45 11.86 1.08
CA HIS A 101 -17.27 11.95 -0.13
C HIS A 101 -18.73 11.60 0.18
N GLY A 102 -18.95 10.41 0.71
CA GLY A 102 -20.30 9.98 1.04
C GLY A 102 -20.62 8.60 0.50
N CYS A 103 -19.67 7.68 0.62
CA CYS A 103 -19.86 6.32 0.14
C CYS A 103 -19.64 5.31 1.25
N SER A 104 -20.73 4.87 1.87
CA SER A 104 -20.66 3.90 2.96
C SER A 104 -21.63 2.75 2.73
N THR A 105 -21.22 1.80 1.89
CA THR A 105 -22.05 0.65 1.58
C THR A 105 -21.56 -0.59 2.33
N ASN A 106 -20.59 -0.40 3.21
CA ASN A 106 -20.04 -1.51 3.99
C ASN A 106 -19.89 -2.75 3.13
N ASP A 107 -19.39 -2.57 1.92
CA ASP A 107 -19.19 -3.69 0.99
C ASP A 107 -17.81 -3.61 0.35
N THR A 108 -17.56 -4.50 -0.61
CA THR A 108 -16.29 -4.53 -1.32
C THR A 108 -16.48 -4.48 -2.83
N ASN A 109 -17.54 -5.12 -3.31
CA ASN A 109 -17.84 -5.14 -4.73
C ASN A 109 -18.65 -3.92 -5.14
N ALA A 110 -19.00 -3.09 -4.15
CA ALA A 110 -19.77 -1.89 -4.40
C ALA A 110 -19.05 -0.65 -3.88
N LYS A 111 -18.58 -0.72 -2.64
CA LYS A 111 -17.87 0.39 -2.02
C LYS A 111 -16.60 0.73 -2.81
N TYR A 112 -15.89 -0.30 -3.24
CA TYR A 112 -14.66 -0.11 -4.00
C TYR A 112 -14.97 0.18 -5.46
N ASN A 113 -16.07 -0.37 -5.95
CA ASN A 113 -16.48 -0.18 -7.33
C ASN A 113 -17.25 1.12 -7.50
N SER A 114 -17.11 2.01 -6.52
CA SER A 114 -17.80 3.29 -6.55
C SER A 114 -16.85 4.41 -6.98
N ARG A 115 -17.35 5.64 -6.96
CA ARG A 115 -16.54 6.80 -7.35
C ARG A 115 -15.55 7.17 -6.24
N ALA A 116 -16.06 7.29 -5.03
CA ALA A 116 -15.22 7.65 -3.89
C ALA A 116 -13.96 6.78 -3.85
N ALA A 117 -14.15 5.47 -3.97
CA ALA A 117 -13.03 4.54 -3.95
C ALA A 117 -11.99 4.90 -5.00
N GLN A 118 -12.43 5.07 -6.24
CA GLN A 118 -11.54 5.41 -7.34
C GLN A 118 -10.66 6.61 -6.97
N LEU A 119 -11.29 7.73 -6.68
CA LEU A 119 -10.58 8.94 -6.31
C LEU A 119 -9.38 8.61 -5.43
N TYR A 120 -9.55 7.65 -4.54
CA TYR A 120 -8.49 7.24 -3.63
C TYR A 120 -7.34 6.57 -4.40
N ARG A 121 -7.64 5.44 -5.04
CA ARG A 121 -6.64 4.72 -5.81
C ARG A 121 -5.70 5.68 -6.52
N GLU A 122 -6.25 6.49 -7.41
CA GLU A 122 -5.46 7.46 -8.16
C GLU A 122 -4.56 8.26 -7.23
N LYS A 123 -5.17 8.88 -6.23
CA LYS A 123 -4.42 9.69 -5.25
C LYS A 123 -3.17 8.95 -4.79
N ILE A 124 -3.35 7.71 -4.35
CA ILE A 124 -2.23 6.90 -3.88
C ILE A 124 -1.08 6.90 -4.89
N LYS A 125 -1.40 6.62 -6.15
CA LYS A 125 -0.40 6.59 -7.20
C LYS A 125 0.42 7.88 -7.21
N SER A 126 -0.24 9.01 -6.97
CA SER A 126 0.43 10.30 -6.94
C SER A 126 1.31 10.42 -5.70
N LEU A 127 0.70 10.28 -4.53
CA LEU A 127 1.43 10.38 -3.27
C LEU A 127 2.60 9.40 -3.24
N ALA A 128 2.43 8.26 -3.89
CA ALA A 128 3.46 7.25 -3.93
C ALA A 128 4.61 7.68 -4.84
N SER A 129 4.34 8.62 -5.74
CA SER A 129 5.35 9.12 -6.66
C SER A 129 6.29 10.10 -5.96
N GLN A 130 5.74 10.85 -5.00
CA GLN A 130 6.52 11.84 -4.26
C GLN A 130 7.67 11.16 -3.52
N ALA A 131 7.34 10.11 -2.77
CA ALA A 131 8.35 9.38 -2.00
C ALA A 131 9.27 8.59 -2.92
N THR A 132 8.72 8.11 -4.04
CA THR A 132 9.50 7.34 -5.00
C THR A 132 10.43 8.24 -5.80
N ARG A 133 9.86 9.08 -6.65
CA ARG A 133 10.64 10.00 -7.47
C ARG A 133 11.80 10.58 -6.68
N LYS A 134 11.49 11.15 -5.52
CA LYS A 134 12.51 11.75 -4.65
C LYS A 134 13.87 11.11 -4.92
N HIS A 135 14.02 9.86 -4.51
CA HIS A 135 15.29 9.14 -4.71
C HIS A 135 15.04 7.77 -5.35
N GLY A 136 14.03 7.07 -4.84
CA GLY A 136 13.72 5.75 -5.37
C GLY A 136 14.31 4.63 -4.54
N THR A 137 15.06 3.75 -5.19
CA THR A 137 15.69 2.62 -4.51
C THR A 137 16.27 3.05 -3.16
N ASP A 138 16.73 4.30 -3.10
CA ASP A 138 17.32 4.83 -1.87
C ASP A 138 16.24 5.12 -0.84
N LEU A 139 16.32 4.42 0.29
CA LEU A 139 15.34 4.60 1.36
C LEU A 139 15.45 5.99 1.96
N TRP A 140 14.70 6.93 1.40
CA TRP A 140 14.71 8.31 1.89
C TRP A 140 14.92 8.35 3.40
N LEU A 141 14.40 7.35 4.09
CA LEU A 141 14.53 7.27 5.54
C LEU A 141 15.95 7.61 5.98
N ASP A 142 16.90 6.80 5.54
CA ASP A 142 18.30 7.01 5.88
C ASP A 142 19.22 6.40 4.83
N SER A 143 20.42 6.95 4.71
CA SER A 143 21.39 6.47 3.73
C SER A 143 21.60 4.96 3.88
N SER A 144 21.32 4.22 2.80
CA SER A 144 21.48 2.78 2.81
C SER A 144 22.94 2.39 2.57
N GLY A 145 23.42 1.40 3.32
CA GLY A 145 24.79 0.95 3.17
C GLY A 145 25.03 0.27 1.83
N PRO A 146 26.24 0.47 1.27
CA PRO A 146 26.62 -0.12 -0.01
C PRO A 146 26.78 -1.62 0.06
N SER A 147 26.71 -2.28 -1.09
CA SER A 147 26.85 -3.74 -1.16
C SER A 147 28.24 -4.13 -1.62
N SER A 148 29.24 -3.43 -1.10
CA SER A 148 30.64 -3.71 -1.46
C SER A 148 30.97 -5.18 -1.27
N GLY A 149 31.44 -5.81 -2.33
CA GLY A 149 31.78 -7.22 -2.27
C GLY A 149 30.59 -8.11 -2.02
ZN ZN B . -10.29 -8.44 7.39
N GLY A 1 23.31 15.66 -12.80
CA GLY A 1 22.33 16.70 -13.09
C GLY A 1 20.93 16.31 -12.68
N SER A 2 19.95 16.76 -13.46
CA SER A 2 18.54 16.46 -13.17
C SER A 2 18.36 14.96 -12.92
N SER A 3 17.13 14.59 -12.56
CA SER A 3 16.82 13.19 -12.28
C SER A 3 16.07 12.56 -13.46
N GLY A 4 16.70 11.57 -14.09
CA GLY A 4 16.08 10.90 -15.22
C GLY A 4 16.76 9.59 -15.55
N SER A 5 17.02 8.77 -14.54
CA SER A 5 17.68 7.49 -14.73
C SER A 5 16.66 6.35 -14.68
N SER A 6 16.87 5.35 -15.54
CA SER A 6 15.98 4.20 -15.60
C SER A 6 16.71 2.92 -15.21
N GLY A 7 15.96 1.93 -14.73
CA GLY A 7 16.55 0.67 -14.34
C GLY A 7 17.28 0.76 -13.02
N MET A 8 16.56 0.52 -11.92
CA MET A 8 17.14 0.59 -10.59
C MET A 8 17.04 -0.76 -9.89
N GLY A 9 17.66 -0.87 -8.73
CA GLY A 9 17.62 -2.11 -7.97
C GLY A 9 16.37 -2.25 -7.13
N ASP A 10 15.50 -3.17 -7.53
CA ASP A 10 14.25 -3.41 -6.80
C ASP A 10 14.51 -3.56 -5.30
N PRO A 11 13.50 -3.21 -4.50
CA PRO A 11 13.59 -3.30 -3.03
C PRO A 11 13.62 -4.74 -2.55
N SER A 12 14.71 -5.11 -1.86
CA SER A 12 14.85 -6.46 -1.34
C SER A 12 13.97 -6.67 -0.11
N LYS A 13 13.83 -7.93 0.31
CA LYS A 13 13.01 -8.27 1.46
C LYS A 13 13.18 -7.23 2.57
N GLN A 14 14.37 -7.18 3.15
CA GLN A 14 14.66 -6.23 4.22
C GLN A 14 13.98 -4.89 3.95
N ASP A 15 14.45 -4.20 2.92
CA ASP A 15 13.88 -2.90 2.55
C ASP A 15 12.36 -2.91 2.66
N ILE A 16 11.74 -3.88 2.00
CA ILE A 16 10.29 -4.01 2.01
C ILE A 16 9.75 -4.03 3.44
N LEU A 17 10.48 -4.70 4.33
CA LEU A 17 10.08 -4.80 5.73
C LEU A 17 10.22 -3.45 6.43
N THR A 18 11.26 -2.70 6.07
CA THR A 18 11.51 -1.40 6.66
C THR A 18 10.36 -0.44 6.38
N ILE A 19 9.79 -0.54 5.19
CA ILE A 19 8.68 0.32 4.80
C ILE A 19 7.38 -0.15 5.43
N PHE A 20 7.29 -1.44 5.72
CA PHE A 20 6.11 -2.01 6.33
C PHE A 20 6.14 -1.85 7.84
N LYS A 21 7.35 -1.82 8.40
CA LYS A 21 7.53 -1.66 9.85
C LYS A 21 6.95 -0.34 10.33
N ARG A 22 7.08 0.70 9.50
CA ARG A 22 6.56 2.01 9.85
C ARG A 22 5.05 2.02 9.87
N LEU A 23 4.44 1.25 8.97
CA LEU A 23 2.99 1.16 8.88
C LEU A 23 2.43 0.29 10.00
N ARG A 24 2.89 -0.95 10.06
CA ARG A 24 2.42 -1.89 11.08
C ARG A 24 2.35 -1.21 12.44
N SER A 25 3.43 -0.53 12.82
CA SER A 25 3.48 0.16 14.11
C SER A 25 2.14 0.82 14.43
N VAL A 26 1.62 1.57 13.46
CA VAL A 26 0.35 2.26 13.63
C VAL A 26 -0.76 1.28 14.03
N PRO A 27 -1.53 1.65 15.07
CA PRO A 27 -2.63 0.82 15.57
C PRO A 27 -3.80 0.76 14.59
N THR A 28 -3.64 1.39 13.44
CA THR A 28 -4.68 1.41 12.42
C THR A 28 -4.26 0.63 11.19
N ASN A 29 -2.97 0.28 11.12
CA ASN A 29 -2.45 -0.48 9.99
C ASN A 29 -2.19 -1.93 10.38
N LYS A 30 -1.97 -2.16 11.66
CA LYS A 30 -1.71 -3.50 12.16
C LYS A 30 -3.00 -4.31 12.25
N VAL A 31 -4.09 -3.73 11.77
CA VAL A 31 -5.39 -4.38 11.79
C VAL A 31 -6.10 -4.24 10.44
N CYS A 32 -6.58 -5.37 9.91
CA CYS A 32 -7.28 -5.37 8.63
C CYS A 32 -8.26 -4.21 8.54
N PHE A 33 -7.88 -3.19 7.77
CA PHE A 33 -8.73 -2.02 7.61
C PHE A 33 -10.17 -2.42 7.34
N ASP A 34 -10.36 -3.64 6.84
CA ASP A 34 -11.69 -4.15 6.54
C ASP A 34 -12.44 -4.50 7.82
N CYS A 35 -12.02 -5.58 8.47
CA CYS A 35 -12.65 -6.03 9.70
C CYS A 35 -11.88 -5.52 10.92
N GLY A 36 -10.56 -5.66 10.88
CA GLY A 36 -9.73 -5.22 11.98
C GLY A 36 -8.81 -6.31 12.50
N ALA A 37 -8.78 -7.43 11.79
CA ALA A 37 -7.94 -8.56 12.18
C ALA A 37 -6.49 -8.12 12.39
N LYS A 38 -5.95 -8.45 13.56
CA LYS A 38 -4.57 -8.09 13.88
C LYS A 38 -3.58 -8.87 13.02
N ASN A 39 -2.47 -8.24 12.68
CA ASN A 39 -1.44 -8.88 11.86
C ASN A 39 -2.00 -9.24 10.49
N PRO A 40 -2.60 -8.25 9.82
CA PRO A 40 -3.19 -8.44 8.48
C PRO A 40 -2.12 -8.64 7.40
N SER A 41 -1.60 -9.87 7.32
CA SER A 41 -0.58 -10.19 6.33
C SER A 41 -0.89 -9.54 4.99
N TRP A 42 -1.95 -10.02 4.34
CA TRP A 42 -2.35 -9.48 3.05
C TRP A 42 -2.40 -7.96 3.07
N ALA A 43 -2.12 -7.34 1.93
CA ALA A 43 -2.14 -5.88 1.83
C ALA A 43 -2.38 -5.44 0.39
N SER A 44 -3.40 -4.61 0.19
CA SER A 44 -3.75 -4.12 -1.13
C SER A 44 -2.93 -2.89 -1.47
N ILE A 45 -2.09 -3.01 -2.51
CA ILE A 45 -1.26 -1.90 -2.93
C ILE A 45 -2.09 -0.77 -3.53
N THR A 46 -2.98 -1.12 -4.46
CA THR A 46 -3.85 -0.14 -5.10
C THR A 46 -4.42 0.84 -4.08
N TYR A 47 -5.11 0.31 -3.08
CA TYR A 47 -5.71 1.14 -2.04
C TYR A 47 -4.75 1.33 -0.88
N GLY A 48 -3.55 0.77 -1.00
CA GLY A 48 -2.55 0.89 0.05
C GLY A 48 -3.13 0.62 1.42
N VAL A 49 -3.81 -0.51 1.57
CA VAL A 49 -4.42 -0.88 2.84
C VAL A 49 -4.10 -2.33 3.21
N PHE A 50 -4.31 -2.68 4.47
CA PHE A 50 -4.04 -4.03 4.95
C PHE A 50 -5.32 -4.84 5.01
N LEU A 51 -5.21 -6.14 4.72
CA LEU A 51 -6.37 -7.04 4.74
C LEU A 51 -5.99 -8.40 5.32
N CYS A 52 -6.99 -9.21 5.60
CA CYS A 52 -6.77 -10.55 6.16
C CYS A 52 -7.15 -11.62 5.15
N ILE A 53 -6.46 -12.76 5.22
CA ILE A 53 -6.73 -13.87 4.30
C ILE A 53 -8.23 -13.96 3.98
N ASP A 54 -9.06 -13.60 4.96
CA ASP A 54 -10.50 -13.63 4.77
C ASP A 54 -10.95 -12.57 3.77
N CYS A 55 -10.91 -11.31 4.21
CA CYS A 55 -11.32 -10.20 3.36
C CYS A 55 -10.53 -10.20 2.05
N SER A 56 -9.21 -10.23 2.16
CA SER A 56 -8.34 -10.23 0.99
C SER A 56 -8.99 -10.97 -0.17
N GLY A 57 -9.72 -12.03 0.15
CA GLY A 57 -10.40 -12.81 -0.87
C GLY A 57 -11.37 -11.98 -1.69
N SER A 58 -12.22 -11.23 -1.00
CA SER A 58 -13.21 -10.39 -1.68
C SER A 58 -12.55 -9.53 -2.74
N HIS A 59 -11.43 -8.92 -2.39
CA HIS A 59 -10.70 -8.06 -3.32
C HIS A 59 -10.19 -8.86 -4.52
N ARG A 60 -9.64 -10.04 -4.24
CA ARG A 60 -9.11 -10.90 -5.30
C ARG A 60 -10.18 -11.18 -6.35
N SER A 61 -11.41 -11.39 -5.90
CA SER A 61 -12.52 -11.67 -6.81
C SER A 61 -12.76 -10.50 -7.75
N LEU A 62 -12.84 -9.30 -7.19
CA LEU A 62 -13.07 -8.09 -7.98
C LEU A 62 -12.20 -8.10 -9.23
N GLY A 63 -10.89 -8.13 -9.04
CA GLY A 63 -9.97 -8.13 -10.16
C GLY A 63 -8.66 -7.43 -9.85
N VAL A 64 -7.55 -8.09 -10.16
CA VAL A 64 -6.23 -7.53 -9.91
C VAL A 64 -6.15 -6.08 -10.36
N HIS A 65 -7.00 -5.72 -11.32
CA HIS A 65 -7.03 -4.36 -11.85
C HIS A 65 -7.71 -3.41 -10.87
N LEU A 66 -8.77 -3.89 -10.23
CA LEU A 66 -9.51 -3.09 -9.26
C LEU A 66 -8.74 -2.97 -7.96
N SER A 67 -8.14 -4.07 -7.53
CA SER A 67 -7.37 -4.08 -6.28
C SER A 67 -6.36 -5.22 -6.28
N PHE A 68 -5.09 -4.88 -6.40
CA PHE A 68 -4.01 -5.87 -6.42
C PHE A 68 -3.60 -6.25 -5.00
N ILE A 69 -3.64 -7.54 -4.71
CA ILE A 69 -3.26 -8.04 -3.39
C ILE A 69 -1.86 -8.61 -3.40
N ARG A 70 -1.06 -8.24 -2.39
CA ARG A 70 0.31 -8.72 -2.28
C ARG A 70 0.73 -8.85 -0.82
N SER A 71 1.18 -10.04 -0.44
CA SER A 71 1.61 -10.29 0.94
C SER A 71 2.84 -9.45 1.28
N THR A 72 3.21 -9.46 2.55
CA THR A 72 4.36 -8.71 3.02
C THR A 72 5.49 -9.63 3.45
N GLU A 73 5.13 -10.75 4.08
CA GLU A 73 6.11 -11.72 4.54
C GLU A 73 6.57 -12.62 3.40
N LEU A 74 5.61 -13.11 2.62
CA LEU A 74 5.91 -13.99 1.49
C LEU A 74 6.39 -13.18 0.29
N ASP A 75 5.48 -12.41 -0.30
CA ASP A 75 5.81 -11.60 -1.47
C ASP A 75 7.00 -10.69 -1.17
N SER A 76 8.11 -10.93 -1.86
CA SER A 76 9.32 -10.15 -1.67
C SER A 76 9.68 -9.38 -2.95
N ASN A 77 9.11 -9.82 -4.07
CA ASN A 77 9.37 -9.19 -5.36
C ASN A 77 8.46 -7.98 -5.56
N TRP A 78 8.36 -7.14 -4.55
CA TRP A 78 7.53 -5.94 -4.63
C TRP A 78 8.12 -4.91 -5.58
N SER A 79 7.49 -3.74 -5.65
CA SER A 79 7.97 -2.68 -6.53
C SER A 79 8.07 -1.36 -5.76
N TRP A 80 9.26 -0.75 -5.81
CA TRP A 80 9.49 0.51 -5.13
C TRP A 80 8.24 1.38 -5.13
N PHE A 81 7.59 1.46 -6.30
CA PHE A 81 6.38 2.26 -6.43
C PHE A 81 5.26 1.70 -5.56
N GLN A 82 5.01 0.40 -5.69
CA GLN A 82 3.96 -0.26 -4.92
C GLN A 82 4.23 -0.13 -3.42
N LEU A 83 5.49 0.03 -3.07
CA LEU A 83 5.89 0.17 -1.66
C LEU A 83 5.33 1.45 -1.06
N ARG A 84 5.86 2.58 -1.50
CA ARG A 84 5.42 3.88 -1.00
C ARG A 84 3.90 3.93 -0.92
N CYS A 85 3.23 3.45 -1.97
CA CYS A 85 1.78 3.45 -2.02
C CYS A 85 1.19 3.07 -0.66
N MET A 86 1.84 2.14 0.02
CA MET A 86 1.38 1.69 1.33
C MET A 86 1.58 2.78 2.38
N GLN A 87 2.70 3.49 2.28
CA GLN A 87 3.00 4.57 3.23
C GLN A 87 2.17 5.82 2.93
N VAL A 88 2.39 6.40 1.75
CA VAL A 88 1.66 7.60 1.35
C VAL A 88 0.20 7.51 1.75
N GLY A 89 -0.31 6.29 1.85
CA GLY A 89 -1.70 6.10 2.24
C GLY A 89 -1.84 5.44 3.60
N GLY A 90 -2.42 4.24 3.62
CA GLY A 90 -2.61 3.54 4.87
C GLY A 90 -4.07 3.34 5.21
N ASN A 91 -4.34 2.38 6.10
CA ASN A 91 -5.71 2.09 6.51
C ASN A 91 -6.48 3.38 6.83
N ALA A 92 -6.09 4.04 7.90
CA ALA A 92 -6.74 5.28 8.30
C ALA A 92 -7.03 6.17 7.11
N SER A 93 -5.98 6.49 6.34
CA SER A 93 -6.12 7.33 5.16
C SER A 93 -7.48 7.10 4.49
N ALA A 94 -7.72 5.86 4.08
CA ALA A 94 -8.98 5.51 3.43
C ALA A 94 -10.13 5.48 4.42
N SER A 95 -9.87 4.94 5.60
CA SER A 95 -10.90 4.85 6.64
C SER A 95 -11.72 6.13 6.71
N SER A 96 -11.07 7.26 6.49
CA SER A 96 -11.74 8.55 6.52
C SER A 96 -12.05 9.03 5.10
N PHE A 97 -11.03 9.04 4.25
CA PHE A 97 -11.19 9.48 2.87
C PHE A 97 -12.58 9.11 2.34
N PHE A 98 -12.90 7.82 2.38
CA PHE A 98 -14.20 7.35 1.91
C PHE A 98 -15.33 8.19 2.47
N HIS A 99 -15.35 8.31 3.80
CA HIS A 99 -16.39 9.09 4.47
C HIS A 99 -16.36 10.54 4.01
N GLN A 100 -15.17 11.14 4.00
CA GLN A 100 -15.02 12.53 3.58
C GLN A 100 -15.87 12.82 2.35
N HIS A 101 -15.74 11.98 1.33
CA HIS A 101 -16.49 12.15 0.09
C HIS A 101 -17.99 12.02 0.35
N GLY A 102 -18.39 10.90 0.95
CA GLY A 102 -19.79 10.67 1.24
C GLY A 102 -20.25 9.30 0.80
N CYS A 103 -19.46 8.28 1.10
CA CYS A 103 -19.79 6.91 0.72
C CYS A 103 -19.85 6.01 1.96
N SER A 104 -20.96 6.08 2.69
CA SER A 104 -21.14 5.27 3.89
C SER A 104 -21.56 3.85 3.53
N THR A 105 -20.91 3.28 2.52
CA THR A 105 -21.21 1.92 2.09
C THR A 105 -20.13 0.95 2.53
N ASN A 106 -20.56 -0.21 3.04
CA ASN A 106 -19.63 -1.24 3.49
C ASN A 106 -19.39 -2.27 2.41
N ASP A 107 -20.45 -2.65 1.71
CA ASP A 107 -20.34 -3.64 0.64
C ASP A 107 -19.01 -3.52 -0.09
N THR A 108 -18.34 -4.65 -0.26
CA THR A 108 -17.04 -4.68 -0.93
C THR A 108 -17.21 -4.51 -2.44
N ASN A 109 -18.26 -5.12 -2.98
CA ASN A 109 -18.53 -5.04 -4.42
C ASN A 109 -19.15 -3.69 -4.78
N ALA A 110 -19.51 -2.92 -3.76
CA ALA A 110 -20.11 -1.61 -3.97
C ALA A 110 -19.19 -0.49 -3.48
N LYS A 111 -18.91 -0.50 -2.19
CA LYS A 111 -18.04 0.51 -1.59
C LYS A 111 -16.80 0.75 -2.45
N TYR A 112 -16.27 -0.33 -3.03
CA TYR A 112 -15.10 -0.24 -3.88
C TYR A 112 -15.48 0.09 -5.32
N ASN A 113 -16.72 -0.22 -5.67
CA ASN A 113 -17.23 0.04 -7.02
C ASN A 113 -17.79 1.45 -7.12
N SER A 114 -17.37 2.33 -6.21
CA SER A 114 -17.85 3.71 -6.20
C SER A 114 -16.71 4.68 -6.52
N ARG A 115 -17.07 5.92 -6.83
CA ARG A 115 -16.08 6.93 -7.16
C ARG A 115 -15.19 7.24 -5.95
N ALA A 116 -15.81 7.34 -4.77
CA ALA A 116 -15.08 7.61 -3.54
C ALA A 116 -13.90 6.65 -3.38
N ALA A 117 -13.97 5.52 -4.06
CA ALA A 117 -12.91 4.52 -3.98
C ALA A 117 -11.80 4.81 -4.98
N GLN A 118 -12.19 5.16 -6.20
CA GLN A 118 -11.23 5.46 -7.25
C GLN A 118 -10.38 6.67 -6.87
N LEU A 119 -11.05 7.76 -6.51
CA LEU A 119 -10.36 8.99 -6.12
C LEU A 119 -9.20 8.69 -5.17
N TYR A 120 -9.35 7.64 -4.37
CA TYR A 120 -8.32 7.25 -3.43
C TYR A 120 -7.14 6.58 -4.15
N ARG A 121 -7.45 5.51 -4.88
CA ARG A 121 -6.42 4.79 -5.62
C ARG A 121 -5.49 5.74 -6.36
N GLU A 122 -6.06 6.52 -7.28
CA GLU A 122 -5.28 7.47 -8.05
C GLU A 122 -4.34 8.28 -7.14
N LYS A 123 -4.90 8.77 -6.05
CA LYS A 123 -4.11 9.56 -5.09
C LYS A 123 -2.86 8.81 -4.66
N ILE A 124 -3.05 7.58 -4.20
CA ILE A 124 -1.93 6.75 -3.75
C ILE A 124 -0.84 6.69 -4.81
N LYS A 125 -1.23 6.70 -6.07
CA LYS A 125 -0.29 6.65 -7.18
C LYS A 125 0.50 7.97 -7.27
N SER A 126 -0.21 9.09 -7.16
CA SER A 126 0.43 10.40 -7.24
C SER A 126 1.40 10.59 -6.08
N LEU A 127 0.95 10.28 -4.88
CA LEU A 127 1.78 10.42 -3.68
C LEU A 127 2.96 9.44 -3.72
N ALA A 128 2.65 8.16 -3.87
CA ALA A 128 3.68 7.13 -3.93
C ALA A 128 4.92 7.63 -4.66
N SER A 129 4.70 8.43 -5.70
CA SER A 129 5.80 8.98 -6.49
C SER A 129 6.66 9.92 -5.65
N GLN A 130 6.01 10.78 -4.88
CA GLN A 130 6.71 11.72 -4.02
C GLN A 130 7.73 11.02 -3.14
N ALA A 131 7.37 9.82 -2.67
CA ALA A 131 8.27 9.04 -1.82
C ALA A 131 9.23 8.20 -2.65
N THR A 132 8.72 7.65 -3.75
CA THR A 132 9.54 6.82 -4.63
C THR A 132 10.67 7.63 -5.25
N ARG A 133 10.32 8.60 -6.07
CA ARG A 133 11.30 9.46 -6.72
C ARG A 133 12.39 9.88 -5.74
N LYS A 134 11.98 10.36 -4.58
CA LYS A 134 12.91 10.80 -3.56
C LYS A 134 14.10 9.84 -3.46
N HIS A 135 15.30 10.39 -3.60
CA HIS A 135 16.51 9.58 -3.53
C HIS A 135 16.31 8.23 -4.19
N GLY A 136 15.58 8.22 -5.30
CA GLY A 136 15.33 6.97 -6.01
C GLY A 136 15.19 5.79 -5.08
N THR A 137 16.10 4.83 -5.22
CA THR A 137 16.08 3.63 -4.39
C THR A 137 16.36 3.98 -2.92
N ASP A 138 17.43 4.73 -2.69
CA ASP A 138 17.80 5.13 -1.34
C ASP A 138 16.58 5.57 -0.55
N LEU A 139 16.09 4.68 0.32
CA LEU A 139 14.92 4.97 1.14
C LEU A 139 15.00 6.38 1.71
N TRP A 140 14.07 7.24 1.28
CA TRP A 140 14.03 8.61 1.75
C TRP A 140 14.45 8.71 3.21
N LEU A 141 13.92 7.81 4.04
CA LEU A 141 14.23 7.79 5.46
C LEU A 141 15.47 6.95 5.72
N ASP A 142 16.21 7.30 6.78
CA ASP A 142 17.42 6.58 7.14
C ASP A 142 17.15 5.60 8.28
N SER A 143 17.22 4.30 7.97
CA SER A 143 16.98 3.27 8.96
C SER A 143 18.29 2.73 9.52
N SER A 144 19.14 2.23 8.63
CA SER A 144 20.43 1.67 9.02
C SER A 144 21.56 2.24 8.16
N GLY A 145 22.79 2.04 8.60
CA GLY A 145 23.94 2.54 7.86
C GLY A 145 24.78 1.42 7.27
N PRO A 146 24.16 0.64 6.36
CA PRO A 146 24.84 -0.48 5.71
C PRO A 146 25.92 -0.02 4.73
N SER A 147 26.95 -0.84 4.57
CA SER A 147 28.06 -0.51 3.66
C SER A 147 27.94 -1.31 2.37
N SER A 148 27.25 -0.74 1.39
CA SER A 148 27.06 -1.39 0.10
C SER A 148 27.39 -0.44 -1.04
N GLY A 149 27.81 -1.00 -2.17
CA GLY A 149 28.16 -0.19 -3.33
C GLY A 149 27.26 1.03 -3.46
ZN ZN B . -10.41 -8.64 7.33
N GLY A 1 10.08 9.45 -26.97
CA GLY A 1 10.48 8.13 -27.43
C GLY A 1 11.79 7.67 -26.81
N SER A 2 11.91 7.85 -25.50
CA SER A 2 13.12 7.46 -24.78
C SER A 2 12.77 6.91 -23.41
N SER A 3 13.73 6.21 -22.80
CA SER A 3 13.53 5.62 -21.47
C SER A 3 14.33 6.39 -20.41
N GLY A 4 15.64 6.48 -20.61
CA GLY A 4 16.47 7.19 -19.67
C GLY A 4 17.51 6.29 -19.03
N SER A 5 17.84 6.56 -17.78
CA SER A 5 18.83 5.77 -17.05
C SER A 5 18.20 4.49 -16.49
N SER A 6 17.37 3.85 -17.31
CA SER A 6 16.70 2.62 -16.90
C SER A 6 17.67 1.67 -16.21
N GLY A 7 17.13 0.73 -15.45
CA GLY A 7 17.98 -0.23 -14.75
C GLY A 7 18.11 0.09 -13.27
N MET A 8 17.04 -0.15 -12.51
CA MET A 8 17.06 0.12 -11.08
C MET A 8 16.90 -1.18 -10.28
N GLY A 9 17.84 -1.42 -9.38
CA GLY A 9 17.81 -2.62 -8.58
C GLY A 9 16.65 -2.62 -7.60
N ASP A 10 15.60 -3.38 -7.92
CA ASP A 10 14.43 -3.47 -7.07
C ASP A 10 14.83 -3.71 -5.61
N PRO A 11 13.93 -3.33 -4.68
CA PRO A 11 14.18 -3.50 -3.25
C PRO A 11 14.14 -4.95 -2.81
N SER A 12 15.05 -5.33 -1.91
CA SER A 12 15.13 -6.69 -1.42
C SER A 12 14.19 -6.90 -0.24
N LYS A 13 14.03 -8.15 0.18
CA LYS A 13 13.17 -8.49 1.30
C LYS A 13 13.36 -7.50 2.44
N GLN A 14 14.57 -7.47 2.99
CA GLN A 14 14.89 -6.56 4.10
C GLN A 14 14.35 -5.16 3.83
N ASP A 15 14.80 -4.57 2.73
CA ASP A 15 14.36 -3.23 2.36
C ASP A 15 12.84 -3.10 2.47
N ILE A 16 12.12 -4.01 1.81
CA ILE A 16 10.67 -4.00 1.84
C ILE A 16 10.15 -4.04 3.26
N LEU A 17 10.67 -4.96 4.05
CA LEU A 17 10.25 -5.11 5.45
C LEU A 17 10.17 -3.75 6.13
N THR A 18 11.12 -2.87 5.81
CA THR A 18 11.16 -1.54 6.39
C THR A 18 9.89 -0.76 6.07
N ILE A 19 9.75 -0.37 4.81
CA ILE A 19 8.57 0.39 4.36
C ILE A 19 7.34 -0.02 5.16
N PHE A 20 7.25 -1.31 5.49
CA PHE A 20 6.11 -1.82 6.24
C PHE A 20 6.27 -1.54 7.74
N LYS A 21 7.38 -2.02 8.30
CA LYS A 21 7.66 -1.83 9.72
C LYS A 21 7.20 -0.45 10.17
N ARG A 22 7.33 0.53 9.30
CA ARG A 22 6.92 1.90 9.62
C ARG A 22 5.41 2.00 9.78
N LEU A 23 4.69 1.36 8.88
CA LEU A 23 3.23 1.37 8.92
C LEU A 23 2.70 0.32 9.90
N ARG A 24 3.14 -0.92 9.70
CA ARG A 24 2.71 -2.02 10.58
C ARG A 24 2.62 -1.56 12.03
N SER A 25 3.69 -0.92 12.50
CA SER A 25 3.74 -0.44 13.88
C SER A 25 2.46 0.29 14.24
N VAL A 26 2.00 1.17 13.35
CA VAL A 26 0.78 1.94 13.56
C VAL A 26 -0.36 1.03 13.98
N PRO A 27 -1.02 1.39 15.10
CA PRO A 27 -2.15 0.62 15.63
C PRO A 27 -3.39 0.74 14.74
N THR A 28 -3.26 1.47 13.65
CA THR A 28 -4.38 1.65 12.73
C THR A 28 -4.11 0.95 11.39
N ASN A 29 -2.88 0.47 11.22
CA ASN A 29 -2.51 -0.22 9.99
C ASN A 29 -2.31 -1.71 10.25
N LYS A 30 -2.06 -2.06 11.50
CA LYS A 30 -1.85 -3.46 11.87
C LYS A 30 -3.19 -4.19 12.01
N VAL A 31 -4.25 -3.55 11.53
CA VAL A 31 -5.59 -4.13 11.59
C VAL A 31 -6.29 -4.02 10.25
N CYS A 32 -6.67 -5.18 9.69
CA CYS A 32 -7.36 -5.21 8.41
C CYS A 32 -8.37 -4.07 8.30
N PHE A 33 -8.01 -3.04 7.55
CA PHE A 33 -8.89 -1.89 7.37
C PHE A 33 -10.33 -2.34 7.16
N ASP A 34 -10.51 -3.54 6.62
CA ASP A 34 -11.85 -4.07 6.38
C ASP A 34 -12.55 -4.39 7.68
N CYS A 35 -12.11 -5.46 8.36
CA CYS A 35 -12.69 -5.87 9.62
C CYS A 35 -11.87 -5.34 10.80
N GLY A 36 -10.56 -5.53 10.73
CA GLY A 36 -9.69 -5.07 11.79
C GLY A 36 -8.79 -6.18 12.33
N ALA A 37 -8.74 -7.30 11.61
CA ALA A 37 -7.93 -8.43 12.02
C ALA A 37 -6.49 -7.99 12.30
N LYS A 38 -6.03 -8.28 13.51
CA LYS A 38 -4.66 -7.93 13.91
C LYS A 38 -3.64 -8.75 13.14
N ASN A 39 -2.59 -8.09 12.66
CA ASN A 39 -1.54 -8.77 11.92
C ASN A 39 -2.04 -9.20 10.55
N PRO A 40 -2.64 -8.26 9.81
CA PRO A 40 -3.17 -8.52 8.47
C PRO A 40 -2.07 -8.75 7.44
N SER A 41 -1.53 -9.96 7.42
CA SER A 41 -0.46 -10.31 6.49
C SER A 41 -0.74 -9.74 5.11
N TRP A 42 -1.94 -10.00 4.60
CA TRP A 42 -2.33 -9.52 3.28
C TRP A 42 -2.37 -7.98 3.25
N ALA A 43 -2.04 -7.41 2.11
CA ALA A 43 -2.03 -5.96 1.95
C ALA A 43 -2.36 -5.56 0.51
N SER A 44 -3.29 -4.64 0.36
CA SER A 44 -3.70 -4.16 -0.97
C SER A 44 -2.94 -2.89 -1.34
N ILE A 45 -2.15 -2.97 -2.40
CA ILE A 45 -1.37 -1.83 -2.87
C ILE A 45 -2.27 -0.78 -3.50
N THR A 46 -3.24 -1.24 -4.30
CA THR A 46 -4.17 -0.34 -4.98
C THR A 46 -4.68 0.73 -4.02
N TYR A 47 -5.23 0.30 -2.90
CA TYR A 47 -5.76 1.22 -1.90
C TYR A 47 -4.81 1.36 -0.71
N GLY A 48 -3.54 1.04 -0.94
CA GLY A 48 -2.55 1.12 0.11
C GLY A 48 -3.13 0.83 1.48
N VAL A 49 -3.83 -0.30 1.59
CA VAL A 49 -4.44 -0.70 2.85
C VAL A 49 -4.12 -2.15 3.19
N PHE A 50 -4.39 -2.54 4.43
CA PHE A 50 -4.13 -3.90 4.88
C PHE A 50 -5.41 -4.72 4.90
N LEU A 51 -5.27 -6.03 4.70
CA LEU A 51 -6.41 -6.93 4.70
C LEU A 51 -6.04 -8.29 5.27
N CYS A 52 -7.06 -9.13 5.51
CA CYS A 52 -6.84 -10.46 6.07
C CYS A 52 -7.24 -11.53 5.06
N ILE A 53 -6.53 -12.65 5.10
CA ILE A 53 -6.81 -13.77 4.19
C ILE A 53 -8.30 -13.83 3.86
N ASP A 54 -9.14 -13.61 4.87
CA ASP A 54 -10.58 -13.65 4.68
C ASP A 54 -11.04 -12.56 3.71
N CYS A 55 -10.88 -11.31 4.12
CA CYS A 55 -11.28 -10.17 3.30
C CYS A 55 -10.49 -10.17 1.98
N SER A 56 -9.17 -10.13 2.09
CA SER A 56 -8.31 -10.12 0.92
C SER A 56 -8.94 -10.90 -0.23
N GLY A 57 -9.59 -12.01 0.11
CA GLY A 57 -10.23 -12.82 -0.92
C GLY A 57 -11.22 -12.04 -1.76
N SER A 58 -12.09 -11.30 -1.09
CA SER A 58 -13.10 -10.50 -1.77
C SER A 58 -12.47 -9.63 -2.86
N HIS A 59 -11.38 -8.95 -2.49
CA HIS A 59 -10.67 -8.09 -3.43
C HIS A 59 -10.15 -8.88 -4.62
N ARG A 60 -9.54 -10.03 -4.35
CA ARG A 60 -9.00 -10.89 -5.40
C ARG A 60 -10.07 -11.22 -6.42
N SER A 61 -11.30 -11.43 -5.95
CA SER A 61 -12.42 -11.77 -6.82
C SER A 61 -12.67 -10.66 -7.84
N LEU A 62 -12.75 -9.42 -7.34
CA LEU A 62 -12.99 -8.26 -8.19
C LEU A 62 -12.08 -8.30 -9.41
N GLY A 63 -10.77 -8.31 -9.17
CA GLY A 63 -9.82 -8.34 -10.27
C GLY A 63 -8.54 -7.59 -9.94
N VAL A 64 -7.41 -8.28 -10.02
CA VAL A 64 -6.11 -7.67 -9.74
C VAL A 64 -6.07 -6.23 -10.22
N HIS A 65 -6.78 -5.95 -11.31
CA HIS A 65 -6.82 -4.61 -11.88
C HIS A 65 -7.52 -3.65 -10.93
N LEU A 66 -8.67 -4.06 -10.41
CA LEU A 66 -9.45 -3.24 -9.49
C LEU A 66 -8.72 -3.05 -8.17
N SER A 67 -8.22 -4.16 -7.61
CA SER A 67 -7.51 -4.12 -6.35
C SER A 67 -6.43 -5.21 -6.31
N PHE A 68 -5.18 -4.80 -6.46
CA PHE A 68 -4.06 -5.75 -6.43
C PHE A 68 -3.71 -6.14 -5.00
N ILE A 69 -3.55 -7.44 -4.78
CA ILE A 69 -3.22 -7.95 -3.45
C ILE A 69 -1.82 -8.56 -3.43
N ARG A 70 -1.09 -8.32 -2.35
CA ARG A 70 0.26 -8.85 -2.21
C ARG A 70 0.59 -9.13 -0.75
N SER A 71 1.33 -10.21 -0.50
CA SER A 71 1.71 -10.58 0.85
C SER A 71 2.95 -9.81 1.31
N THR A 72 3.10 -9.67 2.62
CA THR A 72 4.24 -8.96 3.19
C THR A 72 5.27 -9.93 3.75
N GLU A 73 4.80 -11.03 4.32
CA GLU A 73 5.68 -12.04 4.89
C GLU A 73 6.17 -13.00 3.82
N LEU A 74 5.27 -13.40 2.93
CA LEU A 74 5.61 -14.33 1.86
C LEU A 74 6.14 -13.58 0.64
N ASP A 75 5.28 -12.78 0.03
CA ASP A 75 5.65 -12.01 -1.15
C ASP A 75 6.70 -10.96 -0.80
N SER A 76 7.90 -11.12 -1.35
CA SER A 76 9.00 -10.19 -1.09
C SER A 76 9.53 -9.61 -2.39
N ASN A 77 8.65 -9.37 -3.34
CA ASN A 77 9.03 -8.82 -4.63
C ASN A 77 8.29 -7.51 -4.91
N TRP A 78 8.01 -6.76 -3.85
CA TRP A 78 7.31 -5.49 -3.98
C TRP A 78 8.16 -4.47 -4.74
N SER A 79 7.50 -3.55 -5.42
CA SER A 79 8.19 -2.52 -6.19
C SER A 79 8.19 -1.20 -5.44
N TRP A 80 9.33 -0.50 -5.49
CA TRP A 80 9.48 0.78 -4.80
C TRP A 80 8.17 1.58 -4.86
N PHE A 81 7.49 1.51 -6.00
CA PHE A 81 6.24 2.23 -6.18
C PHE A 81 5.15 1.64 -5.29
N GLN A 82 4.87 0.35 -5.47
CA GLN A 82 3.85 -0.33 -4.69
C GLN A 82 4.16 -0.23 -3.20
N LEU A 83 5.43 -0.07 -2.87
CA LEU A 83 5.86 0.02 -1.48
C LEU A 83 5.38 1.33 -0.86
N ARG A 84 5.91 2.45 -1.36
CA ARG A 84 5.54 3.76 -0.86
C ARG A 84 4.03 3.95 -0.87
N CYS A 85 3.38 3.37 -1.88
CA CYS A 85 1.93 3.47 -2.01
C CYS A 85 1.23 3.11 -0.69
N MET A 86 1.85 2.21 0.06
CA MET A 86 1.29 1.77 1.34
C MET A 86 1.43 2.88 2.39
N GLN A 87 2.58 3.53 2.39
CA GLN A 87 2.85 4.61 3.34
C GLN A 87 2.01 5.85 3.02
N VAL A 88 2.24 6.40 1.83
CA VAL A 88 1.50 7.59 1.41
C VAL A 88 0.02 7.45 1.67
N GLY A 89 -0.44 6.21 1.83
CA GLY A 89 -1.84 5.96 2.09
C GLY A 89 -2.09 5.46 3.50
N GLY A 90 -2.32 4.16 3.64
CA GLY A 90 -2.57 3.58 4.95
C GLY A 90 -4.05 3.42 5.24
N ASN A 91 -4.38 2.47 6.11
CA ASN A 91 -5.77 2.21 6.47
C ASN A 91 -6.51 3.52 6.76
N ALA A 92 -6.18 4.15 7.88
CA ALA A 92 -6.81 5.40 8.27
C ALA A 92 -7.15 6.24 7.04
N SER A 93 -6.14 6.59 6.26
CA SER A 93 -6.34 7.39 5.06
C SER A 93 -7.69 7.08 4.42
N ALA A 94 -7.88 5.83 4.01
CA ALA A 94 -9.13 5.42 3.38
C ALA A 94 -10.26 5.35 4.40
N SER A 95 -9.97 4.75 5.56
CA SER A 95 -10.97 4.61 6.61
C SER A 95 -11.89 5.82 6.66
N SER A 96 -11.33 7.00 6.37
CA SER A 96 -12.10 8.23 6.38
C SER A 96 -12.37 8.71 4.95
N PHE A 97 -11.34 8.76 4.14
CA PHE A 97 -11.46 9.19 2.75
C PHE A 97 -12.80 8.77 2.17
N PHE A 98 -13.24 7.57 2.53
CA PHE A 98 -14.52 7.04 2.05
C PHE A 98 -15.68 7.85 2.60
N HIS A 99 -15.72 7.99 3.93
CA HIS A 99 -16.79 8.73 4.59
C HIS A 99 -16.69 10.22 4.26
N GLN A 100 -15.53 10.80 4.49
CA GLN A 100 -15.30 12.21 4.22
C GLN A 100 -15.87 12.60 2.86
N HIS A 101 -15.61 11.77 1.86
CA HIS A 101 -16.09 12.02 0.50
C HIS A 101 -17.62 12.05 0.46
N GLY A 102 -18.23 10.93 0.86
CA GLY A 102 -19.68 10.85 0.87
C GLY A 102 -20.18 9.55 0.26
N CYS A 103 -19.54 8.44 0.60
CA CYS A 103 -19.92 7.14 0.07
C CYS A 103 -20.26 6.18 1.21
N SER A 104 -21.56 6.08 1.52
CA SER A 104 -22.01 5.21 2.59
C SER A 104 -22.49 3.86 2.03
N THR A 105 -21.54 2.98 1.76
CA THR A 105 -21.85 1.67 1.21
C THR A 105 -20.99 0.59 1.84
N ASN A 106 -21.61 -0.53 2.23
CA ASN A 106 -20.88 -1.63 2.84
C ASN A 106 -20.42 -2.64 1.79
N ASP A 107 -21.33 -3.00 0.89
CA ASP A 107 -21.01 -3.94 -0.18
C ASP A 107 -19.58 -3.75 -0.68
N THR A 108 -18.84 -4.84 -0.80
CA THR A 108 -17.47 -4.80 -1.27
C THR A 108 -17.40 -4.57 -2.77
N ASN A 109 -18.32 -5.20 -3.50
CA ASN A 109 -18.37 -5.07 -4.95
C ASN A 109 -18.94 -3.72 -5.36
N ALA A 110 -19.51 -3.01 -4.40
CA ALA A 110 -20.10 -1.70 -4.65
C ALA A 110 -19.26 -0.60 -4.03
N LYS A 111 -19.09 -0.66 -2.71
CA LYS A 111 -18.30 0.34 -2.00
C LYS A 111 -17.01 0.65 -2.73
N TYR A 112 -16.34 -0.38 -3.21
CA TYR A 112 -15.09 -0.23 -3.94
C TYR A 112 -15.34 0.22 -5.38
N ASN A 113 -16.49 -0.19 -5.92
CA ASN A 113 -16.85 0.17 -7.28
C ASN A 113 -17.51 1.55 -7.33
N SER A 114 -17.24 2.36 -6.31
CA SER A 114 -17.80 3.70 -6.23
C SER A 114 -16.76 4.75 -6.57
N ARG A 115 -17.18 6.01 -6.59
CA ARG A 115 -16.27 7.12 -6.90
C ARG A 115 -15.27 7.33 -5.78
N ALA A 116 -15.77 7.50 -4.56
CA ALA A 116 -14.92 7.72 -3.40
C ALA A 116 -13.75 6.74 -3.39
N ALA A 117 -14.02 5.50 -3.78
CA ALA A 117 -12.99 4.47 -3.82
C ALA A 117 -11.94 4.78 -4.88
N GLN A 118 -12.39 5.04 -6.10
CA GLN A 118 -11.48 5.36 -7.19
C GLN A 118 -10.58 6.54 -6.84
N LEU A 119 -11.21 7.69 -6.58
CA LEU A 119 -10.47 8.90 -6.23
C LEU A 119 -9.27 8.57 -5.35
N TYR A 120 -9.48 7.67 -4.39
CA TYR A 120 -8.41 7.26 -3.49
C TYR A 120 -7.25 6.62 -4.25
N ARG A 121 -7.53 5.47 -4.85
CA ARG A 121 -6.51 4.74 -5.61
C ARG A 121 -5.57 5.72 -6.33
N GLU A 122 -6.13 6.49 -7.26
CA GLU A 122 -5.34 7.46 -8.02
C GLU A 122 -4.43 8.24 -7.09
N LYS A 123 -5.00 8.84 -6.06
CA LYS A 123 -4.23 9.62 -5.09
C LYS A 123 -2.98 8.88 -4.67
N ILE A 124 -3.13 7.61 -4.31
CA ILE A 124 -1.99 6.79 -3.89
C ILE A 124 -0.88 6.83 -4.92
N LYS A 125 -1.25 6.79 -6.19
CA LYS A 125 -0.27 6.83 -7.28
C LYS A 125 0.49 8.14 -7.28
N SER A 126 -0.23 9.23 -7.01
CA SER A 126 0.39 10.55 -6.98
C SER A 126 1.35 10.69 -5.81
N LEU A 127 0.83 10.48 -4.61
CA LEU A 127 1.64 10.57 -3.39
C LEU A 127 2.81 9.60 -3.45
N ALA A 128 2.54 8.38 -3.89
CA ALA A 128 3.57 7.36 -3.99
C ALA A 128 4.79 7.88 -4.74
N SER A 129 4.54 8.56 -5.86
CA SER A 129 5.61 9.11 -6.68
C SER A 129 6.53 9.99 -5.85
N GLN A 130 5.95 10.81 -4.98
CA GLN A 130 6.72 11.70 -4.13
C GLN A 130 7.79 10.93 -3.36
N ALA A 131 7.36 10.19 -2.34
CA ALA A 131 8.28 9.40 -1.53
C ALA A 131 9.21 8.57 -2.40
N THR A 132 8.65 7.94 -3.42
CA THR A 132 9.42 7.11 -4.34
C THR A 132 10.48 7.94 -5.07
N ARG A 133 10.04 8.72 -6.03
CA ARG A 133 10.95 9.56 -6.82
C ARG A 133 12.01 10.19 -5.91
N LYS A 134 11.55 10.86 -4.85
CA LYS A 134 12.46 11.50 -3.90
C LYS A 134 13.61 10.58 -3.53
N HIS A 135 14.80 11.16 -3.36
CA HIS A 135 15.98 10.38 -3.00
C HIS A 135 16.00 9.05 -3.74
N GLY A 136 15.47 9.04 -4.96
CA GLY A 136 15.43 7.81 -5.74
C GLY A 136 15.27 6.58 -4.88
N THR A 137 16.11 5.57 -5.13
CA THR A 137 16.05 4.33 -4.38
C THR A 137 16.49 4.54 -2.93
N ASP A 138 17.48 5.41 -2.74
CA ASP A 138 17.99 5.71 -1.41
C ASP A 138 16.87 5.69 -0.38
N LEU A 139 16.84 4.66 0.45
CA LEU A 139 15.82 4.52 1.48
C LEU A 139 15.86 5.70 2.44
N TRP A 140 14.86 6.56 2.36
CA TRP A 140 14.77 7.72 3.24
C TRP A 140 14.84 7.32 4.70
N LEU A 141 14.07 6.31 5.07
CA LEU A 141 14.03 5.83 6.44
C LEU A 141 15.41 5.32 6.86
N ASP A 142 16.20 6.19 7.46
CA ASP A 142 17.54 5.84 7.92
C ASP A 142 17.50 4.56 8.75
N SER A 143 18.68 4.02 9.05
CA SER A 143 18.78 2.79 9.83
C SER A 143 19.81 2.95 10.96
N SER A 144 19.36 2.72 12.19
CA SER A 144 20.22 2.85 13.35
C SER A 144 21.62 2.30 13.05
N GLY A 145 21.66 1.12 12.44
CA GLY A 145 22.94 0.50 12.10
C GLY A 145 23.61 1.18 10.93
N PRO A 146 24.92 0.90 10.76
CA PRO A 146 25.71 1.49 9.68
C PRO A 146 25.32 0.94 8.31
N SER A 147 26.04 1.35 7.28
CA SER A 147 25.76 0.90 5.92
C SER A 147 26.00 -0.60 5.79
N SER A 148 25.48 -1.17 4.70
CA SER A 148 25.63 -2.60 4.45
C SER A 148 25.29 -3.41 5.71
N GLY A 149 24.23 -3.00 6.39
CA GLY A 149 23.83 -3.70 7.60
C GLY A 149 23.10 -4.99 7.31
ZN ZN B . -10.47 -8.52 7.29
N GLY A 1 13.70 10.10 -14.68
CA GLY A 1 14.96 10.12 -13.97
C GLY A 1 16.11 9.63 -14.82
N SER A 2 16.67 8.48 -14.45
CA SER A 2 17.79 7.90 -15.18
C SER A 2 17.51 6.45 -15.55
N SER A 3 17.20 5.64 -14.54
CA SER A 3 16.91 4.22 -14.76
C SER A 3 15.41 3.96 -14.69
N GLY A 4 14.81 3.70 -15.85
CA GLY A 4 13.38 3.42 -15.89
C GLY A 4 13.05 1.99 -15.51
N SER A 5 13.54 1.04 -16.29
CA SER A 5 13.28 -0.37 -16.03
C SER A 5 14.50 -1.03 -15.38
N SER A 6 15.63 -0.97 -16.07
CA SER A 6 16.86 -1.56 -15.57
C SER A 6 17.73 -0.51 -14.89
N GLY A 7 18.25 -0.84 -13.70
CA GLY A 7 19.10 0.08 -12.97
C GLY A 7 18.50 0.46 -11.63
N MET A 8 17.30 1.02 -11.66
CA MET A 8 16.63 1.44 -10.43
C MET A 8 16.77 0.38 -9.34
N GLY A 9 16.67 -0.89 -9.73
CA GLY A 9 16.79 -1.97 -8.78
C GLY A 9 15.54 -2.15 -7.94
N ASP A 10 15.06 -3.38 -7.84
CA ASP A 10 13.87 -3.68 -7.05
C ASP A 10 14.20 -3.77 -5.57
N PRO A 11 13.23 -3.41 -4.72
CA PRO A 11 13.41 -3.44 -3.27
C PRO A 11 13.48 -4.87 -2.72
N SER A 12 14.59 -5.21 -2.10
CA SER A 12 14.79 -6.54 -1.54
C SER A 12 13.94 -6.73 -0.29
N LYS A 13 13.82 -7.97 0.16
CA LYS A 13 13.03 -8.29 1.34
C LYS A 13 13.29 -7.28 2.46
N GLN A 14 14.53 -7.19 2.90
CA GLN A 14 14.91 -6.25 3.95
C GLN A 14 14.22 -4.92 3.76
N ASP A 15 14.52 -4.24 2.65
CA ASP A 15 13.93 -2.95 2.35
C ASP A 15 12.41 -2.99 2.55
N ILE A 16 11.77 -3.92 1.87
CA ILE A 16 10.32 -4.07 1.97
C ILE A 16 9.86 -4.13 3.43
N LEU A 17 10.70 -4.71 4.27
CA LEU A 17 10.39 -4.83 5.70
C LEU A 17 10.55 -3.48 6.40
N THR A 18 11.56 -2.73 6.00
CA THR A 18 11.82 -1.42 6.59
C THR A 18 10.69 -0.45 6.30
N ILE A 19 10.06 -0.62 5.14
CA ILE A 19 8.96 0.24 4.74
C ILE A 19 7.65 -0.18 5.41
N PHE A 20 7.53 -1.47 5.70
CA PHE A 20 6.34 -2.00 6.34
C PHE A 20 6.39 -1.78 7.85
N LYS A 21 7.58 -1.93 8.42
CA LYS A 21 7.77 -1.75 9.85
C LYS A 21 7.19 -0.41 10.32
N ARG A 22 7.31 0.60 9.46
CA ARG A 22 6.79 1.93 9.78
C ARG A 22 5.27 1.96 9.70
N LEU A 23 4.72 1.09 8.87
CA LEU A 23 3.26 1.01 8.71
C LEU A 23 2.63 0.16 9.80
N ARG A 24 3.10 -1.07 9.93
CA ARG A 24 2.58 -1.98 10.95
C ARG A 24 2.46 -1.28 12.29
N SER A 25 3.53 -0.61 12.71
CA SER A 25 3.55 0.09 13.98
C SER A 25 2.21 0.79 14.23
N VAL A 26 1.74 1.53 13.23
CA VAL A 26 0.47 2.24 13.35
C VAL A 26 -0.65 1.31 13.80
N PRO A 27 -1.40 1.73 14.82
CA PRO A 27 -2.51 0.95 15.37
C PRO A 27 -3.70 0.88 14.41
N THR A 28 -3.53 1.45 13.22
CA THR A 28 -4.58 1.45 12.22
C THR A 28 -4.19 0.61 11.01
N ASN A 29 -2.90 0.31 10.89
CA ASN A 29 -2.41 -0.51 9.78
C ASN A 29 -2.18 -1.95 10.23
N LYS A 30 -1.98 -2.14 11.53
CA LYS A 30 -1.75 -3.47 12.07
C LYS A 30 -3.07 -4.24 12.20
N VAL A 31 -4.14 -3.66 11.67
CA VAL A 31 -5.45 -4.29 11.71
C VAL A 31 -6.18 -4.15 10.38
N CYS A 32 -6.62 -5.27 9.83
CA CYS A 32 -7.33 -5.28 8.56
C CYS A 32 -8.34 -4.15 8.50
N PHE A 33 -8.09 -3.18 7.62
CA PHE A 33 -8.99 -2.04 7.46
C PHE A 33 -10.43 -2.50 7.27
N ASP A 34 -10.59 -3.71 6.75
CA ASP A 34 -11.91 -4.28 6.52
C ASP A 34 -12.59 -4.63 7.82
N CYS A 35 -12.11 -5.70 8.47
CA CYS A 35 -12.67 -6.15 9.74
C CYS A 35 -11.86 -5.62 10.91
N GLY A 36 -10.54 -5.73 10.82
CA GLY A 36 -9.67 -5.25 11.88
C GLY A 36 -8.76 -6.34 12.41
N ALA A 37 -8.70 -7.47 11.71
CA ALA A 37 -7.87 -8.59 12.11
C ALA A 37 -6.44 -8.13 12.36
N LYS A 38 -5.91 -8.45 13.54
CA LYS A 38 -4.55 -8.08 13.91
C LYS A 38 -3.54 -8.85 13.07
N ASN A 39 -2.43 -8.18 12.73
CA ASN A 39 -1.38 -8.80 11.93
C ASN A 39 -1.91 -9.20 10.55
N PRO A 40 -2.55 -8.24 9.87
CA PRO A 40 -3.11 -8.45 8.53
C PRO A 40 -2.03 -8.63 7.47
N SER A 41 -1.47 -9.83 7.39
CA SER A 41 -0.42 -10.13 6.43
C SER A 41 -0.75 -9.52 5.06
N TRP A 42 -1.91 -9.90 4.53
CA TRP A 42 -2.35 -9.39 3.23
C TRP A 42 -2.46 -7.87 3.24
N ALA A 43 -2.14 -7.24 2.11
CA ALA A 43 -2.21 -5.79 1.99
C ALA A 43 -2.48 -5.37 0.56
N SER A 44 -3.46 -4.49 0.38
CA SER A 44 -3.82 -4.00 -0.94
C SER A 44 -3.03 -2.76 -1.31
N ILE A 45 -2.20 -2.87 -2.34
CA ILE A 45 -1.39 -1.75 -2.79
C ILE A 45 -2.24 -0.67 -3.44
N THR A 46 -3.10 -1.08 -4.36
CA THR A 46 -3.98 -0.14 -5.06
C THR A 46 -4.55 0.89 -4.09
N TYR A 47 -5.11 0.42 -2.99
CA TYR A 47 -5.69 1.32 -1.98
C TYR A 47 -4.74 1.51 -0.81
N GLY A 48 -3.55 0.93 -0.92
CA GLY A 48 -2.56 1.05 0.14
C GLY A 48 -3.15 0.77 1.51
N VAL A 49 -3.94 -0.29 1.60
CA VAL A 49 -4.57 -0.67 2.87
C VAL A 49 -4.21 -2.10 3.27
N PHE A 50 -4.47 -2.44 4.51
CA PHE A 50 -4.18 -3.79 5.02
C PHE A 50 -5.43 -4.64 5.05
N LEU A 51 -5.27 -5.92 4.74
CA LEU A 51 -6.39 -6.85 4.72
C LEU A 51 -5.99 -8.20 5.31
N CYS A 52 -6.97 -9.09 5.48
CA CYS A 52 -6.71 -10.41 6.02
C CYS A 52 -7.09 -11.50 5.03
N ILE A 53 -6.38 -12.62 5.08
CA ILE A 53 -6.65 -13.74 4.19
C ILE A 53 -8.12 -13.81 3.80
N ASP A 54 -8.99 -13.69 4.81
CA ASP A 54 -10.43 -13.74 4.59
C ASP A 54 -10.87 -12.63 3.64
N CYS A 55 -10.77 -11.39 4.09
CA CYS A 55 -11.15 -10.24 3.28
C CYS A 55 -10.33 -10.18 2.00
N SER A 56 -9.02 -10.10 2.15
CA SER A 56 -8.12 -10.04 1.00
C SER A 56 -8.69 -10.80 -0.18
N GLY A 57 -9.33 -11.94 0.11
CA GLY A 57 -9.92 -12.74 -0.95
C GLY A 57 -10.91 -11.97 -1.80
N SER A 58 -11.83 -11.26 -1.15
CA SER A 58 -12.83 -10.48 -1.85
C SER A 58 -12.19 -9.61 -2.92
N HIS A 59 -11.16 -8.86 -2.53
CA HIS A 59 -10.45 -7.98 -3.46
C HIS A 59 -9.90 -8.77 -4.63
N ARG A 60 -9.22 -9.87 -4.35
CA ARG A 60 -8.64 -10.72 -5.38
C ARG A 60 -9.69 -11.10 -6.42
N SER A 61 -10.92 -11.32 -5.95
CA SER A 61 -12.02 -11.70 -6.84
C SER A 61 -12.33 -10.58 -7.83
N LEU A 62 -12.45 -9.37 -7.31
CA LEU A 62 -12.75 -8.20 -8.14
C LEU A 62 -11.86 -8.18 -9.38
N GLY A 63 -10.55 -8.11 -9.16
CA GLY A 63 -9.61 -8.09 -10.27
C GLY A 63 -8.39 -7.25 -9.97
N VAL A 64 -7.21 -7.84 -10.15
CA VAL A 64 -5.96 -7.15 -9.90
C VAL A 64 -6.02 -5.70 -10.37
N HIS A 65 -6.87 -5.44 -11.35
CA HIS A 65 -7.04 -4.09 -11.89
C HIS A 65 -7.71 -3.18 -10.86
N LEU A 66 -8.76 -3.69 -10.22
CA LEU A 66 -9.49 -2.92 -9.22
C LEU A 66 -8.66 -2.78 -7.94
N SER A 67 -8.14 -3.89 -7.45
CA SER A 67 -7.33 -3.89 -6.24
C SER A 67 -6.33 -5.04 -6.24
N PHE A 68 -5.04 -4.69 -6.22
CA PHE A 68 -3.98 -5.70 -6.23
C PHE A 68 -3.63 -6.12 -4.81
N ILE A 69 -3.43 -7.42 -4.61
CA ILE A 69 -3.08 -7.94 -3.30
C ILE A 69 -1.71 -8.60 -3.32
N ARG A 70 -0.91 -8.32 -2.30
CA ARG A 70 0.43 -8.89 -2.19
C ARG A 70 0.82 -9.12 -0.73
N SER A 71 1.50 -10.23 -0.48
CA SER A 71 1.93 -10.56 0.88
C SER A 71 3.21 -9.83 1.24
N THR A 72 3.33 -9.44 2.50
CA THR A 72 4.51 -8.74 2.98
C THR A 72 5.54 -9.72 3.56
N GLU A 73 5.05 -10.72 4.29
CA GLU A 73 5.92 -11.71 4.90
C GLU A 73 6.28 -12.81 3.91
N LEU A 74 5.27 -13.30 3.19
CA LEU A 74 5.47 -14.35 2.21
C LEU A 74 6.05 -13.78 0.92
N ASP A 75 5.25 -12.98 0.21
CA ASP A 75 5.69 -12.37 -1.03
C ASP A 75 6.72 -11.28 -0.78
N SER A 76 7.91 -11.44 -1.37
CA SER A 76 8.98 -10.48 -1.20
C SER A 76 9.44 -9.93 -2.55
N ASN A 77 8.51 -9.84 -3.49
CA ASN A 77 8.82 -9.33 -4.82
C ASN A 77 7.96 -8.12 -5.16
N TRP A 78 7.86 -7.20 -4.20
CA TRP A 78 7.07 -5.98 -4.39
C TRP A 78 7.78 -5.02 -5.34
N SER A 79 7.17 -3.85 -5.55
CA SER A 79 7.74 -2.84 -6.43
C SER A 79 7.93 -1.52 -5.69
N TRP A 80 9.11 -0.94 -5.82
CA TRP A 80 9.42 0.33 -5.16
C TRP A 80 8.19 1.22 -5.10
N PHE A 81 7.51 1.38 -6.24
CA PHE A 81 6.32 2.20 -6.32
C PHE A 81 5.21 1.64 -5.42
N GLN A 82 4.98 0.34 -5.52
CA GLN A 82 3.96 -0.33 -4.73
C GLN A 82 4.27 -0.21 -3.24
N LEU A 83 5.54 -0.07 -2.91
CA LEU A 83 5.96 0.04 -1.53
C LEU A 83 5.45 1.34 -0.90
N ARG A 84 5.85 2.46 -1.47
CA ARG A 84 5.43 3.77 -0.98
C ARG A 84 3.90 3.86 -0.93
N CYS A 85 3.25 3.31 -1.94
CA CYS A 85 1.80 3.33 -2.03
C CYS A 85 1.18 3.08 -0.66
N MET A 86 1.70 2.08 0.05
CA MET A 86 1.19 1.74 1.38
C MET A 86 1.41 2.89 2.35
N GLN A 87 2.52 3.61 2.18
CA GLN A 87 2.85 4.72 3.05
C GLN A 87 1.94 5.92 2.76
N VAL A 88 1.72 6.19 1.49
CA VAL A 88 0.88 7.31 1.08
C VAL A 88 -0.60 6.93 1.15
N GLY A 89 -0.90 5.88 1.91
CA GLY A 89 -2.28 5.44 2.05
C GLY A 89 -2.65 5.17 3.50
N GLY A 90 -2.67 3.89 3.87
CA GLY A 90 -3.02 3.52 5.23
C GLY A 90 -4.51 3.35 5.42
N ASN A 91 -4.89 2.46 6.33
CA ASN A 91 -6.30 2.20 6.60
C ASN A 91 -7.05 3.49 6.90
N ALA A 92 -6.71 4.12 8.01
CA ALA A 92 -7.35 5.38 8.42
C ALA A 92 -7.70 6.22 7.20
N SER A 93 -6.68 6.66 6.47
CA SER A 93 -6.88 7.49 5.29
C SER A 93 -8.20 7.14 4.61
N ALA A 94 -8.30 5.91 4.10
CA ALA A 94 -9.52 5.46 3.43
C ALA A 94 -10.70 5.42 4.41
N SER A 95 -10.46 4.86 5.58
CA SER A 95 -11.51 4.75 6.59
C SER A 95 -12.38 6.00 6.62
N SER A 96 -11.76 7.15 6.36
CA SER A 96 -12.47 8.41 6.35
C SER A 96 -12.72 8.90 4.93
N PHE A 97 -11.66 8.91 4.12
CA PHE A 97 -11.76 9.34 2.74
C PHE A 97 -13.12 8.97 2.15
N PHE A 98 -13.47 7.70 2.26
CA PHE A 98 -14.75 7.21 1.73
C PHE A 98 -15.91 8.09 2.20
N HIS A 99 -16.01 8.26 3.52
CA HIS A 99 -17.07 9.08 4.10
C HIS A 99 -16.94 10.54 3.66
N GLN A 100 -15.74 11.09 3.79
CA GLN A 100 -15.49 12.47 3.40
C GLN A 100 -16.21 12.81 2.11
N HIS A 101 -16.01 11.99 1.09
CA HIS A 101 -16.65 12.20 -0.21
C HIS A 101 -18.16 12.09 -0.09
N GLY A 102 -18.63 10.98 0.47
CA GLY A 102 -20.06 10.78 0.63
C GLY A 102 -20.51 9.43 0.10
N CYS A 103 -19.86 8.37 0.56
CA CYS A 103 -20.20 7.01 0.13
C CYS A 103 -20.34 6.08 1.32
N SER A 104 -21.55 6.03 1.89
CA SER A 104 -21.81 5.18 3.04
C SER A 104 -22.20 3.77 2.61
N THR A 105 -21.47 3.25 1.62
CA THR A 105 -21.73 1.91 1.10
C THR A 105 -20.83 0.88 1.76
N ASN A 106 -21.40 -0.28 2.09
CA ASN A 106 -20.65 -1.35 2.73
C ASN A 106 -20.20 -2.38 1.71
N ASP A 107 -21.12 -2.78 0.83
CA ASP A 107 -20.82 -3.77 -0.20
C ASP A 107 -19.38 -3.62 -0.69
N THR A 108 -18.66 -4.74 -0.76
CA THR A 108 -17.27 -4.73 -1.20
C THR A 108 -17.18 -4.56 -2.71
N ASN A 109 -18.15 -5.13 -3.43
CA ASN A 109 -18.18 -5.04 -4.88
C ASN A 109 -18.70 -3.69 -5.34
N ALA A 110 -19.28 -2.94 -4.40
CA ALA A 110 -19.81 -1.61 -4.71
C ALA A 110 -18.95 -0.52 -4.09
N LYS A 111 -18.79 -0.56 -2.78
CA LYS A 111 -17.98 0.42 -2.06
C LYS A 111 -16.70 0.73 -2.83
N TYR A 112 -16.05 -0.31 -3.32
CA TYR A 112 -14.81 -0.16 -4.07
C TYR A 112 -15.09 0.28 -5.51
N ASN A 113 -16.23 -0.14 -6.04
CA ASN A 113 -16.61 0.20 -7.39
C ASN A 113 -17.30 1.56 -7.44
N SER A 114 -17.11 2.35 -6.38
CA SER A 114 -17.72 3.67 -6.29
C SER A 114 -16.70 4.75 -6.64
N ARG A 115 -17.19 5.96 -6.87
CA ARG A 115 -16.32 7.09 -7.23
C ARG A 115 -15.38 7.42 -6.08
N ALA A 116 -15.93 7.51 -4.86
CA ALA A 116 -15.14 7.82 -3.69
C ALA A 116 -13.93 6.90 -3.57
N ALA A 117 -14.12 5.64 -3.97
CA ALA A 117 -13.05 4.65 -3.90
C ALA A 117 -11.95 4.98 -4.91
N GLN A 118 -12.34 5.21 -6.16
CA GLN A 118 -11.39 5.54 -7.21
C GLN A 118 -10.49 6.70 -6.80
N LEU A 119 -11.11 7.85 -6.56
CA LEU A 119 -10.38 9.05 -6.15
C LEU A 119 -9.18 8.67 -5.28
N TYR A 120 -9.39 7.76 -4.35
CA TYR A 120 -8.33 7.32 -3.45
C TYR A 120 -7.17 6.70 -4.24
N ARG A 121 -7.44 5.58 -4.91
CA ARG A 121 -6.42 4.91 -5.69
C ARG A 121 -5.51 5.91 -6.40
N GLU A 122 -6.10 6.69 -7.31
CA GLU A 122 -5.35 7.69 -8.05
C GLU A 122 -4.43 8.48 -7.12
N LYS A 123 -5.02 9.05 -6.07
CA LYS A 123 -4.26 9.83 -5.11
C LYS A 123 -3.02 9.07 -4.64
N ILE A 124 -3.18 7.79 -4.38
CA ILE A 124 -2.09 6.95 -3.92
C ILE A 124 -0.92 6.99 -4.91
N LYS A 125 -1.24 7.12 -6.19
CA LYS A 125 -0.22 7.18 -7.24
C LYS A 125 0.54 8.49 -7.17
N SER A 126 -0.19 9.60 -7.16
CA SER A 126 0.44 10.92 -7.11
C SER A 126 1.37 11.03 -5.92
N LEU A 127 0.95 10.47 -4.79
CA LEU A 127 1.76 10.51 -3.57
C LEU A 127 2.87 9.46 -3.62
N ALA A 128 2.48 8.22 -3.86
CA ALA A 128 3.46 7.12 -3.94
C ALA A 128 4.70 7.55 -4.72
N SER A 129 4.48 8.25 -5.82
CA SER A 129 5.59 8.72 -6.66
C SER A 129 6.55 9.59 -5.86
N GLN A 130 5.99 10.44 -5.00
CA GLN A 130 6.80 11.33 -4.17
C GLN A 130 7.84 10.55 -3.38
N ALA A 131 7.38 9.78 -2.39
CA ALA A 131 8.27 8.99 -1.56
C ALA A 131 9.27 8.21 -2.42
N THR A 132 8.77 7.56 -3.47
CA THR A 132 9.61 6.78 -4.37
C THR A 132 10.66 7.65 -5.03
N ARG A 133 10.23 8.48 -5.97
CA ARG A 133 11.13 9.38 -6.69
C ARG A 133 12.11 10.03 -5.73
N LYS A 134 11.59 10.61 -4.65
CA LYS A 134 12.43 11.27 -3.66
C LYS A 134 13.62 10.41 -3.29
N HIS A 135 14.83 10.94 -3.51
CA HIS A 135 16.05 10.21 -3.20
C HIS A 135 16.07 8.85 -3.90
N GLY A 136 15.69 8.85 -5.17
CA GLY A 136 15.67 7.61 -5.93
C GLY A 136 15.33 6.41 -5.07
N THR A 137 16.10 5.33 -5.22
CA THR A 137 15.87 4.11 -4.46
C THR A 137 16.59 4.17 -3.12
N ASP A 138 16.59 5.33 -2.49
CA ASP A 138 17.25 5.52 -1.20
C ASP A 138 16.21 5.67 -0.08
N LEU A 139 16.31 4.82 0.92
CA LEU A 139 15.39 4.86 2.06
C LEU A 139 15.37 6.25 2.69
N TRP A 140 14.54 7.14 2.16
CA TRP A 140 14.43 8.49 2.68
C TRP A 140 14.75 8.54 4.17
N LEU A 141 14.07 7.68 4.93
CA LEU A 141 14.28 7.62 6.37
C LEU A 141 15.34 6.58 6.73
N ASP A 142 16.07 6.82 7.81
CA ASP A 142 17.11 5.91 8.26
C ASP A 142 16.64 5.10 9.46
N SER A 143 17.33 4.00 9.74
CA SER A 143 16.99 3.14 10.86
C SER A 143 17.43 3.75 12.19
N SER A 144 16.56 4.55 12.78
CA SER A 144 16.86 5.21 14.04
C SER A 144 17.50 4.23 15.02
N GLY A 145 18.74 4.53 15.41
CA GLY A 145 19.46 3.67 16.34
C GLY A 145 20.34 2.66 15.62
N PRO A 146 21.20 1.98 16.40
CA PRO A 146 22.10 0.96 15.86
C PRO A 146 21.38 -0.29 15.38
N SER A 147 20.28 -0.62 16.06
CA SER A 147 19.50 -1.80 15.70
C SER A 147 19.45 -1.99 14.19
N SER A 148 20.20 -2.97 13.70
CA SER A 148 20.25 -3.25 12.27
C SER A 148 20.63 -4.71 12.02
N GLY A 149 20.07 -5.29 10.97
CA GLY A 149 20.35 -6.67 10.63
C GLY A 149 19.17 -7.37 9.99
ZN ZN B . -10.38 -8.61 7.31
N GLY A 1 18.04 9.29 -19.44
CA GLY A 1 18.44 8.41 -18.35
C GLY A 1 17.41 7.34 -18.07
N SER A 2 16.14 7.72 -18.05
CA SER A 2 15.06 6.78 -17.78
C SER A 2 13.74 7.32 -18.31
N SER A 3 13.07 6.51 -19.14
CA SER A 3 11.80 6.91 -19.72
C SER A 3 10.69 6.85 -18.68
N GLY A 4 10.65 5.76 -17.92
CA GLY A 4 9.63 5.60 -16.88
C GLY A 4 9.98 4.50 -15.90
N SER A 5 11.16 4.61 -15.29
CA SER A 5 11.61 3.62 -14.32
C SER A 5 11.58 2.21 -14.92
N SER A 6 12.02 2.10 -16.16
CA SER A 6 12.04 0.82 -16.86
C SER A 6 13.42 0.17 -16.76
N GLY A 7 13.57 -0.74 -15.81
CA GLY A 7 14.84 -1.42 -15.62
C GLY A 7 15.62 -0.89 -14.44
N MET A 8 15.32 -1.40 -13.25
CA MET A 8 16.00 -0.97 -12.03
C MET A 8 15.95 -2.06 -10.97
N GLY A 9 17.03 -2.17 -10.20
CA GLY A 9 17.09 -3.19 -9.15
C GLY A 9 15.87 -3.14 -8.24
N ASP A 10 15.33 -4.31 -7.93
CA ASP A 10 14.16 -4.41 -7.06
C ASP A 10 14.56 -4.36 -5.59
N PRO A 11 13.64 -3.90 -4.74
CA PRO A 11 13.88 -3.79 -3.30
C PRO A 11 13.96 -5.15 -2.62
N SER A 12 15.01 -5.35 -1.82
CA SER A 12 15.20 -6.61 -1.11
C SER A 12 14.16 -6.78 -0.01
N LYS A 13 14.11 -7.97 0.58
CA LYS A 13 13.18 -8.27 1.65
C LYS A 13 13.31 -7.25 2.78
N GLN A 14 14.49 -7.17 3.36
CA GLN A 14 14.75 -6.24 4.45
C GLN A 14 14.09 -4.89 4.19
N ASP A 15 14.46 -4.27 3.07
CA ASP A 15 13.90 -2.98 2.70
C ASP A 15 12.37 -3.00 2.78
N ILE A 16 11.76 -3.96 2.11
CA ILE A 16 10.31 -4.09 2.11
C ILE A 16 9.76 -4.15 3.54
N LEU A 17 10.53 -4.77 4.42
CA LEU A 17 10.12 -4.90 5.82
C LEU A 17 10.18 -3.55 6.54
N THR A 18 11.11 -2.70 6.10
CA THR A 18 11.28 -1.38 6.69
C THR A 18 10.09 -0.48 6.38
N ILE A 19 9.71 -0.44 5.11
CA ILE A 19 8.58 0.38 4.68
C ILE A 19 7.29 -0.06 5.36
N PHE A 20 7.22 -1.34 5.70
CA PHE A 20 6.04 -1.90 6.35
C PHE A 20 6.09 -1.64 7.86
N LYS A 21 7.23 -1.97 8.47
CA LYS A 21 7.40 -1.78 9.91
C LYS A 21 6.97 -0.38 10.33
N ARG A 22 7.28 0.60 9.48
CA ARG A 22 6.92 1.98 9.77
C ARG A 22 5.41 2.15 9.89
N LEU A 23 4.68 1.39 9.07
CA LEU A 23 3.21 1.46 9.09
C LEU A 23 2.64 0.49 10.11
N ARG A 24 2.92 -0.79 9.94
CA ARG A 24 2.42 -1.82 10.85
C ARG A 24 2.39 -1.29 12.28
N SER A 25 3.49 -0.66 12.70
CA SER A 25 3.58 -0.12 14.05
C SER A 25 2.27 0.54 14.46
N VAL A 26 1.73 1.38 13.58
CA VAL A 26 0.48 2.08 13.85
C VAL A 26 -0.62 1.11 14.24
N PRO A 27 -1.33 1.41 15.34
CA PRO A 27 -2.42 0.58 15.83
C PRO A 27 -3.64 0.61 14.92
N THR A 28 -3.49 1.25 13.76
CA THR A 28 -4.58 1.35 12.79
C THR A 28 -4.23 0.64 11.49
N ASN A 29 -2.96 0.29 11.34
CA ASN A 29 -2.48 -0.39 10.14
C ASN A 29 -2.24 -1.87 10.41
N LYS A 30 -2.00 -2.20 11.68
CA LYS A 30 -1.75 -3.58 12.08
C LYS A 30 -3.05 -4.36 12.20
N VAL A 31 -4.15 -3.75 11.75
CA VAL A 31 -5.46 -4.38 11.82
C VAL A 31 -6.22 -4.20 10.51
N CYS A 32 -6.53 -5.31 9.85
CA CYS A 32 -7.26 -5.27 8.58
C CYS A 32 -8.27 -4.13 8.57
N PHE A 33 -7.96 -3.09 7.80
CA PHE A 33 -8.83 -1.93 7.68
C PHE A 33 -10.28 -2.36 7.47
N ASP A 34 -10.46 -3.53 6.88
CA ASP A 34 -11.80 -4.06 6.63
C ASP A 34 -12.50 -4.45 7.92
N CYS A 35 -12.02 -5.53 8.53
CA CYS A 35 -12.59 -6.03 9.78
C CYS A 35 -11.78 -5.56 10.98
N GLY A 36 -10.46 -5.68 10.86
CA GLY A 36 -9.58 -5.27 11.94
C GLY A 36 -8.69 -6.40 12.43
N ALA A 37 -8.67 -7.50 11.69
CA ALA A 37 -7.87 -8.66 12.06
C ALA A 37 -6.42 -8.26 12.32
N LYS A 38 -5.93 -8.55 13.52
CA LYS A 38 -4.56 -8.22 13.89
C LYS A 38 -3.56 -9.00 13.05
N ASN A 39 -2.47 -8.35 12.68
CA ASN A 39 -1.43 -8.98 11.87
C ASN A 39 -1.97 -9.33 10.49
N PRO A 40 -2.63 -8.36 9.85
CA PRO A 40 -3.20 -8.54 8.50
C PRO A 40 -2.13 -8.66 7.43
N SER A 41 -1.56 -9.86 7.29
CA SER A 41 -0.53 -10.10 6.29
C SER A 41 -0.89 -9.46 4.96
N TRP A 42 -1.92 -9.98 4.31
CA TRP A 42 -2.37 -9.45 3.03
C TRP A 42 -2.44 -7.93 3.06
N ALA A 43 -2.13 -7.30 1.93
CA ALA A 43 -2.16 -5.85 1.83
C ALA A 43 -2.46 -5.40 0.41
N SER A 44 -3.42 -4.50 0.26
CA SER A 44 -3.81 -4.00 -1.04
C SER A 44 -3.04 -2.73 -1.40
N ILE A 45 -2.20 -2.82 -2.42
CA ILE A 45 -1.40 -1.69 -2.86
C ILE A 45 -2.28 -0.58 -3.43
N THR A 46 -3.23 -0.95 -4.28
CA THR A 46 -4.14 0.01 -4.90
C THR A 46 -4.61 1.03 -3.88
N TYR A 47 -5.29 0.57 -2.84
CA TYR A 47 -5.80 1.45 -1.79
C TYR A 47 -4.82 1.53 -0.62
N GLY A 48 -3.59 1.09 -0.86
CA GLY A 48 -2.58 1.13 0.18
C GLY A 48 -3.15 0.84 1.56
N VAL A 49 -3.85 -0.29 1.68
CA VAL A 49 -4.46 -0.67 2.96
C VAL A 49 -4.12 -2.12 3.30
N PHE A 50 -4.34 -2.49 4.56
CA PHE A 50 -4.08 -3.84 5.02
C PHE A 50 -5.35 -4.68 5.04
N LEU A 51 -5.22 -5.96 4.70
CA LEU A 51 -6.36 -6.86 4.69
C LEU A 51 -5.98 -8.23 5.25
N CYS A 52 -6.99 -9.07 5.51
CA CYS A 52 -6.76 -10.40 6.06
C CYS A 52 -7.17 -11.47 5.05
N ILE A 53 -6.47 -12.60 5.11
CA ILE A 53 -6.75 -13.71 4.20
C ILE A 53 -8.23 -13.76 3.84
N ASP A 54 -9.09 -13.57 4.83
CA ASP A 54 -10.54 -13.59 4.61
C ASP A 54 -10.95 -12.49 3.65
N CYS A 55 -10.88 -11.24 4.11
CA CYS A 55 -11.26 -10.10 3.29
C CYS A 55 -10.46 -10.08 1.99
N SER A 56 -9.14 -10.08 2.11
CA SER A 56 -8.25 -10.05 0.95
C SER A 56 -8.87 -10.83 -0.21
N GLY A 57 -9.57 -11.91 0.11
CA GLY A 57 -10.19 -12.73 -0.91
C GLY A 57 -11.17 -11.93 -1.77
N SER A 58 -12.04 -11.17 -1.12
CA SER A 58 -13.03 -10.36 -1.82
C SER A 58 -12.36 -9.50 -2.89
N HIS A 59 -11.25 -8.86 -2.50
CA HIS A 59 -10.52 -8.00 -3.43
C HIS A 59 -10.01 -8.79 -4.62
N ARG A 60 -9.40 -9.93 -4.35
CA ARG A 60 -8.87 -10.78 -5.41
C ARG A 60 -9.90 -10.99 -6.51
N SER A 61 -11.16 -11.14 -6.11
CA SER A 61 -12.25 -11.36 -7.06
C SER A 61 -12.43 -10.14 -7.96
N LEU A 62 -12.47 -8.96 -7.36
CA LEU A 62 -12.64 -7.72 -8.10
C LEU A 62 -11.74 -7.71 -9.34
N GLY A 63 -10.48 -8.06 -9.15
CA GLY A 63 -9.54 -8.08 -10.26
C GLY A 63 -8.26 -7.33 -9.96
N VAL A 64 -7.12 -7.94 -10.27
CA VAL A 64 -5.83 -7.32 -10.03
C VAL A 64 -5.81 -5.87 -10.50
N HIS A 65 -6.69 -5.55 -11.45
CA HIS A 65 -6.78 -4.20 -11.98
C HIS A 65 -7.53 -3.28 -11.02
N LEU A 66 -8.54 -3.84 -10.34
CA LEU A 66 -9.33 -3.08 -9.39
C LEU A 66 -8.60 -2.93 -8.06
N SER A 67 -7.93 -4.00 -7.64
CA SER A 67 -7.19 -4.00 -6.39
C SER A 67 -6.18 -5.13 -6.34
N PHE A 68 -4.90 -4.80 -6.51
CA PHE A 68 -3.84 -5.78 -6.49
C PHE A 68 -3.47 -6.17 -5.06
N ILE A 69 -3.46 -7.46 -4.78
CA ILE A 69 -3.13 -7.96 -3.45
C ILE A 69 -1.72 -8.55 -3.42
N ARG A 70 -1.07 -8.41 -2.28
CA ARG A 70 0.29 -8.93 -2.12
C ARG A 70 0.67 -9.03 -0.64
N SER A 71 1.05 -10.22 -0.21
CA SER A 71 1.43 -10.44 1.18
C SER A 71 2.63 -9.58 1.57
N THR A 72 3.10 -9.75 2.79
CA THR A 72 4.24 -8.98 3.29
C THR A 72 5.41 -9.89 3.65
N GLU A 73 5.08 -11.10 4.10
CA GLU A 73 6.12 -12.07 4.47
C GLU A 73 6.55 -12.89 3.26
N LEU A 74 5.59 -13.49 2.59
CA LEU A 74 5.89 -14.31 1.41
C LEU A 74 6.33 -13.44 0.24
N ASP A 75 5.45 -12.54 -0.21
CA ASP A 75 5.76 -11.65 -1.31
C ASP A 75 6.95 -10.76 -0.97
N SER A 76 8.02 -10.89 -1.74
CA SER A 76 9.23 -10.11 -1.52
C SER A 76 9.62 -9.35 -2.79
N ASN A 77 9.11 -9.82 -3.93
CA ASN A 77 9.41 -9.18 -5.21
C ASN A 77 8.52 -7.96 -5.44
N TRP A 78 8.31 -7.19 -4.37
CA TRP A 78 7.48 -5.99 -4.45
C TRP A 78 8.11 -4.95 -5.36
N SER A 79 7.40 -3.85 -5.57
CA SER A 79 7.90 -2.77 -6.42
C SER A 79 8.07 -1.48 -5.63
N TRP A 80 9.26 -0.91 -5.67
CA TRP A 80 9.55 0.32 -4.95
C TRP A 80 8.33 1.23 -4.92
N PHE A 81 7.76 1.49 -6.10
CA PHE A 81 6.58 2.35 -6.20
C PHE A 81 5.42 1.77 -5.40
N GLN A 82 5.14 0.49 -5.61
CA GLN A 82 4.06 -0.18 -4.90
C GLN A 82 4.20 -0.02 -3.39
N LEU A 83 5.41 -0.21 -2.90
CA LEU A 83 5.69 -0.09 -1.47
C LEU A 83 5.22 1.25 -0.94
N ARG A 84 5.77 2.33 -1.51
CA ARG A 84 5.41 3.68 -1.09
C ARG A 84 3.89 3.82 -0.97
N CYS A 85 3.18 3.38 -2.00
CA CYS A 85 1.73 3.46 -2.01
C CYS A 85 1.14 3.12 -0.64
N MET A 86 1.83 2.23 0.07
CA MET A 86 1.38 1.82 1.40
C MET A 86 1.61 2.92 2.41
N GLN A 87 2.77 3.57 2.34
CA GLN A 87 3.09 4.65 3.26
C GLN A 87 2.28 5.91 2.94
N VAL A 88 2.06 6.16 1.66
CA VAL A 88 1.30 7.32 1.23
C VAL A 88 -0.19 7.04 1.27
N GLY A 89 -0.59 6.08 2.09
CA GLY A 89 -2.00 5.72 2.21
C GLY A 89 -2.40 5.45 3.65
N GLY A 90 -2.33 4.19 4.05
CA GLY A 90 -2.72 3.83 5.41
C GLY A 90 -4.17 3.42 5.51
N ASN A 91 -4.52 2.77 6.62
CA ASN A 91 -5.89 2.33 6.84
C ASN A 91 -6.81 3.51 7.14
N ALA A 92 -6.56 4.18 8.26
CA ALA A 92 -7.36 5.33 8.65
C ALA A 92 -7.62 6.26 7.46
N SER A 93 -6.56 6.60 6.73
CA SER A 93 -6.68 7.48 5.58
C SER A 93 -8.00 7.24 4.85
N ALA A 94 -8.25 5.98 4.49
CA ALA A 94 -9.48 5.63 3.78
C ALA A 94 -10.69 5.72 4.70
N SER A 95 -10.59 5.09 5.87
CA SER A 95 -11.68 5.10 6.84
C SER A 95 -12.40 6.45 6.84
N SER A 96 -11.63 7.52 6.65
CA SER A 96 -12.19 8.86 6.63
C SER A 96 -12.42 9.34 5.19
N PHE A 97 -11.35 9.29 4.39
CA PHE A 97 -11.43 9.71 2.99
C PHE A 97 -12.80 9.37 2.40
N PHE A 98 -13.22 8.13 2.59
CA PHE A 98 -14.50 7.67 2.07
C PHE A 98 -15.66 8.47 2.67
N HIS A 99 -15.78 8.42 3.99
CA HIS A 99 -16.83 9.13 4.69
C HIS A 99 -16.87 10.60 4.25
N GLN A 100 -15.75 11.29 4.41
CA GLN A 100 -15.66 12.69 4.03
C GLN A 100 -16.36 12.95 2.69
N HIS A 101 -16.17 12.03 1.75
CA HIS A 101 -16.79 12.16 0.43
C HIS A 101 -18.30 12.02 0.53
N GLY A 102 -18.76 10.88 1.05
CA GLY A 102 -20.18 10.64 1.19
C GLY A 102 -20.59 9.27 0.69
N CYS A 103 -19.78 8.26 0.99
CA CYS A 103 -20.07 6.90 0.56
C CYS A 103 -20.33 6.00 1.76
N SER A 104 -21.56 6.02 2.26
CA SER A 104 -21.93 5.20 3.40
C SER A 104 -22.23 3.77 2.98
N THR A 105 -21.34 3.20 2.16
CA THR A 105 -21.50 1.84 1.68
C THR A 105 -20.46 0.91 2.28
N ASN A 106 -20.88 -0.27 2.71
CA ASN A 106 -19.98 -1.24 3.31
C ASN A 106 -19.59 -2.31 2.29
N ASP A 107 -20.56 -2.78 1.52
CA ASP A 107 -20.32 -3.80 0.51
C ASP A 107 -18.94 -3.63 -0.12
N THR A 108 -18.23 -4.73 -0.29
CA THR A 108 -16.89 -4.71 -0.87
C THR A 108 -16.97 -4.51 -2.38
N ASN A 109 -17.95 -5.16 -3.02
CA ASN A 109 -18.12 -5.05 -4.46
C ASN A 109 -18.77 -3.72 -4.84
N ALA A 110 -19.19 -2.97 -3.84
CA ALA A 110 -19.81 -1.68 -4.06
C ALA A 110 -18.96 -0.54 -3.51
N LYS A 111 -18.69 -0.58 -2.22
CA LYS A 111 -17.88 0.45 -1.57
C LYS A 111 -16.62 0.73 -2.39
N TYR A 112 -16.02 -0.31 -2.95
CA TYR A 112 -14.82 -0.16 -3.76
C TYR A 112 -15.17 0.21 -5.20
N ASN A 113 -16.35 -0.21 -5.64
CA ASN A 113 -16.81 0.08 -6.99
C ASN A 113 -17.53 1.43 -7.05
N SER A 114 -17.25 2.28 -6.07
CA SER A 114 -17.87 3.60 -6.00
C SER A 114 -16.87 4.68 -6.37
N ARG A 115 -17.34 5.93 -6.44
CA ARG A 115 -16.49 7.06 -6.77
C ARG A 115 -15.47 7.32 -5.66
N ALA A 116 -15.95 7.46 -4.44
CA ALA A 116 -15.08 7.72 -3.29
C ALA A 116 -13.89 6.77 -3.30
N ALA A 117 -14.14 5.49 -3.59
CA ALA A 117 -13.09 4.50 -3.63
C ALA A 117 -12.06 4.82 -4.70
N GLN A 118 -12.54 5.01 -5.93
CA GLN A 118 -11.66 5.32 -7.04
C GLN A 118 -10.72 6.47 -6.70
N LEU A 119 -11.29 7.64 -6.45
CA LEU A 119 -10.52 8.83 -6.10
C LEU A 119 -9.31 8.45 -5.25
N TYR A 120 -9.51 7.49 -4.34
CA TYR A 120 -8.43 7.04 -3.47
C TYR A 120 -7.28 6.44 -4.27
N ARG A 121 -7.58 5.35 -4.97
CA ARG A 121 -6.58 4.67 -5.78
C ARG A 121 -5.66 5.68 -6.48
N GLU A 122 -6.23 6.47 -7.38
CA GLU A 122 -5.47 7.47 -8.11
C GLU A 122 -4.60 8.29 -7.15
N LYS A 123 -5.23 8.86 -6.14
CA LYS A 123 -4.51 9.66 -5.16
C LYS A 123 -3.25 8.95 -4.68
N ILE A 124 -3.39 7.70 -4.30
CA ILE A 124 -2.26 6.90 -3.82
C ILE A 124 -1.15 6.86 -4.87
N LYS A 125 -1.53 6.73 -6.12
CA LYS A 125 -0.56 6.68 -7.22
C LYS A 125 0.30 7.93 -7.24
N SER A 126 -0.31 9.08 -6.97
CA SER A 126 0.40 10.35 -6.95
C SER A 126 1.37 10.41 -5.78
N LEU A 127 0.82 10.47 -4.57
CA LEU A 127 1.63 10.53 -3.36
C LEU A 127 2.74 9.48 -3.39
N ALA A 128 2.40 8.29 -3.86
CA ALA A 128 3.36 7.20 -3.95
C ALA A 128 4.54 7.58 -4.82
N SER A 129 4.26 8.30 -5.91
CA SER A 129 5.30 8.73 -6.84
C SER A 129 6.28 9.68 -6.15
N GLN A 130 5.78 10.47 -5.22
CA GLN A 130 6.61 11.42 -4.50
C GLN A 130 7.71 10.71 -3.73
N ALA A 131 7.31 9.82 -2.82
CA ALA A 131 8.28 9.07 -2.02
C ALA A 131 9.32 8.41 -2.91
N THR A 132 8.86 7.64 -3.89
CA THR A 132 9.76 6.95 -4.81
C THR A 132 10.62 7.94 -5.58
N ARG A 133 9.98 8.84 -6.33
CA ARG A 133 10.70 9.83 -7.12
C ARG A 133 11.98 10.27 -6.41
N LYS A 134 11.84 10.81 -5.21
CA LYS A 134 12.98 11.27 -4.42
C LYS A 134 14.01 10.15 -4.29
N HIS A 135 13.60 9.05 -3.67
CA HIS A 135 14.49 7.91 -3.47
C HIS A 135 13.99 6.68 -4.23
N GLY A 136 14.33 6.59 -5.51
CA GLY A 136 13.90 5.48 -6.32
C GLY A 136 14.19 4.14 -5.66
N THR A 137 15.45 3.69 -5.75
CA THR A 137 15.84 2.42 -5.17
C THR A 137 16.60 2.64 -3.86
N ASP A 138 16.13 3.59 -3.06
CA ASP A 138 16.75 3.89 -1.77
C ASP A 138 15.70 4.11 -0.69
N LEU A 139 16.17 4.34 0.54
CA LEU A 139 15.26 4.57 1.65
C LEU A 139 15.36 6.01 2.15
N TRP A 140 14.53 6.88 1.59
CA TRP A 140 14.52 8.29 1.97
C TRP A 140 14.84 8.46 3.45
N LEU A 141 14.23 7.61 4.28
CA LEU A 141 14.45 7.66 5.72
C LEU A 141 15.90 8.00 6.04
N ASP A 142 16.11 8.83 7.06
CA ASP A 142 17.44 9.23 7.46
C ASP A 142 18.33 8.00 7.72
N SER A 143 17.79 7.05 8.48
CA SER A 143 18.53 5.85 8.81
C SER A 143 18.36 4.79 7.72
N SER A 144 19.42 4.60 6.93
CA SER A 144 19.39 3.63 5.84
C SER A 144 20.28 2.43 6.16
N GLY A 145 19.76 1.50 6.95
CA GLY A 145 20.53 0.32 7.31
C GLY A 145 21.74 0.66 8.17
N PRO A 146 21.89 -0.04 9.30
CA PRO A 146 23.01 0.17 10.22
C PRO A 146 24.34 -0.31 9.63
N SER A 147 24.28 -0.88 8.42
CA SER A 147 25.48 -1.37 7.77
C SER A 147 26.22 -0.24 7.06
N SER A 148 25.48 0.55 6.28
CA SER A 148 26.07 1.67 5.55
C SER A 148 25.28 2.95 5.80
N GLY A 149 25.98 4.08 5.75
CA GLY A 149 25.33 5.37 5.97
C GLY A 149 25.36 6.25 4.74
ZN ZN B . -10.41 -8.50 7.26
N GLY A 1 23.98 15.85 -6.48
CA GLY A 1 25.21 15.12 -6.68
C GLY A 1 25.60 15.01 -8.15
N SER A 2 26.88 15.20 -8.43
CA SER A 2 27.38 15.14 -9.80
C SER A 2 26.96 13.82 -10.46
N SER A 3 27.42 12.71 -9.90
CA SER A 3 27.11 11.40 -10.44
C SER A 3 25.71 10.95 -9.99
N GLY A 4 24.92 10.46 -10.94
CA GLY A 4 23.58 10.01 -10.62
C GLY A 4 23.57 8.62 -10.03
N SER A 5 22.51 7.86 -10.30
CA SER A 5 22.38 6.51 -9.78
C SER A 5 22.78 5.49 -10.82
N SER A 6 23.21 4.31 -10.36
CA SER A 6 23.63 3.24 -11.25
C SER A 6 22.89 1.95 -10.93
N GLY A 7 22.10 1.48 -11.90
CA GLY A 7 21.34 0.26 -11.71
C GLY A 7 20.46 0.30 -10.47
N MET A 8 19.51 1.23 -10.45
CA MET A 8 18.61 1.37 -9.32
C MET A 8 18.22 0.01 -8.76
N GLY A 9 17.85 -0.91 -9.65
CA GLY A 9 17.46 -2.25 -9.21
C GLY A 9 16.16 -2.25 -8.44
N ASP A 10 15.91 -3.33 -7.71
CA ASP A 10 14.69 -3.45 -6.92
C ASP A 10 15.01 -3.71 -5.45
N PRO A 11 14.08 -3.35 -4.56
CA PRO A 11 14.24 -3.53 -3.11
C PRO A 11 14.20 -5.00 -2.72
N SER A 12 14.90 -5.34 -1.63
CA SER A 12 14.95 -6.71 -1.14
C SER A 12 14.01 -6.90 0.05
N LYS A 13 13.75 -8.14 0.40
CA LYS A 13 12.87 -8.46 1.53
C LYS A 13 13.12 -7.51 2.69
N GLN A 14 14.37 -7.47 3.17
CA GLN A 14 14.74 -6.60 4.28
C GLN A 14 14.20 -5.19 4.07
N ASP A 15 14.56 -4.60 2.94
CA ASP A 15 14.11 -3.24 2.62
C ASP A 15 12.59 -3.15 2.68
N ILE A 16 11.92 -4.09 2.02
CA ILE A 16 10.47 -4.12 2.01
C ILE A 16 9.89 -4.14 3.42
N LEU A 17 10.44 -5.01 4.26
CA LEU A 17 9.99 -5.13 5.63
C LEU A 17 9.94 -3.77 6.32
N THR A 18 10.88 -2.91 5.97
CA THR A 18 10.94 -1.57 6.55
C THR A 18 9.70 -0.76 6.20
N ILE A 19 9.56 -0.42 4.93
CA ILE A 19 8.41 0.35 4.46
C ILE A 19 7.14 -0.05 5.21
N PHE A 20 7.05 -1.34 5.57
CA PHE A 20 5.89 -1.85 6.28
C PHE A 20 6.02 -1.58 7.78
N LYS A 21 7.13 -1.99 8.37
CA LYS A 21 7.36 -1.78 9.79
C LYS A 21 6.99 -0.37 10.21
N ARG A 22 7.02 0.55 9.25
CA ARG A 22 6.67 1.94 9.53
C ARG A 22 5.15 2.12 9.63
N LEU A 23 4.42 1.49 8.71
CA LEU A 23 2.97 1.57 8.71
C LEU A 23 2.36 0.59 9.70
N ARG A 24 2.74 -0.67 9.58
CA ARG A 24 2.22 -1.72 10.47
C ARG A 24 2.26 -1.24 11.92
N SER A 25 3.41 -0.72 12.34
CA SER A 25 3.57 -0.25 13.72
C SER A 25 2.29 0.42 14.21
N VAL A 26 1.76 1.34 13.42
CA VAL A 26 0.54 2.05 13.78
C VAL A 26 -0.58 1.07 14.16
N PRO A 27 -1.25 1.34 15.28
CA PRO A 27 -2.34 0.49 15.77
C PRO A 27 -3.58 0.59 14.89
N THR A 28 -3.46 1.27 13.76
CA THR A 28 -4.56 1.45 12.83
C THR A 28 -4.29 0.75 11.50
N ASN A 29 -3.03 0.37 11.29
CA ASN A 29 -2.62 -0.30 10.07
C ASN A 29 -2.36 -1.78 10.32
N LYS A 30 -2.10 -2.12 11.57
CA LYS A 30 -1.83 -3.51 11.95
C LYS A 30 -3.13 -4.29 12.11
N VAL A 31 -4.23 -3.70 11.66
CA VAL A 31 -5.54 -4.35 11.75
C VAL A 31 -6.30 -4.25 10.44
N CYS A 32 -6.58 -5.39 9.83
CA CYS A 32 -7.31 -5.44 8.56
C CYS A 32 -8.34 -4.31 8.49
N PHE A 33 -7.98 -3.23 7.82
CA PHE A 33 -8.87 -2.08 7.67
C PHE A 33 -10.31 -2.54 7.44
N ASP A 34 -10.46 -3.72 6.86
CA ASP A 34 -11.79 -4.28 6.59
C ASP A 34 -12.48 -4.66 7.89
N CYS A 35 -12.01 -5.73 8.52
CA CYS A 35 -12.60 -6.20 9.77
C CYS A 35 -11.81 -5.69 10.97
N GLY A 36 -10.47 -5.78 10.87
CA GLY A 36 -9.63 -5.32 11.96
C GLY A 36 -8.66 -6.39 12.43
N ALA A 37 -8.64 -7.51 11.73
CA ALA A 37 -7.76 -8.62 12.07
C ALA A 37 -6.33 -8.13 12.31
N LYS A 38 -5.78 -8.43 13.48
CA LYS A 38 -4.43 -8.02 13.82
C LYS A 38 -3.40 -8.79 13.01
N ASN A 39 -2.31 -8.13 12.65
CA ASN A 39 -1.25 -8.76 11.86
C ASN A 39 -1.77 -9.17 10.49
N PRO A 40 -2.46 -8.24 9.80
CA PRO A 40 -3.02 -8.49 8.47
C PRO A 40 -1.94 -8.62 7.40
N SER A 41 -1.33 -9.79 7.32
CA SER A 41 -0.27 -10.03 6.34
C SER A 41 -0.63 -9.42 4.99
N TRP A 42 -1.70 -9.92 4.39
CA TRP A 42 -2.15 -9.42 3.09
C TRP A 42 -2.20 -7.90 3.09
N ALA A 43 -1.77 -7.30 1.98
CA ALA A 43 -1.77 -5.85 1.85
C ALA A 43 -2.16 -5.43 0.44
N SER A 44 -3.18 -4.57 0.34
CA SER A 44 -3.65 -4.09 -0.95
C SER A 44 -2.97 -2.78 -1.33
N ILE A 45 -2.11 -2.84 -2.35
CA ILE A 45 -1.40 -1.66 -2.81
C ILE A 45 -2.36 -0.63 -3.39
N THR A 46 -3.36 -1.09 -4.13
CA THR A 46 -4.34 -0.22 -4.74
C THR A 46 -4.84 0.82 -3.74
N TYR A 47 -5.44 0.35 -2.65
CA TYR A 47 -5.97 1.23 -1.62
C TYR A 47 -4.96 1.41 -0.50
N GLY A 48 -3.70 1.08 -0.77
CA GLY A 48 -2.66 1.21 0.22
C GLY A 48 -3.16 0.91 1.63
N VAL A 49 -3.87 -0.20 1.78
CA VAL A 49 -4.40 -0.59 3.07
C VAL A 49 -4.02 -2.03 3.42
N PHE A 50 -4.42 -2.49 4.59
CA PHE A 50 -4.11 -3.84 5.04
C PHE A 50 -5.38 -4.70 5.05
N LEU A 51 -5.19 -6.00 4.83
CA LEU A 51 -6.32 -6.93 4.82
C LEU A 51 -5.89 -8.29 5.35
N CYS A 52 -6.87 -9.19 5.53
CA CYS A 52 -6.60 -10.53 6.03
C CYS A 52 -6.98 -11.59 5.00
N ILE A 53 -6.27 -12.71 5.03
CA ILE A 53 -6.53 -13.80 4.10
C ILE A 53 -8.02 -13.89 3.76
N ASP A 54 -8.86 -13.69 4.77
CA ASP A 54 -10.31 -13.73 4.59
C ASP A 54 -10.78 -12.63 3.64
N CYS A 55 -10.74 -11.39 4.13
CA CYS A 55 -11.16 -10.24 3.34
C CYS A 55 -10.38 -10.17 2.03
N SER A 56 -9.06 -10.13 2.14
CA SER A 56 -8.19 -10.05 0.97
C SER A 56 -8.83 -10.77 -0.22
N GLY A 57 -9.39 -11.95 0.03
CA GLY A 57 -10.02 -12.71 -1.01
C GLY A 57 -11.06 -11.92 -1.77
N SER A 58 -11.95 -11.27 -1.03
CA SER A 58 -13.02 -10.47 -1.63
C SER A 58 -12.46 -9.55 -2.71
N HIS A 59 -11.32 -8.93 -2.42
CA HIS A 59 -10.68 -8.02 -3.36
C HIS A 59 -10.17 -8.78 -4.58
N ARG A 60 -9.52 -9.91 -4.34
CA ARG A 60 -9.00 -10.73 -5.43
C ARG A 60 -10.06 -10.98 -6.49
N SER A 61 -11.26 -11.32 -6.05
CA SER A 61 -12.35 -11.60 -6.96
C SER A 61 -12.62 -10.40 -7.87
N LEU A 62 -12.69 -9.22 -7.26
CA LEU A 62 -12.95 -8.00 -8.01
C LEU A 62 -12.07 -7.93 -9.27
N GLY A 63 -10.78 -8.21 -9.10
CA GLY A 63 -9.86 -8.18 -10.22
C GLY A 63 -8.59 -7.42 -9.91
N VAL A 64 -7.44 -8.05 -10.19
CA VAL A 64 -6.15 -7.43 -9.94
C VAL A 64 -6.16 -5.97 -10.37
N HIS A 65 -7.01 -5.63 -11.34
CA HIS A 65 -7.10 -4.27 -11.84
C HIS A 65 -7.87 -3.38 -10.86
N LEU A 66 -8.92 -3.94 -10.27
CA LEU A 66 -9.74 -3.20 -9.32
C LEU A 66 -9.00 -3.03 -7.98
N SER A 67 -8.35 -4.11 -7.54
CA SER A 67 -7.61 -4.08 -6.29
C SER A 67 -6.51 -5.14 -6.28
N PHE A 68 -5.27 -4.71 -6.44
CA PHE A 68 -4.14 -5.62 -6.46
C PHE A 68 -3.73 -6.00 -5.04
N ILE A 69 -3.62 -7.31 -4.78
CA ILE A 69 -3.24 -7.79 -3.46
C ILE A 69 -1.83 -8.38 -3.48
N ARG A 70 -1.12 -8.24 -2.36
CA ARG A 70 0.24 -8.75 -2.26
C ARG A 70 0.61 -9.00 -0.79
N SER A 71 1.05 -10.22 -0.49
CA SER A 71 1.43 -10.58 0.86
C SER A 71 2.65 -9.78 1.32
N THR A 72 2.86 -9.73 2.63
CA THR A 72 4.00 -9.00 3.20
C THR A 72 5.09 -9.96 3.66
N GLU A 73 4.69 -11.13 4.13
CA GLU A 73 5.63 -12.13 4.61
C GLU A 73 6.17 -12.96 3.45
N LEU A 74 5.27 -13.68 2.78
CA LEU A 74 5.66 -14.53 1.65
C LEU A 74 6.17 -13.68 0.49
N ASP A 75 5.27 -12.92 -0.13
CA ASP A 75 5.64 -12.06 -1.25
C ASP A 75 6.76 -11.11 -0.86
N SER A 76 7.89 -11.22 -1.56
CA SER A 76 9.05 -10.38 -1.28
C SER A 76 9.58 -9.75 -2.57
N ASN A 77 8.67 -9.44 -3.48
CA ASN A 77 9.05 -8.83 -4.76
C ASN A 77 8.32 -7.51 -4.98
N TRP A 78 8.16 -6.74 -3.90
CA TRP A 78 7.48 -5.46 -3.97
C TRP A 78 8.36 -4.42 -4.66
N SER A 79 7.73 -3.56 -5.45
CA SER A 79 8.46 -2.51 -6.17
C SER A 79 8.59 -1.25 -5.31
N TRP A 80 9.67 -0.52 -5.54
CA TRP A 80 9.92 0.72 -4.79
C TRP A 80 8.71 1.64 -4.85
N PHE A 81 8.04 1.66 -5.99
CA PHE A 81 6.87 2.51 -6.18
C PHE A 81 5.67 1.96 -5.39
N GLN A 82 5.45 0.65 -5.52
CA GLN A 82 4.33 0.01 -4.83
C GLN A 82 4.49 0.13 -3.32
N LEU A 83 5.72 -0.06 -2.83
CA LEU A 83 6.00 0.04 -1.41
C LEU A 83 5.51 1.36 -0.84
N ARG A 84 5.96 2.45 -1.45
CA ARG A 84 5.57 3.79 -1.00
C ARG A 84 4.04 3.93 -0.96
N CYS A 85 3.39 3.39 -1.98
CA CYS A 85 1.93 3.46 -2.06
C CYS A 85 1.29 3.11 -0.73
N MET A 86 1.97 2.26 0.04
CA MET A 86 1.47 1.84 1.35
C MET A 86 1.66 2.95 2.38
N GLN A 87 2.79 3.65 2.29
CA GLN A 87 3.09 4.73 3.21
C GLN A 87 2.23 5.96 2.92
N VAL A 88 2.27 6.43 1.69
CA VAL A 88 1.50 7.59 1.28
C VAL A 88 0.01 7.38 1.55
N GLY A 89 -0.36 6.14 1.86
CA GLY A 89 -1.75 5.83 2.14
C GLY A 89 -1.97 5.37 3.57
N GLY A 90 -2.64 4.23 3.72
CA GLY A 90 -2.90 3.70 5.04
C GLY A 90 -4.36 3.35 5.25
N ASN A 91 -4.64 2.61 6.33
CA ASN A 91 -6.01 2.21 6.64
C ASN A 91 -6.88 3.44 6.90
N ALA A 92 -6.70 4.05 8.07
CA ALA A 92 -7.47 5.23 8.44
C ALA A 92 -7.71 6.13 7.24
N SER A 93 -6.65 6.45 6.51
CA SER A 93 -6.75 7.31 5.35
C SER A 93 -8.06 7.06 4.59
N ALA A 94 -8.33 5.79 4.28
CA ALA A 94 -9.54 5.43 3.57
C ALA A 94 -10.75 5.50 4.50
N SER A 95 -10.62 4.93 5.68
CA SER A 95 -11.71 4.94 6.65
C SER A 95 -12.47 6.26 6.62
N SER A 96 -11.74 7.35 6.51
CA SER A 96 -12.34 8.68 6.47
C SER A 96 -12.63 9.10 5.02
N PHE A 97 -11.62 8.96 4.17
CA PHE A 97 -11.78 9.33 2.75
C PHE A 97 -13.14 8.90 2.22
N PHE A 98 -13.49 7.64 2.45
CA PHE A 98 -14.76 7.11 2.00
C PHE A 98 -15.93 7.95 2.51
N HIS A 99 -16.02 8.06 3.84
CA HIS A 99 -17.09 8.84 4.46
C HIS A 99 -17.09 10.27 3.94
N GLN A 100 -15.97 10.97 4.15
CA GLN A 100 -15.85 12.35 3.71
C GLN A 100 -16.53 12.56 2.37
N HIS A 101 -16.32 11.62 1.44
CA HIS A 101 -16.91 11.71 0.12
C HIS A 101 -18.42 11.54 0.19
N GLY A 102 -18.86 10.42 0.77
CA GLY A 102 -20.28 10.15 0.89
C GLY A 102 -20.67 8.79 0.35
N CYS A 103 -19.95 7.76 0.79
CA CYS A 103 -20.22 6.40 0.34
C CYS A 103 -20.95 5.61 1.42
N SER A 104 -20.38 5.61 2.63
CA SER A 104 -20.97 4.89 3.75
C SER A 104 -21.53 3.54 3.29
N THR A 105 -20.75 2.83 2.47
CA THR A 105 -21.17 1.54 1.96
C THR A 105 -20.36 0.41 2.61
N ASN A 106 -21.05 -0.49 3.30
CA ASN A 106 -20.39 -1.61 3.96
C ASN A 106 -20.03 -2.70 2.95
N ASP A 107 -20.89 -2.88 1.95
CA ASP A 107 -20.65 -3.89 0.93
C ASP A 107 -19.22 -3.80 0.40
N THR A 108 -18.86 -4.74 -0.47
CA THR A 108 -17.52 -4.79 -1.04
C THR A 108 -17.57 -4.56 -2.55
N ASN A 109 -18.48 -5.24 -3.22
CA ASN A 109 -18.63 -5.11 -4.66
C ASN A 109 -19.23 -3.76 -5.03
N ALA A 110 -19.59 -2.98 -4.02
CA ALA A 110 -20.18 -1.66 -4.24
C ALA A 110 -19.32 -0.57 -3.62
N LYS A 111 -19.01 -0.72 -2.33
CA LYS A 111 -18.20 0.25 -1.62
C LYS A 111 -16.91 0.53 -2.37
N TYR A 112 -16.31 -0.51 -2.92
CA TYR A 112 -15.07 -0.38 -3.67
C TYR A 112 -15.34 0.03 -5.11
N ASN A 113 -16.51 -0.34 -5.62
CA ASN A 113 -16.90 -0.01 -6.98
C ASN A 113 -17.56 1.36 -7.04
N SER A 114 -17.31 2.18 -6.02
CA SER A 114 -17.89 3.52 -5.96
C SER A 114 -16.85 4.58 -6.35
N ARG A 115 -17.30 5.81 -6.51
CA ARG A 115 -16.42 6.91 -6.88
C ARG A 115 -15.37 7.15 -5.80
N ALA A 116 -15.83 7.39 -4.58
CA ALA A 116 -14.92 7.63 -3.45
C ALA A 116 -13.76 6.65 -3.48
N ALA A 117 -14.06 5.37 -3.65
CA ALA A 117 -13.03 4.34 -3.68
C ALA A 117 -12.00 4.62 -4.77
N GLN A 118 -12.49 4.89 -5.98
CA GLN A 118 -11.62 5.18 -7.10
C GLN A 118 -10.72 6.38 -6.81
N LEU A 119 -11.35 7.53 -6.57
CA LEU A 119 -10.62 8.76 -6.28
C LEU A 119 -9.41 8.47 -5.40
N TYR A 120 -9.58 7.54 -4.47
CA TYR A 120 -8.50 7.16 -3.56
C TYR A 120 -7.33 6.53 -4.33
N ARG A 121 -7.62 5.41 -4.98
CA ARG A 121 -6.59 4.70 -5.75
C ARG A 121 -5.69 5.68 -6.48
N GLU A 122 -6.27 6.43 -7.42
CA GLU A 122 -5.51 7.40 -8.20
C GLU A 122 -4.61 8.23 -7.29
N LYS A 123 -5.20 8.81 -6.25
CA LYS A 123 -4.44 9.63 -5.30
C LYS A 123 -3.20 8.90 -4.82
N ILE A 124 -3.37 7.64 -4.40
CA ILE A 124 -2.27 6.84 -3.90
C ILE A 124 -1.10 6.84 -4.90
N LYS A 125 -1.43 6.68 -6.17
CA LYS A 125 -0.41 6.66 -7.22
C LYS A 125 0.38 7.96 -7.22
N SER A 126 -0.32 9.08 -7.13
CA SER A 126 0.32 10.40 -7.12
C SER A 126 1.33 10.50 -5.98
N LEU A 127 0.81 10.51 -4.75
CA LEU A 127 1.66 10.60 -3.56
C LEU A 127 2.85 9.64 -3.67
N ALA A 128 2.55 8.37 -3.95
CA ALA A 128 3.59 7.36 -4.08
C ALA A 128 4.78 7.88 -4.88
N SER A 129 4.48 8.58 -5.97
CA SER A 129 5.53 9.13 -6.82
C SER A 129 6.49 9.98 -6.02
N GLN A 130 5.94 10.87 -5.18
CA GLN A 130 6.75 11.75 -4.36
C GLN A 130 7.81 10.96 -3.59
N ALA A 131 7.35 9.99 -2.79
CA ALA A 131 8.25 9.16 -2.00
C ALA A 131 9.15 8.32 -2.90
N THR A 132 8.59 7.84 -4.01
CA THR A 132 9.35 7.03 -4.95
C THR A 132 10.51 7.81 -5.55
N ARG A 133 10.19 8.81 -6.36
CA ARG A 133 11.20 9.64 -6.99
C ARG A 133 12.40 9.84 -6.07
N LYS A 134 12.14 10.32 -4.87
CA LYS A 134 13.20 10.55 -3.88
C LYS A 134 14.17 9.37 -3.85
N HIS A 135 15.32 9.58 -3.22
CA HIS A 135 16.33 8.53 -3.10
C HIS A 135 15.68 7.15 -3.07
N GLY A 136 15.65 6.49 -4.22
CA GLY A 136 15.06 5.16 -4.30
C GLY A 136 15.71 4.19 -3.34
N THR A 137 16.47 3.24 -3.88
CA THR A 137 17.14 2.24 -3.07
C THR A 137 17.55 2.80 -1.71
N ASP A 138 18.11 4.01 -1.72
CA ASP A 138 18.52 4.67 -0.49
C ASP A 138 17.32 5.17 0.30
N LEU A 139 16.79 4.32 1.17
CA LEU A 139 15.64 4.67 1.99
C LEU A 139 15.65 6.15 2.33
N TRP A 140 14.72 6.90 1.76
CA TRP A 140 14.63 8.33 2.01
C TRP A 140 14.95 8.66 3.47
N LEU A 141 14.31 7.94 4.38
CA LEU A 141 14.52 8.14 5.81
C LEU A 141 15.83 7.50 6.26
N ASP A 142 16.24 7.78 7.49
CA ASP A 142 17.46 7.23 8.04
C ASP A 142 17.56 5.74 7.76
N SER A 143 18.41 5.37 6.80
CA SER A 143 18.59 3.97 6.43
C SER A 143 19.38 3.23 7.50
N SER A 144 18.69 2.36 8.23
CA SER A 144 19.33 1.58 9.29
C SER A 144 19.61 0.16 8.82
N GLY A 145 20.79 -0.35 9.19
CA GLY A 145 21.17 -1.70 8.80
C GLY A 145 22.56 -1.76 8.22
N PRO A 146 22.89 -2.90 7.61
CA PRO A 146 24.21 -3.12 7.00
C PRO A 146 24.41 -2.27 5.74
N SER A 147 25.59 -2.37 5.14
CA SER A 147 25.91 -1.62 3.94
C SER A 147 25.24 -2.23 2.72
N SER A 148 23.98 -1.87 2.50
CA SER A 148 23.21 -2.39 1.37
C SER A 148 22.02 -1.50 1.07
N GLY A 149 21.64 -1.43 -0.21
CA GLY A 149 20.51 -0.62 -0.61
C GLY A 149 20.37 -0.52 -2.12
ZN ZN B . -10.32 -8.85 7.38
N GLY A 1 0.18 5.42 -22.80
CA GLY A 1 1.23 5.28 -23.80
C GLY A 1 2.41 6.21 -23.53
N SER A 2 3.34 5.75 -22.71
CA SER A 2 4.52 6.56 -22.37
C SER A 2 5.76 5.68 -22.28
N SER A 3 6.92 6.32 -22.10
CA SER A 3 8.18 5.60 -22.01
C SER A 3 8.75 5.69 -20.60
N GLY A 4 9.88 5.03 -20.37
CA GLY A 4 10.51 5.05 -19.06
C GLY A 4 11.19 3.74 -18.72
N SER A 5 11.99 3.76 -17.65
CA SER A 5 12.70 2.55 -17.23
C SER A 5 11.74 1.41 -16.94
N SER A 6 12.28 0.21 -16.82
CA SER A 6 11.46 -0.97 -16.55
C SER A 6 11.85 -1.59 -15.21
N GLY A 7 12.06 -0.75 -14.20
CA GLY A 7 12.42 -1.24 -12.89
C GLY A 7 13.92 -1.22 -12.66
N MET A 8 14.35 -0.66 -11.54
CA MET A 8 15.77 -0.58 -11.21
C MET A 8 16.01 -0.96 -9.75
N GLY A 9 17.14 -1.61 -9.49
CA GLY A 9 17.47 -2.02 -8.14
C GLY A 9 16.24 -2.39 -7.33
N ASP A 10 15.59 -3.48 -7.71
CA ASP A 10 14.39 -3.93 -7.02
C ASP A 10 14.61 -3.93 -5.50
N PRO A 11 13.57 -3.54 -4.76
CA PRO A 11 13.62 -3.47 -3.29
C PRO A 11 13.68 -4.86 -2.66
N SER A 12 14.80 -5.18 -2.03
CA SER A 12 14.99 -6.48 -1.39
C SER A 12 14.06 -6.61 -0.19
N LYS A 13 13.90 -7.85 0.30
CA LYS A 13 13.05 -8.11 1.45
C LYS A 13 13.29 -7.09 2.56
N GLN A 14 14.51 -7.08 3.10
CA GLN A 14 14.86 -6.15 4.16
C GLN A 14 14.26 -4.78 3.90
N ASP A 15 14.57 -4.20 2.75
CA ASP A 15 14.05 -2.89 2.39
C ASP A 15 12.55 -2.83 2.56
N ILE A 16 11.86 -3.81 1.99
CA ILE A 16 10.40 -3.87 2.08
C ILE A 16 9.94 -3.95 3.53
N LEU A 17 10.62 -4.77 4.32
CA LEU A 17 10.28 -4.94 5.73
C LEU A 17 10.17 -3.59 6.42
N THR A 18 11.03 -2.64 6.02
CA THR A 18 11.02 -1.31 6.60
C THR A 18 9.72 -0.58 6.30
N ILE A 19 9.52 -0.22 5.04
CA ILE A 19 8.31 0.48 4.63
C ILE A 19 7.10 0.03 5.44
N PHE A 20 7.07 -1.25 5.78
CA PHE A 20 5.98 -1.81 6.56
C PHE A 20 6.19 -1.56 8.05
N LYS A 21 7.35 -1.98 8.56
CA LYS A 21 7.68 -1.81 9.97
C LYS A 21 7.22 -0.45 10.46
N ARG A 22 7.17 0.53 9.57
CA ARG A 22 6.75 1.88 9.92
C ARG A 22 5.23 1.96 10.02
N LEU A 23 4.54 1.40 9.03
CA LEU A 23 3.09 1.41 9.01
C LEU A 23 2.52 0.42 10.02
N ARG A 24 2.87 -0.85 9.86
CA ARG A 24 2.40 -1.89 10.77
C ARG A 24 2.41 -1.40 12.21
N SER A 25 3.54 -0.82 12.62
CA SER A 25 3.69 -0.32 13.98
C SER A 25 2.43 0.44 14.42
N VAL A 26 1.87 1.23 13.51
CA VAL A 26 0.67 1.99 13.81
C VAL A 26 -0.48 1.08 14.23
N PRO A 27 -1.17 1.47 15.31
CA PRO A 27 -2.31 0.71 15.84
C PRO A 27 -3.52 0.74 14.91
N THR A 28 -3.32 1.25 13.70
CA THR A 28 -4.40 1.34 12.72
C THR A 28 -4.04 0.61 11.44
N ASN A 29 -2.77 0.22 11.32
CA ASN A 29 -2.30 -0.50 10.14
C ASN A 29 -2.09 -1.97 10.46
N LYS A 30 -1.83 -2.27 11.72
CA LYS A 30 -1.60 -3.64 12.15
C LYS A 30 -2.92 -4.41 12.23
N VAL A 31 -4.00 -3.77 11.78
CA VAL A 31 -5.31 -4.39 11.79
C VAL A 31 -6.02 -4.20 10.45
N CYS A 32 -6.52 -5.29 9.88
CA CYS A 32 -7.21 -5.23 8.60
C CYS A 32 -8.20 -4.07 8.57
N PHE A 33 -7.92 -3.08 7.73
CA PHE A 33 -8.77 -1.91 7.61
C PHE A 33 -10.21 -2.32 7.34
N ASP A 34 -10.39 -3.48 6.71
CA ASP A 34 -11.72 -3.98 6.40
C ASP A 34 -12.47 -4.35 7.67
N CYS A 35 -12.01 -5.38 8.35
CA CYS A 35 -12.63 -5.84 9.59
C CYS A 35 -11.86 -5.36 10.80
N GLY A 36 -10.55 -5.57 10.78
CA GLY A 36 -9.71 -5.15 11.89
C GLY A 36 -8.80 -6.26 12.39
N ALA A 37 -8.77 -7.36 11.65
CA ALA A 37 -7.93 -8.50 12.02
C ALA A 37 -6.48 -8.07 12.24
N LYS A 38 -5.98 -8.33 13.44
CA LYS A 38 -4.60 -7.99 13.78
C LYS A 38 -3.61 -8.84 13.01
N ASN A 39 -2.52 -8.23 12.58
CA ASN A 39 -1.49 -8.95 11.83
C ASN A 39 -1.99 -9.32 10.44
N PRO A 40 -2.52 -8.32 9.72
CA PRO A 40 -3.04 -8.52 8.36
C PRO A 40 -1.94 -8.80 7.34
N SER A 41 -1.48 -10.04 7.29
CA SER A 41 -0.43 -10.43 6.37
C SER A 41 -0.67 -9.84 4.98
N TRP A 42 -1.88 -10.00 4.48
CA TRP A 42 -2.26 -9.48 3.17
C TRP A 42 -2.32 -7.95 3.19
N ALA A 43 -2.06 -7.34 2.04
CA ALA A 43 -2.08 -5.89 1.92
C ALA A 43 -2.39 -5.46 0.49
N SER A 44 -3.39 -4.60 0.34
CA SER A 44 -3.78 -4.12 -0.99
C SER A 44 -3.04 -2.82 -1.34
N ILE A 45 -2.15 -2.91 -2.31
CA ILE A 45 -1.38 -1.75 -2.74
C ILE A 45 -2.28 -0.68 -3.33
N THR A 46 -3.21 -1.10 -4.20
CA THR A 46 -4.13 -0.18 -4.84
C THR A 46 -4.63 0.87 -3.84
N TYR A 47 -5.27 0.42 -2.78
CA TYR A 47 -5.79 1.32 -1.76
C TYR A 47 -4.82 1.46 -0.60
N GLY A 48 -3.58 1.02 -0.82
CA GLY A 48 -2.57 1.11 0.22
C GLY A 48 -3.13 0.82 1.60
N VAL A 49 -3.88 -0.27 1.72
CA VAL A 49 -4.48 -0.66 2.99
C VAL A 49 -4.13 -2.10 3.35
N PHE A 50 -4.41 -2.47 4.59
CA PHE A 50 -4.13 -3.83 5.05
C PHE A 50 -5.39 -4.69 5.03
N LEU A 51 -5.22 -5.96 4.69
CA LEU A 51 -6.34 -6.89 4.63
C LEU A 51 -5.97 -8.24 5.22
N CYS A 52 -6.98 -9.06 5.50
CA CYS A 52 -6.75 -10.39 6.06
C CYS A 52 -7.10 -11.48 5.05
N ILE A 53 -6.40 -12.61 5.15
CA ILE A 53 -6.64 -13.72 4.25
C ILE A 53 -8.12 -13.85 3.88
N ASP A 54 -8.98 -13.45 4.82
CA ASP A 54 -10.42 -13.51 4.61
C ASP A 54 -10.86 -12.45 3.61
N CYS A 55 -10.82 -11.19 4.03
CA CYS A 55 -11.21 -10.08 3.17
C CYS A 55 -10.45 -10.10 1.86
N SER A 56 -9.12 -10.14 1.96
CA SER A 56 -8.26 -10.16 0.77
C SER A 56 -8.94 -10.92 -0.37
N GLY A 57 -9.49 -12.09 -0.05
CA GLY A 57 -10.15 -12.90 -1.06
C GLY A 57 -11.13 -12.09 -1.88
N SER A 58 -11.98 -11.33 -1.21
CA SER A 58 -12.98 -10.51 -1.88
C SER A 58 -12.34 -9.63 -2.95
N HIS A 59 -11.22 -9.01 -2.62
CA HIS A 59 -10.49 -8.15 -3.54
C HIS A 59 -10.01 -8.95 -4.75
N ARG A 60 -9.38 -10.09 -4.49
CA ARG A 60 -8.86 -10.94 -5.55
C ARG A 60 -9.94 -11.22 -6.60
N SER A 61 -11.19 -11.27 -6.15
CA SER A 61 -12.31 -11.52 -7.06
C SER A 61 -12.54 -10.33 -7.99
N LEU A 62 -12.63 -9.15 -7.41
CA LEU A 62 -12.85 -7.93 -8.19
C LEU A 62 -11.95 -7.90 -9.42
N GLY A 63 -10.70 -8.31 -9.23
CA GLY A 63 -9.74 -8.32 -10.33
C GLY A 63 -8.49 -7.52 -10.02
N VAL A 64 -7.34 -8.14 -10.25
CA VAL A 64 -6.06 -7.48 -9.99
C VAL A 64 -6.08 -6.04 -10.46
N HIS A 65 -6.87 -5.77 -11.49
CA HIS A 65 -6.99 -4.42 -12.04
C HIS A 65 -7.73 -3.51 -11.08
N LEU A 66 -8.77 -4.04 -10.45
CA LEU A 66 -9.57 -3.27 -9.50
C LEU A 66 -8.82 -3.07 -8.19
N SER A 67 -8.18 -4.13 -7.70
CA SER A 67 -7.42 -4.06 -6.46
C SER A 67 -6.36 -5.16 -6.41
N PHE A 68 -5.11 -4.77 -6.61
CA PHE A 68 -4.00 -5.72 -6.59
C PHE A 68 -3.65 -6.12 -5.16
N ILE A 69 -3.50 -7.41 -4.94
CA ILE A 69 -3.16 -7.93 -3.61
C ILE A 69 -1.72 -8.41 -3.56
N ARG A 70 -1.13 -8.37 -2.37
CA ARG A 70 0.25 -8.81 -2.20
C ARG A 70 0.60 -8.94 -0.71
N SER A 71 1.05 -10.12 -0.30
CA SER A 71 1.40 -10.37 1.09
C SER A 71 2.56 -9.47 1.52
N THR A 72 3.02 -9.67 2.75
CA THR A 72 4.13 -8.88 3.28
C THR A 72 5.31 -9.76 3.65
N GLU A 73 5.02 -10.84 4.38
CA GLU A 73 6.07 -11.78 4.80
C GLU A 73 6.51 -12.66 3.64
N LEU A 74 5.55 -13.25 2.95
CA LEU A 74 5.83 -14.12 1.82
C LEU A 74 6.21 -13.30 0.59
N ASP A 75 5.26 -12.52 0.08
CA ASP A 75 5.49 -11.70 -1.10
C ASP A 75 6.62 -10.70 -0.84
N SER A 76 7.74 -10.90 -1.52
CA SER A 76 8.90 -10.03 -1.36
C SER A 76 9.24 -9.34 -2.69
N ASN A 77 8.67 -9.86 -3.78
CA ASN A 77 8.93 -9.30 -5.11
C ASN A 77 8.09 -8.05 -5.33
N TRP A 78 8.03 -7.19 -4.32
CA TRP A 78 7.26 -5.95 -4.42
C TRP A 78 7.95 -4.95 -5.33
N SER A 79 7.41 -3.74 -5.40
CA SER A 79 7.97 -2.69 -6.23
C SER A 79 8.15 -1.40 -5.45
N TRP A 80 9.16 -0.63 -5.81
CA TRP A 80 9.45 0.64 -5.14
C TRP A 80 8.21 1.52 -5.10
N PHE A 81 7.40 1.45 -6.15
CA PHE A 81 6.19 2.25 -6.24
C PHE A 81 5.10 1.69 -5.34
N GLN A 82 4.98 0.35 -5.33
CA GLN A 82 3.98 -0.31 -4.49
C GLN A 82 4.30 -0.15 -3.02
N LEU A 83 5.59 -0.05 -2.70
CA LEU A 83 6.03 0.10 -1.32
C LEU A 83 5.53 1.42 -0.73
N ARG A 84 5.96 2.53 -1.33
CA ARG A 84 5.55 3.85 -0.87
C ARG A 84 4.03 3.97 -0.81
N CYS A 85 3.36 3.35 -1.78
CA CYS A 85 1.91 3.38 -1.85
C CYS A 85 1.30 3.11 -0.48
N MET A 86 1.79 2.07 0.20
CA MET A 86 1.29 1.72 1.52
C MET A 86 1.55 2.84 2.52
N GLN A 87 2.71 3.47 2.40
CA GLN A 87 3.07 4.57 3.30
C GLN A 87 2.22 5.80 3.04
N VAL A 88 2.30 6.32 1.82
CA VAL A 88 1.53 7.50 1.45
C VAL A 88 0.05 7.34 1.83
N GLY A 89 -0.40 6.10 1.92
CA GLY A 89 -1.78 5.84 2.29
C GLY A 89 -1.91 5.24 3.67
N GLY A 90 -2.62 4.12 3.76
CA GLY A 90 -2.81 3.46 5.04
C GLY A 90 -4.26 3.19 5.35
N ASN A 91 -4.52 2.52 6.47
CA ASN A 91 -5.88 2.19 6.87
C ASN A 91 -6.66 3.45 7.23
N ALA A 92 -6.19 4.17 8.24
CA ALA A 92 -6.83 5.40 8.68
C ALA A 92 -7.19 6.27 7.49
N SER A 93 -6.23 6.49 6.60
CA SER A 93 -6.45 7.31 5.41
C SER A 93 -7.85 7.10 4.85
N ALA A 94 -8.17 5.84 4.56
CA ALA A 94 -9.47 5.49 4.01
C ALA A 94 -10.58 5.66 5.06
N SER A 95 -10.32 5.18 6.27
CA SER A 95 -11.29 5.28 7.35
C SER A 95 -12.03 6.61 7.30
N SER A 96 -11.31 7.67 6.96
CA SER A 96 -11.89 9.00 6.88
C SER A 96 -12.19 9.37 5.42
N PHE A 97 -11.20 9.15 4.55
CA PHE A 97 -11.35 9.47 3.14
C PHE A 97 -12.78 9.20 2.66
N PHE A 98 -13.25 7.97 2.90
CA PHE A 98 -14.60 7.58 2.51
C PHE A 98 -15.64 8.51 3.13
N HIS A 99 -15.73 8.48 4.44
CA HIS A 99 -16.69 9.32 5.16
C HIS A 99 -16.67 10.75 4.62
N GLN A 100 -15.51 11.37 4.64
CA GLN A 100 -15.35 12.74 4.15
C GLN A 100 -16.14 12.93 2.85
N HIS A 101 -16.09 11.94 1.98
CA HIS A 101 -16.79 12.00 0.70
C HIS A 101 -18.21 11.48 0.84
N GLY A 102 -18.82 11.71 2.00
CA GLY A 102 -20.18 11.26 2.24
C GLY A 102 -20.46 9.91 1.59
N CYS A 103 -19.53 8.98 1.76
CA CYS A 103 -19.69 7.64 1.19
C CYS A 103 -19.38 6.56 2.23
N SER A 104 -20.42 6.08 2.89
CA SER A 104 -20.27 5.05 3.92
C SER A 104 -20.90 3.74 3.48
N THR A 105 -20.18 3.00 2.65
CA THR A 105 -20.67 1.72 2.14
C THR A 105 -19.95 0.55 2.80
N ASN A 106 -20.68 -0.25 3.56
CA ASN A 106 -20.11 -1.40 4.24
C ASN A 106 -20.10 -2.63 3.33
N ASP A 107 -19.72 -2.42 2.08
CA ASP A 107 -19.67 -3.50 1.11
C ASP A 107 -18.28 -3.61 0.48
N THR A 108 -18.14 -4.49 -0.51
CA THR A 108 -16.87 -4.69 -1.19
C THR A 108 -17.03 -4.48 -2.70
N ASN A 109 -18.19 -4.88 -3.23
CA ASN A 109 -18.45 -4.75 -4.65
C ASN A 109 -19.09 -3.40 -4.96
N ALA A 110 -19.42 -2.66 -3.91
CA ALA A 110 -20.05 -1.35 -4.07
C ALA A 110 -19.18 -0.24 -3.46
N LYS A 111 -18.58 -0.55 -2.31
CA LYS A 111 -17.72 0.41 -1.62
C LYS A 111 -16.48 0.72 -2.44
N TYR A 112 -15.86 -0.34 -2.97
CA TYR A 112 -14.65 -0.18 -3.78
C TYR A 112 -14.99 0.23 -5.20
N ASN A 113 -16.27 0.12 -5.55
CA ASN A 113 -16.74 0.49 -6.89
C ASN A 113 -17.43 1.85 -6.87
N SER A 114 -17.13 2.64 -5.84
CA SER A 114 -17.73 3.97 -5.71
C SER A 114 -16.71 5.06 -6.04
N ARG A 115 -17.21 6.27 -6.24
CA ARG A 115 -16.36 7.41 -6.57
C ARG A 115 -15.29 7.60 -5.49
N ALA A 116 -15.74 7.75 -4.25
CA ALA A 116 -14.82 7.94 -3.13
C ALA A 116 -13.64 6.99 -3.21
N ALA A 117 -13.93 5.71 -3.39
CA ALA A 117 -12.89 4.69 -3.49
C ALA A 117 -11.93 5.00 -4.63
N GLN A 118 -12.47 5.24 -5.81
CA GLN A 118 -11.66 5.54 -6.99
C GLN A 118 -10.68 6.68 -6.69
N LEU A 119 -11.23 7.84 -6.34
CA LEU A 119 -10.41 9.01 -6.03
C LEU A 119 -9.18 8.60 -5.21
N TYR A 120 -9.39 7.69 -4.26
CA TYR A 120 -8.31 7.22 -3.41
C TYR A 120 -7.20 6.56 -4.23
N ARG A 121 -7.56 5.50 -4.95
CA ARG A 121 -6.61 4.78 -5.78
C ARG A 121 -5.70 5.73 -6.53
N GLU A 122 -6.29 6.52 -7.43
CA GLU A 122 -5.53 7.49 -8.21
C GLU A 122 -4.59 8.30 -7.32
N LYS A 123 -5.14 8.82 -6.22
CA LYS A 123 -4.36 9.61 -5.28
C LYS A 123 -3.09 8.87 -4.87
N ILE A 124 -3.26 7.71 -4.26
CA ILE A 124 -2.14 6.89 -3.81
C ILE A 124 -1.01 6.92 -4.83
N LYS A 125 -1.36 6.68 -6.10
CA LYS A 125 -0.37 6.68 -7.17
C LYS A 125 0.42 7.99 -7.19
N SER A 126 -0.26 9.10 -7.01
CA SER A 126 0.38 10.41 -7.01
C SER A 126 1.38 10.52 -5.86
N LEU A 127 0.89 10.35 -4.64
CA LEU A 127 1.75 10.42 -3.46
C LEU A 127 2.92 9.45 -3.57
N ALA A 128 2.60 8.18 -3.81
CA ALA A 128 3.62 7.15 -3.93
C ALA A 128 4.84 7.67 -4.71
N SER A 129 4.58 8.33 -5.83
CA SER A 129 5.64 8.87 -6.66
C SER A 129 6.57 9.76 -5.85
N GLN A 130 5.97 10.69 -5.10
CA GLN A 130 6.75 11.60 -4.26
C GLN A 130 7.84 10.86 -3.50
N ALA A 131 7.43 9.86 -2.73
CA ALA A 131 8.38 9.05 -1.95
C ALA A 131 9.27 8.21 -2.86
N THR A 132 8.70 7.76 -3.97
CA THR A 132 9.43 6.93 -4.91
C THR A 132 10.55 7.73 -5.58
N ARG A 133 10.18 8.62 -6.50
CA ARG A 133 11.15 9.44 -7.22
C ARG A 133 12.29 9.84 -6.29
N LYS A 134 11.95 10.49 -5.18
CA LYS A 134 12.95 10.92 -4.20
C LYS A 134 13.70 9.74 -3.61
N HIS A 135 14.90 9.49 -4.14
CA HIS A 135 15.71 8.37 -3.66
C HIS A 135 15.01 7.04 -3.88
N GLY A 136 14.58 6.80 -5.12
CA GLY A 136 13.90 5.56 -5.43
C GLY A 136 14.57 4.35 -4.81
N THR A 137 15.69 3.93 -5.39
CA THR A 137 16.42 2.77 -4.89
C THR A 137 17.24 3.14 -3.66
N ASP A 138 16.60 3.82 -2.71
CA ASP A 138 17.27 4.22 -1.48
C ASP A 138 16.26 4.75 -0.46
N LEU A 139 16.15 4.06 0.66
CA LEU A 139 15.23 4.47 1.71
C LEU A 139 15.44 5.92 2.11
N TRP A 140 14.66 6.81 1.49
CA TRP A 140 14.77 8.24 1.78
C TRP A 140 15.12 8.48 3.24
N LEU A 141 14.55 7.65 4.11
CA LEU A 141 14.80 7.78 5.56
C LEU A 141 16.25 8.18 5.82
N ASP A 142 16.43 9.18 6.68
CA ASP A 142 17.76 9.66 7.02
C ASP A 142 18.76 8.51 7.05
N SER A 143 19.97 8.78 6.58
CA SER A 143 21.03 7.77 6.54
C SER A 143 21.10 7.02 7.87
N SER A 144 20.84 5.72 7.81
CA SER A 144 20.87 4.88 9.01
C SER A 144 22.16 4.07 9.07
N GLY A 145 22.36 3.36 10.18
CA GLY A 145 23.55 2.54 10.33
C GLY A 145 23.25 1.06 10.33
N PRO A 146 22.98 0.52 9.13
CA PRO A 146 22.67 -0.90 8.95
C PRO A 146 23.88 -1.79 9.20
N SER A 147 23.67 -3.11 9.06
CA SER A 147 24.74 -4.07 9.28
C SER A 147 25.17 -4.70 7.95
N SER A 148 26.32 -5.39 7.98
CA SER A 148 26.84 -6.04 6.78
C SER A 148 26.56 -7.53 6.80
N GLY A 149 25.62 -7.96 5.96
CA GLY A 149 25.27 -9.37 5.90
C GLY A 149 25.39 -9.94 4.50
ZN ZN B . -10.37 -8.42 7.20
N GLY A 1 12.97 17.15 -9.71
CA GLY A 1 13.92 16.05 -9.73
C GLY A 1 13.86 15.28 -11.04
N SER A 2 14.06 15.98 -12.15
CA SER A 2 14.03 15.36 -13.47
C SER A 2 15.13 14.31 -13.59
N SER A 3 14.84 13.10 -13.15
CA SER A 3 15.80 12.00 -13.21
C SER A 3 15.37 10.94 -14.22
N GLY A 4 15.96 10.98 -15.41
CA GLY A 4 15.62 10.03 -16.44
C GLY A 4 16.68 8.95 -16.61
N SER A 5 16.87 8.15 -15.57
CA SER A 5 17.86 7.08 -15.59
C SER A 5 17.19 5.71 -15.58
N SER A 6 17.11 5.08 -16.75
CA SER A 6 16.48 3.78 -16.87
C SER A 6 17.33 2.70 -16.20
N GLY A 7 16.67 1.75 -15.56
CA GLY A 7 17.38 0.68 -14.88
C GLY A 7 17.62 0.98 -13.41
N MET A 8 16.84 0.33 -12.55
CA MET A 8 16.97 0.52 -11.10
C MET A 8 16.87 -0.80 -10.37
N GLY A 9 17.64 -0.93 -9.28
CA GLY A 9 17.63 -2.15 -8.51
C GLY A 9 16.41 -2.27 -7.62
N ASP A 10 15.69 -3.38 -7.74
CA ASP A 10 14.49 -3.61 -6.95
C ASP A 10 14.83 -3.69 -5.46
N PRO A 11 13.86 -3.33 -4.62
CA PRO A 11 14.04 -3.37 -3.15
C PRO A 11 14.12 -4.79 -2.61
N SER A 12 15.22 -5.10 -1.93
CA SER A 12 15.41 -6.43 -1.37
C SER A 12 14.40 -6.70 -0.25
N LYS A 13 14.25 -7.98 0.09
CA LYS A 13 13.31 -8.38 1.13
C LYS A 13 13.42 -7.45 2.35
N GLN A 14 14.57 -7.51 3.02
CA GLN A 14 14.80 -6.69 4.20
C GLN A 14 14.28 -5.28 3.99
N ASP A 15 14.62 -4.68 2.85
CA ASP A 15 14.18 -3.33 2.52
C ASP A 15 12.66 -3.22 2.59
N ILE A 16 11.97 -4.15 1.93
CA ILE A 16 10.51 -4.16 1.93
C ILE A 16 9.96 -4.28 3.34
N LEU A 17 10.64 -5.05 4.17
CA LEU A 17 10.22 -5.26 5.56
C LEU A 17 10.08 -3.92 6.29
N THR A 18 10.99 -3.00 6.00
CA THR A 18 10.98 -1.68 6.62
C THR A 18 9.73 -0.91 6.23
N ILE A 19 9.63 -0.54 4.96
CA ILE A 19 8.49 0.20 4.45
C ILE A 19 7.21 -0.19 5.18
N PHE A 20 7.11 -1.48 5.52
CA PHE A 20 5.93 -1.98 6.22
C PHE A 20 6.08 -1.80 7.74
N LYS A 21 7.11 -2.41 8.30
CA LYS A 21 7.36 -2.30 9.74
C LYS A 21 6.99 -0.92 10.26
N ARG A 22 7.19 0.09 9.42
CA ARG A 22 6.87 1.46 9.80
C ARG A 22 5.37 1.66 9.96
N LEU A 23 4.62 1.17 8.98
CA LEU A 23 3.16 1.28 9.01
C LEU A 23 2.56 0.28 9.99
N ARG A 24 3.08 -0.93 10.00
CA ARG A 24 2.60 -1.98 10.90
C ARG A 24 2.49 -1.46 12.33
N SER A 25 3.55 -0.81 12.81
CA SER A 25 3.57 -0.27 14.16
C SER A 25 2.24 0.40 14.50
N VAL A 26 1.73 1.19 13.55
CA VAL A 26 0.48 1.90 13.75
C VAL A 26 -0.65 0.93 14.11
N PRO A 27 -1.47 1.33 15.10
CA PRO A 27 -2.59 0.50 15.56
C PRO A 27 -3.71 0.42 14.53
N THR A 28 -3.91 1.50 13.78
CA THR A 28 -4.95 1.54 12.76
C THR A 28 -4.48 0.87 11.48
N ASN A 29 -3.19 0.54 11.42
CA ASN A 29 -2.63 -0.11 10.25
C ASN A 29 -2.42 -1.61 10.50
N LYS A 30 -2.18 -1.97 11.75
CA LYS A 30 -1.97 -3.35 12.13
C LYS A 30 -3.29 -4.09 12.24
N VAL A 31 -4.35 -3.49 11.73
CA VAL A 31 -5.69 -4.08 11.77
C VAL A 31 -6.39 -3.97 10.43
N CYS A 32 -6.75 -5.13 9.86
CA CYS A 32 -7.42 -5.16 8.57
C CYS A 32 -8.46 -4.05 8.46
N PHE A 33 -8.10 -2.99 7.73
CA PHE A 33 -8.99 -1.85 7.56
C PHE A 33 -10.42 -2.31 7.31
N ASP A 34 -10.56 -3.51 6.77
CA ASP A 34 -11.88 -4.08 6.48
C ASP A 34 -12.60 -4.45 7.77
N CYS A 35 -12.14 -5.52 8.42
CA CYS A 35 -12.75 -5.97 9.67
C CYS A 35 -11.98 -5.46 10.88
N GLY A 36 -10.66 -5.59 10.82
CA GLY A 36 -9.82 -5.13 11.92
C GLY A 36 -8.91 -6.21 12.45
N ALA A 37 -8.83 -7.32 11.72
CA ALA A 37 -7.98 -8.44 12.13
C ALA A 37 -6.55 -7.98 12.36
N LYS A 38 -6.05 -8.22 13.58
CA LYS A 38 -4.69 -7.83 13.93
C LYS A 38 -3.66 -8.61 13.12
N ASN A 39 -2.54 -7.97 12.80
CA ASN A 39 -1.49 -8.61 12.03
C ASN A 39 -2.00 -9.03 10.65
N PRO A 40 -2.62 -8.07 9.94
CA PRO A 40 -3.16 -8.32 8.59
C PRO A 40 -2.07 -8.52 7.55
N SER A 41 -1.52 -9.74 7.51
CA SER A 41 -0.46 -10.07 6.57
C SER A 41 -0.75 -9.47 5.20
N TRP A 42 -1.88 -9.87 4.61
CA TRP A 42 -2.27 -9.38 3.30
C TRP A 42 -2.31 -7.85 3.28
N ALA A 43 -1.92 -7.27 2.15
CA ALA A 43 -1.91 -5.81 2.00
C ALA A 43 -2.25 -5.42 0.57
N SER A 44 -3.25 -4.55 0.42
CA SER A 44 -3.67 -4.09 -0.89
C SER A 44 -2.96 -2.78 -1.26
N ILE A 45 -2.06 -2.86 -2.24
CA ILE A 45 -1.32 -1.68 -2.68
C ILE A 45 -2.26 -0.64 -3.28
N THR A 46 -3.26 -1.09 -4.01
CA THR A 46 -4.23 -0.20 -4.63
C THR A 46 -4.60 0.94 -3.71
N TYR A 47 -5.22 0.61 -2.58
CA TYR A 47 -5.64 1.62 -1.61
C TYR A 47 -4.64 1.70 -0.47
N GLY A 48 -3.45 1.13 -0.67
CA GLY A 48 -2.43 1.16 0.35
C GLY A 48 -2.97 0.84 1.73
N VAL A 49 -3.83 -0.17 1.81
CA VAL A 49 -4.42 -0.58 3.08
C VAL A 49 -4.10 -2.03 3.40
N PHE A 50 -4.31 -2.41 4.66
CA PHE A 50 -4.04 -3.78 5.10
C PHE A 50 -5.32 -4.60 5.13
N LEU A 51 -5.20 -5.90 4.85
CA LEU A 51 -6.34 -6.79 4.85
C LEU A 51 -5.96 -8.17 5.40
N CYS A 52 -6.97 -9.01 5.59
CA CYS A 52 -6.74 -10.35 6.12
C CYS A 52 -7.15 -11.41 5.10
N ILE A 53 -6.44 -12.54 5.09
CA ILE A 53 -6.73 -13.62 4.17
C ILE A 53 -8.23 -13.71 3.87
N ASP A 54 -9.03 -13.58 4.91
CA ASP A 54 -10.48 -13.64 4.76
C ASP A 54 -10.98 -12.56 3.82
N CYS A 55 -10.71 -11.31 4.17
CA CYS A 55 -11.12 -10.17 3.35
C CYS A 55 -10.35 -10.14 2.03
N SER A 56 -9.03 -10.05 2.14
CA SER A 56 -8.17 -10.00 0.95
C SER A 56 -8.78 -10.81 -0.19
N GLY A 57 -9.36 -11.95 0.15
CA GLY A 57 -9.97 -12.82 -0.85
C GLY A 57 -10.99 -12.09 -1.70
N SER A 58 -11.90 -11.37 -1.04
CA SER A 58 -12.94 -10.63 -1.74
C SER A 58 -12.33 -9.72 -2.80
N HIS A 59 -11.27 -9.01 -2.43
CA HIS A 59 -10.60 -8.09 -3.34
C HIS A 59 -10.06 -8.85 -4.56
N ARG A 60 -9.40 -9.98 -4.31
CA ARG A 60 -8.84 -10.78 -5.39
C ARG A 60 -9.92 -11.14 -6.41
N SER A 61 -11.14 -11.32 -5.94
CA SER A 61 -12.25 -11.68 -6.81
C SER A 61 -12.55 -10.55 -7.80
N LEU A 62 -12.64 -9.33 -7.27
CA LEU A 62 -12.92 -8.16 -8.11
C LEU A 62 -12.03 -8.15 -9.34
N GLY A 63 -10.72 -8.27 -9.12
CA GLY A 63 -9.78 -8.27 -10.23
C GLY A 63 -8.53 -7.47 -9.93
N VAL A 64 -7.37 -8.06 -10.16
CA VAL A 64 -6.10 -7.40 -9.92
C VAL A 64 -6.19 -5.91 -10.26
N HIS A 65 -6.85 -5.60 -11.37
CA HIS A 65 -7.01 -4.22 -11.81
C HIS A 65 -7.80 -3.42 -10.79
N LEU A 66 -8.87 -4.01 -10.28
CA LEU A 66 -9.72 -3.35 -9.30
C LEU A 66 -8.99 -3.17 -7.97
N SER A 67 -8.28 -4.21 -7.54
CA SER A 67 -7.53 -4.16 -6.30
C SER A 67 -6.39 -5.18 -6.30
N PHE A 68 -5.17 -4.69 -6.47
CA PHE A 68 -3.99 -5.54 -6.51
C PHE A 68 -3.59 -5.98 -5.10
N ILE A 69 -3.56 -7.29 -4.87
CA ILE A 69 -3.20 -7.82 -3.56
C ILE A 69 -1.82 -8.47 -3.60
N ARG A 70 -1.06 -8.28 -2.53
CA ARG A 70 0.28 -8.84 -2.43
C ARG A 70 0.66 -9.12 -0.98
N SER A 71 1.48 -10.14 -0.78
CA SER A 71 1.92 -10.51 0.56
C SER A 71 3.15 -9.72 0.98
N THR A 72 3.24 -9.42 2.27
CA THR A 72 4.37 -8.66 2.81
C THR A 72 5.47 -9.58 3.28
N GLU A 73 5.09 -10.77 3.75
CA GLU A 73 6.06 -11.74 4.24
C GLU A 73 6.46 -12.72 3.13
N LEU A 74 5.48 -13.37 2.54
CA LEU A 74 5.73 -14.32 1.46
C LEU A 74 6.34 -13.63 0.25
N ASP A 75 5.54 -12.83 -0.44
CA ASP A 75 6.01 -12.11 -1.62
C ASP A 75 7.04 -11.05 -1.24
N SER A 76 8.24 -11.17 -1.79
CA SER A 76 9.32 -10.23 -1.50
C SER A 76 9.83 -9.58 -2.78
N ASN A 77 8.93 -9.38 -3.73
CA ASN A 77 9.28 -8.76 -5.00
C ASN A 77 8.49 -7.48 -5.24
N TRP A 78 8.25 -6.74 -4.16
CA TRP A 78 7.50 -5.49 -4.24
C TRP A 78 8.32 -4.41 -4.94
N SER A 79 7.64 -3.55 -5.69
CA SER A 79 8.30 -2.47 -6.41
C SER A 79 8.32 -1.19 -5.58
N TRP A 80 9.46 -0.50 -5.58
CA TRP A 80 9.60 0.73 -4.83
C TRP A 80 8.29 1.50 -4.80
N PHE A 81 7.57 1.50 -5.92
CA PHE A 81 6.29 2.20 -6.01
C PHE A 81 5.25 1.55 -5.11
N GLN A 82 4.90 0.30 -5.42
CA GLN A 82 3.92 -0.43 -4.64
C GLN A 82 4.19 -0.31 -3.15
N LEU A 83 5.48 -0.27 -2.79
CA LEU A 83 5.88 -0.16 -1.40
C LEU A 83 5.39 1.16 -0.80
N ARG A 84 5.91 2.27 -1.32
CA ARG A 84 5.52 3.59 -0.82
C ARG A 84 4.01 3.77 -0.89
N CYS A 85 3.38 3.15 -1.88
CA CYS A 85 1.93 3.24 -2.04
C CYS A 85 1.21 2.91 -0.74
N MET A 86 1.87 2.14 0.11
CA MET A 86 1.30 1.74 1.40
C MET A 86 1.43 2.87 2.41
N GLN A 87 2.61 3.48 2.46
CA GLN A 87 2.86 4.58 3.40
C GLN A 87 2.03 5.80 3.03
N VAL A 88 2.22 6.30 1.82
CA VAL A 88 1.49 7.47 1.35
C VAL A 88 0.00 7.34 1.63
N GLY A 89 -0.46 6.10 1.83
CA GLY A 89 -1.85 5.85 2.11
C GLY A 89 -2.11 5.53 3.56
N GLY A 90 -2.56 4.30 3.83
CA GLY A 90 -2.84 3.89 5.19
C GLY A 90 -4.30 3.53 5.39
N ASN A 91 -4.56 2.70 6.40
CA ASN A 91 -5.93 2.27 6.70
C ASN A 91 -6.83 3.48 6.94
N ALA A 92 -6.55 4.23 8.00
CA ALA A 92 -7.33 5.41 8.33
C ALA A 92 -7.52 6.31 7.11
N SER A 93 -6.43 6.57 6.40
CA SER A 93 -6.47 7.42 5.22
C SER A 93 -7.74 7.14 4.40
N ALA A 94 -8.02 5.86 4.16
CA ALA A 94 -9.19 5.47 3.40
C ALA A 94 -10.45 5.55 4.25
N SER A 95 -10.40 4.98 5.44
CA SER A 95 -11.54 4.97 6.35
C SER A 95 -12.28 6.31 6.29
N SER A 96 -11.51 7.40 6.23
CA SER A 96 -12.08 8.74 6.17
C SER A 96 -12.32 9.17 4.73
N PHE A 97 -11.24 9.16 3.94
CA PHE A 97 -11.32 9.55 2.53
C PHE A 97 -12.67 9.15 1.94
N PHE A 98 -12.96 7.85 1.98
CA PHE A 98 -14.21 7.33 1.43
C PHE A 98 -15.41 8.14 1.95
N HIS A 99 -15.50 8.27 3.28
CA HIS A 99 -16.58 9.01 3.90
C HIS A 99 -16.63 10.45 3.38
N GLN A 100 -15.50 11.13 3.48
CA GLN A 100 -15.42 12.52 3.02
C GLN A 100 -16.21 12.72 1.73
N HIS A 101 -16.00 11.83 0.77
CA HIS A 101 -16.70 11.90 -0.51
C HIS A 101 -18.19 11.60 -0.33
N GLY A 102 -18.48 10.53 0.41
CA GLY A 102 -19.86 10.15 0.63
C GLY A 102 -20.25 8.87 -0.10
N CYS A 103 -19.35 7.88 -0.06
CA CYS A 103 -19.60 6.61 -0.73
C CYS A 103 -20.93 6.01 -0.27
N SER A 104 -21.19 6.05 1.03
CA SER A 104 -22.42 5.51 1.58
C SER A 104 -22.61 4.06 1.16
N THR A 105 -21.52 3.29 1.18
CA THR A 105 -21.56 1.88 0.80
C THR A 105 -20.78 1.02 1.78
N ASN A 106 -21.33 -0.15 2.10
CA ASN A 106 -20.68 -1.07 3.03
C ASN A 106 -20.17 -2.32 2.30
N ASP A 107 -20.88 -2.69 1.24
CA ASP A 107 -20.50 -3.86 0.45
C ASP A 107 -19.03 -3.79 0.04
N THR A 108 -18.58 -4.80 -0.71
CA THR A 108 -17.21 -4.86 -1.17
C THR A 108 -17.13 -4.77 -2.68
N ASN A 109 -18.08 -5.41 -3.35
CA ASN A 109 -18.12 -5.41 -4.82
C ASN A 109 -18.71 -4.10 -5.34
N ALA A 110 -19.23 -3.28 -4.44
CA ALA A 110 -19.82 -2.00 -4.81
C ALA A 110 -19.02 -0.84 -4.23
N LYS A 111 -18.78 -0.89 -2.93
CA LYS A 111 -18.03 0.16 -2.25
C LYS A 111 -16.71 0.44 -2.97
N TYR A 112 -16.02 -0.63 -3.36
CA TYR A 112 -14.74 -0.51 -4.05
C TYR A 112 -14.96 -0.22 -5.53
N ASN A 113 -16.08 -0.67 -6.06
CA ASN A 113 -16.41 -0.46 -7.47
C ASN A 113 -17.12 0.89 -7.67
N SER A 114 -16.91 1.80 -6.72
CA SER A 114 -17.52 3.13 -6.80
C SER A 114 -16.47 4.20 -6.99
N ARG A 115 -16.92 5.40 -7.38
CA ARG A 115 -16.01 6.52 -7.61
C ARG A 115 -15.18 6.80 -6.36
N ALA A 116 -15.88 7.03 -5.24
CA ALA A 116 -15.21 7.32 -3.98
C ALA A 116 -13.98 6.43 -3.79
N ALA A 117 -14.02 5.24 -4.38
CA ALA A 117 -12.92 4.30 -4.27
C ALA A 117 -11.80 4.65 -5.24
N GLN A 118 -12.16 4.99 -6.47
CA GLN A 118 -11.19 5.35 -7.49
C GLN A 118 -10.42 6.61 -7.09
N LEU A 119 -11.14 7.63 -6.64
CA LEU A 119 -10.52 8.88 -6.23
C LEU A 119 -9.37 8.63 -5.27
N TYR A 120 -9.48 7.55 -4.50
CA TYR A 120 -8.45 7.18 -3.54
C TYR A 120 -7.25 6.54 -4.24
N ARG A 121 -7.53 5.53 -5.05
CA ARG A 121 -6.48 4.83 -5.79
C ARG A 121 -5.62 5.80 -6.58
N GLU A 122 -6.25 6.52 -7.50
CA GLU A 122 -5.54 7.49 -8.33
C GLU A 122 -4.62 8.36 -7.48
N LYS A 123 -5.11 8.78 -6.32
CA LYS A 123 -4.34 9.62 -5.41
C LYS A 123 -3.08 8.88 -4.93
N ILE A 124 -3.25 7.60 -4.62
CA ILE A 124 -2.13 6.79 -4.15
C ILE A 124 -1.00 6.76 -5.16
N LYS A 125 -1.35 6.73 -6.45
CA LYS A 125 -0.37 6.71 -7.51
C LYS A 125 0.39 8.02 -7.58
N SER A 126 -0.29 9.12 -7.26
CA SER A 126 0.32 10.44 -7.28
C SER A 126 1.26 10.62 -6.11
N LEU A 127 0.83 10.19 -4.93
CA LEU A 127 1.65 10.30 -3.72
C LEU A 127 2.84 9.36 -3.78
N ALA A 128 2.56 8.06 -3.88
CA ALA A 128 3.61 7.05 -3.94
C ALA A 128 4.83 7.59 -4.70
N SER A 129 4.57 8.37 -5.74
CA SER A 129 5.65 8.94 -6.55
C SER A 129 6.54 9.84 -5.71
N GLN A 130 5.92 10.72 -4.94
CA GLN A 130 6.66 11.65 -4.08
C GLN A 130 7.70 10.90 -3.24
N ALA A 131 7.28 9.77 -2.67
CA ALA A 131 8.18 8.97 -1.84
C ALA A 131 9.14 8.16 -2.71
N THR A 132 8.64 7.67 -3.84
CA THR A 132 9.46 6.87 -4.75
C THR A 132 10.52 7.73 -5.43
N ARG A 133 10.07 8.64 -6.29
CA ARG A 133 10.98 9.53 -7.02
C ARG A 133 12.07 10.07 -6.08
N LYS A 134 11.63 10.70 -5.00
CA LYS A 134 12.57 11.27 -4.02
C LYS A 134 13.73 10.31 -3.77
N HIS A 135 14.92 10.87 -3.57
CA HIS A 135 16.11 10.07 -3.31
C HIS A 135 16.05 8.75 -4.09
N GLY A 136 15.60 8.82 -5.33
CA GLY A 136 15.51 7.63 -6.16
C GLY A 136 15.19 6.39 -5.35
N THR A 137 16.08 5.41 -5.40
CA THR A 137 15.89 4.16 -4.67
C THR A 137 16.63 4.19 -3.34
N ASP A 138 16.54 5.31 -2.63
CA ASP A 138 17.21 5.46 -1.35
C ASP A 138 16.21 5.82 -0.27
N LEU A 139 16.00 4.91 0.68
CA LEU A 139 15.07 5.13 1.78
C LEU A 139 15.04 6.60 2.19
N TRP A 140 14.12 7.35 1.62
CA TRP A 140 13.99 8.77 1.92
C TRP A 140 14.35 9.05 3.37
N LEU A 141 13.91 8.19 4.27
CA LEU A 141 14.20 8.34 5.69
C LEU A 141 15.59 8.92 5.90
N ASP A 142 16.61 8.22 5.41
CA ASP A 142 17.99 8.67 5.54
C ASP A 142 18.88 7.94 4.55
N SER A 143 19.99 8.58 4.18
CA SER A 143 20.93 8.01 3.23
C SER A 143 21.86 7.01 3.92
N SER A 144 22.30 6.00 3.17
CA SER A 144 23.19 4.98 3.71
C SER A 144 24.63 5.24 3.30
N GLY A 145 25.57 4.81 4.14
CA GLY A 145 26.98 5.01 3.85
C GLY A 145 27.42 4.26 2.61
N PRO A 146 28.72 4.34 2.29
CA PRO A 146 29.30 3.68 1.13
C PRO A 146 29.34 2.17 1.28
N SER A 147 28.35 1.49 0.71
CA SER A 147 28.28 0.03 0.79
C SER A 147 28.68 -0.61 -0.54
N SER A 148 28.99 -1.90 -0.49
CA SER A 148 29.40 -2.63 -1.69
C SER A 148 28.67 -3.97 -1.77
N GLY A 149 28.72 -4.59 -2.95
CA GLY A 149 28.08 -5.87 -3.15
C GLY A 149 27.91 -6.22 -4.61
ZN ZN B . -10.42 -8.53 7.31
N GLY A 1 26.83 6.52 -8.76
CA GLY A 1 27.30 7.29 -9.89
C GLY A 1 27.51 6.45 -11.13
N SER A 2 26.41 5.97 -11.70
CA SER A 2 26.48 5.12 -12.90
C SER A 2 25.23 5.29 -13.76
N SER A 3 25.37 5.02 -15.04
CA SER A 3 24.25 5.15 -15.98
C SER A 3 23.06 4.33 -15.51
N GLY A 4 23.30 3.04 -15.27
CA GLY A 4 22.23 2.16 -14.82
C GLY A 4 21.98 1.02 -15.78
N SER A 5 22.83 0.00 -15.73
CA SER A 5 22.70 -1.16 -16.61
C SER A 5 21.30 -1.75 -16.51
N SER A 6 20.83 -1.96 -15.29
CA SER A 6 19.50 -2.53 -15.07
C SER A 6 18.58 -1.51 -14.40
N GLY A 7 17.71 -0.90 -15.21
CA GLY A 7 16.79 0.09 -14.70
C GLY A 7 17.42 0.98 -13.64
N MET A 8 16.97 0.82 -12.39
CA MET A 8 17.50 1.61 -11.28
C MET A 8 17.81 0.73 -10.08
N GLY A 9 16.95 -0.25 -9.83
CA GLY A 9 17.15 -1.14 -8.70
C GLY A 9 15.84 -1.63 -8.10
N ASP A 10 15.91 -2.72 -7.35
CA ASP A 10 14.72 -3.28 -6.73
C ASP A 10 14.89 -3.34 -5.20
N PRO A 11 13.80 -3.05 -4.48
CA PRO A 11 13.81 -3.06 -3.01
C PRO A 11 13.93 -4.48 -2.44
N SER A 12 15.09 -4.78 -1.87
CA SER A 12 15.33 -6.10 -1.31
C SER A 12 14.39 -6.36 -0.13
N LYS A 13 14.33 -7.62 0.30
CA LYS A 13 13.47 -8.01 1.41
C LYS A 13 13.62 -7.04 2.58
N GLN A 14 14.84 -6.93 3.10
CA GLN A 14 15.11 -6.04 4.21
C GLN A 14 14.45 -4.68 4.00
N ASP A 15 14.60 -4.14 2.79
CA ASP A 15 14.01 -2.85 2.46
C ASP A 15 12.49 -2.90 2.53
N ILE A 16 11.91 -3.88 1.86
CA ILE A 16 10.45 -4.04 1.86
C ILE A 16 9.90 -4.13 3.28
N LEU A 17 10.58 -4.93 4.11
CA LEU A 17 10.15 -5.10 5.50
C LEU A 17 10.01 -3.76 6.20
N THR A 18 11.12 -3.05 6.34
CA THR A 18 11.13 -1.74 6.98
C THR A 18 9.88 -0.93 6.61
N ILE A 19 9.84 -0.45 5.37
CA ILE A 19 8.72 0.33 4.89
C ILE A 19 7.41 -0.16 5.51
N PHE A 20 7.28 -1.47 5.65
CA PHE A 20 6.08 -2.06 6.23
C PHE A 20 6.06 -1.89 7.75
N LYS A 21 7.09 -2.41 8.40
CA LYS A 21 7.20 -2.31 9.85
C LYS A 21 6.84 -0.90 10.33
N ARG A 22 7.27 0.10 9.58
CA ARG A 22 7.00 1.49 9.93
C ARG A 22 5.49 1.74 9.99
N LEU A 23 4.75 1.12 9.08
CA LEU A 23 3.30 1.28 9.04
C LEU A 23 2.62 0.35 10.03
N ARG A 24 3.12 -0.88 10.12
CA ARG A 24 2.56 -1.87 11.03
C ARG A 24 2.47 -1.32 12.45
N SER A 25 3.55 -0.69 12.90
CA SER A 25 3.59 -0.11 14.25
C SER A 25 2.25 0.51 14.61
N VAL A 26 1.74 1.36 13.73
CA VAL A 26 0.46 2.02 13.95
C VAL A 26 -0.63 1.01 14.28
N PRO A 27 -1.42 1.31 15.33
CA PRO A 27 -2.52 0.43 15.76
C PRO A 27 -3.68 0.41 14.77
N THR A 28 -3.67 1.38 13.85
CA THR A 28 -4.73 1.48 12.85
C THR A 28 -4.32 0.77 11.56
N ASN A 29 -3.04 0.46 11.45
CA ASN A 29 -2.53 -0.22 10.26
C ASN A 29 -2.32 -1.70 10.52
N LYS A 30 -2.02 -2.04 11.78
CA LYS A 30 -1.79 -3.42 12.17
C LYS A 30 -3.12 -4.17 12.27
N VAL A 31 -4.20 -3.53 11.83
CA VAL A 31 -5.51 -4.15 11.87
C VAL A 31 -6.24 -3.98 10.53
N CYS A 32 -6.61 -5.09 9.92
CA CYS A 32 -7.30 -5.07 8.64
C CYS A 32 -8.31 -3.91 8.58
N PHE A 33 -8.00 -2.90 7.77
CA PHE A 33 -8.86 -1.74 7.63
C PHE A 33 -10.31 -2.17 7.39
N ASP A 34 -10.48 -3.36 6.84
CA ASP A 34 -11.82 -3.88 6.56
C ASP A 34 -12.54 -4.25 7.85
N CYS A 35 -12.09 -5.33 8.49
CA CYS A 35 -12.70 -5.79 9.72
C CYS A 35 -11.88 -5.31 10.93
N GLY A 36 -10.57 -5.50 10.86
CA GLY A 36 -9.71 -5.09 11.96
C GLY A 36 -8.80 -6.20 12.43
N ALA A 37 -8.78 -7.31 11.68
CA ALA A 37 -7.95 -8.45 12.04
C ALA A 37 -6.51 -8.02 12.31
N LYS A 38 -6.04 -8.26 13.53
CA LYS A 38 -4.68 -7.90 13.92
C LYS A 38 -3.66 -8.70 13.12
N ASN A 39 -2.58 -8.03 12.71
CA ASN A 39 -1.53 -8.69 11.94
C ASN A 39 -2.02 -9.08 10.56
N PRO A 40 -2.61 -8.12 9.85
CA PRO A 40 -3.14 -8.34 8.49
C PRO A 40 -2.04 -8.57 7.47
N SER A 41 -1.54 -9.80 7.41
CA SER A 41 -0.47 -10.16 6.47
C SER A 41 -0.79 -9.63 5.08
N TRP A 42 -1.99 -9.92 4.59
CA TRP A 42 -2.40 -9.47 3.26
C TRP A 42 -2.44 -7.95 3.19
N ALA A 43 -2.06 -7.41 2.04
CA ALA A 43 -2.04 -5.97 1.84
C ALA A 43 -2.40 -5.61 0.40
N SER A 44 -3.22 -4.57 0.23
CA SER A 44 -3.64 -4.14 -1.09
C SER A 44 -2.91 -2.87 -1.50
N ILE A 45 -1.97 -3.00 -2.43
CA ILE A 45 -1.19 -1.86 -2.91
C ILE A 45 -2.10 -0.78 -3.47
N THR A 46 -3.07 -1.19 -4.29
CA THR A 46 -4.00 -0.26 -4.89
C THR A 46 -4.42 0.82 -3.91
N TYR A 47 -5.07 0.42 -2.83
CA TYR A 47 -5.53 1.35 -1.81
C TYR A 47 -4.52 1.45 -0.67
N GLY A 48 -3.30 0.98 -0.93
CA GLY A 48 -2.27 1.02 0.09
C GLY A 48 -2.80 0.73 1.48
N VAL A 49 -3.72 -0.22 1.58
CA VAL A 49 -4.30 -0.59 2.86
C VAL A 49 -3.97 -2.03 3.22
N PHE A 50 -4.36 -2.43 4.43
CA PHE A 50 -4.10 -3.78 4.91
C PHE A 50 -5.39 -4.59 4.96
N LEU A 51 -5.28 -5.90 4.73
CA LEU A 51 -6.43 -6.78 4.75
C LEU A 51 -6.08 -8.14 5.35
N CYS A 52 -7.08 -8.98 5.55
CA CYS A 52 -6.88 -10.30 6.12
C CYS A 52 -7.21 -11.39 5.10
N ILE A 53 -6.58 -12.55 5.25
CA ILE A 53 -6.81 -13.66 4.34
C ILE A 53 -8.27 -13.76 3.94
N ASP A 54 -9.16 -13.37 4.86
CA ASP A 54 -10.59 -13.41 4.60
C ASP A 54 -10.99 -12.31 3.62
N CYS A 55 -10.99 -11.06 4.09
CA CYS A 55 -11.36 -9.94 3.26
C CYS A 55 -10.57 -9.94 1.95
N SER A 56 -9.25 -9.98 2.06
CA SER A 56 -8.38 -9.98 0.90
C SER A 56 -9.02 -10.76 -0.25
N GLY A 57 -9.55 -11.94 0.06
CA GLY A 57 -10.19 -12.76 -0.96
C GLY A 57 -11.21 -11.99 -1.77
N SER A 58 -12.06 -11.22 -1.07
CA SER A 58 -13.09 -10.44 -1.75
C SER A 58 -12.49 -9.58 -2.85
N HIS A 59 -11.35 -8.95 -2.56
CA HIS A 59 -10.68 -8.10 -3.54
C HIS A 59 -10.19 -8.92 -4.73
N ARG A 60 -9.55 -10.05 -4.45
CA ARG A 60 -9.04 -10.93 -5.50
C ARG A 60 -10.12 -11.19 -6.55
N SER A 61 -11.34 -11.37 -6.10
CA SER A 61 -12.46 -11.64 -7.00
C SER A 61 -12.70 -10.46 -7.94
N LEU A 62 -12.95 -9.29 -7.35
CA LEU A 62 -13.20 -8.08 -8.13
C LEU A 62 -12.32 -8.06 -9.38
N GLY A 63 -11.02 -8.27 -9.19
CA GLY A 63 -10.09 -8.27 -10.31
C GLY A 63 -8.81 -7.54 -9.99
N VAL A 64 -7.68 -8.20 -10.21
CA VAL A 64 -6.37 -7.61 -9.94
C VAL A 64 -6.31 -6.16 -10.44
N HIS A 65 -7.16 -5.84 -11.42
CA HIS A 65 -7.20 -4.49 -11.97
C HIS A 65 -7.85 -3.52 -10.99
N LEU A 66 -8.91 -3.98 -10.32
CA LEU A 66 -9.62 -3.15 -9.36
C LEU A 66 -8.79 -2.95 -8.09
N SER A 67 -8.30 -4.06 -7.54
CA SER A 67 -7.50 -4.01 -6.32
C SER A 67 -6.48 -5.15 -6.30
N PHE A 68 -5.22 -4.82 -6.54
CA PHE A 68 -4.16 -5.81 -6.55
C PHE A 68 -3.77 -6.20 -5.13
N ILE A 69 -3.66 -7.51 -4.88
CA ILE A 69 -3.30 -8.01 -3.57
C ILE A 69 -1.90 -8.60 -3.58
N ARG A 70 -1.20 -8.49 -2.45
CA ARG A 70 0.15 -9.01 -2.32
C ARG A 70 0.58 -9.07 -0.85
N SER A 71 1.10 -10.21 -0.44
CA SER A 71 1.55 -10.40 0.93
C SER A 71 2.77 -9.55 1.24
N THR A 72 3.26 -9.62 2.47
CA THR A 72 4.42 -8.86 2.88
C THR A 72 5.57 -9.77 3.26
N GLU A 73 5.28 -10.79 4.06
CA GLU A 73 6.30 -11.74 4.49
C GLU A 73 6.70 -12.67 3.35
N LEU A 74 5.70 -13.24 2.68
CA LEU A 74 5.95 -14.15 1.56
C LEU A 74 6.44 -13.38 0.33
N ASP A 75 5.58 -12.52 -0.20
CA ASP A 75 5.92 -11.73 -1.38
C ASP A 75 7.07 -10.77 -1.07
N SER A 76 8.15 -10.89 -1.82
CA SER A 76 9.32 -10.05 -1.63
C SER A 76 9.70 -9.35 -2.92
N ASN A 77 9.17 -9.83 -4.03
CA ASN A 77 9.45 -9.25 -5.34
C ASN A 77 8.57 -8.03 -5.60
N TRP A 78 8.39 -7.21 -4.57
CA TRP A 78 7.57 -6.01 -4.67
C TRP A 78 8.26 -4.96 -5.53
N SER A 79 7.66 -3.77 -5.61
CA SER A 79 8.22 -2.68 -6.41
C SER A 79 8.30 -1.41 -5.58
N TRP A 80 9.30 -0.58 -5.88
CA TRP A 80 9.49 0.68 -5.17
C TRP A 80 8.21 1.50 -5.17
N PHE A 81 7.46 1.42 -6.26
CA PHE A 81 6.20 2.17 -6.38
C PHE A 81 5.13 1.57 -5.47
N GLN A 82 5.00 0.25 -5.51
CA GLN A 82 4.01 -0.45 -4.70
C GLN A 82 4.36 -0.36 -3.22
N LEU A 83 5.65 -0.23 -2.94
CA LEU A 83 6.12 -0.14 -1.56
C LEU A 83 5.61 1.14 -0.89
N ARG A 84 6.00 2.28 -1.43
CA ARG A 84 5.58 3.57 -0.89
C ARG A 84 4.06 3.71 -0.94
N CYS A 85 3.45 3.10 -1.94
CA CYS A 85 2.01 3.16 -2.10
C CYS A 85 1.30 2.83 -0.79
N MET A 86 1.94 1.98 0.02
CA MET A 86 1.38 1.59 1.30
C MET A 86 1.51 2.71 2.33
N GLN A 87 2.69 3.33 2.37
CA GLN A 87 2.95 4.41 3.30
C GLN A 87 2.09 5.63 2.98
N VAL A 88 2.23 6.15 1.76
CA VAL A 88 1.48 7.31 1.33
C VAL A 88 -0.01 7.13 1.64
N GLY A 89 -0.43 5.89 1.83
CA GLY A 89 -1.82 5.62 2.13
C GLY A 89 -2.06 5.38 3.61
N GLY A 90 -2.64 4.23 3.94
CA GLY A 90 -2.92 3.91 5.33
C GLY A 90 -4.37 3.55 5.56
N ASN A 91 -4.63 2.73 6.58
CA ASN A 91 -5.99 2.31 6.90
C ASN A 91 -6.84 3.52 7.28
N ALA A 92 -6.35 4.32 8.22
CA ALA A 92 -7.06 5.50 8.67
C ALA A 92 -7.37 6.43 7.50
N SER A 93 -6.34 6.78 6.74
CA SER A 93 -6.51 7.68 5.60
C SER A 93 -7.84 7.42 4.90
N ALA A 94 -8.06 6.18 4.49
CA ALA A 94 -9.30 5.79 3.81
C ALA A 94 -10.48 5.85 4.76
N SER A 95 -10.30 5.28 5.96
CA SER A 95 -11.36 5.27 6.95
C SER A 95 -12.17 6.56 6.92
N SER A 96 -11.49 7.67 6.69
CA SER A 96 -12.15 8.97 6.63
C SER A 96 -12.39 9.39 5.19
N PHE A 97 -11.34 9.32 4.37
CA PHE A 97 -11.44 9.70 2.97
C PHE A 97 -12.79 9.30 2.39
N PHE A 98 -13.19 8.06 2.61
CA PHE A 98 -14.46 7.55 2.11
C PHE A 98 -15.61 8.45 2.55
N HIS A 99 -15.84 8.52 3.86
CA HIS A 99 -16.91 9.35 4.40
C HIS A 99 -16.83 10.76 3.85
N GLN A 100 -15.68 11.40 4.00
CA GLN A 100 -15.48 12.76 3.52
C GLN A 100 -16.02 12.91 2.10
N HIS A 101 -15.79 11.90 1.27
CA HIS A 101 -16.26 11.92 -0.11
C HIS A 101 -17.65 11.33 -0.23
N GLY A 102 -18.50 11.61 0.77
CA GLY A 102 -19.85 11.08 0.76
C GLY A 102 -19.91 9.63 0.34
N CYS A 103 -19.36 8.75 1.18
CA CYS A 103 -19.35 7.33 0.89
C CYS A 103 -19.05 6.52 2.16
N SER A 104 -20.07 5.87 2.69
CA SER A 104 -19.92 5.06 3.90
C SER A 104 -20.46 3.65 3.69
N THR A 105 -20.12 3.06 2.54
CA THR A 105 -20.57 1.71 2.21
C THR A 105 -19.68 0.66 2.87
N ASN A 106 -20.31 -0.34 3.46
CA ASN A 106 -19.57 -1.42 4.13
C ASN A 106 -19.22 -2.53 3.14
N ASP A 107 -20.13 -2.78 2.20
CA ASP A 107 -19.92 -3.82 1.20
C ASP A 107 -18.52 -3.71 0.59
N THR A 108 -18.19 -4.67 -0.27
CA THR A 108 -16.88 -4.69 -0.91
C THR A 108 -17.01 -4.45 -2.41
N ASN A 109 -18.01 -5.09 -3.02
CA ASN A 109 -18.24 -4.94 -4.45
C ASN A 109 -18.93 -3.62 -4.77
N ALA A 110 -19.25 -2.87 -3.72
CA ALA A 110 -19.92 -1.58 -3.89
C ALA A 110 -19.07 -0.45 -3.31
N LYS A 111 -18.61 -0.62 -2.07
CA LYS A 111 -17.79 0.39 -1.42
C LYS A 111 -16.57 0.73 -2.26
N TYR A 112 -15.94 -0.29 -2.83
CA TYR A 112 -14.75 -0.10 -3.65
C TYR A 112 -15.15 0.28 -5.08
N ASN A 113 -16.35 -0.12 -5.49
CA ASN A 113 -16.84 0.19 -6.82
C ASN A 113 -17.53 1.56 -6.86
N SER A 114 -17.24 2.37 -5.84
CA SER A 114 -17.84 3.70 -5.75
C SER A 114 -16.87 4.76 -6.28
N ARG A 115 -17.28 6.02 -6.23
CA ARG A 115 -16.46 7.12 -6.70
C ARG A 115 -15.40 7.49 -5.67
N ALA A 116 -15.81 7.56 -4.40
CA ALA A 116 -14.89 7.91 -3.32
C ALA A 116 -13.70 6.95 -3.29
N ALA A 117 -13.97 5.67 -3.54
CA ALA A 117 -12.90 4.66 -3.55
C ALA A 117 -11.92 4.92 -4.67
N GLN A 118 -12.42 5.10 -5.88
CA GLN A 118 -11.57 5.34 -7.04
C GLN A 118 -10.58 6.46 -6.76
N LEU A 119 -11.09 7.62 -6.36
CA LEU A 119 -10.25 8.77 -6.07
C LEU A 119 -9.09 8.37 -5.16
N TYR A 120 -9.34 7.43 -4.25
CA TYR A 120 -8.32 6.95 -3.33
C TYR A 120 -7.17 6.31 -4.08
N ARG A 121 -7.50 5.44 -5.03
CA ARG A 121 -6.48 4.75 -5.83
C ARG A 121 -5.60 5.76 -6.57
N GLU A 122 -6.23 6.58 -7.40
CA GLU A 122 -5.51 7.58 -8.17
C GLU A 122 -4.62 8.42 -7.27
N LYS A 123 -5.15 8.79 -6.11
CA LYS A 123 -4.42 9.61 -5.14
C LYS A 123 -3.13 8.91 -4.71
N ILE A 124 -3.24 7.61 -4.40
CA ILE A 124 -2.09 6.84 -3.98
C ILE A 124 -1.00 6.83 -5.04
N LYS A 125 -1.42 6.85 -6.31
CA LYS A 125 -0.48 6.86 -7.43
C LYS A 125 0.38 8.12 -7.41
N SER A 126 -0.25 9.25 -7.11
CA SER A 126 0.45 10.53 -7.05
C SER A 126 1.45 10.56 -5.90
N LEU A 127 0.96 10.28 -4.70
CA LEU A 127 1.80 10.27 -3.50
C LEU A 127 2.90 9.23 -3.62
N ALA A 128 2.51 7.99 -3.91
CA ALA A 128 3.46 6.90 -4.05
C ALA A 128 4.68 7.34 -4.87
N SER A 129 4.44 8.13 -5.90
CA SER A 129 5.51 8.62 -6.76
C SER A 129 6.43 9.57 -6.00
N GLN A 130 5.85 10.33 -5.08
CA GLN A 130 6.61 11.28 -4.27
C GLN A 130 7.74 10.58 -3.53
N ALA A 131 7.37 9.59 -2.72
CA ALA A 131 8.35 8.84 -1.95
C ALA A 131 9.29 8.05 -2.86
N THR A 132 8.74 7.47 -3.91
CA THR A 132 9.53 6.70 -4.86
C THR A 132 10.62 7.55 -5.49
N ARG A 133 10.23 8.70 -6.02
CA ARG A 133 11.18 9.61 -6.67
C ARG A 133 12.02 10.33 -5.62
N LYS A 134 11.43 10.60 -4.47
CA LYS A 134 12.13 11.28 -3.39
C LYS A 134 13.61 10.92 -3.39
N HIS A 135 13.89 9.64 -3.15
CA HIS A 135 15.28 9.16 -3.11
C HIS A 135 15.46 7.98 -4.06
N GLY A 136 14.88 8.09 -5.25
CA GLY A 136 14.98 7.02 -6.22
C GLY A 136 15.02 5.65 -5.58
N THR A 137 16.21 5.08 -5.47
CA THR A 137 16.38 3.76 -4.87
C THR A 137 17.21 3.84 -3.59
N ASP A 138 16.62 4.43 -2.55
CA ASP A 138 17.29 4.58 -1.27
C ASP A 138 16.29 4.87 -0.15
N LEU A 139 16.46 4.19 0.97
CA LEU A 139 15.57 4.37 2.12
C LEU A 139 15.59 5.81 2.60
N TRP A 140 14.64 6.61 2.13
CA TRP A 140 14.55 8.01 2.51
C TRP A 140 14.76 8.17 4.02
N LEU A 141 14.49 7.11 4.76
CA LEU A 141 14.64 7.14 6.22
C LEU A 141 15.97 7.79 6.61
N ASP A 142 16.00 8.38 7.80
CA ASP A 142 17.21 9.04 8.29
C ASP A 142 18.44 8.21 7.98
N SER A 143 19.45 8.86 7.38
CA SER A 143 20.69 8.17 7.03
C SER A 143 21.79 8.50 8.02
N SER A 144 21.82 7.77 9.13
CA SER A 144 22.82 7.98 10.16
C SER A 144 23.80 6.82 10.21
N GLY A 145 25.10 7.13 10.13
CA GLY A 145 26.12 6.11 10.17
C GLY A 145 25.78 4.92 9.29
N PRO A 146 25.69 5.16 7.97
CA PRO A 146 25.37 4.11 6.99
C PRO A 146 26.50 3.10 6.84
N SER A 147 26.14 1.86 6.53
CA SER A 147 27.12 0.79 6.36
C SER A 147 26.88 0.04 5.05
N SER A 148 27.96 -0.45 4.45
CA SER A 148 27.87 -1.18 3.19
C SER A 148 26.80 -2.27 3.27
N GLY A 149 25.78 -2.15 2.43
CA GLY A 149 24.72 -3.14 2.43
C GLY A 149 25.04 -4.36 1.59
ZN ZN B . -10.48 -8.27 7.26
N GLY A 1 9.52 3.53 -31.37
CA GLY A 1 9.27 4.39 -30.23
C GLY A 1 10.52 4.67 -29.43
N SER A 2 10.43 5.61 -28.49
CA SER A 2 11.58 5.98 -27.66
C SER A 2 11.29 5.70 -26.19
N SER A 3 10.66 4.56 -25.93
CA SER A 3 10.32 4.16 -24.57
C SER A 3 11.33 3.16 -24.02
N GLY A 4 11.51 3.16 -22.71
CA GLY A 4 12.45 2.24 -22.09
C GLY A 4 12.03 1.86 -20.68
N SER A 5 13.03 1.62 -19.82
CA SER A 5 12.76 1.25 -18.43
C SER A 5 13.91 1.65 -17.52
N SER A 6 13.70 1.55 -16.22
CA SER A 6 14.72 1.91 -15.25
C SER A 6 15.29 0.67 -14.56
N GLY A 7 16.53 0.32 -14.89
CA GLY A 7 17.16 -0.85 -14.30
C GLY A 7 17.64 -0.58 -12.88
N MET A 8 16.82 0.07 -12.09
CA MET A 8 17.17 0.38 -10.70
C MET A 8 16.89 -0.80 -9.79
N GLY A 9 17.11 -2.01 -10.31
CA GLY A 9 16.87 -3.21 -9.53
C GLY A 9 15.58 -3.15 -8.74
N ASP A 10 15.51 -3.91 -7.66
CA ASP A 10 14.31 -3.95 -6.83
C ASP A 10 14.69 -3.99 -5.35
N PRO A 11 13.75 -3.53 -4.49
CA PRO A 11 13.96 -3.51 -3.04
C PRO A 11 13.99 -4.91 -2.44
N SER A 12 15.12 -5.29 -1.85
CA SER A 12 15.27 -6.60 -1.24
C SER A 12 14.28 -6.78 -0.09
N LYS A 13 14.08 -8.02 0.32
CA LYS A 13 13.17 -8.33 1.41
C LYS A 13 13.35 -7.35 2.57
N GLN A 14 14.55 -7.34 3.13
CA GLN A 14 14.85 -6.45 4.25
C GLN A 14 14.27 -5.06 4.00
N ASP A 15 14.63 -4.46 2.87
CA ASP A 15 14.14 -3.12 2.52
C ASP A 15 12.63 -3.05 2.66
N ILE A 16 11.93 -3.96 2.00
CA ILE A 16 10.47 -4.00 2.05
C ILE A 16 9.97 -4.05 3.50
N LEU A 17 10.55 -4.95 4.29
CA LEU A 17 10.17 -5.10 5.69
C LEU A 17 10.08 -3.73 6.37
N THR A 18 10.97 -2.82 5.99
CA THR A 18 10.98 -1.49 6.56
C THR A 18 9.71 -0.73 6.22
N ILE A 19 9.57 -0.35 4.95
CA ILE A 19 8.40 0.38 4.50
C ILE A 19 7.16 -0.02 5.30
N PHE A 20 7.08 -1.30 5.65
CA PHE A 20 5.94 -1.81 6.41
C PHE A 20 6.13 -1.56 7.90
N LYS A 21 7.26 -2.02 8.43
CA LYS A 21 7.56 -1.86 9.85
C LYS A 21 7.12 -0.48 10.34
N ARG A 22 7.36 0.54 9.53
CA ARG A 22 6.98 1.90 9.88
C ARG A 22 5.46 2.02 10.05
N LEU A 23 4.73 1.43 9.12
CA LEU A 23 3.27 1.46 9.16
C LEU A 23 2.73 0.49 10.21
N ARG A 24 3.05 -0.79 10.04
CA ARG A 24 2.61 -1.81 10.98
C ARG A 24 2.58 -1.27 12.41
N SER A 25 3.71 -0.70 12.84
CA SER A 25 3.81 -0.16 14.19
C SER A 25 2.51 0.55 14.60
N VAL A 26 1.97 1.35 13.68
CA VAL A 26 0.74 2.07 13.94
C VAL A 26 -0.42 1.12 14.24
N PRO A 27 -1.22 1.46 15.25
CA PRO A 27 -2.37 0.64 15.66
C PRO A 27 -3.50 0.67 14.63
N THR A 28 -3.19 1.19 13.44
CA THR A 28 -4.18 1.27 12.37
C THR A 28 -3.77 0.39 11.19
N ASN A 29 -2.47 0.15 11.05
CA ASN A 29 -1.96 -0.67 9.96
C ASN A 29 -1.81 -2.12 10.40
N LYS A 30 -1.55 -2.33 11.70
CA LYS A 30 -1.39 -3.67 12.24
C LYS A 30 -2.72 -4.40 12.30
N VAL A 31 -3.78 -3.72 11.84
CA VAL A 31 -5.11 -4.31 11.84
C VAL A 31 -5.79 -4.11 10.48
N CYS A 32 -6.40 -5.18 9.97
CA CYS A 32 -7.08 -5.12 8.68
C CYS A 32 -8.04 -3.94 8.64
N PHE A 33 -7.93 -3.12 7.59
CA PHE A 33 -8.77 -1.96 7.43
C PHE A 33 -10.24 -2.37 7.31
N ASP A 34 -10.48 -3.53 6.70
CA ASP A 34 -11.83 -4.04 6.51
C ASP A 34 -12.47 -4.35 7.86
N CYS A 35 -12.02 -5.42 8.50
CA CYS A 35 -12.56 -5.82 9.80
C CYS A 35 -11.68 -5.30 10.94
N GLY A 36 -10.40 -5.63 10.89
CA GLY A 36 -9.48 -5.19 11.92
C GLY A 36 -8.63 -6.31 12.47
N ALA A 37 -8.54 -7.41 11.72
CA ALA A 37 -7.75 -8.56 12.14
C ALA A 37 -6.30 -8.18 12.38
N LYS A 38 -5.78 -8.53 13.55
CA LYS A 38 -4.40 -8.23 13.90
C LYS A 38 -3.44 -9.00 13.00
N ASN A 39 -2.32 -8.36 12.64
CA ASN A 39 -1.32 -8.98 11.78
C ASN A 39 -1.90 -9.30 10.42
N PRO A 40 -2.47 -8.28 9.76
CA PRO A 40 -3.07 -8.43 8.43
C PRO A 40 -2.03 -8.65 7.34
N SER A 41 -1.57 -9.89 7.22
CA SER A 41 -0.57 -10.25 6.23
C SER A 41 -0.89 -9.61 4.87
N TRP A 42 -2.00 -10.05 4.28
CA TRP A 42 -2.42 -9.54 2.99
C TRP A 42 -2.48 -8.01 3.00
N ALA A 43 -2.22 -7.39 1.85
CA ALA A 43 -2.24 -5.94 1.74
C ALA A 43 -2.46 -5.52 0.29
N SER A 44 -3.52 -4.74 0.06
CA SER A 44 -3.85 -4.27 -1.27
C SER A 44 -3.09 -2.98 -1.59
N ILE A 45 -2.27 -3.02 -2.64
CA ILE A 45 -1.49 -1.87 -3.06
C ILE A 45 -2.37 -0.81 -3.70
N THR A 46 -3.33 -1.25 -4.50
CA THR A 46 -4.25 -0.35 -5.18
C THR A 46 -4.80 0.70 -4.22
N TYR A 47 -5.39 0.24 -3.12
CA TYR A 47 -5.96 1.13 -2.12
C TYR A 47 -4.96 1.37 -0.98
N GLY A 48 -3.73 0.94 -1.18
CA GLY A 48 -2.71 1.11 -0.16
C GLY A 48 -3.24 0.84 1.24
N VAL A 49 -3.89 -0.31 1.41
CA VAL A 49 -4.44 -0.69 2.70
C VAL A 49 -4.15 -2.14 3.02
N PHE A 50 -4.24 -2.50 4.30
CA PHE A 50 -3.97 -3.87 4.75
C PHE A 50 -5.27 -4.67 4.76
N LEU A 51 -5.16 -5.95 4.40
CA LEU A 51 -6.32 -6.84 4.38
C LEU A 51 -5.98 -8.19 5.01
N CYS A 52 -7.02 -8.92 5.41
CA CYS A 52 -6.83 -10.23 6.03
C CYS A 52 -7.25 -11.35 5.08
N ILE A 53 -6.59 -12.50 5.20
CA ILE A 53 -6.90 -13.64 4.34
C ILE A 53 -8.38 -13.68 3.99
N ASP A 54 -9.23 -13.32 4.95
CA ASP A 54 -10.67 -13.31 4.73
C ASP A 54 -11.06 -12.24 3.71
N CYS A 55 -10.93 -10.98 4.10
CA CYS A 55 -11.27 -9.87 3.23
C CYS A 55 -10.50 -9.95 1.91
N SER A 56 -9.18 -10.01 2.02
CA SER A 56 -8.33 -10.09 0.83
C SER A 56 -9.01 -10.88 -0.28
N GLY A 57 -9.63 -11.99 0.08
CA GLY A 57 -10.33 -12.82 -0.89
C GLY A 57 -11.29 -12.01 -1.75
N SER A 58 -12.14 -11.22 -1.09
CA SER A 58 -13.13 -10.41 -1.79
C SER A 58 -12.46 -9.60 -2.90
N HIS A 59 -11.31 -9.02 -2.59
CA HIS A 59 -10.58 -8.21 -3.57
C HIS A 59 -10.00 -9.10 -4.67
N ARG A 60 -9.41 -10.22 -4.28
CA ARG A 60 -8.81 -11.14 -5.23
C ARG A 60 -9.76 -11.43 -6.39
N SER A 61 -11.05 -11.51 -6.08
CA SER A 61 -12.07 -11.78 -7.09
C SER A 61 -12.33 -10.54 -7.94
N LEU A 62 -12.45 -9.40 -7.27
CA LEU A 62 -12.70 -8.13 -7.97
C LEU A 62 -11.89 -8.03 -9.24
N GLY A 63 -10.59 -8.32 -9.13
CA GLY A 63 -9.72 -8.27 -10.29
C GLY A 63 -8.47 -7.44 -10.03
N VAL A 64 -7.30 -8.04 -10.28
CA VAL A 64 -6.04 -7.36 -10.07
C VAL A 64 -6.13 -5.89 -10.49
N HIS A 65 -6.98 -5.61 -11.48
CA HIS A 65 -7.16 -4.25 -11.97
C HIS A 65 -7.93 -3.41 -10.95
N LEU A 66 -8.97 -3.99 -10.37
CA LEU A 66 -9.80 -3.29 -9.39
C LEU A 66 -9.03 -3.11 -8.08
N SER A 67 -8.35 -4.16 -7.65
CA SER A 67 -7.58 -4.11 -6.41
C SER A 67 -6.53 -5.21 -6.38
N PHE A 68 -5.27 -4.83 -6.58
CA PHE A 68 -4.16 -5.78 -6.59
C PHE A 68 -3.78 -6.17 -5.16
N ILE A 69 -3.64 -7.47 -4.93
CA ILE A 69 -3.27 -7.97 -3.61
C ILE A 69 -1.84 -8.50 -3.60
N ARG A 70 -1.17 -8.37 -2.45
CA ARG A 70 0.21 -8.84 -2.32
C ARG A 70 0.58 -8.98 -0.84
N SER A 71 1.10 -10.15 -0.48
CA SER A 71 1.50 -10.42 0.90
C SER A 71 2.74 -9.61 1.27
N THR A 72 3.03 -9.55 2.56
CA THR A 72 4.18 -8.82 3.05
C THR A 72 5.29 -9.76 3.50
N GLU A 73 4.90 -10.89 4.10
CA GLU A 73 5.86 -11.87 4.58
C GLU A 73 6.26 -12.83 3.45
N LEU A 74 5.27 -13.51 2.89
CA LEU A 74 5.52 -14.46 1.81
C LEU A 74 6.01 -13.74 0.56
N ASP A 75 5.22 -12.80 0.07
CA ASP A 75 5.58 -12.03 -1.13
C ASP A 75 6.60 -10.95 -0.79
N SER A 76 7.84 -11.14 -1.24
CA SER A 76 8.90 -10.19 -0.99
C SER A 76 9.46 -9.63 -2.29
N ASN A 77 8.58 -9.42 -3.26
CA ASN A 77 8.99 -8.90 -4.56
C ASN A 77 8.24 -7.61 -4.88
N TRP A 78 7.98 -6.81 -3.86
CA TRP A 78 7.27 -5.54 -4.03
C TRP A 78 8.12 -4.55 -4.82
N SER A 79 7.46 -3.51 -5.34
CA SER A 79 8.15 -2.50 -6.13
C SER A 79 8.26 -1.19 -5.35
N TRP A 80 9.45 -0.61 -5.35
CA TRP A 80 9.68 0.65 -4.64
C TRP A 80 8.42 1.50 -4.62
N PHE A 81 7.82 1.70 -5.80
CA PHE A 81 6.60 2.49 -5.90
C PHE A 81 5.47 1.87 -5.10
N GLN A 82 5.17 0.61 -5.41
CA GLN A 82 4.10 -0.11 -4.72
C GLN A 82 4.29 -0.06 -3.21
N LEU A 83 5.55 -0.07 -2.78
CA LEU A 83 5.87 -0.03 -1.36
C LEU A 83 5.40 1.28 -0.74
N ARG A 84 5.86 2.40 -1.29
CA ARG A 84 5.47 3.71 -0.80
C ARG A 84 3.97 3.90 -0.85
N CYS A 85 3.33 3.33 -1.87
CA CYS A 85 1.89 3.43 -2.03
C CYS A 85 1.17 3.09 -0.73
N MET A 86 1.72 2.14 0.01
CA MET A 86 1.13 1.71 1.27
C MET A 86 1.33 2.77 2.36
N GLN A 87 2.48 3.45 2.31
CA GLN A 87 2.78 4.49 3.29
C GLN A 87 1.98 5.76 2.99
N VAL A 88 2.19 6.32 1.82
CA VAL A 88 1.48 7.54 1.42
C VAL A 88 0.00 7.46 1.77
N GLY A 89 -0.53 6.24 1.74
CA GLY A 89 -1.94 6.05 2.06
C GLY A 89 -2.16 5.53 3.46
N GLY A 90 -2.50 4.25 3.57
CA GLY A 90 -2.73 3.65 4.88
C GLY A 90 -4.18 3.24 5.08
N ASN A 91 -4.46 2.59 6.21
CA ASN A 91 -5.81 2.14 6.52
C ASN A 91 -6.70 3.33 6.87
N ALA A 92 -6.27 4.12 7.85
CA ALA A 92 -7.04 5.28 8.28
C ALA A 92 -7.32 6.21 7.11
N SER A 93 -6.28 6.56 6.36
CA SER A 93 -6.43 7.44 5.21
C SER A 93 -7.76 7.21 4.50
N ALA A 94 -8.01 5.95 4.14
CA ALA A 94 -9.24 5.58 3.46
C ALA A 94 -10.44 5.67 4.41
N SER A 95 -10.34 4.98 5.54
CA SER A 95 -11.42 4.96 6.52
C SER A 95 -12.11 6.33 6.58
N SER A 96 -11.32 7.39 6.53
CA SER A 96 -11.85 8.74 6.58
C SER A 96 -12.17 9.25 5.18
N PHE A 97 -11.18 9.20 4.30
CA PHE A 97 -11.35 9.66 2.93
C PHE A 97 -12.76 9.34 2.42
N PHE A 98 -13.11 8.06 2.43
CA PHE A 98 -14.43 7.63 1.97
C PHE A 98 -15.51 8.57 2.47
N HIS A 99 -15.49 8.86 3.77
CA HIS A 99 -16.47 9.75 4.37
C HIS A 99 -16.40 11.14 3.74
N GLN A 100 -15.23 11.75 3.79
CA GLN A 100 -15.03 13.08 3.22
C GLN A 100 -15.90 13.28 1.99
N HIS A 101 -15.82 12.34 1.05
CA HIS A 101 -16.60 12.41 -0.18
C HIS A 101 -18.08 12.17 0.10
N GLY A 102 -18.37 11.06 0.76
CA GLY A 102 -19.76 10.74 1.08
C GLY A 102 -20.16 9.37 0.56
N CYS A 103 -19.38 8.35 0.89
CA CYS A 103 -19.66 6.99 0.44
C CYS A 103 -19.60 6.02 1.61
N SER A 104 -20.71 5.85 2.30
CA SER A 104 -20.78 4.95 3.44
C SER A 104 -21.37 3.60 3.04
N THR A 105 -20.92 3.08 1.90
CA THR A 105 -21.41 1.80 1.40
C THR A 105 -20.61 0.64 2.00
N ASN A 106 -21.31 -0.45 2.32
CA ASN A 106 -20.67 -1.62 2.89
C ASN A 106 -20.25 -2.60 1.79
N ASP A 107 -21.20 -2.93 0.92
CA ASP A 107 -20.93 -3.86 -0.18
C ASP A 107 -19.50 -3.70 -0.68
N THR A 108 -18.83 -4.83 -0.89
CA THR A 108 -17.45 -4.83 -1.37
C THR A 108 -17.39 -4.53 -2.86
N ASN A 109 -18.32 -5.10 -3.61
CA ASN A 109 -18.37 -4.88 -5.06
C ASN A 109 -18.92 -3.50 -5.39
N ALA A 110 -19.32 -2.77 -4.35
CA ALA A 110 -19.86 -1.42 -4.53
C ALA A 110 -18.98 -0.38 -3.84
N LYS A 111 -18.80 -0.54 -2.54
CA LYS A 111 -17.98 0.38 -1.76
C LYS A 111 -16.69 0.72 -2.51
N TYR A 112 -16.10 -0.29 -3.14
CA TYR A 112 -14.86 -0.10 -3.90
C TYR A 112 -15.15 0.35 -5.32
N ASN A 113 -16.29 -0.08 -5.85
CA ASN A 113 -16.69 0.28 -7.20
C ASN A 113 -17.40 1.63 -7.23
N SER A 114 -17.18 2.43 -6.19
CA SER A 114 -17.79 3.75 -6.10
C SER A 114 -16.80 4.84 -6.46
N ARG A 115 -17.28 6.07 -6.56
CA ARG A 115 -16.44 7.21 -6.90
C ARG A 115 -15.41 7.47 -5.81
N ALA A 116 -15.89 7.65 -4.58
CA ALA A 116 -15.01 7.91 -3.45
C ALA A 116 -13.83 6.93 -3.43
N ALA A 117 -14.14 5.66 -3.61
CA ALA A 117 -13.10 4.62 -3.62
C ALA A 117 -12.07 4.89 -4.70
N GLN A 118 -12.55 5.11 -5.93
CA GLN A 118 -11.66 5.37 -7.05
C GLN A 118 -10.73 6.55 -6.76
N LEU A 119 -11.33 7.71 -6.50
CA LEU A 119 -10.56 8.91 -6.20
C LEU A 119 -9.33 8.58 -5.35
N TYR A 120 -9.51 7.67 -4.39
CA TYR A 120 -8.42 7.27 -3.52
C TYR A 120 -7.29 6.63 -4.31
N ARG A 121 -7.57 5.48 -4.92
CA ARG A 121 -6.59 4.76 -5.71
C ARG A 121 -5.68 5.74 -6.45
N GLU A 122 -6.27 6.54 -7.33
CA GLU A 122 -5.52 7.52 -8.11
C GLU A 122 -4.57 8.31 -7.21
N LYS A 123 -5.10 8.86 -6.14
CA LYS A 123 -4.31 9.64 -5.19
C LYS A 123 -3.08 8.86 -4.74
N ILE A 124 -3.30 7.63 -4.31
CA ILE A 124 -2.21 6.77 -3.85
C ILE A 124 -1.07 6.75 -4.86
N LYS A 125 -1.41 6.80 -6.14
CA LYS A 125 -0.41 6.80 -7.20
C LYS A 125 0.35 8.11 -7.23
N SER A 126 -0.36 9.22 -6.99
CA SER A 126 0.27 10.54 -7.01
C SER A 126 1.28 10.67 -5.87
N LEU A 127 0.84 10.37 -4.65
CA LEU A 127 1.69 10.45 -3.48
C LEU A 127 2.87 9.48 -3.59
N ALA A 128 2.55 8.21 -3.83
CA ALA A 128 3.57 7.18 -3.96
C ALA A 128 4.74 7.67 -4.82
N SER A 129 4.42 8.38 -5.89
CA SER A 129 5.44 8.90 -6.78
C SER A 129 6.42 9.79 -6.04
N GLN A 130 5.91 10.59 -5.11
CA GLN A 130 6.74 11.48 -4.32
C GLN A 130 7.81 10.71 -3.56
N ALA A 131 7.39 10.00 -2.52
CA ALA A 131 8.32 9.21 -1.72
C ALA A 131 9.28 8.42 -2.60
N THR A 132 8.76 7.88 -3.69
CA THR A 132 9.57 7.10 -4.62
C THR A 132 10.60 7.98 -5.33
N ARG A 133 10.13 8.82 -6.25
CA ARG A 133 11.01 9.71 -6.99
C ARG A 133 12.11 10.26 -6.09
N LYS A 134 11.71 10.85 -4.97
CA LYS A 134 12.67 11.42 -4.02
C LYS A 134 13.91 10.52 -3.90
N HIS A 135 13.70 9.29 -3.45
CA HIS A 135 14.80 8.34 -3.29
C HIS A 135 14.53 7.06 -4.06
N GLY A 136 14.88 7.06 -5.35
CA GLY A 136 14.66 5.88 -6.17
C GLY A 136 14.82 4.59 -5.39
N THR A 137 16.05 4.10 -5.32
CA THR A 137 16.34 2.86 -4.61
C THR A 137 17.02 3.13 -3.28
N ASP A 138 16.53 4.14 -2.57
CA ASP A 138 17.09 4.51 -1.28
C ASP A 138 15.98 4.86 -0.28
N LEU A 139 16.28 4.72 1.01
CA LEU A 139 15.31 5.01 2.06
C LEU A 139 15.39 6.48 2.46
N TRP A 140 14.50 7.28 1.88
CA TRP A 140 14.45 8.71 2.19
C TRP A 140 14.73 8.96 3.67
N LEU A 141 14.21 8.09 4.52
CA LEU A 141 14.41 8.21 5.96
C LEU A 141 15.87 7.97 6.34
N ASP A 142 16.50 6.99 5.70
CA ASP A 142 17.89 6.67 5.96
C ASP A 142 18.37 5.55 5.05
N SER A 143 19.27 5.87 4.13
CA SER A 143 19.81 4.89 3.20
C SER A 143 20.66 3.85 3.94
N SER A 144 20.04 2.72 4.24
CA SER A 144 20.74 1.64 4.95
C SER A 144 21.47 0.74 3.96
N GLY A 145 22.16 1.34 3.02
CA GLY A 145 22.90 0.57 2.03
C GLY A 145 23.83 1.43 1.20
N PRO A 146 24.61 0.79 0.31
CA PRO A 146 25.56 1.49 -0.55
C PRO A 146 24.86 2.32 -1.63
N SER A 147 25.66 2.97 -2.48
CA SER A 147 25.12 3.81 -3.55
C SER A 147 24.93 3.00 -4.83
N SER A 148 23.69 2.60 -5.08
CA SER A 148 23.37 1.82 -6.28
C SER A 148 22.40 2.57 -7.18
N GLY A 149 22.93 3.12 -8.27
CA GLY A 149 22.09 3.86 -9.20
C GLY A 149 21.82 3.09 -10.47
ZN ZN B . -10.38 -8.09 7.26
N GLY A 1 15.49 17.36 -10.18
CA GLY A 1 16.92 17.55 -10.33
C GLY A 1 17.61 16.33 -10.89
N SER A 2 17.99 16.40 -12.17
CA SER A 2 18.67 15.28 -12.82
C SER A 2 19.77 14.71 -11.94
N SER A 3 20.15 13.47 -12.20
CA SER A 3 21.20 12.80 -11.44
C SER A 3 21.81 11.65 -12.22
N GLY A 4 23.11 11.44 -12.03
CA GLY A 4 23.79 10.36 -12.74
C GLY A 4 23.76 9.05 -11.97
N SER A 5 22.93 8.12 -12.44
CA SER A 5 22.80 6.82 -11.78
C SER A 5 22.43 5.75 -12.80
N SER A 6 23.38 4.86 -13.10
CA SER A 6 23.15 3.79 -14.05
C SER A 6 22.97 2.46 -13.33
N GLY A 7 21.72 1.99 -13.28
CA GLY A 7 21.44 0.73 -12.61
C GLY A 7 20.49 0.90 -11.44
N MET A 8 19.40 0.15 -11.44
CA MET A 8 18.41 0.21 -10.36
C MET A 8 18.06 -1.18 -9.87
N GLY A 9 18.58 -1.53 -8.69
CA GLY A 9 18.31 -2.84 -8.11
C GLY A 9 17.08 -2.84 -7.22
N ASP A 10 16.04 -3.53 -7.67
CA ASP A 10 14.80 -3.61 -6.92
C ASP A 10 15.07 -3.75 -5.42
N PRO A 11 14.10 -3.35 -4.60
CA PRO A 11 14.22 -3.43 -3.14
C PRO A 11 14.19 -4.87 -2.63
N SER A 12 15.18 -5.22 -1.81
CA SER A 12 15.26 -6.57 -1.25
C SER A 12 14.27 -6.76 -0.12
N LYS A 13 14.15 -8.00 0.36
CA LYS A 13 13.24 -8.31 1.45
C LYS A 13 13.40 -7.33 2.60
N GLN A 14 14.59 -7.32 3.20
CA GLN A 14 14.88 -6.43 4.32
C GLN A 14 14.29 -5.05 4.08
N ASP A 15 14.64 -4.45 2.94
CA ASP A 15 14.14 -3.13 2.59
C ASP A 15 12.63 -3.07 2.67
N ILE A 16 11.97 -4.01 1.99
CA ILE A 16 10.51 -4.07 2.00
C ILE A 16 9.97 -4.14 3.42
N LEU A 17 10.60 -4.95 4.25
CA LEU A 17 10.18 -5.10 5.64
C LEU A 17 10.06 -3.74 6.32
N THR A 18 10.97 -2.83 5.98
CA THR A 18 10.96 -1.50 6.56
C THR A 18 9.71 -0.72 6.17
N ILE A 19 9.62 -0.38 4.89
CA ILE A 19 8.46 0.35 4.38
C ILE A 19 7.19 -0.04 5.13
N PHE A 20 7.07 -1.31 5.47
CA PHE A 20 5.91 -1.82 6.19
C PHE A 20 6.04 -1.56 7.69
N LYS A 21 7.10 -2.11 8.29
CA LYS A 21 7.35 -1.95 9.71
C LYS A 21 6.91 -0.56 10.19
N ARG A 22 7.14 0.44 9.34
CA ARG A 22 6.78 1.82 9.67
C ARG A 22 5.26 1.95 9.83
N LEU A 23 4.52 1.36 8.92
CA LEU A 23 3.07 1.41 8.95
C LEU A 23 2.51 0.44 9.99
N ARG A 24 3.07 -0.77 10.01
CA ARG A 24 2.64 -1.79 10.96
C ARG A 24 2.49 -1.22 12.37
N SER A 25 3.55 -0.58 12.85
CA SER A 25 3.52 0.02 14.18
C SER A 25 2.16 0.61 14.49
N VAL A 26 1.64 1.42 13.58
CA VAL A 26 0.33 2.04 13.76
C VAL A 26 -0.73 1.00 14.10
N PRO A 27 -1.52 1.28 15.14
CA PRO A 27 -2.59 0.39 15.60
C PRO A 27 -3.75 0.33 14.61
N THR A 28 -3.78 1.27 13.68
CA THR A 28 -4.84 1.33 12.68
C THR A 28 -4.40 0.66 11.38
N ASN A 29 -3.11 0.41 11.27
CA ASN A 29 -2.57 -0.23 10.07
C ASN A 29 -2.28 -1.70 10.32
N LYS A 30 -2.00 -2.04 11.57
CA LYS A 30 -1.72 -3.42 11.95
C LYS A 30 -2.99 -4.25 12.01
N VAL A 31 -4.09 -3.67 11.53
CA VAL A 31 -5.38 -4.35 11.54
C VAL A 31 -6.08 -4.20 10.20
N CYS A 32 -6.60 -5.32 9.68
CA CYS A 32 -7.29 -5.31 8.40
C CYS A 32 -8.34 -4.20 8.36
N PHE A 33 -8.00 -3.11 7.67
CA PHE A 33 -8.90 -1.97 7.55
C PHE A 33 -10.35 -2.44 7.36
N ASP A 34 -10.50 -3.59 6.70
CA ASP A 34 -11.83 -4.15 6.46
C ASP A 34 -12.53 -4.50 7.77
N CYS A 35 -12.05 -5.56 8.42
CA CYS A 35 -12.62 -6.00 9.68
C CYS A 35 -11.80 -5.49 10.87
N GLY A 36 -10.49 -5.69 10.79
CA GLY A 36 -9.61 -5.25 11.86
C GLY A 36 -8.74 -6.37 12.40
N ALA A 37 -8.62 -7.44 11.62
CA ALA A 37 -7.81 -8.58 12.03
C ALA A 37 -6.37 -8.17 12.28
N LYS A 38 -5.88 -8.42 13.49
CA LYS A 38 -4.51 -8.07 13.85
C LYS A 38 -3.51 -8.88 13.02
N ASN A 39 -2.41 -8.23 12.63
CA ASN A 39 -1.38 -8.88 11.85
C ASN A 39 -1.92 -9.30 10.48
N PRO A 40 -2.57 -8.35 9.79
CA PRO A 40 -3.15 -8.59 8.46
C PRO A 40 -2.07 -8.78 7.39
N SER A 41 -1.51 -9.99 7.34
CA SER A 41 -0.48 -10.30 6.36
C SER A 41 -0.78 -9.67 5.01
N TRP A 42 -1.93 -10.03 4.44
CA TRP A 42 -2.35 -9.51 3.15
C TRP A 42 -2.41 -7.98 3.17
N ALA A 43 -2.02 -7.35 2.07
CA ALA A 43 -2.03 -5.90 1.97
C ALA A 43 -2.35 -5.45 0.55
N SER A 44 -3.35 -4.59 0.42
CA SER A 44 -3.75 -4.08 -0.89
C SER A 44 -3.01 -2.80 -1.23
N ILE A 45 -2.18 -2.87 -2.26
CA ILE A 45 -1.41 -1.70 -2.69
C ILE A 45 -2.31 -0.62 -3.27
N THR A 46 -3.23 -1.03 -4.14
CA THR A 46 -4.16 -0.10 -4.77
C THR A 46 -4.61 0.97 -3.78
N TYR A 47 -5.29 0.54 -2.72
CA TYR A 47 -5.78 1.46 -1.71
C TYR A 47 -4.78 1.60 -0.56
N GLY A 48 -3.58 1.07 -0.77
CA GLY A 48 -2.55 1.15 0.24
C GLY A 48 -3.07 0.85 1.63
N VAL A 49 -3.84 -0.23 1.74
CA VAL A 49 -4.41 -0.62 3.03
C VAL A 49 -4.04 -2.06 3.38
N PHE A 50 -4.38 -2.47 4.59
CA PHE A 50 -4.07 -3.82 5.05
C PHE A 50 -5.33 -4.68 5.10
N LEU A 51 -5.20 -5.94 4.68
CA LEU A 51 -6.33 -6.86 4.68
C LEU A 51 -5.92 -8.22 5.22
N CYS A 52 -6.91 -9.06 5.51
CA CYS A 52 -6.65 -10.40 6.04
C CYS A 52 -6.90 -11.46 4.97
N ILE A 53 -6.51 -12.70 5.27
CA ILE A 53 -6.70 -13.81 4.34
C ILE A 53 -8.14 -13.89 3.86
N ASP A 54 -9.08 -13.67 4.77
CA ASP A 54 -10.50 -13.72 4.43
C ASP A 54 -10.87 -12.56 3.50
N CYS A 55 -10.97 -11.37 4.06
CA CYS A 55 -11.33 -10.19 3.27
C CYS A 55 -10.57 -10.16 1.95
N SER A 56 -9.24 -10.19 2.05
CA SER A 56 -8.40 -10.16 0.86
C SER A 56 -9.06 -10.90 -0.30
N GLY A 57 -9.77 -11.98 0.02
CA GLY A 57 -10.44 -12.77 -1.00
C GLY A 57 -11.42 -11.93 -1.81
N SER A 58 -12.26 -11.17 -1.11
CA SER A 58 -13.25 -10.33 -1.77
C SER A 58 -12.61 -9.47 -2.86
N HIS A 59 -11.45 -8.91 -2.55
CA HIS A 59 -10.72 -8.07 -3.50
C HIS A 59 -10.21 -8.90 -4.68
N ARG A 60 -9.62 -10.06 -4.37
CA ARG A 60 -9.09 -10.93 -5.39
C ARG A 60 -10.17 -11.31 -6.42
N SER A 61 -11.41 -11.36 -5.95
CA SER A 61 -12.54 -11.70 -6.82
C SER A 61 -12.80 -10.60 -7.83
N LEU A 62 -12.88 -9.37 -7.34
CA LEU A 62 -13.13 -8.21 -8.19
C LEU A 62 -12.20 -8.23 -9.41
N GLY A 63 -10.91 -8.36 -9.15
CA GLY A 63 -9.94 -8.38 -10.23
C GLY A 63 -8.68 -7.61 -9.89
N VAL A 64 -7.53 -8.24 -10.07
CA VAL A 64 -6.25 -7.60 -9.78
C VAL A 64 -6.21 -6.18 -10.33
N HIS A 65 -7.03 -5.91 -11.35
CA HIS A 65 -7.10 -4.59 -11.95
C HIS A 65 -7.77 -3.59 -11.01
N LEU A 66 -8.82 -4.03 -10.34
CA LEU A 66 -9.55 -3.18 -9.40
C LEU A 66 -8.75 -2.97 -8.12
N SER A 67 -8.28 -4.07 -7.54
CA SER A 67 -7.50 -4.00 -6.30
C SER A 67 -6.45 -5.11 -6.26
N PHE A 68 -5.20 -4.73 -6.48
CA PHE A 68 -4.09 -5.70 -6.48
C PHE A 68 -3.74 -6.10 -5.05
N ILE A 69 -3.61 -7.41 -4.83
CA ILE A 69 -3.27 -7.93 -3.51
C ILE A 69 -1.85 -8.49 -3.49
N ARG A 70 -1.11 -8.17 -2.43
CA ARG A 70 0.26 -8.64 -2.29
C ARG A 70 0.61 -8.85 -0.82
N SER A 71 1.29 -9.96 -0.52
CA SER A 71 1.67 -10.28 0.84
C SER A 71 2.93 -9.50 1.24
N THR A 72 3.22 -9.49 2.54
CA THR A 72 4.40 -8.78 3.04
C THR A 72 5.46 -9.77 3.52
N GLU A 73 5.01 -10.92 4.01
CA GLU A 73 5.93 -11.94 4.49
C GLU A 73 6.28 -12.93 3.39
N LEU A 74 5.25 -13.55 2.82
CA LEU A 74 5.45 -14.53 1.74
C LEU A 74 6.00 -13.85 0.50
N ASP A 75 5.33 -12.81 0.04
CA ASP A 75 5.76 -12.07 -1.15
C ASP A 75 6.87 -11.10 -0.81
N SER A 76 7.99 -11.22 -1.53
CA SER A 76 9.13 -10.35 -1.30
C SER A 76 9.62 -9.74 -2.62
N ASN A 77 8.69 -9.49 -3.52
CA ASN A 77 9.03 -8.91 -4.82
C ASN A 77 8.29 -7.59 -5.03
N TRP A 78 8.14 -6.82 -3.95
CA TRP A 78 7.46 -5.53 -4.02
C TRP A 78 8.34 -4.49 -4.71
N SER A 79 7.70 -3.63 -5.51
CA SER A 79 8.42 -2.59 -6.23
C SER A 79 8.49 -1.30 -5.41
N TRP A 80 9.56 -0.54 -5.60
CA TRP A 80 9.74 0.71 -4.88
C TRP A 80 8.47 1.55 -4.90
N PHE A 81 7.79 1.55 -6.03
CA PHE A 81 6.55 2.32 -6.18
C PHE A 81 5.45 1.73 -5.31
N GLN A 82 5.14 0.46 -5.52
CA GLN A 82 4.10 -0.21 -4.75
C GLN A 82 4.37 -0.10 -3.25
N LEU A 83 5.64 -0.06 -2.90
CA LEU A 83 6.04 0.05 -1.49
C LEU A 83 5.55 1.36 -0.88
N ARG A 84 6.04 2.48 -1.44
CA ARG A 84 5.65 3.80 -0.95
C ARG A 84 4.14 3.93 -0.89
N CYS A 85 3.46 3.40 -1.91
CA CYS A 85 2.00 3.46 -1.98
C CYS A 85 1.38 3.17 -0.61
N MET A 86 1.95 2.20 0.09
CA MET A 86 1.45 1.82 1.41
C MET A 86 1.72 2.92 2.42
N GLN A 87 2.87 3.57 2.31
CA GLN A 87 3.24 4.65 3.22
C GLN A 87 2.35 5.87 3.00
N VAL A 88 2.38 6.41 1.78
CA VAL A 88 1.58 7.58 1.43
C VAL A 88 0.11 7.35 1.74
N GLY A 89 -0.26 6.09 1.98
CA GLY A 89 -1.63 5.76 2.29
C GLY A 89 -1.82 5.33 3.72
N GLY A 90 -2.66 4.32 3.94
CA GLY A 90 -2.92 3.83 5.28
C GLY A 90 -4.38 3.52 5.52
N ASN A 91 -4.64 2.61 6.45
CA ASN A 91 -6.02 2.23 6.78
C ASN A 91 -6.87 3.45 7.09
N ALA A 92 -6.47 4.19 8.12
CA ALA A 92 -7.19 5.39 8.53
C ALA A 92 -7.47 6.29 7.33
N SER A 93 -6.41 6.68 6.62
CA SER A 93 -6.54 7.54 5.46
C SER A 93 -7.86 7.29 4.75
N ALA A 94 -8.07 6.06 4.30
CA ALA A 94 -9.29 5.69 3.60
C ALA A 94 -10.49 5.72 4.54
N SER A 95 -10.35 5.09 5.70
CA SER A 95 -11.41 5.04 6.68
C SER A 95 -12.19 6.35 6.72
N SER A 96 -11.49 7.45 6.45
CA SER A 96 -12.11 8.77 6.44
C SER A 96 -12.31 9.27 5.01
N PHE A 97 -11.23 9.28 4.24
CA PHE A 97 -11.28 9.74 2.86
C PHE A 97 -12.60 9.36 2.21
N PHE A 98 -13.10 8.16 2.53
CA PHE A 98 -14.36 7.68 1.98
C PHE A 98 -15.53 8.50 2.50
N HIS A 99 -15.65 8.58 3.82
CA HIS A 99 -16.74 9.34 4.44
C HIS A 99 -16.61 10.83 4.13
N GLN A 100 -15.45 11.39 4.44
CA GLN A 100 -15.21 12.82 4.20
C GLN A 100 -15.72 13.23 2.83
N HIS A 101 -15.50 12.36 1.83
CA HIS A 101 -15.94 12.63 0.47
C HIS A 101 -17.47 12.57 0.37
N GLY A 102 -18.02 11.39 0.67
CA GLY A 102 -19.46 11.22 0.60
C GLY A 102 -19.86 9.80 0.23
N CYS A 103 -19.32 8.83 0.96
CA CYS A 103 -19.63 7.43 0.69
C CYS A 103 -19.37 6.58 1.94
N SER A 104 -20.44 6.01 2.49
CA SER A 104 -20.33 5.17 3.68
C SER A 104 -20.84 3.76 3.40
N THR A 105 -20.43 3.20 2.27
CA THR A 105 -20.85 1.86 1.88
C THR A 105 -20.01 0.80 2.58
N ASN A 106 -20.66 -0.21 3.14
CA ASN A 106 -19.97 -1.28 3.84
C ASN A 106 -19.62 -2.41 2.88
N ASP A 107 -20.48 -2.63 1.89
CA ASP A 107 -20.27 -3.68 0.90
C ASP A 107 -18.85 -3.61 0.35
N THR A 108 -18.50 -4.57 -0.51
CA THR A 108 -17.18 -4.62 -1.11
C THR A 108 -17.25 -4.38 -2.62
N ASN A 109 -18.19 -5.05 -3.27
CA ASN A 109 -18.36 -4.91 -4.71
C ASN A 109 -19.00 -3.56 -5.05
N ALA A 110 -19.38 -2.82 -4.02
CA ALA A 110 -20.00 -1.51 -4.21
C ALA A 110 -19.14 -0.40 -3.61
N LYS A 111 -18.79 -0.56 -2.33
CA LYS A 111 -17.96 0.42 -1.64
C LYS A 111 -16.70 0.74 -2.44
N TYR A 112 -16.08 -0.29 -2.99
CA TYR A 112 -14.86 -0.13 -3.77
C TYR A 112 -15.19 0.31 -5.20
N ASN A 113 -16.40 -0.03 -5.65
CA ASN A 113 -16.84 0.33 -6.99
C ASN A 113 -17.50 1.70 -7.00
N SER A 114 -17.21 2.51 -5.98
CA SER A 114 -17.79 3.84 -5.87
C SER A 114 -16.76 4.90 -6.25
N ARG A 115 -17.23 6.12 -6.48
CA ARG A 115 -16.35 7.23 -6.85
C ARG A 115 -15.33 7.50 -5.75
N ALA A 116 -15.82 7.64 -4.52
CA ALA A 116 -14.95 7.90 -3.38
C ALA A 116 -13.80 6.91 -3.33
N ALA A 117 -14.09 5.65 -3.65
CA ALA A 117 -13.08 4.60 -3.64
C ALA A 117 -12.04 4.84 -4.73
N GLN A 118 -12.50 5.01 -5.95
CA GLN A 118 -11.61 5.24 -7.09
C GLN A 118 -10.68 6.42 -6.81
N LEU A 119 -11.27 7.58 -6.55
CA LEU A 119 -10.49 8.78 -6.26
C LEU A 119 -9.28 8.46 -5.38
N TYR A 120 -9.51 7.65 -4.36
CA TYR A 120 -8.44 7.26 -3.44
C TYR A 120 -7.30 6.58 -4.20
N ARG A 121 -7.60 5.46 -4.85
CA ARG A 121 -6.60 4.72 -5.60
C ARG A 121 -5.65 5.67 -6.31
N GLU A 122 -6.19 6.46 -7.24
CA GLU A 122 -5.37 7.42 -7.99
C GLU A 122 -4.46 8.21 -7.07
N LYS A 123 -5.04 8.80 -6.03
CA LYS A 123 -4.28 9.59 -5.07
C LYS A 123 -3.03 8.85 -4.64
N ILE A 124 -3.19 7.61 -4.20
CA ILE A 124 -2.06 6.79 -3.77
C ILE A 124 -0.94 6.80 -4.80
N LYS A 125 -1.32 6.75 -6.07
CA LYS A 125 -0.34 6.75 -7.16
C LYS A 125 0.46 8.05 -7.16
N SER A 126 -0.23 9.16 -7.01
CA SER A 126 0.42 10.47 -7.00
C SER A 126 1.44 10.56 -5.85
N LEU A 127 0.93 10.51 -4.63
CA LEU A 127 1.80 10.58 -3.45
C LEU A 127 2.96 9.60 -3.56
N ALA A 128 2.63 8.32 -3.78
CA ALA A 128 3.64 7.29 -3.90
C ALA A 128 4.79 7.76 -4.77
N SER A 129 4.48 8.38 -5.89
CA SER A 129 5.48 8.87 -6.82
C SER A 129 6.40 9.87 -6.13
N GLN A 130 5.85 10.63 -5.20
CA GLN A 130 6.63 11.62 -4.46
C GLN A 130 7.75 10.96 -3.66
N ALA A 131 7.44 9.86 -3.02
CA ALA A 131 8.41 9.13 -2.22
C ALA A 131 9.31 8.28 -3.11
N THR A 132 8.74 7.75 -4.18
CA THR A 132 9.50 6.91 -5.11
C THR A 132 10.53 7.73 -5.88
N ARG A 133 10.10 8.85 -6.43
CA ARG A 133 10.99 9.72 -7.19
C ARG A 133 12.06 10.33 -6.28
N LYS A 134 11.68 10.65 -5.05
CA LYS A 134 12.60 11.22 -4.09
C LYS A 134 13.98 10.62 -4.22
N HIS A 135 14.08 9.30 -4.05
CA HIS A 135 15.35 8.61 -4.15
C HIS A 135 15.26 7.45 -5.14
N GLY A 136 14.17 6.68 -5.04
CA GLY A 136 13.98 5.55 -5.94
C GLY A 136 14.49 4.26 -5.35
N THR A 137 15.74 4.28 -4.90
CA THR A 137 16.36 3.10 -4.31
C THR A 137 16.74 3.34 -2.86
N ASP A 138 17.24 4.53 -2.57
CA ASP A 138 17.65 4.88 -1.21
C ASP A 138 16.43 5.19 -0.35
N LEU A 139 16.43 4.66 0.87
CA LEU A 139 15.33 4.87 1.80
C LEU A 139 15.34 6.29 2.35
N TRP A 140 14.53 7.16 1.74
CA TRP A 140 14.45 8.55 2.17
C TRP A 140 14.66 8.67 3.67
N LEU A 141 14.15 7.69 4.42
CA LEU A 141 14.29 7.70 5.87
C LEU A 141 15.64 8.25 6.30
N ASP A 142 16.71 7.67 5.76
CA ASP A 142 18.06 8.10 6.08
C ASP A 142 18.54 9.15 5.09
N SER A 143 19.69 9.73 5.36
CA SER A 143 20.26 10.76 4.50
C SER A 143 21.25 10.15 3.50
N SER A 144 21.28 10.71 2.30
CA SER A 144 22.18 10.22 1.25
C SER A 144 22.23 11.19 0.08
N GLY A 145 23.39 11.28 -0.56
CA GLY A 145 23.55 12.18 -1.68
C GLY A 145 24.60 11.70 -2.66
N PRO A 146 25.87 12.01 -2.38
CA PRO A 146 27.00 11.61 -3.23
C PRO A 146 27.26 10.12 -3.18
N SER A 147 26.42 9.39 -2.45
CA SER A 147 26.57 7.95 -2.32
C SER A 147 25.54 7.22 -3.20
N SER A 148 25.93 6.04 -3.68
CA SER A 148 25.05 5.25 -4.53
C SER A 148 24.58 4.00 -3.81
N GLY A 149 23.30 3.69 -3.95
CA GLY A 149 22.73 2.51 -3.31
C GLY A 149 21.62 1.88 -4.12
ZN ZN B . -10.40 -8.63 7.30
N GLY A 1 19.04 22.03 -18.82
CA GLY A 1 18.96 20.59 -18.78
C GLY A 1 17.62 20.09 -18.32
N SER A 2 17.44 18.77 -18.34
CA SER A 2 16.18 18.15 -17.93
C SER A 2 16.35 17.41 -16.61
N SER A 3 15.87 18.00 -15.52
CA SER A 3 15.98 17.40 -14.20
C SER A 3 15.03 16.19 -14.08
N GLY A 4 15.61 15.01 -14.03
CA GLY A 4 14.81 13.80 -13.91
C GLY A 4 15.64 12.53 -14.02
N SER A 5 15.01 11.38 -13.78
CA SER A 5 15.70 10.10 -13.85
C SER A 5 14.73 8.99 -14.21
N SER A 6 15.27 7.81 -14.50
CA SER A 6 14.46 6.65 -14.85
C SER A 6 15.18 5.35 -14.52
N GLY A 7 14.58 4.57 -13.62
CA GLY A 7 15.18 3.31 -13.22
C GLY A 7 15.79 3.36 -11.84
N MET A 8 15.26 2.55 -10.93
CA MET A 8 15.76 2.51 -9.55
C MET A 8 16.30 1.13 -9.21
N GLY A 9 15.45 0.12 -9.35
CA GLY A 9 15.86 -1.24 -9.05
C GLY A 9 14.82 -2.00 -8.26
N ASP A 10 15.24 -3.07 -7.58
CA ASP A 10 14.33 -3.88 -6.79
C ASP A 10 14.83 -3.98 -5.35
N PRO A 11 13.99 -3.52 -4.40
CA PRO A 11 14.31 -3.54 -2.98
C PRO A 11 14.33 -4.96 -2.40
N SER A 12 15.37 -5.27 -1.64
CA SER A 12 15.50 -6.60 -1.04
C SER A 12 14.52 -6.77 0.12
N LYS A 13 14.24 -8.02 0.46
CA LYS A 13 13.32 -8.32 1.55
C LYS A 13 13.48 -7.32 2.69
N GLN A 14 14.70 -7.18 3.18
CA GLN A 14 14.99 -6.25 4.27
C GLN A 14 14.38 -4.88 3.99
N ASP A 15 14.79 -4.28 2.87
CA ASP A 15 14.29 -2.96 2.49
C ASP A 15 12.76 -2.93 2.54
N ILE A 16 12.13 -3.91 1.93
CA ILE A 16 10.67 -3.99 1.91
C ILE A 16 10.10 -4.02 3.32
N LEU A 17 10.68 -4.86 4.17
CA LEU A 17 10.23 -4.98 5.55
C LEU A 17 10.11 -3.61 6.20
N THR A 18 11.25 -2.93 6.37
CA THR A 18 11.26 -1.61 6.98
C THR A 18 10.07 -0.77 6.53
N ILE A 19 10.08 -0.38 5.26
CA ILE A 19 8.99 0.42 4.70
C ILE A 19 7.65 0.04 5.34
N PHE A 20 7.47 -1.25 5.60
CA PHE A 20 6.23 -1.74 6.19
C PHE A 20 6.24 -1.52 7.70
N LYS A 21 7.27 -2.04 8.37
CA LYS A 21 7.40 -1.91 9.81
C LYS A 21 6.98 -0.51 10.26
N ARG A 22 7.27 0.49 9.44
CA ARG A 22 6.93 1.87 9.76
C ARG A 22 5.42 2.06 9.79
N LEU A 23 4.72 1.43 8.84
CA LEU A 23 3.27 1.53 8.77
C LEU A 23 2.61 0.53 9.70
N ARG A 24 2.99 -0.74 9.57
CA ARG A 24 2.44 -1.79 10.41
C ARG A 24 2.45 -1.39 11.87
N SER A 25 3.55 -0.79 12.31
CA SER A 25 3.69 -0.36 13.70
C SER A 25 2.41 0.31 14.18
N VAL A 26 1.88 1.21 13.37
CA VAL A 26 0.66 1.94 13.71
C VAL A 26 -0.45 0.98 14.12
N PRO A 27 -1.15 1.32 15.21
CA PRO A 27 -2.25 0.50 15.74
C PRO A 27 -3.47 0.52 14.83
N THR A 28 -3.30 1.07 13.62
CA THR A 28 -4.39 1.17 12.67
C THR A 28 -4.04 0.43 11.38
N ASN A 29 -2.76 0.15 11.18
CA ASN A 29 -2.29 -0.54 9.99
C ASN A 29 -2.06 -2.01 10.28
N LYS A 30 -1.85 -2.34 11.55
CA LYS A 30 -1.62 -3.72 11.96
C LYS A 30 -2.93 -4.48 12.10
N VAL A 31 -4.00 -3.88 11.60
CA VAL A 31 -5.32 -4.51 11.66
C VAL A 31 -6.09 -4.32 10.35
N CYS A 32 -6.43 -5.43 9.70
CA CYS A 32 -7.16 -5.38 8.44
C CYS A 32 -8.16 -4.23 8.44
N PHE A 33 -7.82 -3.15 7.73
CA PHE A 33 -8.70 -1.99 7.65
C PHE A 33 -10.15 -2.41 7.49
N ASP A 34 -10.36 -3.52 6.80
CA ASP A 34 -11.71 -4.04 6.56
C ASP A 34 -12.39 -4.40 7.88
N CYS A 35 -11.93 -5.49 8.49
CA CYS A 35 -12.49 -5.96 9.75
C CYS A 35 -11.63 -5.51 10.93
N GLY A 36 -10.33 -5.73 10.82
CA GLY A 36 -9.41 -5.34 11.88
C GLY A 36 -8.53 -6.49 12.34
N ALA A 37 -8.53 -7.57 11.57
CA ALA A 37 -7.72 -8.74 11.90
C ALA A 37 -6.27 -8.35 12.16
N LYS A 38 -5.83 -8.54 13.40
CA LYS A 38 -4.46 -8.22 13.78
C LYS A 38 -3.46 -9.01 12.96
N ASN A 39 -2.35 -8.37 12.59
CA ASN A 39 -1.31 -9.02 11.81
C ASN A 39 -1.84 -9.42 10.43
N PRO A 40 -2.42 -8.45 9.72
CA PRO A 40 -2.97 -8.67 8.38
C PRO A 40 -1.90 -8.95 7.34
N SER A 41 -1.44 -10.19 7.27
CA SER A 41 -0.40 -10.57 6.32
C SER A 41 -0.70 -9.99 4.94
N TRP A 42 -1.97 -9.95 4.58
CA TRP A 42 -2.39 -9.42 3.28
C TRP A 42 -2.47 -7.91 3.31
N ALA A 43 -2.18 -7.28 2.17
CA ALA A 43 -2.21 -5.83 2.07
C ALA A 43 -2.53 -5.39 0.64
N SER A 44 -3.52 -4.52 0.49
CA SER A 44 -3.92 -4.02 -0.82
C SER A 44 -3.17 -2.74 -1.16
N ILE A 45 -2.30 -2.82 -2.17
CA ILE A 45 -1.52 -1.67 -2.60
C ILE A 45 -2.42 -0.58 -3.19
N THR A 46 -3.36 -0.99 -4.02
CA THR A 46 -4.29 -0.06 -4.65
C THR A 46 -4.77 0.99 -3.65
N TYR A 47 -5.44 0.54 -2.60
CA TYR A 47 -5.96 1.43 -1.57
C TYR A 47 -4.96 1.57 -0.43
N GLY A 48 -3.72 1.16 -0.67
CA GLY A 48 -2.70 1.26 0.34
C GLY A 48 -3.21 0.93 1.73
N VAL A 49 -3.93 -0.19 1.84
CA VAL A 49 -4.49 -0.61 3.12
C VAL A 49 -4.15 -2.07 3.40
N PHE A 50 -4.36 -2.48 4.66
CA PHE A 50 -4.07 -3.85 5.06
C PHE A 50 -5.34 -4.70 5.05
N LEU A 51 -5.20 -5.97 4.70
CA LEU A 51 -6.34 -6.89 4.65
C LEU A 51 -5.95 -8.25 5.21
N CYS A 52 -6.96 -9.11 5.40
CA CYS A 52 -6.73 -10.45 5.92
C CYS A 52 -7.12 -11.50 4.89
N ILE A 53 -6.45 -12.65 4.95
CA ILE A 53 -6.74 -13.75 4.03
C ILE A 53 -8.22 -13.81 3.69
N ASP A 54 -9.06 -13.53 4.67
CA ASP A 54 -10.51 -13.55 4.47
C ASP A 54 -10.95 -12.43 3.52
N CYS A 55 -10.91 -11.19 4.02
CA CYS A 55 -11.30 -10.04 3.22
C CYS A 55 -10.55 -10.03 1.88
N SER A 56 -9.22 -10.05 1.96
CA SER A 56 -8.39 -10.03 0.76
C SER A 56 -9.10 -10.71 -0.41
N GLY A 57 -9.74 -11.84 -0.11
CA GLY A 57 -10.45 -12.58 -1.14
C GLY A 57 -11.43 -11.72 -1.91
N SER A 58 -12.26 -10.99 -1.17
CA SER A 58 -13.26 -10.12 -1.78
C SER A 58 -12.64 -9.25 -2.87
N HIS A 59 -11.42 -8.77 -2.61
CA HIS A 59 -10.71 -7.94 -3.56
C HIS A 59 -10.12 -8.76 -4.69
N ARG A 60 -9.59 -9.93 -4.35
CA ARG A 60 -8.99 -10.82 -5.35
C ARG A 60 -9.96 -11.03 -6.52
N SER A 61 -11.24 -11.12 -6.22
CA SER A 61 -12.26 -11.32 -7.24
C SER A 61 -12.47 -10.06 -8.06
N LEU A 62 -12.53 -8.92 -7.38
CA LEU A 62 -12.74 -7.63 -8.03
C LEU A 62 -11.86 -7.52 -9.28
N GLY A 63 -10.65 -8.07 -9.20
CA GLY A 63 -9.73 -8.02 -10.32
C GLY A 63 -8.49 -7.21 -10.03
N VAL A 64 -7.32 -7.78 -10.32
CA VAL A 64 -6.06 -7.11 -10.08
C VAL A 64 -6.14 -5.64 -10.47
N HIS A 65 -6.99 -5.34 -11.45
CA HIS A 65 -7.16 -3.97 -11.92
C HIS A 65 -7.94 -3.14 -10.91
N LEU A 66 -8.95 -3.75 -10.31
CA LEU A 66 -9.78 -3.08 -9.33
C LEU A 66 -9.04 -2.90 -8.00
N SER A 67 -8.37 -3.96 -7.57
CA SER A 67 -7.61 -3.93 -6.32
C SER A 67 -6.58 -5.05 -6.28
N PHE A 68 -5.31 -4.68 -6.46
CA PHE A 68 -4.22 -5.65 -6.45
C PHE A 68 -3.90 -6.07 -5.03
N ILE A 69 -3.62 -7.36 -4.85
CA ILE A 69 -3.29 -7.90 -3.53
C ILE A 69 -1.85 -8.39 -3.49
N ARG A 70 -1.18 -8.13 -2.37
CA ARG A 70 0.21 -8.54 -2.19
C ARG A 70 0.53 -8.80 -0.72
N SER A 71 1.32 -9.84 -0.47
CA SER A 71 1.70 -10.18 0.90
C SER A 71 2.98 -9.46 1.32
N THR A 72 3.11 -9.24 2.62
CA THR A 72 4.28 -8.56 3.15
C THR A 72 5.39 -9.55 3.52
N GLU A 73 5.00 -10.65 4.14
CA GLU A 73 5.95 -11.69 4.55
C GLU A 73 6.17 -12.69 3.41
N LEU A 74 5.12 -13.44 3.08
CA LEU A 74 5.20 -14.44 2.02
C LEU A 74 5.76 -13.83 0.74
N ASP A 75 5.40 -12.57 0.48
CA ASP A 75 5.88 -11.87 -0.72
C ASP A 75 6.90 -10.80 -0.34
N SER A 76 8.09 -10.91 -0.91
CA SER A 76 9.15 -9.95 -0.64
C SER A 76 9.76 -9.42 -1.94
N ASN A 77 8.92 -9.32 -2.98
CA ASN A 77 9.37 -8.82 -4.28
C ASN A 77 8.62 -7.56 -4.67
N TRP A 78 8.16 -6.82 -3.66
CA TRP A 78 7.42 -5.58 -3.90
C TRP A 78 8.28 -4.58 -4.67
N SER A 79 7.62 -3.62 -5.32
CA SER A 79 8.32 -2.60 -6.09
C SER A 79 8.33 -1.27 -5.36
N TRP A 80 9.48 -0.61 -5.35
CA TRP A 80 9.62 0.67 -4.68
C TRP A 80 8.31 1.46 -4.73
N PHE A 81 7.67 1.45 -5.89
CA PHE A 81 6.41 2.15 -6.08
C PHE A 81 5.31 1.55 -5.20
N GLN A 82 4.91 0.32 -5.51
CA GLN A 82 3.88 -0.36 -4.75
C GLN A 82 4.17 -0.30 -3.26
N LEU A 83 5.44 -0.19 -2.90
CA LEU A 83 5.85 -0.12 -1.50
C LEU A 83 5.36 1.17 -0.86
N ARG A 84 5.86 2.30 -1.36
CA ARG A 84 5.46 3.60 -0.84
C ARG A 84 3.95 3.75 -0.82
N CYS A 85 3.29 3.16 -1.82
CA CYS A 85 1.84 3.23 -1.92
C CYS A 85 1.18 3.03 -0.55
N MET A 86 1.61 1.99 0.15
CA MET A 86 1.06 1.68 1.47
C MET A 86 1.27 2.86 2.42
N GLN A 87 2.39 3.57 2.26
CA GLN A 87 2.70 4.71 3.10
C GLN A 87 1.82 5.90 2.76
N VAL A 88 1.62 6.14 1.47
CA VAL A 88 0.79 7.26 1.02
C VAL A 88 -0.69 6.88 1.06
N GLY A 89 -1.02 5.88 1.88
CA GLY A 89 -2.40 5.45 2.00
C GLY A 89 -2.83 5.28 3.44
N GLY A 90 -2.57 4.10 4.00
CA GLY A 90 -2.94 3.83 5.38
C GLY A 90 -4.36 3.32 5.51
N ASN A 91 -4.67 2.69 6.64
CA ASN A 91 -6.00 2.15 6.88
C ASN A 91 -6.99 3.26 7.21
N ALA A 92 -6.77 3.93 8.33
CA ALA A 92 -7.64 5.02 8.75
C ALA A 92 -7.87 6.00 7.62
N SER A 93 -6.79 6.46 7.00
CA SER A 93 -6.89 7.42 5.90
C SER A 93 -8.15 7.18 5.08
N ALA A 94 -8.31 5.94 4.61
CA ALA A 94 -9.47 5.57 3.81
C ALA A 94 -10.75 5.64 4.64
N SER A 95 -10.73 5.01 5.81
CA SER A 95 -11.89 4.99 6.69
C SER A 95 -12.64 6.32 6.65
N SER A 96 -11.87 7.41 6.60
CA SER A 96 -12.46 8.75 6.54
C SER A 96 -12.62 9.21 5.11
N PHE A 97 -11.53 9.19 4.35
CA PHE A 97 -11.55 9.62 2.96
C PHE A 97 -12.86 9.22 2.29
N PHE A 98 -13.30 7.99 2.54
CA PHE A 98 -14.54 7.49 1.97
C PHE A 98 -15.73 8.31 2.44
N HIS A 99 -15.95 8.31 3.75
CA HIS A 99 -17.07 9.05 4.34
C HIS A 99 -17.07 10.50 3.84
N GLN A 100 -15.93 11.17 3.97
CA GLN A 100 -15.79 12.55 3.55
C GLN A 100 -16.50 12.78 2.22
N HIS A 101 -16.24 11.90 1.26
CA HIS A 101 -16.84 12.00 -0.06
C HIS A 101 -18.35 11.74 0.01
N GLY A 102 -18.73 10.70 0.73
CA GLY A 102 -20.13 10.36 0.86
C GLY A 102 -20.46 9.00 0.26
N CYS A 103 -19.65 8.00 0.59
CA CYS A 103 -19.85 6.65 0.08
C CYS A 103 -21.16 6.07 0.59
N SER A 104 -21.44 6.28 1.87
CA SER A 104 -22.67 5.78 2.48
C SER A 104 -22.98 4.36 1.99
N THR A 105 -21.96 3.52 1.93
CA THR A 105 -22.12 2.15 1.46
C THR A 105 -21.15 1.21 2.17
N ASN A 106 -21.52 -0.06 2.26
CA ASN A 106 -20.68 -1.06 2.92
C ASN A 106 -20.22 -2.12 1.93
N ASP A 107 -21.15 -2.62 1.13
CA ASP A 107 -20.85 -3.64 0.14
C ASP A 107 -19.44 -3.45 -0.42
N THR A 108 -18.72 -4.54 -0.60
CA THR A 108 -17.36 -4.49 -1.13
C THR A 108 -17.37 -4.28 -2.63
N ASN A 109 -18.29 -4.95 -3.32
CA ASN A 109 -18.41 -4.83 -4.77
C ASN A 109 -18.99 -3.47 -5.17
N ALA A 110 -19.40 -2.71 -4.17
CA ALA A 110 -19.97 -1.38 -4.41
C ALA A 110 -19.10 -0.30 -3.79
N LYS A 111 -18.93 -0.36 -2.47
CA LYS A 111 -18.13 0.62 -1.76
C LYS A 111 -16.80 0.87 -2.48
N TYR A 112 -16.22 -0.19 -3.04
CA TYR A 112 -14.97 -0.08 -3.75
C TYR A 112 -15.19 0.32 -5.21
N ASN A 113 -16.33 -0.08 -5.75
CA ASN A 113 -16.67 0.23 -7.14
C ASN A 113 -17.36 1.59 -7.23
N SER A 114 -17.08 2.45 -6.25
CA SER A 114 -17.67 3.79 -6.22
C SER A 114 -16.62 4.86 -6.49
N ARG A 115 -17.07 6.08 -6.75
CA ARG A 115 -16.17 7.18 -7.02
C ARG A 115 -15.21 7.41 -5.85
N ALA A 116 -15.77 7.61 -4.67
CA ALA A 116 -14.97 7.83 -3.47
C ALA A 116 -13.80 6.87 -3.41
N ALA A 117 -14.08 5.60 -3.71
CA ALA A 117 -13.03 4.57 -3.68
C ALA A 117 -11.99 4.82 -4.77
N GLN A 118 -12.45 5.02 -5.99
CA GLN A 118 -11.56 5.28 -7.12
C GLN A 118 -10.61 6.42 -6.81
N LEU A 119 -11.17 7.60 -6.58
CA LEU A 119 -10.37 8.79 -6.28
C LEU A 119 -9.15 8.41 -5.44
N TYR A 120 -9.34 7.49 -4.51
CA TYR A 120 -8.25 7.04 -3.64
C TYR A 120 -7.13 6.41 -4.45
N ARG A 121 -7.45 5.32 -5.15
CA ARG A 121 -6.47 4.62 -5.97
C ARG A 121 -5.54 5.61 -6.66
N GLU A 122 -6.10 6.40 -7.58
CA GLU A 122 -5.33 7.38 -8.32
C GLU A 122 -4.42 8.17 -7.39
N LYS A 123 -5.01 8.74 -6.34
CA LYS A 123 -4.26 9.53 -5.37
C LYS A 123 -3.01 8.79 -4.92
N ILE A 124 -3.19 7.58 -4.42
CA ILE A 124 -2.08 6.76 -3.96
C ILE A 124 -0.94 6.76 -4.97
N LYS A 125 -1.30 6.68 -6.25
CA LYS A 125 -0.31 6.67 -7.32
C LYS A 125 0.54 7.94 -7.29
N SER A 126 -0.11 9.09 -7.33
CA SER A 126 0.58 10.37 -7.30
C SER A 126 1.51 10.46 -6.09
N LEU A 127 0.93 10.32 -4.90
CA LEU A 127 1.71 10.39 -3.67
C LEU A 127 2.84 9.37 -3.68
N ALA A 128 2.49 8.10 -3.84
CA ALA A 128 3.48 7.03 -3.88
C ALA A 128 4.74 7.49 -4.60
N SER A 129 4.57 8.09 -5.76
CA SER A 129 5.70 8.56 -6.56
C SER A 129 6.53 9.56 -5.78
N GLN A 130 5.86 10.41 -5.00
CA GLN A 130 6.54 11.42 -4.19
C GLN A 130 7.59 10.77 -3.29
N ALA A 131 7.31 9.57 -2.83
CA ALA A 131 8.22 8.85 -1.96
C ALA A 131 9.21 8.01 -2.78
N THR A 132 8.75 7.54 -3.94
CA THR A 132 9.59 6.72 -4.81
C THR A 132 10.48 7.60 -5.69
N ARG A 133 9.86 8.38 -6.56
CA ARG A 133 10.61 9.26 -7.46
C ARG A 133 11.68 10.04 -6.70
N LYS A 134 11.31 10.54 -5.53
CA LYS A 134 12.25 11.30 -4.70
C LYS A 134 13.67 10.83 -4.93
N HIS A 135 13.98 9.62 -4.48
CA HIS A 135 15.31 9.06 -4.63
C HIS A 135 15.26 7.72 -5.37
N GLY A 136 14.31 6.87 -4.99
CA GLY A 136 14.17 5.57 -5.63
C GLY A 136 14.67 4.44 -4.76
N THR A 137 15.85 3.93 -5.08
CA THR A 137 16.44 2.83 -4.33
C THR A 137 16.71 3.24 -2.88
N ASP A 138 17.36 4.37 -2.71
CA ASP A 138 17.68 4.88 -1.38
C ASP A 138 16.41 5.12 -0.57
N LEU A 139 16.52 4.97 0.75
CA LEU A 139 15.38 5.17 1.64
C LEU A 139 15.30 6.61 2.12
N TRP A 140 14.37 7.38 1.57
CA TRP A 140 14.19 8.78 1.94
C TRP A 140 14.55 8.99 3.40
N LEU A 141 14.11 8.07 4.26
CA LEU A 141 14.38 8.17 5.70
C LEU A 141 15.75 8.80 5.95
N ASP A 142 16.77 8.27 5.27
CA ASP A 142 18.13 8.78 5.42
C ASP A 142 18.87 8.71 4.10
N SER A 143 19.86 9.60 3.93
CA SER A 143 20.66 9.64 2.72
C SER A 143 21.65 8.47 2.67
N SER A 144 21.34 7.47 1.84
CA SER A 144 22.18 6.30 1.70
C SER A 144 21.72 5.42 0.55
N GLY A 145 22.69 4.89 -0.20
CA GLY A 145 22.36 4.03 -1.33
C GLY A 145 23.12 2.73 -1.31
N PRO A 146 22.50 1.66 -1.83
CA PRO A 146 23.11 0.33 -1.88
C PRO A 146 24.27 0.26 -2.87
N SER A 147 25.12 -0.75 -2.72
CA SER A 147 26.26 -0.93 -3.60
C SER A 147 25.93 -1.89 -4.73
N SER A 148 25.02 -2.82 -4.47
CA SER A 148 24.62 -3.81 -5.46
C SER A 148 23.46 -3.29 -6.30
N GLY A 149 23.55 -3.50 -7.62
CA GLY A 149 22.51 -3.05 -8.52
C GLY A 149 21.59 -4.16 -8.95
ZN ZN B . -10.37 -8.57 7.26
#